data_4JUG
#
_entry.id   4JUG
#
_cell.length_a   120.856
_cell.length_b   120.856
_cell.length_c   235.724
_cell.angle_alpha   90.00
_cell.angle_beta   90.00
_cell.angle_gamma   120.00
#
_symmetry.space_group_name_H-M   'P 3'
#
loop_
_entity.id
_entity.type
_entity.pdbx_description
1 polymer Hemagglutinin
2 polymer Hemagglutinin
3 branched 2-acetamido-2-deoxy-beta-D-glucopyranose-(1-4)-2-acetamido-2-deoxy-beta-D-glucopyranose
4 branched beta-D-mannopyranose-(1-4)-2-acetamido-2-deoxy-beta-D-glucopyranose-(1-4)-2-acetamido-2-deoxy-beta-D-glucopyranose
5 water water
#
loop_
_entity_poly.entity_id
_entity_poly.type
_entity_poly.pdbx_seq_one_letter_code
_entity_poly.pdbx_strand_id
1 'polypeptide(L)'
;DTICIGYHANNSTDTVDTVLEKNVTVTHSVNLLEDSHNGKLCKLKGIAPLQLGKCNIAGWLLGNPECDLLLTASSWSYIV
ETSNSENGTCYPGDFIDYEELREQLSSVSSFEKFEIFPKTSSWPNHETTKGVTAACSYAGASSFYRNLLWLTKKGSSYPK
LSKSYVNNKGKEVLVLWGVHHPPTGTDQQSLYQNADAYVSVGSSKYNRRFTPEIAARPKVRGQAGRMNYYWTLLEPGDTI
TFEATGNLIAPWYAFALNRGSGSGIITSDAPVHDCNTKCQTPHGAINSSLPFQNIHPVTIGECPKYVRSTKLRMATGLRN
IPAR
;
A,C,E,G,I,K
2 'polypeptide(L)'
;GLFGAIAGFIEGGWTGMIDGWYGYHHQNEQGSGYAADQKSTQNAIDGITNKVNSVIEKMNTQFTAVGKEFNNLERRIENL
NKKVDDGFLDIWTYNAELLVLLENERTLDFHDSNVRNLYEKVKSQLKNNAKEIGNGCFEFYHKCDDACMESVRNGTYDYP
KYSEESKLNR
;
B,D,F,H,J,L
#
# COMPACT_ATOMS: atom_id res chain seq x y z
N ASP A 1 -52.69 25.06 -105.54
CA ASP A 1 -53.10 25.59 -104.25
C ASP A 1 -53.30 24.48 -103.22
N THR A 2 -52.50 24.49 -102.16
CA THR A 2 -52.53 23.40 -101.19
C THR A 2 -52.30 23.85 -99.75
N ILE A 3 -52.91 23.14 -98.81
CA ILE A 3 -52.68 23.35 -97.38
C ILE A 3 -52.31 22.04 -96.68
N CYS A 4 -51.20 22.05 -95.95
CA CYS A 4 -50.71 20.84 -95.29
C CYS A 4 -50.75 20.96 -93.76
N ILE A 5 -50.98 19.83 -93.10
CA ILE A 5 -51.01 19.78 -91.64
C ILE A 5 -49.79 19.04 -91.09
N GLY A 6 -49.15 19.62 -90.08
CA GLY A 6 -47.93 19.04 -89.54
C GLY A 6 -47.59 19.46 -88.12
N TYR A 7 -46.37 19.14 -87.71
CA TYR A 7 -45.96 19.38 -86.34
C TYR A 7 -44.52 19.88 -86.19
N HIS A 8 -44.25 20.51 -85.05
CA HIS A 8 -42.98 21.13 -84.76
C HIS A 8 -41.79 20.17 -84.84
N ALA A 9 -40.62 20.73 -85.10
CA ALA A 9 -39.37 20.00 -85.03
C ALA A 9 -38.25 21.00 -84.78
N ASN A 10 -37.10 20.52 -84.31
CA ASN A 10 -35.99 21.42 -84.02
C ASN A 10 -34.63 20.73 -83.84
N ASN A 11 -33.66 21.49 -83.33
CA ASN A 11 -32.31 20.98 -83.14
C ASN A 11 -32.10 20.39 -81.74
N SER A 12 -33.16 19.84 -81.17
CA SER A 12 -33.10 19.23 -79.85
C SER A 12 -32.60 17.79 -79.93
N THR A 13 -31.72 17.42 -79.00
CA THR A 13 -31.15 16.07 -78.99
C THR A 13 -31.54 15.33 -77.72
N ASP A 14 -32.38 15.96 -76.91
CA ASP A 14 -32.85 15.36 -75.67
C ASP A 14 -33.67 14.10 -75.95
N THR A 15 -33.35 13.02 -75.24
CA THR A 15 -34.05 11.76 -75.42
C THR A 15 -34.84 11.37 -74.16
N VAL A 16 -35.87 10.57 -74.36
CA VAL A 16 -36.64 10.02 -73.23
C VAL A 16 -36.94 8.54 -73.48
N ASP A 17 -37.46 7.87 -72.46
CA ASP A 17 -37.80 6.46 -72.57
C ASP A 17 -39.29 6.25 -72.36
N THR A 18 -39.82 5.21 -73.00
CA THR A 18 -41.20 4.80 -72.79
C THR A 18 -41.22 3.29 -72.58
N VAL A 19 -42.40 2.75 -72.33
CA VAL A 19 -42.51 1.31 -72.11
C VAL A 19 -42.30 0.54 -73.41
N LEU A 20 -42.59 1.19 -74.53
CA LEU A 20 -42.52 0.53 -75.84
C LEU A 20 -41.17 0.76 -76.52
N GLU A 21 -40.59 1.93 -76.30
CA GLU A 21 -39.32 2.29 -76.95
C GLU A 21 -38.40 3.05 -76.01
N LYS A 22 -37.10 2.89 -76.21
CA LYS A 22 -36.12 3.64 -75.43
C LYS A 22 -35.34 4.61 -76.31
N ASN A 23 -34.93 5.73 -75.74
CA ASN A 23 -34.20 6.76 -76.47
C ASN A 23 -35.02 7.36 -77.60
N VAL A 24 -36.08 8.06 -77.24
CA VAL A 24 -36.89 8.78 -78.20
C VAL A 24 -36.55 10.26 -78.14
N THR A 25 -36.07 10.80 -79.24
CA THR A 25 -35.70 12.21 -79.32
C THR A 25 -36.95 13.07 -79.36
N VAL A 26 -37.09 13.98 -78.39
CA VAL A 26 -38.26 14.83 -78.32
C VAL A 26 -37.91 16.30 -78.44
N THR A 27 -38.91 17.12 -78.75
CA THR A 27 -38.70 18.54 -79.00
C THR A 27 -38.48 19.33 -77.70
N HIS A 28 -39.13 18.90 -76.63
CA HIS A 28 -39.01 19.56 -75.34
C HIS A 28 -39.10 18.55 -74.21
N SER A 29 -38.50 18.89 -73.08
CA SER A 29 -38.47 17.95 -71.95
C SER A 29 -38.03 18.61 -70.65
N VAL A 30 -38.47 18.05 -69.54
CA VAL A 30 -38.04 18.49 -68.22
C VAL A 30 -37.21 17.42 -67.54
N ASN A 31 -36.19 17.84 -66.79
CA ASN A 31 -35.42 16.92 -65.98
C ASN A 31 -35.86 17.00 -64.53
N LEU A 32 -36.44 15.92 -64.03
CA LEU A 32 -36.99 15.91 -62.67
C LEU A 32 -35.94 15.51 -61.65
N LEU A 33 -34.75 15.14 -62.12
CA LEU A 33 -33.73 14.58 -61.25
C LEU A 33 -32.53 15.51 -61.04
N GLU A 34 -32.44 16.09 -59.84
CA GLU A 34 -31.34 16.98 -59.52
C GLU A 34 -30.09 16.18 -59.14
N ASP A 35 -28.96 16.50 -59.76
CA ASP A 35 -27.74 15.74 -59.58
C ASP A 35 -26.53 16.65 -59.37
N SER A 36 -26.79 17.92 -59.08
CA SER A 36 -25.72 18.89 -58.88
C SER A 36 -25.77 19.49 -57.48
N HIS A 37 -24.65 19.46 -56.78
CA HIS A 37 -24.57 19.99 -55.42
C HIS A 37 -23.44 20.99 -55.21
N ASN A 38 -23.60 21.82 -54.18
CA ASN A 38 -22.66 22.89 -53.87
C ASN A 38 -21.24 22.40 -53.60
N GLY A 39 -21.13 21.23 -52.96
CA GLY A 39 -19.84 20.69 -52.57
C GLY A 39 -19.35 21.31 -51.27
N LYS A 40 -20.12 22.24 -50.75
CA LYS A 40 -19.77 22.94 -49.52
C LYS A 40 -20.78 22.64 -48.40
N LEU A 41 -20.40 22.97 -47.17
CA LEU A 41 -21.32 22.93 -46.05
C LEU A 41 -21.68 24.35 -45.63
N CYS A 42 -22.95 24.70 -45.80
CA CYS A 42 -23.38 26.08 -45.68
C CYS A 42 -24.25 26.34 -44.45
N LYS A 43 -24.47 27.62 -44.16
CA LYS A 43 -25.32 28.03 -43.05
C LYS A 43 -26.77 27.59 -43.29
N LEU A 44 -27.60 27.76 -42.28
CA LEU A 44 -29.02 27.43 -42.37
C LEU A 44 -29.82 28.38 -41.51
N LYS A 45 -30.71 29.15 -42.16
CA LYS A 45 -31.47 30.19 -41.47
C LYS A 45 -30.51 31.26 -40.94
N GLY A 46 -29.37 31.38 -41.60
CA GLY A 46 -28.37 32.37 -41.23
C GLY A 46 -27.30 31.83 -40.30
N ILE A 47 -27.63 30.78 -39.56
CA ILE A 47 -26.75 30.22 -38.54
C ILE A 47 -25.84 29.12 -39.07
N ALA A 48 -24.54 29.27 -38.84
CA ALA A 48 -23.55 28.28 -39.29
C ALA A 48 -23.65 27.00 -38.46
N PRO A 49 -23.16 25.89 -39.02
CA PRO A 49 -23.20 24.60 -38.31
C PRO A 49 -22.04 24.46 -37.32
N LEU A 50 -22.26 23.69 -36.27
CA LEU A 50 -21.19 23.39 -35.32
C LEU A 50 -20.26 22.33 -35.91
N GLN A 51 -18.99 22.69 -36.09
CA GLN A 51 -17.99 21.74 -36.54
C GLN A 51 -17.34 21.08 -35.34
N LEU A 52 -17.33 19.75 -35.31
CA LEU A 52 -16.71 19.02 -34.21
C LEU A 52 -15.25 18.65 -34.50
N GLY A 53 -14.80 18.93 -35.71
CA GLY A 53 -13.42 18.64 -36.09
C GLY A 53 -13.01 17.22 -35.77
N LYS A 54 -11.96 17.07 -34.97
CA LYS A 54 -11.45 15.76 -34.61
C LYS A 54 -12.12 15.20 -33.35
N CYS A 55 -13.22 15.82 -32.95
CA CYS A 55 -13.97 15.37 -31.78
C CYS A 55 -15.34 14.83 -32.20
N ASN A 56 -15.87 13.90 -31.42
CA ASN A 56 -17.23 13.44 -31.62
C ASN A 56 -18.14 13.98 -30.52
N ILE A 57 -19.40 13.57 -30.55
CA ILE A 57 -20.37 14.06 -29.57
C ILE A 57 -19.92 13.76 -28.14
N ALA A 58 -19.39 12.56 -27.93
CA ALA A 58 -18.97 12.14 -26.61
C ALA A 58 -17.91 13.08 -26.05
N GLY A 59 -16.88 13.36 -26.85
CA GLY A 59 -15.78 14.21 -26.41
C GLY A 59 -16.18 15.66 -26.21
N TRP A 60 -17.07 16.15 -27.06
CA TRP A 60 -17.51 17.52 -26.97
C TRP A 60 -18.27 17.79 -25.68
N LEU A 61 -19.23 16.93 -25.37
CA LEU A 61 -20.06 17.09 -24.18
C LEU A 61 -19.30 16.87 -22.89
N LEU A 62 -18.46 15.83 -22.86
CA LEU A 62 -17.68 15.52 -21.66
C LEU A 62 -16.60 16.56 -21.43
N GLY A 63 -16.00 17.04 -22.51
CA GLY A 63 -14.95 18.04 -22.41
C GLY A 63 -13.56 17.44 -22.55
N ASN A 64 -13.40 16.51 -23.48
CA ASN A 64 -12.09 15.98 -23.81
C ASN A 64 -11.14 17.14 -24.08
N PRO A 65 -9.96 17.11 -23.46
CA PRO A 65 -8.98 18.21 -23.55
C PRO A 65 -8.59 18.58 -24.97
N GLU A 66 -8.99 17.77 -25.94
CA GLU A 66 -8.71 18.06 -27.34
C GLU A 66 -9.88 18.84 -27.95
N CYS A 67 -10.95 18.99 -27.18
CA CYS A 67 -12.16 19.65 -27.66
C CYS A 67 -12.34 21.02 -27.01
N ASP A 68 -11.23 21.63 -26.60
CA ASP A 68 -11.28 22.93 -25.95
C ASP A 68 -11.71 24.02 -26.94
N LEU A 69 -11.55 23.74 -28.22
CA LEU A 69 -11.99 24.67 -29.25
C LEU A 69 -13.50 24.85 -29.21
N LEU A 70 -14.19 23.84 -28.69
CA LEU A 70 -15.65 23.79 -28.71
C LEU A 70 -16.29 24.30 -27.42
N LEU A 71 -15.48 24.88 -26.54
CA LEU A 71 -15.99 25.38 -25.27
C LEU A 71 -16.81 26.66 -25.49
N THR A 72 -16.63 27.28 -26.65
CA THR A 72 -17.29 28.54 -26.97
C THR A 72 -18.64 28.32 -27.67
N ALA A 73 -18.81 27.13 -28.25
CA ALA A 73 -20.04 26.80 -28.97
C ALA A 73 -21.29 27.04 -28.14
N SER A 74 -22.33 27.58 -28.76
CA SER A 74 -23.57 27.89 -28.07
C SER A 74 -24.82 27.60 -28.90
N SER A 75 -24.74 27.89 -30.20
CA SER A 75 -25.89 27.70 -31.07
C SER A 75 -25.48 27.21 -32.46
N TRP A 76 -26.32 26.38 -33.06
CA TRP A 76 -25.98 25.76 -34.34
C TRP A 76 -27.20 25.38 -35.17
N SER A 77 -26.99 25.22 -36.47
CA SER A 77 -28.05 24.81 -37.39
C SER A 77 -28.11 23.28 -37.50
N TYR A 78 -26.95 22.65 -37.41
CA TYR A 78 -26.84 21.20 -37.37
C TYR A 78 -25.42 20.80 -36.98
N ILE A 79 -25.21 19.52 -36.66
CA ILE A 79 -23.92 19.06 -36.16
C ILE A 79 -23.14 18.25 -37.19
N VAL A 80 -21.88 18.61 -37.38
CA VAL A 80 -21.02 17.96 -38.36
C VAL A 80 -19.87 17.20 -37.72
N GLU A 81 -19.81 15.90 -38.01
CA GLU A 81 -18.66 15.08 -37.62
C GLU A 81 -17.84 14.77 -38.86
N THR A 82 -16.58 14.41 -38.66
CA THR A 82 -15.71 14.08 -39.79
C THR A 82 -15.09 12.70 -39.62
N SER A 83 -14.20 12.32 -40.54
CA SER A 83 -13.53 11.04 -40.50
C SER A 83 -12.50 11.01 -39.39
N ASN A 84 -12.05 12.18 -38.97
CA ASN A 84 -11.04 12.32 -37.94
C ASN A 84 -11.66 12.56 -36.56
N SER A 85 -13.00 12.55 -36.51
CA SER A 85 -13.71 12.69 -35.26
C SER A 85 -13.58 11.41 -34.43
N GLU A 86 -12.48 11.29 -33.70
CA GLU A 86 -12.30 10.13 -32.82
C GLU A 86 -12.02 10.52 -31.37
N ASN A 87 -11.67 11.79 -31.16
CA ASN A 87 -11.47 12.28 -29.79
C ASN A 87 -12.79 12.42 -29.06
N GLY A 88 -13.04 11.50 -28.14
CA GLY A 88 -14.24 11.50 -27.34
C GLY A 88 -13.99 10.94 -25.96
N THR A 89 -14.21 9.64 -25.81
CA THR A 89 -13.94 8.95 -24.56
C THR A 89 -12.45 8.68 -24.44
N CYS A 90 -11.76 9.48 -23.64
CA CYS A 90 -10.32 9.33 -23.47
C CYS A 90 -9.95 8.40 -22.31
N TYR A 91 -10.82 8.30 -21.31
CA TYR A 91 -10.66 7.26 -20.30
C TYR A 91 -11.56 6.08 -20.67
N PRO A 92 -10.95 4.92 -20.94
CA PRO A 92 -11.62 3.72 -21.44
C PRO A 92 -12.91 3.46 -20.67
N GLY A 93 -13.99 3.12 -21.38
CA GLY A 93 -15.24 2.81 -20.73
C GLY A 93 -16.44 2.90 -21.66
N ASP A 94 -17.63 2.70 -21.09
CA ASP A 94 -18.86 2.74 -21.85
C ASP A 94 -19.65 4.03 -21.60
N PHE A 95 -20.03 4.69 -22.68
CA PHE A 95 -20.94 5.83 -22.61
C PHE A 95 -22.35 5.27 -22.71
N ILE A 96 -23.00 5.06 -21.57
CA ILE A 96 -24.31 4.41 -21.57
C ILE A 96 -25.38 5.24 -22.28
N ASP A 97 -26.18 4.57 -23.11
CA ASP A 97 -27.24 5.21 -23.87
C ASP A 97 -26.70 6.35 -24.71
N TYR A 98 -25.50 6.17 -25.23
CA TYR A 98 -24.83 7.17 -26.06
C TYR A 98 -25.62 7.48 -27.31
N GLU A 99 -25.96 6.45 -28.09
CA GLU A 99 -26.73 6.63 -29.30
C GLU A 99 -27.98 7.47 -29.06
N GLU A 100 -28.71 7.13 -27.99
CA GLU A 100 -29.88 7.89 -27.59
C GLU A 100 -29.55 9.38 -27.42
N LEU A 101 -28.45 9.64 -26.71
CA LEU A 101 -28.04 11.02 -26.47
C LEU A 101 -27.83 11.76 -27.78
N ARG A 102 -27.14 11.12 -28.72
CA ARG A 102 -26.91 11.70 -30.03
C ARG A 102 -28.25 12.06 -30.69
N GLU A 103 -29.24 11.19 -30.52
CA GLU A 103 -30.57 11.42 -31.08
C GLU A 103 -31.22 12.66 -30.46
N GLN A 104 -31.11 12.78 -29.14
CA GLN A 104 -31.65 13.92 -28.40
C GLN A 104 -31.02 15.23 -28.85
N LEU A 105 -29.72 15.21 -29.11
CA LEU A 105 -28.99 16.40 -29.51
C LEU A 105 -29.35 16.85 -30.91
N SER A 106 -30.03 15.98 -31.65
CA SER A 106 -30.43 16.29 -33.03
C SER A 106 -31.62 17.24 -33.07
N SER A 107 -32.42 17.23 -32.01
CA SER A 107 -33.56 18.14 -31.90
C SER A 107 -33.24 19.31 -30.98
N VAL A 108 -31.96 19.71 -30.98
CA VAL A 108 -31.52 20.84 -30.16
C VAL A 108 -30.89 21.89 -31.05
N SER A 109 -31.20 23.16 -30.77
CA SER A 109 -30.74 24.26 -31.60
C SER A 109 -29.64 25.09 -30.93
N SER A 110 -29.62 25.08 -29.61
CA SER A 110 -28.65 25.85 -28.84
C SER A 110 -28.72 25.50 -27.36
N PHE A 111 -27.71 25.93 -26.60
CA PHE A 111 -27.72 25.70 -25.15
C PHE A 111 -26.87 26.68 -24.35
N GLU A 112 -27.11 26.70 -23.05
CA GLU A 112 -26.28 27.47 -22.13
C GLU A 112 -25.42 26.51 -21.31
N LYS A 113 -24.10 26.62 -21.47
CA LYS A 113 -23.18 25.84 -20.66
C LYS A 113 -22.92 26.58 -19.35
N PHE A 114 -23.15 25.90 -18.23
CA PHE A 114 -22.96 26.53 -16.93
C PHE A 114 -22.31 25.60 -15.93
N GLU A 115 -21.64 26.18 -14.93
CA GLU A 115 -20.97 25.43 -13.89
C GLU A 115 -22.00 24.97 -12.87
N ILE A 116 -22.33 23.68 -12.87
CA ILE A 116 -23.36 23.16 -11.98
C ILE A 116 -22.83 22.91 -10.57
N PHE A 117 -21.64 22.32 -10.49
CA PHE A 117 -20.99 22.06 -9.21
C PHE A 117 -19.57 22.60 -9.22
N PRO A 118 -19.41 23.92 -9.07
CA PRO A 118 -18.10 24.58 -9.09
C PRO A 118 -17.03 23.81 -8.30
N LYS A 119 -15.92 23.52 -8.96
CA LYS A 119 -14.86 22.68 -8.41
C LYS A 119 -14.25 23.23 -7.11
N THR A 120 -14.14 24.54 -7.02
CA THR A 120 -13.44 25.17 -5.90
C THR A 120 -14.22 25.22 -4.58
N SER A 121 -15.55 25.12 -4.66
CA SER A 121 -16.38 25.31 -3.47
C SER A 121 -17.29 24.12 -3.15
N SER A 122 -17.33 23.14 -4.05
CA SER A 122 -18.34 22.09 -3.95
C SER A 122 -17.95 20.87 -3.12
N TRP A 123 -16.64 20.62 -2.97
CA TRP A 123 -16.20 19.39 -2.31
C TRP A 123 -15.13 19.62 -1.26
N PRO A 124 -15.53 20.12 -0.08
CA PRO A 124 -14.64 20.40 1.05
C PRO A 124 -14.03 19.14 1.66
N ASN A 125 -14.86 18.12 1.86
CA ASN A 125 -14.40 16.88 2.49
C ASN A 125 -13.74 15.90 1.52
N HIS A 126 -13.45 16.36 0.30
CA HIS A 126 -12.88 15.49 -0.72
C HIS A 126 -11.78 16.17 -1.53
N GLU A 127 -10.88 15.38 -2.10
CA GLU A 127 -9.76 15.90 -2.88
C GLU A 127 -10.19 16.31 -4.29
N THR A 128 -10.06 17.61 -4.58
CA THR A 128 -10.53 18.16 -5.84
C THR A 128 -9.49 18.06 -6.96
N THR A 129 -8.28 17.62 -6.62
CA THR A 129 -7.28 17.34 -7.63
C THR A 129 -6.94 15.86 -7.62
N LYS A 130 -5.72 15.50 -8.02
CA LYS A 130 -5.33 14.10 -8.17
C LYS A 130 -6.12 13.45 -9.31
N GLY A 131 -7.29 14.02 -9.60
CA GLY A 131 -8.20 13.45 -10.58
C GLY A 131 -7.84 13.74 -12.02
N VAL A 132 -6.58 13.47 -12.36
CA VAL A 132 -6.10 13.62 -13.73
C VAL A 132 -5.47 12.32 -14.16
N THR A 133 -5.38 12.10 -15.48
CA THR A 133 -4.85 10.83 -15.99
C THR A 133 -4.13 10.99 -17.33
N ALA A 134 -3.10 10.17 -17.53
CA ALA A 134 -2.33 10.19 -18.77
C ALA A 134 -3.23 9.89 -19.97
N ALA A 135 -4.18 8.99 -19.78
CA ALA A 135 -5.13 8.66 -20.83
C ALA A 135 -5.77 9.92 -21.41
N CYS A 136 -6.10 10.86 -20.54
CA CYS A 136 -6.69 12.13 -20.96
C CYS A 136 -5.70 13.29 -20.85
N SER A 137 -4.57 13.19 -21.54
CA SER A 137 -3.52 14.19 -21.40
C SER A 137 -3.62 15.31 -22.45
N TYR A 138 -3.12 16.49 -22.08
CA TYR A 138 -3.06 17.62 -23.00
C TYR A 138 -1.74 18.36 -22.85
N ALA A 139 -1.10 18.66 -23.97
CA ALA A 139 0.18 19.36 -23.98
C ALA A 139 1.30 18.52 -23.37
N GLY A 140 1.08 17.21 -23.30
CA GLY A 140 2.04 16.30 -22.71
C GLY A 140 1.79 16.05 -21.23
N ALA A 141 1.01 16.93 -20.61
CA ALA A 141 0.71 16.82 -19.19
C ALA A 141 -0.62 16.11 -18.96
N SER A 142 -0.60 15.11 -18.07
CA SER A 142 -1.82 14.41 -17.69
C SER A 142 -2.91 15.43 -17.37
N SER A 143 -4.13 15.17 -17.84
CA SER A 143 -5.24 16.07 -17.58
C SER A 143 -6.51 15.27 -17.31
N PHE A 144 -7.65 15.87 -17.65
CA PHE A 144 -8.93 15.19 -17.50
C PHE A 144 -10.03 15.99 -18.18
N TYR A 145 -11.26 15.47 -18.13
CA TYR A 145 -12.41 16.13 -18.73
C TYR A 145 -12.65 17.52 -18.16
N ARG A 146 -13.04 18.45 -19.02
CA ARG A 146 -13.26 19.83 -18.61
C ARG A 146 -14.57 20.00 -17.84
N ASN A 147 -15.50 19.07 -18.04
CA ASN A 147 -16.85 19.22 -17.48
C ASN A 147 -17.18 18.23 -16.37
N LEU A 148 -16.27 17.29 -16.12
CA LEU A 148 -16.41 16.34 -15.02
C LEU A 148 -15.28 16.50 -14.00
N LEU A 149 -15.53 16.06 -12.77
CA LEU A 149 -14.55 16.20 -11.69
C LEU A 149 -14.28 14.87 -11.01
N TRP A 150 -13.05 14.39 -11.13
CA TRP A 150 -12.66 13.12 -10.53
C TRP A 150 -12.26 13.28 -9.06
N LEU A 151 -13.19 13.01 -8.15
CA LEU A 151 -12.95 13.19 -6.73
C LEU A 151 -12.29 11.98 -6.10
N THR A 152 -11.30 12.22 -5.25
CA THR A 152 -10.61 11.15 -4.54
C THR A 152 -10.54 11.43 -3.04
N LYS A 153 -10.35 10.36 -2.27
CA LYS A 153 -10.31 10.47 -0.81
C LYS A 153 -9.31 11.52 -0.34
N LYS A 154 -9.79 12.44 0.50
CA LYS A 154 -8.94 13.50 1.03
C LYS A 154 -8.19 12.99 2.26
N GLY A 155 -6.94 12.58 2.05
CA GLY A 155 -6.13 12.04 3.13
C GLY A 155 -6.68 10.74 3.70
N SER A 156 -6.66 9.69 2.89
CA SER A 156 -7.07 8.34 3.30
C SER A 156 -8.42 8.29 4.02
N SER A 157 -9.32 9.21 3.68
CA SER A 157 -10.65 9.28 4.28
C SER A 157 -11.72 9.76 3.27
N TYR A 158 -12.69 8.91 2.97
CA TYR A 158 -13.72 9.28 2.01
C TYR A 158 -15.09 9.27 2.67
N PRO A 159 -15.52 10.45 3.17
CA PRO A 159 -16.83 10.62 3.81
C PRO A 159 -17.96 10.45 2.80
N LYS A 160 -19.01 9.72 3.16
CA LYS A 160 -20.20 9.62 2.34
C LYS A 160 -20.63 11.02 1.90
N LEU A 161 -20.67 11.24 0.59
CA LEU A 161 -21.00 12.57 0.07
C LEU A 161 -22.42 12.66 -0.48
N SER A 162 -23.02 13.83 -0.31
CA SER A 162 -24.36 14.08 -0.81
C SER A 162 -24.47 15.50 -1.37
N LYS A 163 -24.80 15.61 -2.64
CA LYS A 163 -24.91 16.91 -3.30
C LYS A 163 -26.15 16.98 -4.19
N SER A 164 -26.75 18.15 -4.28
CA SER A 164 -27.97 18.32 -5.07
C SER A 164 -27.96 19.60 -5.89
N TYR A 165 -28.69 19.57 -7.00
CA TYR A 165 -28.88 20.75 -7.83
C TYR A 165 -30.37 20.92 -8.18
N VAL A 166 -30.87 22.13 -8.06
CA VAL A 166 -32.23 22.42 -8.46
C VAL A 166 -32.25 23.14 -9.82
N ASN A 167 -33.09 22.67 -10.72
CA ASN A 167 -33.15 23.23 -12.06
C ASN A 167 -34.03 24.47 -12.13
N ASN A 168 -33.45 25.63 -11.82
CA ASN A 168 -34.19 26.89 -11.88
C ASN A 168 -34.18 27.47 -13.29
N LYS A 169 -33.37 26.90 -14.17
CA LYS A 169 -33.36 27.29 -15.57
C LYS A 169 -34.73 27.01 -16.16
N GLY A 170 -35.09 27.73 -17.21
CA GLY A 170 -36.40 27.57 -17.81
C GLY A 170 -36.41 26.54 -18.93
N LYS A 171 -35.48 25.59 -18.86
CA LYS A 171 -35.31 24.60 -19.91
C LYS A 171 -34.90 23.27 -19.32
N GLU A 172 -34.83 22.25 -20.17
CA GLU A 172 -34.25 20.97 -19.79
C GLU A 172 -32.77 21.18 -19.51
N VAL A 173 -32.21 20.37 -18.63
CA VAL A 173 -30.79 20.47 -18.33
C VAL A 173 -30.09 19.12 -18.47
N LEU A 174 -29.16 19.06 -19.42
CA LEU A 174 -28.38 17.85 -19.62
C LEU A 174 -27.31 17.78 -18.55
N VAL A 175 -27.43 16.77 -17.68
CA VAL A 175 -26.44 16.57 -16.63
C VAL A 175 -25.64 15.29 -16.92
N LEU A 176 -24.33 15.43 -17.03
CA LEU A 176 -23.48 14.28 -17.28
C LEU A 176 -22.58 13.99 -16.08
N TRP A 177 -22.38 12.69 -15.81
CA TRP A 177 -21.45 12.26 -14.79
C TRP A 177 -20.85 10.92 -15.17
N GLY A 178 -20.06 10.34 -14.27
CA GLY A 178 -19.41 9.07 -14.55
C GLY A 178 -19.19 8.22 -13.32
N VAL A 179 -18.89 6.95 -13.55
CA VAL A 179 -18.62 6.01 -12.46
C VAL A 179 -17.33 5.25 -12.75
N HIS A 180 -16.37 5.31 -11.84
CA HIS A 180 -15.08 4.68 -12.05
C HIS A 180 -15.05 3.23 -11.54
N HIS A 181 -14.37 2.36 -12.28
CA HIS A 181 -14.25 0.95 -11.91
C HIS A 181 -12.78 0.52 -11.89
N PRO A 182 -12.13 0.59 -10.71
CA PRO A 182 -10.73 0.18 -10.57
C PRO A 182 -10.48 -1.25 -11.05
N PRO A 183 -9.22 -1.59 -11.34
CA PRO A 183 -8.82 -2.90 -11.86
C PRO A 183 -8.86 -3.98 -10.77
N THR A 184 -8.35 -3.64 -9.59
CA THR A 184 -8.28 -4.58 -8.48
C THR A 184 -8.87 -3.98 -7.21
N GLY A 185 -8.94 -4.78 -6.16
CA GLY A 185 -9.40 -4.32 -4.86
C GLY A 185 -8.39 -3.39 -4.21
N THR A 186 -7.12 -3.55 -4.56
CA THR A 186 -6.07 -2.69 -4.05
C THR A 186 -6.24 -1.27 -4.54
N ASP A 187 -6.45 -1.11 -5.85
CA ASP A 187 -6.65 0.21 -6.44
C ASP A 187 -7.88 0.89 -5.88
N GLN A 188 -8.96 0.11 -5.71
CA GLN A 188 -10.21 0.62 -5.18
C GLN A 188 -10.00 1.45 -3.91
N GLN A 189 -9.24 0.88 -2.98
CA GLN A 189 -9.01 1.50 -1.68
C GLN A 189 -8.04 2.68 -1.78
N SER A 190 -7.03 2.54 -2.63
CA SER A 190 -6.05 3.61 -2.85
C SER A 190 -6.75 4.92 -3.20
N LEU A 191 -7.88 4.81 -3.86
CA LEU A 191 -8.58 5.98 -4.39
C LEU A 191 -9.75 6.42 -3.52
N TYR A 192 -10.54 5.47 -3.11
CA TYR A 192 -11.76 5.82 -2.44
C TYR A 192 -11.83 5.37 -1.02
N GLN A 193 -10.82 4.66 -0.54
CA GLN A 193 -10.97 4.06 0.77
C GLN A 193 -12.27 3.34 0.54
N ASN A 194 -12.85 2.71 1.54
CA ASN A 194 -14.14 2.11 1.27
C ASN A 194 -14.05 1.05 0.20
N ALA A 195 -14.32 -0.17 0.58
CA ALA A 195 -14.26 -1.31 -0.33
C ALA A 195 -15.61 -1.58 -1.00
N ASP A 196 -16.70 -1.32 -0.28
CA ASP A 196 -18.05 -1.54 -0.81
C ASP A 196 -18.78 -0.22 -1.07
N ALA A 197 -18.15 0.66 -1.84
CA ALA A 197 -18.71 1.97 -2.12
C ALA A 197 -19.82 1.91 -3.18
N TYR A 198 -20.56 2.99 -3.32
CA TYR A 198 -21.67 3.05 -4.27
C TYR A 198 -21.94 4.49 -4.71
N VAL A 199 -22.55 4.63 -5.88
CA VAL A 199 -22.99 5.93 -6.38
C VAL A 199 -24.48 5.86 -6.70
N SER A 200 -25.28 6.65 -5.99
CA SER A 200 -26.71 6.67 -6.21
C SER A 200 -27.15 8.04 -6.70
N VAL A 201 -27.75 8.09 -7.89
CA VAL A 201 -28.21 9.33 -8.47
C VAL A 201 -29.73 9.32 -8.60
N GLY A 202 -30.38 10.34 -8.06
CA GLY A 202 -31.84 10.39 -8.06
C GLY A 202 -32.42 11.76 -8.30
N SER A 203 -33.40 11.82 -9.21
CA SER A 203 -34.19 13.01 -9.43
C SER A 203 -35.66 12.62 -9.26
N SER A 204 -36.56 13.42 -9.83
CA SER A 204 -37.99 13.13 -9.72
C SER A 204 -38.43 11.96 -10.60
N LYS A 205 -37.73 11.74 -11.70
CA LYS A 205 -38.06 10.65 -12.60
C LYS A 205 -36.89 9.68 -12.75
N TYR A 206 -35.70 10.12 -12.35
CA TYR A 206 -34.50 9.30 -12.49
C TYR A 206 -34.04 8.73 -11.15
N ASN A 207 -33.79 7.43 -11.13
CA ASN A 207 -33.30 6.76 -9.93
C ASN A 207 -32.50 5.53 -10.29
N ARG A 208 -31.25 5.47 -9.85
CA ARG A 208 -30.35 4.41 -10.27
C ARG A 208 -29.17 4.27 -9.31
N ARG A 209 -28.71 3.03 -9.15
CA ARG A 209 -27.63 2.72 -8.22
C ARG A 209 -26.42 2.19 -8.99
N PHE A 210 -25.23 2.57 -8.55
CA PHE A 210 -24.00 2.19 -9.25
C PHE A 210 -23.00 1.49 -8.32
N THR A 211 -22.71 0.23 -8.63
CA THR A 211 -21.74 -0.54 -7.86
C THR A 211 -20.45 -0.74 -8.65
N PRO A 212 -19.30 -0.43 -8.02
CA PRO A 212 -18.00 -0.63 -8.66
C PRO A 212 -17.81 -2.07 -9.10
N GLU A 213 -17.83 -2.31 -10.40
CA GLU A 213 -17.67 -3.66 -10.94
C GLU A 213 -16.19 -3.97 -11.19
N ILE A 214 -15.50 -4.39 -10.15
CA ILE A 214 -14.06 -4.64 -10.21
C ILE A 214 -13.69 -5.97 -10.88
N ALA A 215 -12.77 -5.92 -11.83
CA ALA A 215 -12.32 -7.11 -12.55
C ALA A 215 -10.98 -6.87 -13.22
N ALA A 216 -10.24 -7.95 -13.47
CA ALA A 216 -8.97 -7.88 -14.17
C ALA A 216 -9.20 -7.63 -15.67
N ARG A 217 -8.62 -6.55 -16.18
CA ARG A 217 -8.83 -6.17 -17.57
C ARG A 217 -7.53 -5.78 -18.24
N PRO A 218 -7.49 -5.90 -19.56
CA PRO A 218 -6.36 -5.39 -20.36
C PRO A 218 -6.29 -3.88 -20.24
N LYS A 219 -5.09 -3.32 -20.38
CA LYS A 219 -4.95 -1.88 -20.31
C LYS A 219 -5.39 -1.24 -21.62
N VAL A 220 -6.28 -0.26 -21.53
CA VAL A 220 -6.67 0.51 -22.69
C VAL A 220 -6.15 1.92 -22.50
N ARG A 221 -5.36 2.41 -23.45
CA ARG A 221 -4.74 3.72 -23.36
C ARG A 221 -4.06 3.87 -22.00
N GLY A 222 -3.36 2.82 -21.58
CA GLY A 222 -2.60 2.84 -20.36
C GLY A 222 -3.41 2.46 -19.13
N GLN A 223 -4.72 2.60 -19.22
CA GLN A 223 -5.58 2.38 -18.07
C GLN A 223 -6.20 0.99 -18.03
N ALA A 224 -5.99 0.29 -16.91
CA ALA A 224 -6.57 -1.02 -16.71
C ALA A 224 -7.94 -0.88 -16.04
N GLY A 225 -8.22 0.30 -15.52
CA GLY A 225 -9.53 0.61 -14.97
C GLY A 225 -10.47 1.15 -16.03
N ARG A 226 -11.77 0.96 -15.81
CA ARG A 226 -12.77 1.46 -16.73
C ARG A 226 -13.60 2.56 -16.09
N MET A 227 -14.28 3.34 -16.93
CA MET A 227 -15.11 4.43 -16.46
C MET A 227 -16.36 4.55 -17.32
N ASN A 228 -17.51 4.24 -16.73
CA ASN A 228 -18.79 4.37 -17.44
C ASN A 228 -19.37 5.77 -17.28
N TYR A 229 -19.90 6.32 -18.36
CA TYR A 229 -20.41 7.69 -18.36
C TYR A 229 -21.92 7.72 -18.48
N TYR A 230 -22.55 8.63 -17.73
CA TYR A 230 -24.01 8.71 -17.72
C TYR A 230 -24.52 10.12 -17.99
N TRP A 231 -25.82 10.22 -18.21
CA TRP A 231 -26.47 11.49 -18.48
C TRP A 231 -27.97 11.40 -18.18
N THR A 232 -28.64 12.55 -18.24
CA THR A 232 -30.09 12.59 -18.07
C THR A 232 -30.59 14.00 -18.32
N LEU A 233 -31.85 14.11 -18.69
CA LEU A 233 -32.46 15.42 -18.92
C LEU A 233 -33.27 15.83 -17.70
N LEU A 234 -32.73 16.77 -16.93
CA LEU A 234 -33.42 17.27 -15.75
C LEU A 234 -34.48 18.29 -16.16
N GLU A 235 -35.73 18.01 -15.81
CA GLU A 235 -36.83 18.88 -16.18
C GLU A 235 -36.91 20.12 -15.30
N PRO A 236 -37.42 21.22 -15.88
CA PRO A 236 -37.54 22.52 -15.21
C PRO A 236 -38.17 22.41 -13.82
N GLY A 237 -37.47 22.94 -12.81
CA GLY A 237 -37.99 22.94 -11.46
C GLY A 237 -37.78 21.64 -10.72
N ASP A 238 -36.98 20.74 -11.30
CA ASP A 238 -36.72 19.44 -10.67
C ASP A 238 -35.34 19.41 -10.04
N THR A 239 -35.17 18.54 -9.05
CA THR A 239 -33.93 18.42 -8.31
C THR A 239 -33.23 17.09 -8.61
N ILE A 240 -31.91 17.13 -8.76
CA ILE A 240 -31.13 15.91 -8.91
C ILE A 240 -30.15 15.77 -7.75
N THR A 241 -30.14 14.59 -7.13
CA THR A 241 -29.31 14.36 -5.95
C THR A 241 -28.27 13.27 -6.17
N PHE A 242 -27.00 13.65 -5.99
CA PHE A 242 -25.89 12.72 -6.10
C PHE A 242 -25.40 12.28 -4.72
N GLU A 243 -25.48 10.98 -4.46
CA GLU A 243 -24.97 10.42 -3.21
C GLU A 243 -23.87 9.41 -3.56
N ALA A 244 -22.72 9.54 -2.92
CA ALA A 244 -21.58 8.68 -3.25
C ALA A 244 -20.59 8.48 -2.10
N THR A 245 -20.19 7.23 -1.90
CA THR A 245 -19.13 6.90 -0.96
C THR A 245 -17.87 6.51 -1.72
N GLY A 246 -17.79 6.94 -2.98
CA GLY A 246 -16.62 6.67 -3.80
C GLY A 246 -16.95 6.48 -5.27
N ASN A 247 -15.92 6.38 -6.10
CA ASN A 247 -16.07 6.04 -7.51
C ASN A 247 -16.90 7.03 -8.34
N LEU A 248 -17.26 8.17 -7.75
CA LEU A 248 -18.08 9.15 -8.46
C LEU A 248 -17.24 10.17 -9.22
N ILE A 249 -17.38 10.17 -10.54
CA ILE A 249 -16.83 11.24 -11.37
C ILE A 249 -17.88 12.33 -11.45
N ALA A 250 -17.89 13.20 -10.45
CA ALA A 250 -18.94 14.22 -10.31
C ALA A 250 -19.05 15.14 -11.51
N PRO A 251 -20.24 15.72 -11.72
CA PRO A 251 -20.42 16.77 -12.73
C PRO A 251 -19.70 18.03 -12.28
N TRP A 252 -19.39 18.89 -13.24
CA TRP A 252 -18.72 20.15 -12.96
C TRP A 252 -19.41 21.21 -13.82
N TYR A 253 -19.68 20.87 -15.08
CA TYR A 253 -20.48 21.70 -15.96
C TYR A 253 -21.69 20.94 -16.48
N ALA A 254 -22.74 21.67 -16.83
CA ALA A 254 -23.95 21.09 -17.39
C ALA A 254 -24.49 21.95 -18.52
N PHE A 255 -25.62 21.56 -19.10
CA PHE A 255 -26.16 22.27 -20.26
C PHE A 255 -27.67 22.53 -20.15
N ALA A 256 -28.04 23.79 -20.22
CA ALA A 256 -29.45 24.16 -20.34
C ALA A 256 -29.81 24.13 -21.82
N LEU A 257 -30.85 23.39 -22.18
CA LEU A 257 -31.08 23.05 -23.58
C LEU A 257 -32.24 23.78 -24.25
N ASN A 258 -31.98 24.28 -25.46
CA ASN A 258 -33.00 24.92 -26.28
C ASN A 258 -33.44 24.00 -27.43
N ARG A 259 -34.68 23.54 -27.36
CA ARG A 259 -35.22 22.61 -28.35
C ARG A 259 -35.63 23.30 -29.64
N GLY A 260 -35.03 22.87 -30.75
CA GLY A 260 -35.45 23.30 -32.06
C GLY A 260 -35.97 22.11 -32.85
N SER A 261 -36.50 22.37 -34.04
CA SER A 261 -36.91 21.29 -34.94
C SER A 261 -36.19 21.44 -36.27
N GLY A 262 -36.04 20.33 -36.99
CA GLY A 262 -35.32 20.35 -38.25
C GLY A 262 -33.83 20.58 -38.05
N SER A 263 -33.14 19.53 -37.62
CA SER A 263 -31.69 19.58 -37.41
C SER A 263 -31.20 18.16 -37.15
N GLY A 264 -29.89 17.97 -37.13
CA GLY A 264 -29.34 16.64 -36.88
C GLY A 264 -27.84 16.51 -37.02
N ILE A 265 -27.38 15.26 -37.05
CA ILE A 265 -25.95 14.96 -37.07
C ILE A 265 -25.55 14.23 -38.35
N ILE A 266 -24.61 14.83 -39.09
CA ILE A 266 -24.12 14.22 -40.32
C ILE A 266 -22.61 14.03 -40.27
N THR A 267 -22.12 13.06 -41.03
CA THR A 267 -20.68 12.83 -41.17
C THR A 267 -20.24 13.36 -42.53
N SER A 268 -19.28 14.28 -42.53
CA SER A 268 -18.87 14.91 -43.78
C SER A 268 -17.48 15.55 -43.71
N ASP A 269 -16.78 15.52 -44.83
CA ASP A 269 -15.48 16.17 -44.93
C ASP A 269 -15.55 17.37 -45.86
N ALA A 270 -16.71 17.58 -46.46
CA ALA A 270 -16.94 18.76 -47.29
C ALA A 270 -16.65 20.00 -46.47
N PRO A 271 -15.89 20.96 -47.03
CA PRO A 271 -15.49 22.18 -46.33
C PRO A 271 -16.68 23.06 -45.96
N VAL A 272 -16.53 23.82 -44.88
CA VAL A 272 -17.55 24.76 -44.44
C VAL A 272 -17.21 26.17 -44.90
N HIS A 273 -18.12 26.78 -45.67
CA HIS A 273 -17.90 28.13 -46.16
C HIS A 273 -18.97 29.10 -45.67
N ASP A 274 -18.80 30.38 -46.01
CA ASP A 274 -19.77 31.40 -45.62
C ASP A 274 -20.81 31.61 -46.71
N CYS A 275 -21.75 30.67 -46.81
CA CYS A 275 -22.85 30.77 -47.75
C CYS A 275 -24.10 30.18 -47.10
N ASN A 276 -25.27 30.58 -47.59
CA ASN A 276 -26.52 30.08 -47.03
C ASN A 276 -27.23 29.14 -47.99
N THR A 277 -27.93 28.16 -47.44
CA THR A 277 -28.68 27.21 -48.26
C THR A 277 -29.97 26.80 -47.55
N LYS A 278 -30.87 26.17 -48.29
CA LYS A 278 -32.12 25.67 -47.73
C LYS A 278 -32.07 24.15 -47.60
N CYS A 279 -31.12 23.55 -48.31
CA CYS A 279 -30.95 22.09 -48.32
C CYS A 279 -29.48 21.71 -48.26
N GLN A 280 -29.12 20.88 -47.28
CA GLN A 280 -27.74 20.45 -47.10
C GLN A 280 -27.61 18.94 -47.04
N THR A 281 -26.62 18.40 -47.75
CA THR A 281 -26.32 16.97 -47.72
C THR A 281 -24.86 16.78 -47.34
N PRO A 282 -24.49 15.55 -46.95
CA PRO A 282 -23.10 15.20 -46.62
C PRO A 282 -22.12 15.54 -47.75
N HIS A 283 -22.59 15.54 -49.00
CA HIS A 283 -21.74 15.87 -50.13
C HIS A 283 -21.66 17.37 -50.36
N GLY A 284 -22.77 18.07 -50.10
CA GLY A 284 -22.84 19.50 -50.28
C GLY A 284 -24.26 20.03 -50.26
N ALA A 285 -24.41 21.33 -50.52
CA ALA A 285 -25.73 21.96 -50.50
C ALA A 285 -26.44 21.82 -51.84
N ILE A 286 -27.75 22.04 -51.83
CA ILE A 286 -28.55 21.92 -53.05
C ILE A 286 -29.44 23.13 -53.28
N ASN A 287 -29.19 23.86 -54.36
CA ASN A 287 -30.00 25.02 -54.73
C ASN A 287 -30.91 24.68 -55.91
N SER A 288 -31.88 23.80 -55.68
CA SER A 288 -32.74 23.29 -56.73
C SER A 288 -34.20 23.24 -56.31
N SER A 289 -35.10 23.31 -57.29
CA SER A 289 -36.53 23.28 -57.03
C SER A 289 -37.20 22.08 -57.69
N LEU A 290 -36.38 21.15 -58.18
CA LEU A 290 -36.87 19.90 -58.74
C LEU A 290 -37.36 18.99 -57.62
N PRO A 291 -38.09 17.92 -57.96
CA PRO A 291 -38.69 17.03 -56.96
C PRO A 291 -37.76 15.91 -56.48
N PHE A 292 -36.77 15.56 -57.28
CA PHE A 292 -35.90 14.43 -56.96
C PHE A 292 -34.42 14.79 -57.01
N GLN A 293 -33.63 14.08 -56.21
CA GLN A 293 -32.17 14.16 -56.27
C GLN A 293 -31.56 12.80 -55.97
N ASN A 294 -30.42 12.52 -56.60
CA ASN A 294 -29.72 11.25 -56.42
C ASN A 294 -28.35 11.48 -55.79
N ILE A 295 -28.21 12.62 -55.14
CA ILE A 295 -26.94 13.00 -54.52
C ILE A 295 -26.66 12.24 -53.23
N HIS A 296 -27.53 12.38 -52.24
CA HIS A 296 -27.35 11.68 -50.96
C HIS A 296 -28.65 11.55 -50.18
N PRO A 297 -28.85 10.39 -49.52
CA PRO A 297 -30.02 10.16 -48.66
C PRO A 297 -30.11 11.15 -47.50
N VAL A 298 -29.02 11.35 -46.76
CA VAL A 298 -29.04 12.23 -45.60
C VAL A 298 -29.35 13.67 -45.98
N THR A 299 -30.35 14.26 -45.31
CA THR A 299 -30.86 15.58 -45.67
C THR A 299 -31.17 16.44 -44.45
N ILE A 300 -30.97 17.75 -44.59
CA ILE A 300 -31.32 18.70 -43.53
C ILE A 300 -31.95 19.97 -44.11
N GLY A 301 -33.25 20.14 -43.87
CA GLY A 301 -33.98 21.30 -44.39
C GLY A 301 -35.01 20.93 -45.43
N GLU A 302 -35.29 21.85 -46.35
CA GLU A 302 -36.21 21.60 -47.44
C GLU A 302 -35.47 21.11 -48.68
N CYS A 303 -35.47 19.79 -48.89
CA CYS A 303 -34.71 19.19 -49.97
C CYS A 303 -35.59 18.35 -50.87
N PRO A 304 -35.11 18.09 -52.10
CA PRO A 304 -35.80 17.18 -53.01
C PRO A 304 -35.71 15.74 -52.51
N LYS A 305 -36.72 14.92 -52.79
CA LYS A 305 -36.71 13.52 -52.39
C LYS A 305 -35.49 12.81 -52.98
N TYR A 306 -34.75 12.10 -52.13
CA TYR A 306 -33.63 11.30 -52.63
C TYR A 306 -34.12 10.05 -53.34
N VAL A 307 -33.36 9.60 -54.34
CA VAL A 307 -33.74 8.44 -55.13
C VAL A 307 -32.51 7.86 -55.84
N ARG A 308 -32.61 6.62 -56.31
CA ARG A 308 -31.47 5.92 -56.92
C ARG A 308 -31.30 6.16 -58.42
N SER A 309 -32.17 6.96 -59.01
CA SER A 309 -32.19 7.10 -60.47
C SER A 309 -30.96 7.78 -61.06
N THR A 310 -30.54 7.30 -62.22
CA THR A 310 -29.49 7.94 -62.99
C THR A 310 -30.10 9.06 -63.82
N LYS A 311 -31.28 8.79 -64.36
CA LYS A 311 -31.98 9.75 -65.22
C LYS A 311 -33.50 9.71 -65.03
N LEU A 312 -34.09 10.87 -64.80
CA LEU A 312 -35.53 11.01 -64.73
C LEU A 312 -35.98 12.16 -65.62
N ARG A 313 -36.04 11.92 -66.93
CA ARG A 313 -36.40 12.97 -67.87
C ARG A 313 -37.82 12.79 -68.39
N MET A 314 -38.67 13.78 -68.14
CA MET A 314 -40.06 13.73 -68.55
C MET A 314 -40.30 14.52 -69.84
N ALA A 315 -40.78 13.83 -70.86
CA ALA A 315 -41.10 14.46 -72.14
C ALA A 315 -42.22 15.46 -71.97
N THR A 316 -42.08 16.61 -72.61
CA THR A 316 -43.14 17.62 -72.60
C THR A 316 -43.64 17.87 -74.01
N GLY A 317 -42.70 17.97 -74.95
CA GLY A 317 -43.03 18.12 -76.35
C GLY A 317 -43.28 16.77 -77.00
N LEU A 318 -43.07 16.69 -78.31
CA LEU A 318 -43.34 15.46 -79.05
C LEU A 318 -42.09 14.92 -79.73
N ARG A 319 -42.23 13.78 -80.40
CA ARG A 319 -41.15 13.20 -81.19
C ARG A 319 -40.54 14.26 -82.11
N ASN A 320 -39.22 14.35 -82.09
CA ASN A 320 -38.52 15.28 -82.95
C ASN A 320 -38.05 14.56 -84.22
N ILE A 321 -38.57 14.99 -85.36
CA ILE A 321 -38.18 14.41 -86.64
C ILE A 321 -37.93 15.52 -87.65
N PRO A 322 -36.72 16.12 -87.61
CA PRO A 322 -36.34 17.30 -88.38
C PRO A 322 -36.11 17.01 -89.86
N ALA A 323 -35.90 15.74 -90.21
CA ALA A 323 -35.62 15.32 -91.58
C ALA A 323 -35.69 16.46 -92.61
N ARG A 324 -34.56 17.10 -92.86
CA ARG A 324 -34.48 18.16 -93.84
C ARG A 324 -33.75 17.72 -95.10
N GLY B 1 -47.57 6.85 -84.48
CA GLY B 1 -47.60 6.21 -83.17
C GLY B 1 -48.91 5.49 -82.91
N LEU B 2 -49.54 5.82 -81.80
CA LEU B 2 -50.78 5.17 -81.39
C LEU B 2 -51.98 5.66 -82.19
N PHE B 3 -51.85 6.85 -82.79
CA PHE B 3 -52.94 7.43 -83.58
C PHE B 3 -52.58 7.55 -85.06
N GLY B 4 -51.41 7.04 -85.42
CA GLY B 4 -51.01 6.94 -86.81
C GLY B 4 -50.54 8.22 -87.47
N ALA B 5 -50.65 9.34 -86.77
CA ALA B 5 -50.29 10.64 -87.35
C ALA B 5 -48.78 10.89 -87.34
N ILE B 6 -48.26 11.34 -86.20
CA ILE B 6 -46.82 11.60 -86.09
C ILE B 6 -46.02 10.34 -86.38
N ALA B 7 -44.92 10.51 -87.11
CA ALA B 7 -44.12 9.38 -87.58
C ALA B 7 -45.00 8.34 -88.30
N GLY B 8 -46.14 8.79 -88.81
CA GLY B 8 -47.08 7.91 -89.49
C GLY B 8 -47.42 8.41 -90.87
N PHE B 9 -48.68 8.79 -91.10
CA PHE B 9 -49.08 9.26 -92.42
C PHE B 9 -48.61 10.70 -92.67
N ILE B 10 -48.18 11.36 -91.61
CA ILE B 10 -47.45 12.62 -91.74
C ILE B 10 -45.99 12.35 -91.38
N GLU B 11 -45.21 12.05 -92.40
CA GLU B 11 -43.89 11.44 -92.24
C GLU B 11 -42.94 12.12 -91.26
N GLY B 12 -42.86 13.45 -91.33
CA GLY B 12 -41.89 14.15 -90.51
C GLY B 12 -42.40 15.45 -89.94
N GLY B 13 -41.50 16.16 -89.24
CA GLY B 13 -41.83 17.45 -88.65
C GLY B 13 -41.20 18.61 -89.38
N TRP B 14 -41.78 19.79 -89.20
CA TRP B 14 -41.28 20.99 -89.87
C TRP B 14 -40.46 21.83 -88.90
N THR B 15 -39.15 21.90 -89.12
CA THR B 15 -38.33 22.81 -88.35
C THR B 15 -38.67 24.25 -88.72
N GLY B 16 -39.42 24.41 -89.82
CA GLY B 16 -39.81 25.72 -90.31
C GLY B 16 -40.85 26.43 -89.46
N MET B 17 -41.71 25.65 -88.79
CA MET B 17 -42.75 26.22 -87.94
C MET B 17 -42.28 26.36 -86.50
N ILE B 18 -41.97 27.59 -86.08
CA ILE B 18 -41.38 27.81 -84.76
C ILE B 18 -42.36 28.44 -83.77
N ASP B 19 -43.59 28.68 -84.19
CA ASP B 19 -44.57 29.35 -83.33
C ASP B 19 -45.48 28.41 -82.53
N GLY B 20 -45.38 27.11 -82.78
CA GLY B 20 -46.19 26.15 -82.06
C GLY B 20 -45.82 24.68 -82.27
N TRP B 21 -46.54 23.79 -81.58
CA TRP B 21 -46.32 22.36 -81.71
C TRP B 21 -46.99 21.79 -82.96
N TYR B 22 -48.22 22.20 -83.22
CA TYR B 22 -48.91 21.77 -84.43
C TYR B 22 -49.33 22.98 -85.24
N GLY B 23 -49.46 22.81 -86.54
CA GLY B 23 -49.85 23.91 -87.40
C GLY B 23 -50.07 23.54 -88.85
N TYR B 24 -50.14 24.55 -89.71
CA TYR B 24 -50.38 24.33 -91.13
C TYR B 24 -49.25 24.91 -91.98
N HIS B 25 -49.13 24.39 -93.19
CA HIS B 25 -48.28 25.01 -94.20
C HIS B 25 -49.09 25.18 -95.48
N HIS B 26 -49.21 26.42 -95.93
CA HIS B 26 -50.04 26.74 -97.08
C HIS B 26 -49.21 27.16 -98.29
N GLN B 27 -49.64 26.73 -99.48
CA GLN B 27 -49.08 27.21 -100.72
C GLN B 27 -50.17 27.96 -101.48
N ASN B 28 -49.95 29.26 -101.68
CA ASN B 28 -50.97 30.17 -102.18
C ASN B 28 -50.46 30.94 -103.38
N GLU B 29 -51.36 31.62 -104.08
CA GLU B 29 -50.94 32.58 -105.09
C GLU B 29 -50.13 33.66 -104.39
N GLN B 30 -50.61 34.09 -103.22
CA GLN B 30 -49.92 35.11 -102.43
C GLN B 30 -48.56 34.63 -101.89
N GLY B 31 -48.40 33.32 -101.73
CA GLY B 31 -47.12 32.78 -101.32
C GLY B 31 -47.17 31.55 -100.42
N SER B 32 -46.09 31.35 -99.65
CA SER B 32 -45.96 30.18 -98.78
C SER B 32 -45.90 30.59 -97.31
N GLY B 33 -45.37 29.71 -96.47
CA GLY B 33 -45.19 30.01 -95.05
C GLY B 33 -45.76 28.96 -94.12
N TYR B 34 -45.35 29.03 -92.86
CA TYR B 34 -45.88 28.14 -91.82
C TYR B 34 -46.69 28.94 -90.80
N ALA B 35 -47.80 28.39 -90.35
CA ALA B 35 -48.63 29.05 -89.35
C ALA B 35 -49.05 28.05 -88.28
N ALA B 36 -48.78 28.39 -87.02
CA ALA B 36 -49.14 27.54 -85.91
C ALA B 36 -50.59 27.75 -85.51
N ASP B 37 -51.30 26.65 -85.25
CA ASP B 37 -52.68 26.73 -84.78
C ASP B 37 -52.69 27.05 -83.28
N GLN B 38 -53.15 28.25 -82.94
CA GLN B 38 -53.13 28.71 -81.56
C GLN B 38 -53.92 27.80 -80.62
N LYS B 39 -55.19 27.57 -80.96
CA LYS B 39 -56.08 26.79 -80.11
C LYS B 39 -55.46 25.46 -79.66
N SER B 40 -55.24 24.56 -80.61
CA SER B 40 -54.75 23.22 -80.29
C SER B 40 -53.46 23.24 -79.50
N THR B 41 -52.55 24.13 -79.87
CA THR B 41 -51.25 24.24 -79.20
C THR B 41 -51.38 24.72 -77.76
N GLN B 42 -51.95 25.91 -77.58
CA GLN B 42 -52.11 26.48 -76.25
C GLN B 42 -52.85 25.55 -75.31
N ASN B 43 -53.76 24.77 -75.86
CA ASN B 43 -54.49 23.78 -75.07
C ASN B 43 -53.57 22.63 -74.68
N ALA B 44 -52.83 22.10 -75.65
CA ALA B 44 -51.87 21.03 -75.39
C ALA B 44 -50.81 21.49 -74.39
N ILE B 45 -50.39 22.74 -74.52
CA ILE B 45 -49.45 23.32 -73.58
C ILE B 45 -50.08 23.40 -72.18
N ASP B 46 -51.36 23.77 -72.14
CA ASP B 46 -52.10 23.82 -70.88
C ASP B 46 -52.11 22.46 -70.19
N GLY B 47 -52.36 21.41 -70.97
CA GLY B 47 -52.43 20.07 -70.44
C GLY B 47 -51.08 19.52 -70.01
N ILE B 48 -50.04 19.83 -70.77
CA ILE B 48 -48.71 19.32 -70.48
C ILE B 48 -48.09 20.01 -69.27
N THR B 49 -48.31 21.31 -69.14
CA THR B 49 -47.88 22.04 -67.95
C THR B 49 -48.61 21.49 -66.73
N ASN B 50 -49.80 20.96 -66.96
CA ASN B 50 -50.62 20.42 -65.88
C ASN B 50 -50.18 19.01 -65.48
N LYS B 51 -49.71 18.24 -66.45
CA LYS B 51 -49.16 16.92 -66.16
C LYS B 51 -47.91 17.08 -65.29
N VAL B 52 -47.00 17.95 -65.73
CA VAL B 52 -45.76 18.20 -65.03
C VAL B 52 -46.00 18.69 -63.61
N ASN B 53 -46.87 19.67 -63.46
CA ASN B 53 -47.18 20.21 -62.14
C ASN B 53 -47.86 19.19 -61.24
N SER B 54 -48.71 18.35 -61.83
CA SER B 54 -49.44 17.35 -61.06
C SER B 54 -48.53 16.20 -60.62
N VAL B 55 -47.45 15.99 -61.37
CA VAL B 55 -46.47 14.98 -61.00
C VAL B 55 -45.53 15.50 -59.92
N ILE B 56 -45.03 16.71 -60.11
CA ILE B 56 -44.18 17.35 -59.11
C ILE B 56 -44.94 17.52 -57.79
N GLU B 57 -46.21 17.89 -57.89
CA GLU B 57 -47.02 18.17 -56.70
C GLU B 57 -47.27 16.94 -55.83
N LYS B 58 -47.22 15.75 -56.43
CA LYS B 58 -47.45 14.52 -55.69
C LYS B 58 -46.24 14.12 -54.84
N MET B 59 -45.07 14.06 -55.46
CA MET B 59 -43.84 13.73 -54.75
C MET B 59 -43.51 14.84 -53.76
N ASN B 60 -44.01 14.71 -52.54
CA ASN B 60 -43.79 15.73 -51.52
C ASN B 60 -42.32 15.84 -51.11
N THR B 61 -41.85 17.08 -50.97
CA THR B 61 -40.45 17.35 -50.66
C THR B 61 -39.94 16.61 -49.41
N GLN B 62 -38.63 16.43 -49.35
CA GLN B 62 -38.00 15.73 -48.23
C GLN B 62 -37.42 16.71 -47.23
N PHE B 63 -37.86 16.61 -45.98
CA PHE B 63 -37.35 17.45 -44.91
C PHE B 63 -36.21 16.76 -44.17
N THR B 64 -35.83 17.32 -43.02
CA THR B 64 -34.75 16.77 -42.24
C THR B 64 -34.90 15.26 -42.07
N ALA B 65 -33.86 14.53 -42.45
CA ALA B 65 -33.87 13.08 -42.36
C ALA B 65 -32.43 12.56 -42.32
N VAL B 66 -31.89 12.46 -41.12
CA VAL B 66 -30.51 12.01 -40.94
C VAL B 66 -30.44 10.52 -40.64
N GLY B 67 -29.31 10.08 -40.10
CA GLY B 67 -29.09 8.68 -39.80
C GLY B 67 -28.83 8.42 -38.33
N LYS B 68 -29.46 7.37 -37.82
CA LYS B 68 -29.33 6.99 -36.42
C LYS B 68 -28.18 6.01 -36.21
N GLU B 69 -27.52 6.10 -35.06
CA GLU B 69 -26.44 5.18 -34.73
C GLU B 69 -26.95 4.07 -33.82
N PHE B 70 -26.28 2.92 -33.88
CA PHE B 70 -26.63 1.77 -33.04
C PHE B 70 -25.37 1.14 -32.46
N ASN B 71 -25.47 0.65 -31.22
CA ASN B 71 -24.32 0.00 -30.59
C ASN B 71 -24.20 -1.48 -30.97
N ASN B 72 -23.08 -2.09 -30.56
CA ASN B 72 -22.75 -3.45 -30.98
C ASN B 72 -23.71 -4.54 -30.48
N LEU B 73 -24.71 -4.14 -29.69
CA LEU B 73 -25.72 -5.09 -29.22
C LEU B 73 -27.10 -4.74 -29.80
N GLU B 74 -27.10 -3.88 -30.80
CA GLU B 74 -28.34 -3.48 -31.44
C GLU B 74 -28.30 -3.78 -32.93
N ARG B 75 -27.79 -4.95 -33.28
CA ARG B 75 -27.71 -5.39 -34.67
C ARG B 75 -29.09 -5.49 -35.30
N ARG B 76 -29.97 -6.25 -34.65
CA ARG B 76 -31.33 -6.47 -35.15
C ARG B 76 -32.04 -5.17 -35.51
N ILE B 77 -32.11 -4.22 -34.58
CA ILE B 77 -32.74 -2.94 -34.85
C ILE B 77 -32.05 -2.22 -36.00
N GLU B 78 -30.73 -2.12 -35.93
CA GLU B 78 -29.96 -1.47 -36.98
C GLU B 78 -30.33 -2.08 -38.33
N ASN B 79 -30.54 -3.39 -38.34
CA ASN B 79 -30.92 -4.10 -39.55
C ASN B 79 -32.35 -3.82 -39.97
N LEU B 80 -33.25 -3.67 -39.00
CA LEU B 80 -34.61 -3.26 -39.27
C LEU B 80 -34.57 -1.89 -39.93
N ASN B 81 -33.86 -0.97 -39.28
CA ASN B 81 -33.72 0.38 -39.77
C ASN B 81 -33.20 0.42 -41.21
N LYS B 82 -32.25 -0.45 -41.52
CA LYS B 82 -31.71 -0.52 -42.87
C LYS B 82 -32.75 -1.10 -43.83
N LYS B 83 -33.42 -2.17 -43.40
CA LYS B 83 -34.44 -2.79 -44.23
C LYS B 83 -35.52 -1.78 -44.58
N VAL B 84 -35.77 -0.85 -43.67
CA VAL B 84 -36.76 0.20 -43.89
C VAL B 84 -36.25 1.21 -44.92
N ASP B 85 -35.15 1.89 -44.57
CA ASP B 85 -34.55 2.88 -45.46
C ASP B 85 -34.39 2.33 -46.88
N ASP B 86 -33.86 1.12 -46.99
CA ASP B 86 -33.68 0.49 -48.30
C ASP B 86 -35.02 0.14 -48.95
N GLY B 87 -35.99 -0.25 -48.14
CA GLY B 87 -37.33 -0.55 -48.64
C GLY B 87 -37.99 0.66 -49.28
N PHE B 88 -38.05 1.75 -48.53
CA PHE B 88 -38.66 2.97 -49.04
C PHE B 88 -37.91 3.50 -50.26
N LEU B 89 -36.59 3.30 -50.28
CA LEU B 89 -35.78 3.73 -51.42
C LEU B 89 -36.14 2.91 -52.66
N ASP B 90 -36.17 1.59 -52.50
CA ASP B 90 -36.61 0.69 -53.56
C ASP B 90 -37.93 1.18 -54.18
N ILE B 91 -38.87 1.52 -53.33
CA ILE B 91 -40.21 1.88 -53.78
C ILE B 91 -40.29 3.24 -54.45
N TRP B 92 -39.67 4.25 -53.85
CA TRP B 92 -39.72 5.59 -54.42
C TRP B 92 -38.95 5.70 -55.75
N THR B 93 -37.86 4.94 -55.87
CA THR B 93 -37.14 4.86 -57.12
C THR B 93 -38.05 4.24 -58.18
N TYR B 94 -38.73 3.17 -57.78
CA TYR B 94 -39.68 2.50 -58.66
C TYR B 94 -40.82 3.42 -59.06
N ASN B 95 -41.47 4.01 -58.06
CA ASN B 95 -42.60 4.90 -58.33
C ASN B 95 -42.25 6.10 -59.19
N ALA B 96 -41.00 6.55 -59.10
CA ALA B 96 -40.56 7.70 -59.89
C ALA B 96 -40.25 7.27 -61.32
N GLU B 97 -39.31 6.34 -61.47
CA GLU B 97 -38.90 5.88 -62.79
C GLU B 97 -40.07 5.31 -63.58
N LEU B 98 -40.97 4.63 -62.88
CA LEU B 98 -42.11 3.99 -63.52
C LEU B 98 -43.13 5.04 -63.96
N LEU B 99 -43.35 6.04 -63.11
CA LEU B 99 -44.28 7.11 -63.42
C LEU B 99 -43.84 7.87 -64.67
N VAL B 100 -42.54 8.13 -64.77
CA VAL B 100 -41.99 8.87 -65.89
C VAL B 100 -42.14 8.10 -67.21
N LEU B 101 -41.82 6.81 -67.19
CA LEU B 101 -41.98 5.97 -68.37
C LEU B 101 -43.40 6.10 -68.93
N LEU B 102 -44.38 5.73 -68.12
CA LEU B 102 -45.76 5.68 -68.56
C LEU B 102 -46.28 7.05 -68.99
N GLU B 103 -45.92 8.10 -68.25
CA GLU B 103 -46.37 9.43 -68.62
C GLU B 103 -45.74 9.94 -69.92
N ASN B 104 -44.49 9.56 -70.15
CA ASN B 104 -43.84 9.90 -71.41
C ASN B 104 -44.55 9.23 -72.58
N GLU B 105 -44.85 7.94 -72.42
CA GLU B 105 -45.63 7.20 -73.38
C GLU B 105 -46.95 7.91 -73.69
N ARG B 106 -47.67 8.27 -72.65
CA ARG B 106 -48.97 8.93 -72.79
C ARG B 106 -48.85 10.31 -73.46
N THR B 107 -47.76 11.01 -73.15
CA THR B 107 -47.55 12.36 -73.67
C THR B 107 -47.26 12.37 -75.17
N LEU B 108 -46.48 11.38 -75.63
CA LEU B 108 -46.19 11.27 -77.05
C LEU B 108 -47.45 10.88 -77.83
N ASP B 109 -48.28 10.05 -77.22
CA ASP B 109 -49.56 9.69 -77.81
C ASP B 109 -50.51 10.86 -77.78
N PHE B 110 -50.42 11.66 -76.72
CA PHE B 110 -51.23 12.87 -76.59
C PHE B 110 -50.99 13.78 -77.78
N HIS B 111 -49.72 14.06 -78.05
CA HIS B 111 -49.34 14.86 -79.21
C HIS B 111 -49.82 14.21 -80.50
N ASP B 112 -49.64 12.90 -80.61
CA ASP B 112 -50.08 12.17 -81.78
C ASP B 112 -51.57 12.42 -82.02
N SER B 113 -52.36 12.26 -80.97
CA SER B 113 -53.81 12.46 -81.05
C SER B 113 -54.14 13.87 -81.50
N ASN B 114 -53.53 14.85 -80.84
CA ASN B 114 -53.75 16.27 -81.17
C ASN B 114 -53.53 16.59 -82.65
N VAL B 115 -52.45 16.08 -83.21
CA VAL B 115 -52.19 16.23 -84.64
C VAL B 115 -53.29 15.57 -85.45
N ARG B 116 -53.61 14.32 -85.08
CA ARG B 116 -54.67 13.57 -85.75
C ARG B 116 -55.96 14.37 -85.82
N ASN B 117 -56.43 14.84 -84.67
CA ASN B 117 -57.68 15.56 -84.58
C ASN B 117 -57.64 16.87 -85.36
N LEU B 118 -56.47 17.51 -85.40
CA LEU B 118 -56.30 18.73 -86.17
C LEU B 118 -56.42 18.44 -87.67
N TYR B 119 -55.87 17.31 -88.08
CA TYR B 119 -55.96 16.90 -89.48
C TYR B 119 -57.41 16.64 -89.88
N GLU B 120 -58.20 16.14 -88.95
CA GLU B 120 -59.57 15.74 -89.27
C GLU B 120 -60.58 16.86 -89.10
N LYS B 121 -60.24 17.89 -88.33
CA LYS B 121 -61.10 19.06 -88.26
C LYS B 121 -61.10 19.69 -89.65
N VAL B 122 -59.89 19.89 -90.17
CA VAL B 122 -59.71 20.45 -91.50
C VAL B 122 -60.34 19.58 -92.58
N LYS B 123 -60.15 18.27 -92.47
CA LYS B 123 -60.66 17.33 -93.46
C LYS B 123 -62.18 17.37 -93.59
N SER B 124 -62.87 17.51 -92.46
CA SER B 124 -64.34 17.54 -92.45
C SER B 124 -64.86 18.92 -92.83
N GLN B 125 -63.97 19.92 -92.77
CA GLN B 125 -64.31 21.27 -93.22
C GLN B 125 -64.34 21.35 -94.74
N LEU B 126 -63.32 20.77 -95.38
CA LEU B 126 -63.14 20.90 -96.82
C LEU B 126 -64.15 20.02 -97.55
N LYS B 127 -64.22 18.75 -97.19
CA LYS B 127 -65.03 17.77 -97.90
C LYS B 127 -64.60 17.74 -99.36
N ASN B 128 -65.55 17.90 -100.28
CA ASN B 128 -65.30 17.79 -101.72
C ASN B 128 -64.29 18.81 -102.22
N ASN B 129 -64.32 20.01 -101.63
CA ASN B 129 -63.54 21.14 -102.13
C ASN B 129 -62.04 20.92 -102.20
N ALA B 130 -61.58 19.84 -101.57
CA ALA B 130 -60.16 19.48 -101.61
C ALA B 130 -59.98 17.98 -101.69
N LYS B 131 -58.81 17.53 -102.11
CA LYS B 131 -58.51 16.10 -102.13
C LYS B 131 -57.28 15.78 -101.27
N GLU B 132 -57.36 14.67 -100.54
CA GLU B 132 -56.28 14.26 -99.65
C GLU B 132 -55.13 13.66 -100.45
N ILE B 133 -54.05 14.43 -100.58
CA ILE B 133 -52.86 13.96 -101.28
C ILE B 133 -52.24 12.75 -100.58
N GLY B 134 -52.04 12.86 -99.27
CA GLY B 134 -51.51 11.75 -98.50
C GLY B 134 -50.73 12.13 -97.27
N ASN B 135 -49.74 13.01 -97.43
CA ASN B 135 -48.84 13.36 -96.34
C ASN B 135 -49.43 14.43 -95.42
N GLY B 136 -50.71 14.27 -95.08
CA GLY B 136 -51.41 15.26 -94.29
C GLY B 136 -51.66 16.52 -95.11
N CYS B 137 -51.70 16.35 -96.43
CA CYS B 137 -51.89 17.47 -97.33
C CYS B 137 -53.21 17.41 -98.07
N PHE B 138 -53.82 18.58 -98.26
CA PHE B 138 -55.03 18.68 -99.07
C PHE B 138 -54.77 19.57 -100.28
N GLU B 139 -54.94 19.01 -101.48
CA GLU B 139 -54.88 19.79 -102.69
C GLU B 139 -56.24 20.42 -102.97
N PHE B 140 -56.27 21.74 -103.10
CA PHE B 140 -57.51 22.47 -103.31
C PHE B 140 -58.06 22.34 -104.73
N TYR B 141 -59.39 22.43 -104.85
CA TYR B 141 -60.05 22.43 -106.14
C TYR B 141 -60.49 23.82 -106.54
N HIS B 142 -60.45 24.76 -105.59
CA HIS B 142 -61.10 26.06 -105.79
C HIS B 142 -60.20 27.27 -105.55
N LYS B 143 -58.90 27.05 -105.42
CA LYS B 143 -57.97 28.17 -105.23
C LYS B 143 -58.31 29.01 -104.00
N CYS B 144 -57.45 28.96 -102.99
CA CYS B 144 -57.72 29.63 -101.72
C CYS B 144 -56.71 30.73 -101.44
N ASP B 145 -57.17 31.98 -101.44
CA ASP B 145 -56.31 33.11 -101.12
C ASP B 145 -55.99 33.11 -99.63
N ASP B 146 -55.07 34.00 -99.21
CA ASP B 146 -54.67 34.09 -97.81
C ASP B 146 -55.87 34.29 -96.89
N ALA B 147 -56.82 35.11 -97.32
CA ALA B 147 -58.04 35.34 -96.55
C ALA B 147 -58.82 34.04 -96.37
N CYS B 148 -58.80 33.21 -97.40
CA CYS B 148 -59.46 31.91 -97.35
C CYS B 148 -58.67 30.94 -96.49
N MET B 149 -57.35 30.93 -96.66
CA MET B 149 -56.49 30.06 -95.86
C MET B 149 -56.76 30.22 -94.38
N GLU B 150 -56.87 31.47 -93.92
CA GLU B 150 -57.13 31.75 -92.52
C GLU B 150 -58.43 31.12 -92.02
N SER B 151 -59.47 31.19 -92.85
CA SER B 151 -60.76 30.63 -92.47
C SER B 151 -60.65 29.13 -92.24
N VAL B 152 -59.71 28.50 -92.96
CA VAL B 152 -59.46 27.08 -92.80
C VAL B 152 -58.80 26.81 -91.45
N ARG B 153 -57.89 27.71 -91.05
CA ARG B 153 -57.24 27.63 -89.76
C ARG B 153 -58.12 28.20 -88.66
N ASN B 154 -59.29 28.68 -89.06
CA ASN B 154 -60.19 29.41 -88.16
C ASN B 154 -61.37 28.57 -87.71
N GLY B 155 -61.70 27.55 -88.51
CA GLY B 155 -62.90 26.77 -88.27
C GLY B 155 -64.10 27.44 -88.90
N THR B 156 -63.84 28.55 -89.59
CA THR B 156 -64.90 29.35 -90.21
C THR B 156 -64.87 29.25 -91.73
N TYR B 157 -64.45 28.11 -92.24
CA TYR B 157 -64.35 27.90 -93.68
C TYR B 157 -65.73 27.70 -94.31
N ASP B 158 -66.08 28.59 -95.23
CA ASP B 158 -67.37 28.52 -95.91
C ASP B 158 -67.29 27.54 -97.09
N TYR B 159 -67.79 26.33 -96.89
CA TYR B 159 -67.76 25.30 -97.93
C TYR B 159 -68.75 25.55 -99.08
N PRO B 160 -70.02 25.83 -98.75
CA PRO B 160 -71.02 26.04 -99.80
C PRO B 160 -70.60 27.16 -100.75
N LYS B 161 -69.72 28.03 -100.27
CA LYS B 161 -69.21 29.15 -101.06
C LYS B 161 -68.53 28.67 -102.34
N TYR B 162 -68.12 27.41 -102.36
CA TYR B 162 -67.37 26.89 -103.49
C TYR B 162 -68.03 25.69 -104.16
N SER B 163 -68.77 25.95 -105.22
CA SER B 163 -69.23 24.92 -106.14
C SER B 163 -68.34 25.02 -107.38
N GLU B 164 -67.46 26.02 -107.35
CA GLU B 164 -66.39 26.15 -108.33
C GLU B 164 -65.52 24.91 -108.31
N GLU B 165 -65.36 24.34 -107.12
CA GLU B 165 -64.58 23.12 -106.94
C GLU B 165 -65.19 21.97 -107.73
N SER B 166 -66.51 21.97 -107.84
CA SER B 166 -67.22 20.91 -108.55
C SER B 166 -66.80 20.89 -110.02
N LYS B 167 -66.59 22.07 -110.58
CA LYS B 167 -66.14 22.18 -111.96
C LYS B 167 -64.78 21.52 -112.12
N LEU B 168 -63.79 22.00 -111.37
CA LEU B 168 -62.44 21.47 -111.42
C LEU B 168 -62.37 20.03 -110.92
N ASN B 169 -63.40 19.63 -110.16
CA ASN B 169 -63.49 18.27 -109.64
C ASN B 169 -63.37 17.25 -110.78
N ARG B 170 -63.81 17.65 -111.98
CA ARG B 170 -63.67 16.82 -113.17
C ARG B 170 -62.83 17.53 -114.23
N ASP C 1 -62.45 -9.02 -107.24
CA ASP C 1 -61.08 -8.86 -106.76
C ASP C 1 -61.03 -8.07 -105.46
N THR C 2 -60.74 -8.74 -104.36
CA THR C 2 -60.79 -8.12 -103.04
C THR C 2 -59.52 -8.30 -102.23
N ILE C 3 -59.31 -7.41 -101.27
CA ILE C 3 -58.25 -7.56 -100.28
C ILE C 3 -58.78 -7.21 -98.90
N CYS C 4 -58.43 -8.03 -97.91
CA CYS C 4 -58.90 -7.83 -96.54
C CYS C 4 -57.75 -7.59 -95.57
N ILE C 5 -57.96 -6.69 -94.62
CA ILE C 5 -57.01 -6.48 -93.53
C ILE C 5 -57.54 -7.16 -92.27
N GLY C 6 -56.73 -8.01 -91.64
CA GLY C 6 -57.14 -8.71 -90.45
C GLY C 6 -56.03 -9.01 -89.45
N TYR C 7 -56.39 -9.65 -88.35
CA TYR C 7 -55.42 -9.97 -87.30
C TYR C 7 -55.35 -11.45 -86.96
N HIS C 8 -54.27 -11.84 -86.31
CA HIS C 8 -54.00 -13.24 -85.98
C HIS C 8 -54.99 -13.82 -84.98
N ALA C 9 -55.05 -15.15 -84.95
CA ALA C 9 -55.88 -15.87 -83.98
C ALA C 9 -55.35 -17.30 -83.87
N ASN C 10 -55.62 -17.95 -82.73
CA ASN C 10 -55.11 -19.29 -82.51
C ASN C 10 -55.91 -20.09 -81.49
N ASN C 11 -55.38 -21.24 -81.11
CA ASN C 11 -56.05 -22.15 -80.18
C ASN C 11 -55.75 -21.86 -78.71
N SER C 12 -55.00 -20.79 -78.46
CA SER C 12 -54.60 -20.44 -77.10
C SER C 12 -55.80 -20.16 -76.19
N THR C 13 -55.73 -20.67 -74.96
CA THR C 13 -56.80 -20.48 -73.99
C THR C 13 -56.33 -19.65 -72.79
N ASP C 14 -55.12 -19.14 -72.87
CA ASP C 14 -54.58 -18.25 -71.84
C ASP C 14 -55.50 -17.04 -71.66
N THR C 15 -55.76 -16.68 -70.40
CA THR C 15 -56.57 -15.51 -70.12
C THR C 15 -55.76 -14.50 -69.31
N VAL C 16 -56.18 -13.23 -69.38
CA VAL C 16 -55.56 -12.18 -68.59
C VAL C 16 -56.65 -11.27 -68.07
N ASP C 17 -56.28 -10.32 -67.21
CA ASP C 17 -57.23 -9.37 -66.68
C ASP C 17 -56.84 -7.95 -67.08
N THR C 18 -57.84 -7.09 -67.23
CA THR C 18 -57.61 -5.68 -67.48
C THR C 18 -58.49 -4.91 -66.53
N VAL C 19 -58.24 -3.61 -66.41
CA VAL C 19 -58.99 -2.79 -65.48
C VAL C 19 -60.47 -2.75 -65.87
N LEU C 20 -60.75 -2.82 -67.17
CA LEU C 20 -62.12 -2.71 -67.67
C LEU C 20 -62.81 -4.06 -67.88
N GLU C 21 -62.03 -5.12 -68.07
CA GLU C 21 -62.59 -6.43 -68.38
C GLU C 21 -61.85 -7.56 -67.65
N LYS C 22 -62.61 -8.56 -67.21
CA LYS C 22 -62.02 -9.71 -66.52
C LYS C 22 -61.99 -10.94 -67.41
N ASN C 23 -60.90 -11.70 -67.33
CA ASN C 23 -60.79 -12.95 -68.07
C ASN C 23 -60.88 -12.80 -69.58
N VAL C 24 -59.89 -12.14 -70.17
CA VAL C 24 -59.83 -11.95 -71.61
C VAL C 24 -58.86 -12.94 -72.25
N THR C 25 -59.38 -13.79 -73.12
CA THR C 25 -58.54 -14.76 -73.81
C THR C 25 -57.66 -14.06 -74.86
N VAL C 26 -56.37 -14.35 -74.84
CA VAL C 26 -55.43 -13.71 -75.74
C VAL C 26 -54.64 -14.72 -76.56
N THR C 27 -53.98 -14.24 -77.60
CA THR C 27 -53.22 -15.10 -78.49
C THR C 27 -51.89 -15.49 -77.87
N HIS C 28 -51.25 -14.54 -77.21
CA HIS C 28 -49.94 -14.76 -76.59
C HIS C 28 -49.82 -14.04 -75.25
N SER C 29 -49.04 -14.62 -74.35
CA SER C 29 -48.86 -14.05 -73.02
C SER C 29 -47.64 -14.63 -72.32
N VAL C 30 -47.19 -13.96 -71.28
CA VAL C 30 -46.12 -14.49 -70.43
C VAL C 30 -46.51 -14.40 -68.97
N ASN C 31 -46.21 -15.46 -68.23
CA ASN C 31 -46.43 -15.47 -66.79
C ASN C 31 -45.23 -14.82 -66.08
N LEU C 32 -45.53 -13.94 -65.13
CA LEU C 32 -44.48 -13.24 -64.40
C LEU C 32 -44.36 -13.71 -62.95
N LEU C 33 -45.20 -14.67 -62.58
CA LEU C 33 -45.25 -15.14 -61.20
C LEU C 33 -44.76 -16.58 -61.07
N GLU C 34 -43.59 -16.76 -60.46
CA GLU C 34 -43.05 -18.09 -60.25
C GLU C 34 -43.79 -18.80 -59.11
N ASP C 35 -44.21 -20.04 -59.35
CA ASP C 35 -44.99 -20.79 -58.37
C ASP C 35 -44.47 -22.20 -58.20
N SER C 36 -43.27 -22.46 -58.70
CA SER C 36 -42.72 -23.81 -58.71
C SER C 36 -41.38 -23.92 -57.98
N HIS C 37 -41.25 -24.91 -57.10
CA HIS C 37 -40.01 -25.08 -56.34
C HIS C 37 -39.57 -26.54 -56.19
N ASN C 38 -38.40 -26.71 -55.56
CA ASN C 38 -37.71 -28.00 -55.47
C ASN C 38 -38.26 -28.95 -54.41
N GLY C 39 -38.84 -28.39 -53.36
CA GLY C 39 -39.18 -29.18 -52.19
C GLY C 39 -37.93 -29.66 -51.49
N LYS C 40 -36.78 -29.10 -51.90
CA LYS C 40 -35.49 -29.50 -51.37
C LYS C 40 -34.65 -28.31 -50.93
N LEU C 41 -33.79 -28.52 -49.95
CA LEU C 41 -32.83 -27.50 -49.52
C LEU C 41 -31.50 -27.71 -50.22
N CYS C 42 -31.11 -26.77 -51.05
CA CYS C 42 -29.95 -26.93 -51.92
C CYS C 42 -28.75 -26.12 -51.50
N LYS C 43 -27.59 -26.47 -52.07
CA LYS C 43 -26.37 -25.71 -51.85
C LYS C 43 -26.47 -24.40 -52.62
N LEU C 44 -25.81 -23.37 -52.12
CA LEU C 44 -25.64 -22.14 -52.87
C LEU C 44 -24.17 -21.97 -53.22
N LYS C 45 -23.87 -21.90 -54.51
CA LYS C 45 -22.50 -21.76 -54.98
C LYS C 45 -21.61 -22.93 -54.53
N GLY C 46 -22.17 -24.13 -54.58
CA GLY C 46 -21.44 -25.33 -54.24
C GLY C 46 -21.27 -25.58 -52.75
N ILE C 47 -21.70 -24.64 -51.93
CA ILE C 47 -21.54 -24.74 -50.48
C ILE C 47 -22.85 -25.13 -49.78
N ALA C 48 -22.83 -26.25 -49.07
CA ALA C 48 -24.03 -26.77 -48.42
C ALA C 48 -24.49 -25.95 -47.21
N PRO C 49 -25.78 -26.05 -46.87
CA PRO C 49 -26.30 -25.35 -45.70
C PRO C 49 -25.88 -26.14 -44.47
N LEU C 50 -26.05 -25.56 -43.30
CA LEU C 50 -25.79 -26.27 -42.05
C LEU C 50 -27.11 -26.75 -41.47
N GLN C 51 -27.28 -28.07 -41.38
CA GLN C 51 -28.46 -28.64 -40.75
C GLN C 51 -28.29 -28.72 -39.25
N LEU C 52 -29.05 -27.91 -38.51
CA LEU C 52 -29.02 -27.99 -37.05
C LEU C 52 -29.88 -29.15 -36.56
N GLY C 53 -30.77 -29.62 -37.42
CA GLY C 53 -31.65 -30.74 -37.11
C GLY C 53 -32.43 -30.56 -35.82
N LYS C 54 -32.16 -31.43 -34.84
CA LYS C 54 -32.87 -31.39 -33.57
C LYS C 54 -32.34 -30.31 -32.65
N CYS C 55 -31.26 -29.65 -33.07
CA CYS C 55 -30.65 -28.59 -32.26
C CYS C 55 -31.03 -27.21 -32.76
N ASN C 56 -30.85 -26.21 -31.91
CA ASN C 56 -31.00 -24.82 -32.31
C ASN C 56 -29.65 -24.11 -32.16
N ILE C 57 -29.60 -22.82 -32.51
CA ILE C 57 -28.34 -22.07 -32.46
C ILE C 57 -27.61 -22.19 -31.12
N ALA C 58 -28.35 -22.16 -30.02
CA ALA C 58 -27.75 -22.27 -28.69
C ALA C 58 -27.06 -23.61 -28.49
N GLY C 59 -27.79 -24.69 -28.77
CA GLY C 59 -27.24 -26.03 -28.64
C GLY C 59 -25.98 -26.17 -29.47
N TRP C 60 -26.02 -25.63 -30.69
CA TRP C 60 -24.89 -25.70 -31.60
C TRP C 60 -23.67 -24.98 -31.03
N LEU C 61 -23.83 -23.70 -30.71
CA LEU C 61 -22.71 -22.90 -30.23
C LEU C 61 -22.20 -23.32 -28.86
N LEU C 62 -23.10 -23.80 -28.01
CA LEU C 62 -22.72 -24.26 -26.67
C LEU C 62 -22.18 -25.68 -26.69
N GLY C 63 -22.58 -26.46 -27.69
CA GLY C 63 -22.15 -27.84 -27.77
C GLY C 63 -22.98 -28.77 -26.91
N ASN C 64 -24.29 -28.57 -26.94
CA ASN C 64 -25.21 -29.49 -26.30
C ASN C 64 -24.91 -30.92 -26.73
N PRO C 65 -24.81 -31.85 -25.76
CA PRO C 65 -24.44 -33.24 -25.99
C PRO C 65 -25.22 -33.91 -27.12
N GLU C 66 -26.35 -33.33 -27.50
CA GLU C 66 -27.19 -33.89 -28.56
C GLU C 66 -26.83 -33.35 -29.95
N CYS C 67 -25.84 -32.46 -30.00
CA CYS C 67 -25.49 -31.78 -31.24
C CYS C 67 -24.08 -32.12 -31.70
N ASP C 68 -23.55 -33.23 -31.21
CA ASP C 68 -22.18 -33.64 -31.52
C ASP C 68 -21.87 -33.62 -33.02
N LEU C 69 -22.85 -34.00 -33.84
CA LEU C 69 -22.67 -33.99 -35.29
C LEU C 69 -22.17 -32.65 -35.82
N LEU C 70 -22.62 -31.57 -35.18
CA LEU C 70 -22.35 -30.22 -35.65
C LEU C 70 -20.95 -29.72 -35.29
N LEU C 71 -20.26 -30.44 -34.40
CA LEU C 71 -18.94 -30.05 -33.93
C LEU C 71 -17.94 -29.89 -35.06
N THR C 72 -18.27 -30.50 -36.21
CA THR C 72 -17.37 -30.57 -37.34
C THR C 72 -17.57 -29.41 -38.33
N ALA C 73 -18.74 -28.77 -38.26
CA ALA C 73 -19.08 -27.67 -39.16
C ALA C 73 -18.03 -26.57 -39.12
N SER C 74 -17.69 -26.04 -40.29
CA SER C 74 -16.74 -24.94 -40.40
C SER C 74 -17.24 -23.87 -41.38
N SER C 75 -17.89 -24.30 -42.45
CA SER C 75 -18.46 -23.37 -43.42
C SER C 75 -19.85 -23.81 -43.89
N TRP C 76 -20.65 -22.85 -44.34
CA TRP C 76 -22.01 -23.12 -44.75
C TRP C 76 -22.53 -21.97 -45.61
N SER C 77 -23.57 -22.23 -46.40
CA SER C 77 -24.17 -21.22 -47.25
C SER C 77 -25.36 -20.56 -46.57
N TYR C 78 -25.88 -21.24 -45.55
CA TYR C 78 -26.97 -20.71 -44.72
C TYR C 78 -27.33 -21.72 -43.65
N ILE C 79 -27.82 -21.23 -42.51
CA ILE C 79 -28.09 -22.09 -41.36
C ILE C 79 -29.57 -22.49 -41.30
N VAL C 80 -29.82 -23.74 -40.93
CA VAL C 80 -31.18 -24.28 -40.94
C VAL C 80 -31.63 -24.86 -39.60
N GLU C 81 -32.66 -24.27 -39.02
CA GLU C 81 -33.35 -24.86 -37.88
C GLU C 81 -34.62 -25.55 -38.36
N THR C 82 -35.13 -26.48 -37.56
CA THR C 82 -36.32 -27.23 -37.94
C THR C 82 -37.41 -27.10 -36.87
N SER C 83 -38.50 -27.84 -37.06
CA SER C 83 -39.57 -27.87 -36.07
C SER C 83 -39.14 -28.62 -34.83
N ASN C 84 -38.07 -29.40 -34.94
CA ASN C 84 -37.58 -30.22 -33.84
C ASN C 84 -36.34 -29.66 -33.17
N SER C 85 -35.95 -28.45 -33.57
CA SER C 85 -34.79 -27.79 -32.98
C SER C 85 -35.07 -27.36 -31.55
N GLU C 86 -35.00 -28.31 -30.62
CA GLU C 86 -35.31 -28.02 -29.23
C GLU C 86 -34.08 -28.08 -28.34
N ASN C 87 -33.07 -28.81 -28.80
CA ASN C 87 -31.86 -28.97 -28.02
C ASN C 87 -30.96 -27.75 -28.07
N GLY C 88 -31.05 -26.92 -27.04
CA GLY C 88 -30.22 -25.74 -26.89
C GLY C 88 -29.61 -25.68 -25.50
N THR C 89 -30.27 -24.97 -24.61
CA THR C 89 -29.82 -24.83 -23.23
C THR C 89 -30.42 -25.92 -22.34
N CYS C 90 -29.63 -26.96 -22.06
CA CYS C 90 -30.11 -28.12 -21.32
C CYS C 90 -29.98 -27.98 -19.80
N TYR C 91 -29.15 -27.05 -19.34
CA TYR C 91 -29.17 -26.65 -17.95
C TYR C 91 -29.83 -25.28 -17.87
N PRO C 92 -30.91 -25.19 -17.10
CA PRO C 92 -31.81 -24.03 -17.02
C PRO C 92 -31.04 -22.72 -16.87
N GLY C 93 -31.58 -21.64 -17.42
CA GLY C 93 -30.96 -20.34 -17.30
C GLY C 93 -31.15 -19.46 -18.52
N ASP C 94 -30.81 -18.18 -18.38
CA ASP C 94 -30.97 -17.23 -19.47
C ASP C 94 -29.72 -17.17 -20.35
N PHE C 95 -29.94 -17.18 -21.66
CA PHE C 95 -28.86 -16.96 -22.61
C PHE C 95 -28.90 -15.49 -22.97
N ILE C 96 -28.04 -14.70 -22.33
CA ILE C 96 -28.10 -13.25 -22.46
C ILE C 96 -27.85 -12.78 -23.90
N ASP C 97 -28.68 -11.86 -24.37
CA ASP C 97 -28.56 -11.32 -25.72
C ASP C 97 -28.46 -12.43 -26.77
N TYR C 98 -29.24 -13.49 -26.58
CA TYR C 98 -29.22 -14.64 -27.47
C TYR C 98 -29.67 -14.28 -28.88
N GLU C 99 -30.74 -13.50 -28.97
CA GLU C 99 -31.27 -13.10 -30.26
C GLU C 99 -30.24 -12.30 -31.06
N GLU C 100 -29.56 -11.39 -30.39
CA GLU C 100 -28.49 -10.62 -31.01
C GLU C 100 -27.40 -11.56 -31.51
N LEU C 101 -27.10 -12.58 -30.73
CA LEU C 101 -26.06 -13.53 -31.11
C LEU C 101 -26.49 -14.24 -32.39
N ARG C 102 -27.74 -14.69 -32.43
CA ARG C 102 -28.30 -15.28 -33.64
C ARG C 102 -28.08 -14.33 -34.81
N GLU C 103 -28.43 -13.06 -34.60
CA GLU C 103 -28.30 -12.06 -35.65
C GLU C 103 -26.86 -11.96 -36.12
N GLN C 104 -25.93 -12.13 -35.18
CA GLN C 104 -24.51 -12.11 -35.49
C GLN C 104 -24.15 -13.24 -36.44
N LEU C 105 -24.59 -14.45 -36.11
CA LEU C 105 -24.25 -15.62 -36.92
C LEU C 105 -24.80 -15.51 -38.35
N SER C 106 -25.79 -14.66 -38.55
CA SER C 106 -26.40 -14.50 -39.87
C SER C 106 -25.49 -13.76 -40.84
N SER C 107 -24.44 -13.14 -40.32
CA SER C 107 -23.46 -12.49 -41.18
C SER C 107 -22.13 -13.25 -41.16
N VAL C 108 -22.16 -14.46 -40.62
CA VAL C 108 -20.98 -15.31 -40.56
C VAL C 108 -21.10 -16.41 -41.61
N SER C 109 -20.10 -16.51 -42.47
CA SER C 109 -20.13 -17.50 -43.54
C SER C 109 -19.31 -18.74 -43.18
N SER C 110 -18.47 -18.61 -42.16
CA SER C 110 -17.65 -19.71 -41.70
C SER C 110 -16.87 -19.31 -40.46
N PHE C 111 -16.34 -20.29 -39.75
CA PHE C 111 -15.44 -20.02 -38.63
C PHE C 111 -14.47 -21.16 -38.37
N GLU C 112 -13.45 -20.88 -37.57
CA GLU C 112 -12.53 -21.91 -37.13
C GLU C 112 -12.71 -22.13 -35.65
N LYS C 113 -13.21 -23.31 -35.31
CA LYS C 113 -13.35 -23.69 -33.91
C LYS C 113 -11.97 -24.02 -33.36
N PHE C 114 -11.66 -23.50 -32.17
CA PHE C 114 -10.37 -23.77 -31.57
C PHE C 114 -10.42 -23.87 -30.05
N GLU C 115 -9.40 -24.48 -29.48
CA GLU C 115 -9.36 -24.72 -28.05
C GLU C 115 -8.76 -23.52 -27.33
N ILE C 116 -9.61 -22.60 -26.90
CA ILE C 116 -9.16 -21.35 -26.30
C ILE C 116 -8.49 -21.59 -24.95
N PHE C 117 -9.06 -22.50 -24.16
CA PHE C 117 -8.45 -22.95 -22.91
C PHE C 117 -8.49 -24.46 -22.86
N PRO C 118 -7.42 -25.12 -23.34
CA PRO C 118 -7.35 -26.58 -23.35
C PRO C 118 -7.62 -27.17 -21.98
N LYS C 119 -8.47 -28.20 -21.93
CA LYS C 119 -8.92 -28.80 -20.69
C LYS C 119 -7.80 -29.39 -19.86
N THR C 120 -6.95 -30.18 -20.52
CA THR C 120 -5.92 -30.93 -19.81
C THR C 120 -4.59 -30.20 -19.83
N SER C 121 -4.63 -28.89 -19.57
CA SER C 121 -3.41 -28.08 -19.62
C SER C 121 -3.64 -26.66 -19.08
N SER C 122 -4.89 -26.31 -18.81
CA SER C 122 -5.22 -24.94 -18.42
C SER C 122 -5.51 -24.78 -16.93
N TRP C 123 -5.87 -25.88 -16.27
CA TRP C 123 -6.37 -25.79 -14.90
C TRP C 123 -5.70 -26.77 -13.94
N PRO C 124 -4.43 -26.49 -13.60
CA PRO C 124 -3.67 -27.37 -12.70
C PRO C 124 -4.21 -27.34 -11.27
N ASN C 125 -4.89 -26.26 -10.90
CA ASN C 125 -5.35 -26.07 -9.53
C ASN C 125 -6.85 -26.27 -9.36
N HIS C 126 -7.50 -26.86 -10.35
CA HIS C 126 -8.94 -27.07 -10.29
C HIS C 126 -9.36 -28.39 -10.93
N GLU C 127 -10.59 -28.81 -10.65
CA GLU C 127 -11.09 -30.09 -11.15
C GLU C 127 -11.74 -29.93 -12.51
N THR C 128 -11.18 -30.62 -13.50
CA THR C 128 -11.65 -30.49 -14.87
C THR C 128 -12.65 -31.57 -15.26
N THR C 129 -12.86 -32.53 -14.37
CA THR C 129 -13.89 -33.54 -14.58
C THR C 129 -15.04 -33.25 -13.60
N LYS C 130 -15.94 -34.22 -13.46
CA LYS C 130 -17.06 -34.08 -12.53
C LYS C 130 -17.92 -32.85 -12.83
N GLY C 131 -17.70 -32.25 -14.00
CA GLY C 131 -18.48 -31.09 -14.41
C GLY C 131 -19.66 -31.48 -15.27
N VAL C 132 -20.48 -32.40 -14.76
CA VAL C 132 -21.65 -32.87 -15.51
C VAL C 132 -22.92 -32.80 -14.68
N THR C 133 -24.03 -33.17 -15.30
CA THR C 133 -25.34 -33.09 -14.68
C THR C 133 -26.34 -33.93 -15.46
N ALA C 134 -27.37 -34.42 -14.77
CA ALA C 134 -28.41 -35.18 -15.43
C ALA C 134 -29.24 -34.28 -16.35
N ALA C 135 -29.22 -32.98 -16.06
CA ALA C 135 -29.93 -32.02 -16.89
C ALA C 135 -29.45 -32.11 -18.33
N CYS C 136 -28.23 -32.57 -18.51
CA CYS C 136 -27.63 -32.69 -19.84
C CYS C 136 -27.17 -34.11 -20.12
N SER C 137 -28.00 -35.09 -19.76
CA SER C 137 -27.63 -36.49 -19.96
C SER C 137 -27.72 -36.89 -21.42
N TYR C 138 -26.75 -37.69 -21.86
CA TYR C 138 -26.66 -38.08 -23.26
C TYR C 138 -26.34 -39.58 -23.39
N ALA C 139 -27.33 -40.34 -23.83
CA ALA C 139 -27.19 -41.78 -24.01
C ALA C 139 -26.79 -42.51 -22.72
N GLY C 140 -27.44 -42.17 -21.62
CA GLY C 140 -27.25 -42.90 -20.38
C GLY C 140 -26.64 -42.15 -19.20
N ALA C 141 -25.55 -41.43 -19.45
CA ALA C 141 -24.81 -40.79 -18.36
C ALA C 141 -25.02 -39.28 -18.30
N SER C 142 -24.77 -38.71 -17.12
CA SER C 142 -24.80 -37.27 -16.94
C SER C 142 -23.64 -36.64 -17.71
N SER C 143 -23.97 -35.80 -18.68
CA SER C 143 -22.94 -35.21 -19.54
C SER C 143 -22.94 -33.69 -19.41
N PHE C 144 -22.44 -33.01 -20.44
CA PHE C 144 -22.37 -31.56 -20.44
C PHE C 144 -22.00 -31.03 -21.82
N TYR C 145 -22.02 -29.70 -21.97
CA TYR C 145 -21.63 -29.05 -23.21
C TYR C 145 -20.21 -29.43 -23.61
N ARG C 146 -19.94 -29.43 -24.91
CA ARG C 146 -18.62 -29.80 -25.41
C ARG C 146 -17.70 -28.58 -25.54
N ASN C 147 -18.30 -27.40 -25.60
CA ASN C 147 -17.55 -26.17 -25.82
C ASN C 147 -17.27 -25.39 -24.54
N LEU C 148 -17.87 -25.83 -23.44
CA LEU C 148 -17.69 -25.18 -22.14
C LEU C 148 -17.17 -26.19 -21.11
N LEU C 149 -16.40 -25.72 -20.14
CA LEU C 149 -15.85 -26.59 -19.11
C LEU C 149 -16.36 -26.21 -17.73
N TRP C 150 -17.14 -27.09 -17.12
CA TRP C 150 -17.64 -26.85 -15.76
C TRP C 150 -16.53 -27.11 -14.74
N LEU C 151 -15.95 -26.04 -14.21
CA LEU C 151 -14.87 -26.16 -13.24
C LEU C 151 -15.39 -26.32 -11.81
N THR C 152 -14.98 -27.42 -11.17
CA THR C 152 -15.35 -27.69 -9.79
C THR C 152 -14.13 -27.67 -8.87
N LYS C 153 -14.36 -27.72 -7.57
CA LYS C 153 -13.26 -27.63 -6.60
C LYS C 153 -12.42 -28.91 -6.60
N LYS C 154 -11.13 -28.74 -6.29
CA LYS C 154 -10.18 -29.83 -6.31
C LYS C 154 -9.73 -30.19 -4.90
N GLY C 155 -10.37 -31.20 -4.31
CA GLY C 155 -10.07 -31.62 -2.96
C GLY C 155 -10.30 -30.51 -1.94
N SER C 156 -11.55 -30.10 -1.80
CA SER C 156 -11.92 -29.03 -0.86
C SER C 156 -11.21 -27.72 -1.13
N SER C 157 -10.47 -27.65 -2.23
CA SER C 157 -9.73 -26.45 -2.57
C SER C 157 -10.21 -25.82 -3.88
N TYR C 158 -10.53 -24.54 -3.84
CA TYR C 158 -10.84 -23.79 -5.05
C TYR C 158 -10.22 -22.41 -4.99
N PRO C 159 -8.95 -22.30 -5.40
CA PRO C 159 -8.19 -21.05 -5.35
C PRO C 159 -8.62 -20.09 -6.44
N LYS C 160 -8.59 -18.80 -6.14
CA LYS C 160 -8.85 -17.79 -7.16
C LYS C 160 -8.03 -18.12 -8.41
N LEU C 161 -8.73 -18.25 -9.53
CA LEU C 161 -8.07 -18.53 -10.81
C LEU C 161 -7.94 -17.25 -11.64
N SER C 162 -6.93 -17.21 -12.50
CA SER C 162 -6.76 -16.09 -13.42
C SER C 162 -6.22 -16.56 -14.77
N LYS C 163 -7.11 -16.59 -15.76
CA LYS C 163 -6.75 -17.05 -17.10
C LYS C 163 -7.08 -15.97 -18.13
N SER C 164 -6.12 -15.69 -19.01
CA SER C 164 -6.33 -14.69 -20.04
C SER C 164 -6.11 -15.28 -21.43
N TYR C 165 -6.90 -14.82 -22.40
CA TYR C 165 -6.68 -15.19 -23.79
C TYR C 165 -6.42 -13.94 -24.63
N VAL C 166 -5.38 -13.99 -25.45
CA VAL C 166 -5.11 -12.92 -26.39
C VAL C 166 -5.51 -13.39 -27.77
N ASN C 167 -6.35 -12.61 -28.45
CA ASN C 167 -6.81 -12.98 -29.77
C ASN C 167 -5.68 -12.91 -30.79
N ASN C 168 -5.14 -14.07 -31.14
CA ASN C 168 -4.11 -14.17 -32.17
C ASN C 168 -4.65 -14.84 -33.43
N LYS C 169 -5.87 -14.48 -33.81
CA LYS C 169 -6.53 -15.13 -34.94
C LYS C 169 -6.73 -14.17 -36.12
N GLY C 170 -6.50 -12.88 -35.87
CA GLY C 170 -6.61 -11.86 -36.91
C GLY C 170 -8.04 -11.56 -37.35
N LYS C 171 -9.00 -12.00 -36.55
CA LYS C 171 -10.42 -11.76 -36.83
C LYS C 171 -11.18 -11.90 -35.53
N GLU C 172 -12.43 -11.45 -35.51
CA GLU C 172 -13.25 -11.54 -34.31
C GLU C 172 -13.28 -12.98 -33.79
N VAL C 173 -13.11 -13.14 -32.48
CA VAL C 173 -13.25 -14.43 -31.85
C VAL C 173 -14.46 -14.45 -30.92
N LEU C 174 -15.35 -15.40 -31.14
CA LEU C 174 -16.55 -15.56 -30.32
C LEU C 174 -16.25 -16.39 -29.07
N VAL C 175 -16.26 -15.73 -27.91
CA VAL C 175 -16.07 -16.46 -26.66
C VAL C 175 -17.38 -16.64 -25.93
N LEU C 176 -17.61 -17.84 -25.42
CA LEU C 176 -18.80 -18.16 -24.67
C LEU C 176 -18.43 -18.67 -23.29
N TRP C 177 -19.21 -18.31 -22.28
CA TRP C 177 -19.02 -18.84 -20.95
C TRP C 177 -20.34 -18.88 -20.20
N GLY C 178 -20.28 -19.32 -18.94
CA GLY C 178 -21.48 -19.43 -18.13
C GLY C 178 -21.22 -19.09 -16.67
N VAL C 179 -22.23 -18.52 -16.03
CA VAL C 179 -22.14 -18.20 -14.61
C VAL C 179 -23.18 -19.00 -13.84
N HIS C 180 -22.71 -19.87 -12.95
CA HIS C 180 -23.60 -20.80 -12.27
C HIS C 180 -24.15 -20.22 -10.98
N HIS C 181 -25.45 -20.38 -10.77
CA HIS C 181 -26.11 -19.92 -9.55
C HIS C 181 -26.81 -21.11 -8.88
N PRO C 182 -26.13 -21.74 -7.91
CA PRO C 182 -26.68 -22.91 -7.23
C PRO C 182 -27.91 -22.58 -6.39
N PRO C 183 -28.70 -23.61 -6.05
CA PRO C 183 -29.96 -23.44 -5.32
C PRO C 183 -29.76 -23.12 -3.84
N THR C 184 -28.74 -23.71 -3.23
CA THR C 184 -28.53 -23.56 -1.80
C THR C 184 -27.06 -23.28 -1.49
N GLY C 185 -26.81 -22.75 -0.30
CA GLY C 185 -25.45 -22.50 0.17
C GLY C 185 -24.67 -23.79 0.35
N THR C 186 -25.39 -24.88 0.59
CA THR C 186 -24.77 -26.20 0.70
C THR C 186 -24.07 -26.52 -0.62
N ASP C 187 -24.84 -26.55 -1.69
CA ASP C 187 -24.32 -26.88 -3.03
C ASP C 187 -23.18 -25.95 -3.44
N GLN C 188 -23.36 -24.65 -3.18
CA GLN C 188 -22.31 -23.68 -3.48
C GLN C 188 -20.96 -24.18 -2.98
N GLN C 189 -20.93 -24.72 -1.76
CA GLN C 189 -19.70 -25.21 -1.16
C GLN C 189 -19.28 -26.56 -1.72
N SER C 190 -20.24 -27.40 -2.06
CA SER C 190 -19.96 -28.74 -2.58
C SER C 190 -19.19 -28.67 -3.89
N LEU C 191 -19.43 -27.61 -4.65
CA LEU C 191 -18.84 -27.45 -5.97
C LEU C 191 -17.63 -26.51 -5.94
N TYR C 192 -17.80 -25.40 -5.28
CA TYR C 192 -16.83 -24.35 -5.36
C TYR C 192 -16.17 -24.12 -4.03
N GLN C 193 -16.61 -24.88 -3.03
CA GLN C 193 -16.04 -24.83 -1.69
C GLN C 193 -15.64 -23.64 -0.91
N ASN C 194 -16.44 -22.61 -0.86
CA ASN C 194 -16.12 -21.22 -0.98
C ASN C 194 -17.40 -20.56 -1.14
N ALA C 195 -17.88 -20.01 -0.06
CA ALA C 195 -19.31 -19.72 0.09
C ALA C 195 -19.67 -18.41 -0.60
N ASP C 196 -18.70 -17.50 -0.68
CA ASP C 196 -18.93 -16.22 -1.32
C ASP C 196 -17.95 -15.98 -2.47
N ALA C 197 -18.13 -16.76 -3.55
CA ALA C 197 -17.27 -16.67 -4.72
C ALA C 197 -17.74 -15.58 -5.67
N TYR C 198 -16.98 -15.37 -6.73
CA TYR C 198 -17.31 -14.37 -7.75
C TYR C 198 -16.66 -14.74 -9.08
N VAL C 199 -17.22 -14.21 -10.16
CA VAL C 199 -16.63 -14.37 -11.48
C VAL C 199 -16.48 -13.00 -12.11
N SER C 200 -15.30 -12.71 -12.64
CA SER C 200 -15.07 -11.43 -13.29
C SER C 200 -14.53 -11.64 -14.70
N VAL C 201 -15.12 -10.93 -15.67
CA VAL C 201 -14.70 -11.03 -17.06
C VAL C 201 -14.37 -9.64 -17.60
N GLY C 202 -13.21 -9.52 -18.23
CA GLY C 202 -12.78 -8.24 -18.75
C GLY C 202 -12.03 -8.32 -20.07
N SER C 203 -12.18 -7.28 -20.87
CA SER C 203 -11.47 -7.14 -22.13
C SER C 203 -11.36 -5.66 -22.43
N SER C 204 -11.09 -5.31 -23.69
CA SER C 204 -11.00 -3.91 -24.07
C SER C 204 -12.37 -3.25 -23.94
N LYS C 205 -13.41 -4.03 -24.15
CA LYS C 205 -14.76 -3.48 -24.21
C LYS C 205 -15.76 -4.16 -23.28
N TYR C 206 -15.36 -5.29 -22.72
CA TYR C 206 -16.24 -6.03 -21.81
C TYR C 206 -15.73 -5.96 -20.37
N ASN C 207 -16.64 -5.70 -19.44
CA ASN C 207 -16.27 -5.63 -18.02
C ASN C 207 -17.43 -5.97 -17.08
N ARG C 208 -17.37 -7.15 -16.47
CA ARG C 208 -18.38 -7.55 -15.50
C ARG C 208 -17.85 -8.44 -14.39
N ARG C 209 -18.43 -8.27 -13.21
CA ARG C 209 -18.15 -9.13 -12.07
C ARG C 209 -19.46 -9.77 -11.62
N PHE C 210 -19.59 -11.07 -11.87
CA PHE C 210 -20.81 -11.79 -11.54
C PHE C 210 -20.70 -12.41 -10.15
N THR C 211 -21.65 -12.05 -9.28
CA THR C 211 -21.76 -12.70 -7.98
C THR C 211 -22.98 -13.62 -7.97
N PRO C 212 -22.78 -14.87 -7.54
CA PRO C 212 -23.81 -15.91 -7.55
C PRO C 212 -25.03 -15.55 -6.70
N GLU C 213 -26.21 -15.74 -7.27
CA GLU C 213 -27.46 -15.52 -6.55
C GLU C 213 -28.02 -16.85 -6.09
N ILE C 214 -27.72 -17.21 -4.85
CA ILE C 214 -28.14 -18.51 -4.33
C ILE C 214 -29.60 -18.51 -3.90
N ALA C 215 -30.43 -19.20 -4.66
CA ALA C 215 -31.85 -19.30 -4.36
C ALA C 215 -32.42 -20.60 -4.92
N ALA C 216 -33.55 -21.03 -4.38
CA ALA C 216 -34.22 -22.23 -4.88
C ALA C 216 -35.35 -21.84 -5.84
N ARG C 217 -35.21 -22.27 -7.10
CA ARG C 217 -36.21 -21.97 -8.12
C ARG C 217 -36.99 -23.23 -8.46
N PRO C 218 -38.15 -23.06 -9.11
CA PRO C 218 -38.91 -24.23 -9.56
C PRO C 218 -38.01 -25.08 -10.46
N LYS C 219 -38.00 -26.38 -10.25
CA LYS C 219 -37.06 -27.26 -10.95
C LYS C 219 -37.37 -27.39 -12.43
N VAL C 220 -36.43 -26.95 -13.26
CA VAL C 220 -36.49 -27.18 -14.69
C VAL C 220 -35.44 -28.23 -15.02
N ARG C 221 -35.85 -29.30 -15.67
CA ARG C 221 -34.96 -30.42 -15.94
C ARG C 221 -34.30 -30.94 -14.67
N GLY C 222 -35.02 -30.84 -13.56
CA GLY C 222 -34.56 -31.38 -12.29
C GLY C 222 -33.65 -30.45 -11.52
N GLN C 223 -33.30 -29.31 -12.12
CA GLN C 223 -32.34 -28.40 -11.50
C GLN C 223 -33.02 -27.20 -10.86
N ALA C 224 -32.81 -27.04 -9.55
CA ALA C 224 -33.33 -25.89 -8.83
C ALA C 224 -32.42 -24.68 -9.02
N GLY C 225 -31.21 -24.94 -9.49
CA GLY C 225 -30.26 -23.88 -9.78
C GLY C 225 -30.43 -23.33 -11.19
N ARG C 226 -29.65 -22.29 -11.50
CA ARG C 226 -29.70 -21.70 -12.84
C ARG C 226 -28.30 -21.44 -13.36
N MET C 227 -28.15 -21.51 -14.68
CA MET C 227 -26.89 -21.21 -15.32
C MET C 227 -27.15 -20.11 -16.34
N ASN C 228 -26.44 -19.00 -16.24
CA ASN C 228 -26.57 -17.92 -17.22
C ASN C 228 -25.47 -18.00 -18.26
N TYR C 229 -25.81 -17.71 -19.51
CA TYR C 229 -24.86 -17.85 -20.60
C TYR C 229 -24.50 -16.49 -21.20
N TYR C 230 -23.21 -16.26 -21.37
CA TYR C 230 -22.71 -14.98 -21.87
C TYR C 230 -21.79 -15.19 -23.06
N TRP C 231 -21.78 -14.23 -23.97
CA TRP C 231 -20.89 -14.28 -25.11
C TRP C 231 -20.35 -12.89 -25.40
N THR C 232 -19.16 -12.83 -26.01
CA THR C 232 -18.61 -11.56 -26.44
C THR C 232 -17.76 -11.76 -27.70
N LEU C 233 -17.60 -10.69 -28.47
CA LEU C 233 -16.77 -10.74 -29.66
C LEU C 233 -15.43 -10.07 -29.38
N LEU C 234 -14.40 -10.89 -29.19
CA LEU C 234 -13.07 -10.39 -28.92
C LEU C 234 -12.42 -9.91 -30.21
N GLU C 235 -12.00 -8.65 -30.23
CA GLU C 235 -11.30 -8.09 -31.39
C GLU C 235 -9.90 -8.68 -31.53
N PRO C 236 -9.31 -8.57 -32.73
CA PRO C 236 -7.95 -9.06 -32.96
C PRO C 236 -6.94 -8.32 -32.08
N GLY C 237 -6.12 -9.07 -31.37
CA GLY C 237 -5.10 -8.49 -30.53
C GLY C 237 -5.58 -8.13 -29.14
N ASP C 238 -6.90 -8.09 -28.96
CA ASP C 238 -7.46 -7.77 -27.66
C ASP C 238 -7.31 -8.94 -26.69
N THR C 239 -7.31 -8.64 -25.40
CA THR C 239 -7.18 -9.67 -24.37
C THR C 239 -8.49 -9.81 -23.60
N ILE C 240 -8.84 -11.04 -23.25
CA ILE C 240 -9.97 -11.28 -22.37
C ILE C 240 -9.50 -12.05 -21.13
N THR C 241 -9.75 -11.49 -19.96
CA THR C 241 -9.27 -12.08 -18.71
C THR C 241 -10.41 -12.66 -17.88
N PHE C 242 -10.23 -13.90 -17.42
CA PHE C 242 -11.17 -14.58 -16.55
C PHE C 242 -10.59 -14.78 -15.16
N GLU C 243 -11.30 -14.28 -14.14
CA GLU C 243 -10.94 -14.56 -12.76
C GLU C 243 -12.15 -14.98 -11.94
N ALA C 244 -12.05 -16.12 -11.28
CA ALA C 244 -13.18 -16.66 -10.54
C ALA C 244 -12.73 -17.40 -9.28
N THR C 245 -13.45 -17.18 -8.19
CA THR C 245 -13.25 -17.98 -6.99
C THR C 245 -14.28 -19.09 -6.97
N GLY C 246 -14.86 -19.37 -8.14
CA GLY C 246 -15.86 -20.40 -8.29
C GLY C 246 -17.02 -19.93 -9.15
N ASN C 247 -17.91 -20.85 -9.50
CA ASN C 247 -19.14 -20.51 -10.22
C ASN C 247 -18.94 -20.19 -11.70
N LEU C 248 -17.74 -20.45 -12.21
CA LEU C 248 -17.43 -20.17 -13.60
C LEU C 248 -17.58 -21.39 -14.51
N ILE C 249 -18.40 -21.26 -15.54
CA ILE C 249 -18.43 -22.26 -16.60
C ILE C 249 -17.48 -21.79 -17.68
N ALA C 250 -16.23 -22.22 -17.58
CA ALA C 250 -15.15 -21.67 -18.40
C ALA C 250 -15.28 -21.97 -19.88
N PRO C 251 -14.87 -21.01 -20.71
CA PRO C 251 -14.73 -21.24 -22.16
C PRO C 251 -13.73 -22.35 -22.40
N TRP C 252 -14.10 -23.31 -23.25
CA TRP C 252 -13.20 -24.39 -23.60
C TRP C 252 -12.87 -24.28 -25.09
N TYR C 253 -13.93 -24.21 -25.91
CA TYR C 253 -13.77 -23.99 -27.34
C TYR C 253 -14.39 -22.65 -27.74
N ALA C 254 -13.70 -21.93 -28.61
CA ALA C 254 -14.19 -20.66 -29.13
C ALA C 254 -14.18 -20.66 -30.65
N PHE C 255 -14.67 -19.57 -31.26
CA PHE C 255 -14.84 -19.52 -32.70
C PHE C 255 -14.31 -18.24 -33.32
N ALA C 256 -13.27 -18.36 -34.16
CA ALA C 256 -12.81 -17.22 -34.94
C ALA C 256 -13.70 -17.04 -36.16
N LEU C 257 -14.45 -15.95 -36.20
CA LEU C 257 -15.51 -15.76 -37.20
C LEU C 257 -15.04 -15.19 -38.54
N ASN C 258 -15.51 -15.80 -39.62
CA ASN C 258 -15.30 -15.27 -40.95
C ASN C 258 -16.58 -14.63 -41.47
N ARG C 259 -16.58 -13.31 -41.55
CA ARG C 259 -17.77 -12.57 -41.99
C ARG C 259 -18.01 -12.72 -43.48
N GLY C 260 -19.28 -12.85 -43.85
CA GLY C 260 -19.68 -12.89 -45.24
C GLY C 260 -20.91 -12.02 -45.43
N SER C 261 -21.71 -12.32 -46.44
CA SER C 261 -22.95 -11.59 -46.68
C SER C 261 -23.93 -12.46 -47.46
N GLY C 262 -25.21 -12.08 -47.42
CA GLY C 262 -26.23 -12.85 -48.10
C GLY C 262 -26.51 -14.20 -47.44
N SER C 263 -26.10 -14.35 -46.19
CA SER C 263 -26.38 -15.58 -45.45
C SER C 263 -27.53 -15.34 -44.48
N GLY C 264 -27.84 -16.34 -43.67
CA GLY C 264 -28.90 -16.19 -42.69
C GLY C 264 -29.49 -17.48 -42.17
N ILE C 265 -30.46 -17.36 -41.28
CA ILE C 265 -31.11 -18.53 -40.67
C ILE C 265 -32.56 -18.67 -41.14
N ILE C 266 -32.95 -19.89 -41.47
CA ILE C 266 -34.31 -20.17 -41.88
C ILE C 266 -34.85 -21.37 -41.15
N THR C 267 -36.18 -21.50 -41.11
CA THR C 267 -36.80 -22.66 -40.49
C THR C 267 -37.48 -23.49 -41.57
N SER C 268 -37.07 -24.74 -41.70
CA SER C 268 -37.59 -25.62 -42.73
C SER C 268 -37.52 -27.07 -42.34
N ASP C 269 -38.52 -27.84 -42.75
CA ASP C 269 -38.54 -29.27 -42.54
C ASP C 269 -38.29 -30.00 -43.87
N ALA C 270 -37.79 -29.26 -44.84
CA ALA C 270 -37.45 -29.84 -46.13
C ALA C 270 -36.09 -30.51 -46.06
N PRO C 271 -35.95 -31.66 -46.71
CA PRO C 271 -34.71 -32.44 -46.68
C PRO C 271 -33.61 -31.77 -47.49
N VAL C 272 -32.37 -31.90 -47.05
CA VAL C 272 -31.23 -31.40 -47.80
C VAL C 272 -30.88 -32.40 -48.89
N HIS C 273 -30.46 -31.88 -50.05
CA HIS C 273 -30.11 -32.71 -51.18
C HIS C 273 -28.85 -32.21 -51.86
N ASP C 274 -28.18 -33.11 -52.57
CA ASP C 274 -27.00 -32.73 -53.34
C ASP C 274 -27.44 -32.05 -54.64
N CYS C 275 -27.94 -30.82 -54.51
CA CYS C 275 -28.35 -30.02 -55.66
C CYS C 275 -27.88 -28.59 -55.47
N ASN C 276 -27.82 -27.84 -56.56
CA ASN C 276 -27.29 -26.47 -56.51
C ASN C 276 -28.30 -25.46 -57.06
N THR C 277 -28.50 -24.37 -56.33
CA THR C 277 -29.48 -23.35 -56.72
C THR C 277 -28.90 -21.94 -56.54
N LYS C 278 -29.57 -20.95 -57.12
CA LYS C 278 -29.19 -19.55 -56.92
C LYS C 278 -30.22 -18.81 -56.06
N CYS C 279 -31.28 -19.53 -55.68
CA CYS C 279 -32.36 -18.96 -54.89
C CYS C 279 -33.01 -20.04 -54.02
N GLN C 280 -33.19 -19.74 -52.74
CA GLN C 280 -33.64 -20.74 -51.78
C GLN C 280 -34.71 -20.21 -50.83
N THR C 281 -35.73 -21.03 -50.59
CA THR C 281 -36.81 -20.71 -49.67
C THR C 281 -37.02 -21.90 -48.75
N PRO C 282 -37.69 -21.68 -47.60
CA PRO C 282 -37.93 -22.77 -46.66
C PRO C 282 -38.68 -23.95 -47.28
N HIS C 283 -39.42 -23.69 -48.36
CA HIS C 283 -40.20 -24.74 -49.01
C HIS C 283 -39.38 -25.53 -50.02
N GLY C 284 -38.47 -24.86 -50.70
CA GLY C 284 -37.62 -25.51 -51.68
C GLY C 284 -36.86 -24.49 -52.51
N ALA C 285 -35.96 -24.97 -53.37
CA ALA C 285 -35.16 -24.10 -54.22
C ALA C 285 -35.98 -23.58 -55.40
N ILE C 286 -35.49 -22.51 -56.02
CA ILE C 286 -36.18 -21.91 -57.15
C ILE C 286 -35.25 -21.70 -58.34
N ASN C 287 -35.62 -22.24 -59.49
CA ASN C 287 -34.89 -22.00 -60.74
C ASN C 287 -35.78 -21.20 -61.67
N SER C 288 -35.67 -19.88 -61.60
CA SER C 288 -36.60 -19.00 -62.31
C SER C 288 -35.95 -17.69 -62.74
N SER C 289 -36.45 -17.14 -63.85
CA SER C 289 -35.99 -15.84 -64.32
C SER C 289 -37.12 -14.81 -64.16
N LEU C 290 -38.29 -15.29 -63.75
CA LEU C 290 -39.43 -14.43 -63.50
C LEU C 290 -39.16 -13.44 -62.36
N PRO C 291 -39.79 -12.26 -62.42
CA PRO C 291 -39.57 -11.18 -61.47
C PRO C 291 -40.32 -11.38 -60.15
N PHE C 292 -41.32 -12.25 -60.15
CA PHE C 292 -42.15 -12.43 -58.97
C PHE C 292 -42.27 -13.90 -58.58
N GLN C 293 -42.54 -14.16 -57.30
CA GLN C 293 -42.82 -15.51 -56.82
C GLN C 293 -43.74 -15.47 -55.60
N ASN C 294 -44.61 -16.46 -55.48
CA ASN C 294 -45.56 -16.51 -54.37
C ASN C 294 -45.32 -17.73 -53.50
N ILE C 295 -44.08 -18.19 -53.49
CA ILE C 295 -43.71 -19.39 -52.75
C ILE C 295 -43.43 -19.10 -51.28
N HIS C 296 -42.56 -18.14 -51.02
CA HIS C 296 -42.19 -17.81 -49.64
C HIS C 296 -41.45 -16.48 -49.56
N PRO C 297 -41.81 -15.65 -48.55
CA PRO C 297 -41.22 -14.34 -48.31
C PRO C 297 -39.77 -14.41 -47.80
N VAL C 298 -39.43 -15.49 -47.10
CA VAL C 298 -38.07 -15.70 -46.64
C VAL C 298 -37.23 -16.26 -47.78
N THR C 299 -36.09 -15.64 -48.04
CA THR C 299 -35.34 -15.91 -49.24
C THR C 299 -33.82 -15.81 -49.05
N ILE C 300 -33.10 -16.78 -49.60
CA ILE C 300 -31.64 -16.76 -49.56
C ILE C 300 -31.02 -16.93 -50.95
N GLY C 301 -30.26 -15.93 -51.36
CA GLY C 301 -29.66 -15.92 -52.69
C GLY C 301 -30.20 -14.76 -53.52
N GLU C 302 -30.27 -14.98 -54.83
CA GLU C 302 -30.87 -13.99 -55.73
C GLU C 302 -32.22 -14.51 -56.19
N CYS C 303 -33.29 -13.95 -55.66
CA CYS C 303 -34.62 -14.48 -55.91
C CYS C 303 -35.55 -13.46 -56.54
N PRO C 304 -36.68 -13.95 -57.09
CA PRO C 304 -37.76 -13.06 -57.52
C PRO C 304 -38.41 -12.43 -56.30
N LYS C 305 -38.93 -11.21 -56.45
CA LYS C 305 -39.61 -10.53 -55.35
C LYS C 305 -40.84 -11.31 -54.92
N TYR C 306 -40.98 -11.54 -53.61
CA TYR C 306 -42.15 -12.24 -53.10
C TYR C 306 -43.39 -11.35 -53.16
N VAL C 307 -44.54 -11.99 -53.24
CA VAL C 307 -45.78 -11.29 -53.49
C VAL C 307 -46.95 -12.22 -53.13
N ARG C 308 -48.05 -11.64 -52.66
CA ARG C 308 -49.21 -12.46 -52.28
C ARG C 308 -49.98 -13.01 -53.48
N SER C 309 -49.79 -12.38 -54.64
CA SER C 309 -50.56 -12.71 -55.84
C SER C 309 -50.68 -14.21 -56.14
N THR C 310 -51.82 -14.57 -56.72
CA THR C 310 -52.07 -15.95 -57.14
C THR C 310 -51.83 -16.07 -58.64
N LYS C 311 -51.97 -14.94 -59.34
CA LYS C 311 -51.81 -14.89 -60.79
C LYS C 311 -51.29 -13.53 -61.25
N LEU C 312 -50.21 -13.55 -62.03
CA LEU C 312 -49.68 -12.32 -62.62
C LEU C 312 -49.32 -12.55 -64.09
N ARG C 313 -50.34 -12.79 -64.91
CA ARG C 313 -50.11 -13.04 -66.32
C ARG C 313 -50.20 -11.77 -67.15
N MET C 314 -49.15 -11.51 -67.92
CA MET C 314 -49.05 -10.29 -68.73
C MET C 314 -49.31 -10.59 -70.20
N ALA C 315 -50.25 -9.87 -70.79
CA ALA C 315 -50.60 -10.05 -72.20
C ALA C 315 -49.51 -9.51 -73.11
N THR C 316 -49.17 -10.27 -74.14
CA THR C 316 -48.20 -9.85 -75.13
C THR C 316 -48.84 -9.81 -76.51
N GLY C 317 -49.63 -10.85 -76.81
CA GLY C 317 -50.38 -10.91 -78.05
C GLY C 317 -51.64 -10.08 -77.97
N LEU C 318 -52.58 -10.34 -78.87
CA LEU C 318 -53.82 -9.58 -78.90
C LEU C 318 -55.00 -10.41 -78.43
N ARG C 319 -56.19 -9.80 -78.43
CA ARG C 319 -57.41 -10.48 -78.04
C ARG C 319 -57.75 -11.61 -79.02
N ASN C 320 -57.82 -12.84 -78.51
CA ASN C 320 -58.03 -14.02 -79.34
C ASN C 320 -59.49 -14.26 -79.69
N ILE C 321 -59.81 -14.21 -80.98
CA ILE C 321 -61.18 -14.43 -81.46
C ILE C 321 -61.19 -15.31 -82.69
N PRO C 322 -61.05 -16.64 -82.50
CA PRO C 322 -60.95 -17.59 -83.61
C PRO C 322 -62.18 -17.59 -84.51
N ALA C 323 -63.36 -17.40 -83.92
CA ALA C 323 -64.64 -17.40 -84.64
C ALA C 323 -64.53 -17.92 -86.07
N ARG C 324 -64.27 -19.22 -86.19
CA ARG C 324 -64.09 -19.86 -87.50
C ARG C 324 -65.38 -20.57 -87.96
N GLY D 1 -62.69 -2.78 -77.96
CA GLY D 1 -61.58 -2.13 -78.64
C GLY D 1 -61.67 -0.63 -78.59
N LEU D 2 -60.64 0.01 -78.03
CA LEU D 2 -60.60 1.46 -77.91
C LEU D 2 -60.51 2.12 -79.29
N PHE D 3 -59.90 1.44 -80.24
CA PHE D 3 -59.71 1.98 -81.58
C PHE D 3 -60.67 1.40 -82.61
N GLY D 4 -61.62 0.60 -82.13
CA GLY D 4 -62.74 0.15 -82.95
C GLY D 4 -62.48 -1.00 -83.90
N ALA D 5 -61.24 -1.42 -84.04
CA ALA D 5 -60.88 -2.46 -85.00
C ALA D 5 -61.11 -3.87 -84.46
N ILE D 6 -60.18 -4.35 -83.65
CA ILE D 6 -60.25 -5.69 -83.08
C ILE D 6 -61.54 -5.86 -82.28
N ALA D 7 -62.29 -6.90 -82.61
CA ALA D 7 -63.61 -7.15 -82.00
C ALA D 7 -64.55 -5.97 -82.25
N GLY D 8 -64.24 -5.19 -83.28
CA GLY D 8 -65.06 -4.07 -83.68
C GLY D 8 -65.53 -4.23 -85.12
N PHE D 9 -65.05 -3.35 -86.00
CA PHE D 9 -65.45 -3.40 -87.39
C PHE D 9 -64.76 -4.52 -88.17
N ILE D 10 -63.80 -5.18 -87.54
CA ILE D 10 -63.29 -6.44 -88.05
C ILE D 10 -63.62 -7.53 -87.04
N GLU D 11 -64.78 -8.15 -87.23
CA GLU D 11 -65.41 -8.99 -86.22
C GLU D 11 -64.51 -10.01 -85.52
N GLY D 12 -63.68 -10.70 -86.28
CA GLY D 12 -62.90 -11.78 -85.71
C GLY D 12 -61.48 -11.86 -86.21
N GLY D 13 -60.77 -12.91 -85.78
CA GLY D 13 -59.39 -13.12 -86.15
C GLY D 13 -59.23 -14.24 -87.17
N TRP D 14 -58.00 -14.43 -87.64
CA TRP D 14 -57.73 -15.43 -88.66
C TRP D 14 -56.78 -16.52 -88.16
N THR D 15 -57.33 -17.70 -87.89
CA THR D 15 -56.48 -18.83 -87.54
C THR D 15 -55.62 -19.20 -88.75
N GLY D 16 -56.01 -18.67 -89.91
CA GLY D 16 -55.29 -18.93 -91.14
C GLY D 16 -53.94 -18.24 -91.17
N MET D 17 -53.92 -16.96 -90.82
CA MET D 17 -52.68 -16.19 -90.79
C MET D 17 -51.84 -16.59 -89.59
N ILE D 18 -50.74 -17.29 -89.84
CA ILE D 18 -49.97 -17.91 -88.76
C ILE D 18 -48.54 -17.40 -88.64
N ASP D 19 -48.22 -16.30 -89.32
CA ASP D 19 -46.85 -15.80 -89.34
C ASP D 19 -46.75 -14.30 -89.05
N GLY D 20 -47.71 -13.78 -88.31
CA GLY D 20 -47.72 -12.38 -87.94
C GLY D 20 -48.96 -12.07 -87.12
N TRP D 21 -48.93 -10.96 -86.38
CA TRP D 21 -50.11 -10.54 -85.61
C TRP D 21 -51.13 -9.88 -86.51
N TYR D 22 -50.65 -9.13 -87.50
CA TYR D 22 -51.53 -8.45 -88.44
C TYR D 22 -51.13 -8.76 -89.87
N GLY D 23 -52.10 -8.75 -90.77
CA GLY D 23 -51.82 -9.02 -92.17
C GLY D 23 -53.02 -8.86 -93.09
N TYR D 24 -52.95 -9.50 -94.26
CA TYR D 24 -54.01 -9.40 -95.24
C TYR D 24 -54.48 -10.77 -95.66
N HIS D 25 -55.58 -10.77 -96.39
CA HIS D 25 -56.09 -11.88 -97.12
C HIS D 25 -56.53 -11.30 -98.43
N HIS D 26 -56.32 -12.00 -99.52
CA HIS D 26 -56.69 -11.42 -100.78
C HIS D 26 -57.36 -12.45 -101.62
N GLN D 27 -58.34 -12.03 -102.40
CA GLN D 27 -58.94 -13.02 -103.28
C GLN D 27 -58.72 -12.61 -104.74
N ASN D 28 -57.99 -13.44 -105.47
CA ASN D 28 -57.58 -13.10 -106.82
C ASN D 28 -58.23 -13.96 -107.89
N GLU D 29 -57.95 -13.61 -109.14
CA GLU D 29 -58.32 -14.47 -110.26
C GLU D 29 -57.32 -15.62 -110.31
N GLN D 30 -56.15 -15.40 -109.72
CA GLN D 30 -55.11 -16.41 -109.65
C GLN D 30 -55.28 -17.32 -108.44
N GLY D 31 -55.94 -16.80 -107.40
CA GLY D 31 -56.16 -17.56 -106.18
C GLY D 31 -56.20 -16.69 -104.94
N SER D 32 -56.17 -17.34 -103.78
CA SER D 32 -56.26 -16.62 -102.51
C SER D 32 -55.33 -17.20 -101.45
N GLY D 33 -55.35 -16.59 -100.27
CA GLY D 33 -54.50 -17.00 -99.17
C GLY D 33 -54.18 -15.85 -98.23
N TYR D 34 -53.49 -16.15 -97.14
CA TYR D 34 -53.12 -15.11 -96.18
C TYR D 34 -51.68 -14.66 -96.36
N ALA D 35 -51.39 -13.47 -95.84
CA ALA D 35 -50.03 -12.95 -95.82
C ALA D 35 -49.92 -11.89 -94.73
N ALA D 36 -48.99 -12.07 -93.81
CA ALA D 36 -48.82 -11.14 -92.71
C ALA D 36 -47.96 -9.96 -93.11
N ASP D 37 -48.25 -8.79 -92.53
CA ASP D 37 -47.45 -7.60 -92.78
C ASP D 37 -46.23 -7.57 -91.88
N GLN D 38 -45.07 -7.92 -92.42
CA GLN D 38 -43.83 -7.99 -91.65
C GLN D 38 -43.56 -6.67 -90.92
N LYS D 39 -43.74 -5.55 -91.62
CA LYS D 39 -43.51 -4.24 -91.04
C LYS D 39 -44.26 -4.06 -89.72
N SER D 40 -45.59 -4.02 -89.80
CA SER D 40 -46.41 -3.77 -88.62
C SER D 40 -46.24 -4.82 -87.53
N THR D 41 -46.16 -6.08 -87.92
CA THR D 41 -46.00 -7.17 -86.96
C THR D 41 -44.69 -7.01 -86.19
N GLN D 42 -43.60 -6.76 -86.90
CA GLN D 42 -42.29 -6.68 -86.29
C GLN D 42 -42.16 -5.48 -85.34
N ASN D 43 -42.77 -4.36 -85.71
CA ASN D 43 -42.75 -3.19 -84.84
C ASN D 43 -43.49 -3.45 -83.54
N ALA D 44 -44.51 -4.29 -83.60
CA ALA D 44 -45.31 -4.63 -82.42
C ALA D 44 -44.51 -5.52 -81.48
N ILE D 45 -43.87 -6.54 -82.04
CA ILE D 45 -43.01 -7.44 -81.26
C ILE D 45 -41.90 -6.64 -80.59
N ASP D 46 -41.37 -5.65 -81.31
CA ASP D 46 -40.33 -4.79 -80.77
C ASP D 46 -40.86 -3.95 -79.62
N GLY D 47 -42.11 -3.51 -79.74
CA GLY D 47 -42.73 -2.74 -78.68
C GLY D 47 -43.03 -3.60 -77.47
N ILE D 48 -43.71 -4.71 -77.68
CA ILE D 48 -44.09 -5.60 -76.59
C ILE D 48 -42.88 -6.17 -75.87
N THR D 49 -41.93 -6.71 -76.64
CA THR D 49 -40.70 -7.23 -76.06
C THR D 49 -40.10 -6.19 -75.15
N ASN D 50 -40.18 -4.93 -75.57
CA ASN D 50 -39.63 -3.83 -74.79
C ASN D 50 -40.46 -3.50 -73.55
N LYS D 51 -41.77 -3.73 -73.63
CA LYS D 51 -42.64 -3.49 -72.48
C LYS D 51 -42.39 -4.51 -71.39
N VAL D 52 -42.36 -5.79 -71.77
CA VAL D 52 -42.12 -6.86 -70.81
C VAL D 52 -40.77 -6.67 -70.12
N ASN D 53 -39.72 -6.48 -70.92
CA ASN D 53 -38.39 -6.25 -70.38
C ASN D 53 -38.36 -5.07 -69.42
N SER D 54 -39.04 -3.99 -69.79
CA SER D 54 -39.07 -2.79 -68.97
C SER D 54 -39.74 -3.07 -67.62
N VAL D 55 -40.81 -3.84 -67.65
CA VAL D 55 -41.48 -4.27 -66.42
C VAL D 55 -40.49 -5.03 -65.55
N ILE D 56 -39.73 -5.92 -66.16
CA ILE D 56 -38.80 -6.78 -65.43
C ILE D 56 -37.60 -6.02 -64.86
N GLU D 57 -37.03 -5.10 -65.63
CA GLU D 57 -35.97 -4.25 -65.12
C GLU D 57 -36.38 -3.59 -63.81
N LYS D 58 -37.48 -2.86 -63.87
CA LYS D 58 -37.96 -2.09 -62.72
C LYS D 58 -38.12 -2.92 -61.46
N MET D 59 -38.33 -4.22 -61.62
CA MET D 59 -38.45 -5.12 -60.48
C MET D 59 -37.10 -5.73 -60.15
N ASN D 60 -36.31 -5.01 -59.37
CA ASN D 60 -35.01 -5.53 -58.93
C ASN D 60 -35.16 -6.80 -58.11
N THR D 61 -34.29 -7.77 -58.36
CA THR D 61 -34.34 -9.04 -57.66
C THR D 61 -34.34 -8.84 -56.14
N GLN D 62 -34.97 -9.77 -55.43
CA GLN D 62 -34.91 -9.81 -53.98
C GLN D 62 -33.67 -10.58 -53.56
N PHE D 63 -32.76 -9.89 -52.87
CA PHE D 63 -31.58 -10.55 -52.34
C PHE D 63 -31.92 -11.26 -51.03
N THR D 64 -30.90 -11.78 -50.36
CA THR D 64 -31.11 -12.52 -49.13
C THR D 64 -31.90 -11.71 -48.12
N ALA D 65 -33.07 -12.23 -47.74
CA ALA D 65 -33.95 -11.57 -46.78
C ALA D 65 -34.59 -12.60 -45.87
N VAL D 66 -34.17 -12.61 -44.61
CA VAL D 66 -34.69 -13.56 -43.64
C VAL D 66 -35.34 -12.85 -42.45
N GLY D 67 -35.70 -13.61 -41.43
CA GLY D 67 -36.37 -13.07 -40.28
C GLY D 67 -35.53 -12.99 -39.03
N LYS D 68 -35.96 -12.15 -38.09
CA LYS D 68 -35.25 -11.98 -36.83
C LYS D 68 -36.08 -12.57 -35.70
N GLU D 69 -35.40 -12.99 -34.63
CA GLU D 69 -36.11 -13.46 -33.45
C GLU D 69 -36.12 -12.39 -32.37
N PHE D 70 -37.10 -12.46 -31.48
CA PHE D 70 -37.24 -11.50 -30.40
C PHE D 70 -37.65 -12.24 -29.13
N ASN D 71 -37.24 -11.72 -27.98
CA ASN D 71 -37.63 -12.33 -26.71
C ASN D 71 -38.96 -11.75 -26.24
N ASN D 72 -39.49 -12.30 -25.15
CA ASN D 72 -40.84 -11.97 -24.69
C ASN D 72 -41.00 -10.55 -24.15
N LEU D 73 -39.89 -9.81 -24.07
CA LEU D 73 -39.94 -8.42 -23.63
C LEU D 73 -39.63 -7.50 -24.78
N GLU D 74 -39.71 -8.02 -26.00
CA GLU D 74 -39.43 -7.25 -27.19
C GLU D 74 -40.57 -7.38 -28.19
N ARG D 75 -41.80 -7.38 -27.69
CA ARG D 75 -42.96 -7.52 -28.56
C ARG D 75 -43.18 -6.27 -29.42
N ARG D 76 -42.95 -5.10 -28.84
CA ARG D 76 -43.09 -3.85 -29.57
C ARG D 76 -42.22 -3.83 -30.83
N ILE D 77 -40.96 -4.22 -30.70
CA ILE D 77 -40.04 -4.23 -31.83
C ILE D 77 -40.40 -5.36 -32.81
N GLU D 78 -40.80 -6.50 -32.26
CA GLU D 78 -41.27 -7.60 -33.08
C GLU D 78 -42.43 -7.15 -33.96
N ASN D 79 -43.41 -6.49 -33.35
CA ASN D 79 -44.57 -5.99 -34.07
C ASN D 79 -44.22 -4.92 -35.11
N LEU D 80 -43.17 -4.15 -34.81
CA LEU D 80 -42.68 -3.16 -35.77
C LEU D 80 -42.12 -3.89 -36.97
N ASN D 81 -41.21 -4.82 -36.71
CA ASN D 81 -40.65 -5.68 -37.74
C ASN D 81 -41.77 -6.25 -38.62
N LYS D 82 -42.80 -6.76 -37.97
CA LYS D 82 -43.94 -7.35 -38.67
C LYS D 82 -44.72 -6.30 -39.47
N LYS D 83 -44.91 -5.13 -38.88
CA LYS D 83 -45.57 -4.03 -39.58
C LYS D 83 -44.76 -3.60 -40.79
N VAL D 84 -43.44 -3.68 -40.68
CA VAL D 84 -42.57 -3.30 -41.78
C VAL D 84 -42.61 -4.31 -42.92
N ASP D 85 -42.53 -5.59 -42.58
CA ASP D 85 -42.57 -6.66 -43.58
C ASP D 85 -43.92 -6.72 -44.30
N ASP D 86 -45.00 -6.71 -43.52
CA ASP D 86 -46.35 -6.69 -44.08
C ASP D 86 -46.60 -5.44 -44.90
N GLY D 87 -46.10 -4.30 -44.41
CA GLY D 87 -46.28 -3.04 -45.11
C GLY D 87 -45.67 -3.08 -46.50
N PHE D 88 -44.39 -3.45 -46.58
CA PHE D 88 -43.70 -3.50 -47.86
C PHE D 88 -44.32 -4.53 -48.79
N LEU D 89 -44.78 -5.63 -48.21
CA LEU D 89 -45.42 -6.68 -49.00
C LEU D 89 -46.74 -6.20 -49.58
N ASP D 90 -47.55 -5.52 -48.76
CA ASP D 90 -48.82 -4.98 -49.23
C ASP D 90 -48.62 -4.11 -50.46
N ILE D 91 -47.58 -3.28 -50.40
CA ILE D 91 -47.29 -2.31 -51.47
C ILE D 91 -46.82 -2.97 -52.76
N TRP D 92 -45.95 -3.97 -52.66
CA TRP D 92 -45.40 -4.62 -53.84
C TRP D 92 -46.41 -5.48 -54.58
N THR D 93 -47.29 -6.14 -53.83
CA THR D 93 -48.35 -6.92 -54.44
C THR D 93 -49.27 -5.96 -55.21
N TYR D 94 -49.59 -4.85 -54.56
CA TYR D 94 -50.35 -3.78 -55.20
C TYR D 94 -49.70 -3.38 -56.51
N ASN D 95 -48.49 -2.82 -56.43
CA ASN D 95 -47.75 -2.39 -57.62
C ASN D 95 -47.72 -3.45 -58.72
N ALA D 96 -47.36 -4.67 -58.36
CA ALA D 96 -47.30 -5.76 -59.32
C ALA D 96 -48.66 -5.97 -59.98
N GLU D 97 -49.62 -6.46 -59.20
CA GLU D 97 -50.96 -6.72 -59.71
C GLU D 97 -51.51 -5.56 -60.52
N LEU D 98 -51.27 -4.35 -60.03
CA LEU D 98 -51.75 -3.14 -60.70
C LEU D 98 -51.07 -2.94 -62.05
N LEU D 99 -49.75 -2.87 -62.03
CA LEU D 99 -48.97 -2.64 -63.25
C LEU D 99 -49.41 -3.58 -64.38
N VAL D 100 -49.73 -4.81 -64.02
CA VAL D 100 -50.17 -5.80 -65.01
C VAL D 100 -51.54 -5.49 -65.59
N LEU D 101 -52.48 -5.07 -64.74
CA LEU D 101 -53.80 -4.68 -65.21
C LEU D 101 -53.69 -3.51 -66.20
N LEU D 102 -52.99 -2.46 -65.79
CA LEU D 102 -52.90 -1.24 -66.59
C LEU D 102 -52.06 -1.40 -67.85
N GLU D 103 -51.28 -2.47 -67.91
CA GLU D 103 -50.47 -2.72 -69.11
C GLU D 103 -51.15 -3.68 -70.06
N ASN D 104 -51.89 -4.63 -69.52
CA ASN D 104 -52.74 -5.49 -70.34
C ASN D 104 -53.76 -4.63 -71.08
N GLU D 105 -54.20 -3.58 -70.42
CA GLU D 105 -55.14 -2.63 -71.01
C GLU D 105 -54.48 -1.87 -72.15
N ARG D 106 -53.29 -1.35 -71.90
CA ARG D 106 -52.52 -0.64 -72.92
C ARG D 106 -52.14 -1.57 -74.06
N THR D 107 -51.83 -2.81 -73.74
CA THR D 107 -51.38 -3.79 -74.72
C THR D 107 -52.48 -4.20 -75.71
N LEU D 108 -53.67 -4.47 -75.19
CA LEU D 108 -54.80 -4.87 -76.02
C LEU D 108 -55.23 -3.74 -76.96
N ASP D 109 -55.20 -2.51 -76.45
CA ASP D 109 -55.51 -1.34 -77.27
C ASP D 109 -54.40 -1.06 -78.26
N PHE D 110 -53.16 -1.35 -77.84
CA PHE D 110 -52.01 -1.18 -78.71
C PHE D 110 -52.22 -1.98 -79.99
N HIS D 111 -52.67 -3.22 -79.84
CA HIS D 111 -52.95 -4.06 -80.99
C HIS D 111 -54.10 -3.48 -81.82
N ASP D 112 -55.13 -2.99 -81.14
CA ASP D 112 -56.25 -2.35 -81.79
C ASP D 112 -55.77 -1.22 -82.70
N SER D 113 -55.00 -0.32 -82.12
CA SER D 113 -54.42 0.80 -82.87
C SER D 113 -53.61 0.33 -84.06
N ASN D 114 -52.88 -0.76 -83.89
CA ASN D 114 -52.03 -1.29 -84.96
C ASN D 114 -52.85 -1.83 -86.14
N VAL D 115 -53.95 -2.51 -85.84
CA VAL D 115 -54.84 -2.98 -86.90
C VAL D 115 -55.52 -1.80 -87.59
N ARG D 116 -56.07 -0.89 -86.79
CA ARG D 116 -56.67 0.33 -87.30
C ARG D 116 -55.72 1.06 -88.26
N ASN D 117 -54.50 1.29 -87.82
CA ASN D 117 -53.52 2.01 -88.63
C ASN D 117 -53.14 1.26 -89.91
N LEU D 118 -53.21 -0.06 -89.86
CA LEU D 118 -52.89 -0.87 -91.02
C LEU D 118 -54.01 -0.79 -92.05
N TYR D 119 -55.25 -0.84 -91.57
CA TYR D 119 -56.42 -0.70 -92.44
C TYR D 119 -56.45 0.67 -93.10
N GLU D 120 -56.16 1.71 -92.31
CA GLU D 120 -56.20 3.07 -92.81
C GLU D 120 -54.99 3.38 -93.69
N LYS D 121 -53.96 2.56 -93.58
CA LYS D 121 -52.82 2.68 -94.48
C LYS D 121 -53.26 2.20 -95.86
N VAL D 122 -53.90 1.04 -95.90
CA VAL D 122 -54.40 0.50 -97.16
C VAL D 122 -55.44 1.44 -97.77
N LYS D 123 -56.43 1.84 -96.98
CA LYS D 123 -57.49 2.72 -97.47
C LYS D 123 -56.97 3.98 -98.14
N SER D 124 -55.90 4.55 -97.61
CA SER D 124 -55.37 5.80 -98.16
C SER D 124 -54.59 5.54 -99.45
N GLN D 125 -54.13 4.31 -99.62
CA GLN D 125 -53.47 3.92 -100.86
C GLN D 125 -54.50 3.74 -101.97
N LEU D 126 -55.55 2.98 -101.66
CA LEU D 126 -56.55 2.60 -102.66
C LEU D 126 -57.39 3.79 -103.12
N LYS D 127 -58.09 4.44 -102.20
CA LYS D 127 -58.98 5.54 -102.52
C LYS D 127 -60.06 5.07 -103.49
N ASN D 128 -60.27 5.84 -104.56
CA ASN D 128 -61.28 5.54 -105.58
C ASN D 128 -61.18 4.12 -106.12
N ASN D 129 -59.97 3.58 -106.14
CA ASN D 129 -59.72 2.31 -106.83
C ASN D 129 -60.43 1.10 -106.26
N ALA D 130 -61.00 1.23 -105.07
CA ALA D 130 -61.73 0.15 -104.44
C ALA D 130 -62.76 0.71 -103.46
N LYS D 131 -63.73 -0.12 -103.08
CA LYS D 131 -64.73 0.34 -102.12
C LYS D 131 -64.69 -0.47 -100.83
N GLU D 132 -64.97 0.20 -99.72
CA GLU D 132 -64.98 -0.43 -98.41
C GLU D 132 -66.25 -1.24 -98.21
N ILE D 133 -66.12 -2.56 -98.26
CA ILE D 133 -67.24 -3.44 -97.96
C ILE D 133 -67.61 -3.32 -96.49
N GLY D 134 -66.65 -3.67 -95.65
CA GLY D 134 -66.86 -3.81 -94.22
C GLY D 134 -66.04 -5.01 -93.80
N ASN D 135 -66.01 -5.31 -92.50
CA ASN D 135 -65.21 -6.44 -92.02
C ASN D 135 -63.76 -6.25 -92.46
N GLY D 136 -63.40 -5.01 -92.76
CA GLY D 136 -62.04 -4.68 -93.16
C GLY D 136 -61.65 -5.15 -94.54
N CYS D 137 -62.62 -5.25 -95.43
CA CYS D 137 -62.37 -5.73 -96.79
C CYS D 137 -62.52 -4.62 -97.83
N PHE D 138 -61.60 -4.59 -98.79
CA PHE D 138 -61.69 -3.67 -99.90
C PHE D 138 -62.04 -4.41 -101.19
N GLU D 139 -62.95 -3.86 -101.97
CA GLU D 139 -63.31 -4.47 -103.25
C GLU D 139 -62.72 -3.66 -104.40
N PHE D 140 -61.67 -4.21 -105.01
CA PHE D 140 -60.99 -3.54 -106.11
C PHE D 140 -61.92 -3.34 -107.30
N TYR D 141 -61.80 -2.19 -107.95
CA TYR D 141 -62.56 -1.92 -109.16
C TYR D 141 -61.80 -2.35 -110.42
N HIS D 142 -60.51 -2.59 -110.28
CA HIS D 142 -59.62 -2.61 -111.44
C HIS D 142 -58.92 -3.93 -111.79
N LYS D 143 -59.21 -5.01 -111.06
CA LYS D 143 -58.50 -6.27 -111.32
C LYS D 143 -57.08 -6.16 -110.78
N CYS D 144 -56.78 -6.93 -109.74
CA CYS D 144 -55.52 -6.78 -109.04
C CYS D 144 -54.76 -8.10 -108.93
N ASP D 145 -53.92 -8.39 -109.92
CA ASP D 145 -53.12 -9.62 -109.91
C ASP D 145 -52.15 -9.65 -108.73
N ASP D 146 -51.47 -10.78 -108.56
CA ASP D 146 -50.56 -10.97 -107.44
C ASP D 146 -49.58 -9.81 -107.25
N ALA D 147 -48.94 -9.38 -108.33
CA ALA D 147 -47.98 -8.28 -108.25
C ALA D 147 -48.65 -7.00 -107.78
N CYS D 148 -49.92 -6.84 -108.11
CA CYS D 148 -50.69 -5.68 -107.67
C CYS D 148 -51.07 -5.82 -106.20
N MET D 149 -51.53 -7.01 -105.82
CA MET D 149 -51.85 -7.29 -104.43
C MET D 149 -50.63 -7.05 -103.56
N GLU D 150 -49.49 -7.56 -104.01
CA GLU D 150 -48.24 -7.42 -103.25
C GLU D 150 -47.82 -5.96 -103.15
N SER D 151 -48.19 -5.15 -104.14
CA SER D 151 -47.85 -3.73 -104.10
C SER D 151 -48.70 -3.02 -103.06
N VAL D 152 -49.93 -3.48 -102.88
CA VAL D 152 -50.85 -2.92 -101.89
C VAL D 152 -50.31 -3.16 -100.49
N ARG D 153 -49.86 -4.38 -100.24
CA ARG D 153 -49.31 -4.76 -98.95
C ARG D 153 -47.84 -4.36 -98.83
N ASN D 154 -47.30 -3.81 -99.92
CA ASN D 154 -45.90 -3.37 -99.97
C ASN D 154 -45.79 -1.88 -99.65
N GLY D 155 -46.90 -1.17 -99.73
CA GLY D 155 -46.91 0.27 -99.53
C GLY D 155 -46.52 1.00 -100.81
N THR D 156 -46.62 0.28 -101.92
CA THR D 156 -46.20 0.82 -103.22
C THR D 156 -47.29 0.70 -104.29
N TYR D 157 -48.51 0.36 -103.87
CA TYR D 157 -49.63 0.28 -104.80
C TYR D 157 -49.62 1.53 -105.67
N ASP D 158 -49.69 1.34 -106.99
CA ASP D 158 -49.55 2.46 -107.91
C ASP D 158 -50.51 3.64 -107.74
N TYR D 159 -51.61 3.63 -108.49
CA TYR D 159 -52.52 4.78 -108.46
C TYR D 159 -51.69 6.05 -108.67
N PRO D 160 -51.94 6.77 -109.77
CA PRO D 160 -52.99 6.59 -110.79
C PRO D 160 -53.34 5.49 -111.78
N LYS D 161 -52.36 5.09 -112.60
CA LYS D 161 -52.33 3.86 -113.37
C LYS D 161 -53.60 3.04 -113.53
N TYR D 162 -54.10 2.48 -112.42
CA TYR D 162 -55.37 1.78 -112.39
C TYR D 162 -56.48 2.81 -112.14
N SER D 163 -56.40 3.93 -112.84
CA SER D 163 -57.53 4.85 -113.03
C SER D 163 -58.40 4.47 -114.23
N GLU D 164 -58.49 3.17 -114.49
CA GLU D 164 -59.54 2.61 -115.33
C GLU D 164 -60.71 2.49 -114.39
N GLU D 165 -60.51 3.03 -113.19
CA GLU D 165 -61.34 2.76 -112.03
C GLU D 165 -62.78 3.18 -112.16
N SER D 166 -63.05 4.00 -113.17
CA SER D 166 -64.42 4.41 -113.43
C SER D 166 -65.24 3.28 -114.05
N LYS D 167 -65.00 2.07 -113.54
CA LYS D 167 -65.99 1.01 -113.53
C LYS D 167 -66.88 1.38 -112.35
N LEU D 168 -66.46 2.46 -111.69
CA LEU D 168 -67.30 3.18 -110.73
C LEU D 168 -68.58 3.61 -111.43
N ASN D 169 -68.85 3.01 -112.59
CA ASN D 169 -70.01 3.37 -113.41
C ASN D 169 -70.25 4.87 -113.45
N ASP E 1 -84.96 14.54 -93.32
CA ASP E 1 -84.80 13.28 -92.60
C ASP E 1 -83.37 13.06 -92.13
N THR E 2 -83.17 13.10 -90.80
CA THR E 2 -81.84 13.03 -90.24
C THR E 2 -81.74 12.11 -89.02
N ILE E 3 -80.52 11.66 -88.73
CA ILE E 3 -80.24 10.93 -87.49
C ILE E 3 -78.90 11.41 -86.93
N CYS E 4 -78.86 11.63 -85.62
CA CYS E 4 -77.66 12.18 -84.98
C CYS E 4 -77.15 11.31 -83.83
N ILE E 5 -75.85 11.07 -83.80
CA ILE E 5 -75.22 10.36 -82.70
C ILE E 5 -74.66 11.36 -81.69
N GLY E 6 -75.03 11.19 -80.42
CA GLY E 6 -74.59 12.08 -79.37
C GLY E 6 -74.44 11.38 -78.03
N TYR E 7 -74.21 12.15 -76.97
CA TYR E 7 -73.95 11.59 -75.66
C TYR E 7 -74.73 12.26 -74.53
N HIS E 8 -74.79 11.58 -73.39
CA HIS E 8 -75.59 12.01 -72.25
C HIS E 8 -75.04 13.26 -71.55
N ALA E 9 -75.96 14.07 -71.03
CA ALA E 9 -75.61 15.24 -70.23
C ALA E 9 -76.68 15.47 -69.18
N ASN E 10 -76.34 16.23 -68.14
CA ASN E 10 -77.30 16.54 -67.09
C ASN E 10 -76.89 17.71 -66.20
N ASN E 11 -77.65 17.92 -65.12
CA ASN E 11 -77.41 19.03 -64.22
C ASN E 11 -76.41 18.71 -63.12
N SER E 12 -75.52 17.75 -63.38
CA SER E 12 -74.53 17.35 -62.40
C SER E 12 -73.46 18.41 -62.23
N THR E 13 -72.92 18.50 -61.01
CA THR E 13 -71.94 19.52 -60.70
C THR E 13 -70.64 18.90 -60.19
N ASP E 14 -70.66 17.59 -59.97
CA ASP E 14 -69.48 16.85 -59.52
C ASP E 14 -68.29 17.16 -60.39
N THR E 15 -67.13 17.39 -59.77
CA THR E 15 -65.90 17.59 -60.52
C THR E 15 -64.88 16.51 -60.17
N VAL E 16 -64.11 16.09 -61.16
CA VAL E 16 -63.01 15.18 -60.93
C VAL E 16 -61.74 15.81 -61.49
N ASP E 17 -60.59 15.30 -61.06
CA ASP E 17 -59.33 15.80 -61.55
C ASP E 17 -58.63 14.76 -62.41
N THR E 18 -57.90 15.22 -63.41
CA THR E 18 -57.09 14.35 -64.23
C THR E 18 -55.67 14.91 -64.32
N VAL E 19 -54.76 14.11 -64.87
CA VAL E 19 -53.37 14.53 -64.97
C VAL E 19 -53.21 15.72 -65.91
N LEU E 20 -54.07 15.78 -66.94
CA LEU E 20 -53.98 16.84 -67.94
C LEU E 20 -54.82 18.07 -67.59
N GLU E 21 -55.85 17.88 -66.77
CA GLU E 21 -56.84 18.91 -66.56
C GLU E 21 -57.43 18.84 -65.16
N LYS E 22 -57.64 20.00 -64.53
CA LYS E 22 -58.23 20.05 -63.20
C LYS E 22 -59.65 20.62 -63.22
N ASN E 23 -60.52 20.08 -62.36
CA ASN E 23 -61.90 20.52 -62.26
C ASN E 23 -62.69 20.28 -63.55
N VAL E 24 -62.94 19.01 -63.85
CA VAL E 24 -63.74 18.64 -65.02
C VAL E 24 -65.09 18.11 -64.56
N THR E 25 -66.14 18.90 -64.78
CA THR E 25 -67.48 18.48 -64.40
C THR E 25 -67.90 17.26 -65.21
N VAL E 26 -68.35 16.22 -64.50
CA VAL E 26 -68.74 14.97 -65.15
C VAL E 26 -70.18 14.59 -64.82
N THR E 27 -70.74 13.70 -65.64
CA THR E 27 -72.14 13.31 -65.51
C THR E 27 -72.38 12.40 -64.32
N HIS E 28 -71.39 11.55 -64.02
CA HIS E 28 -71.49 10.64 -62.89
C HIS E 28 -70.12 10.41 -62.27
N SER E 29 -70.11 9.97 -61.01
CA SER E 29 -68.85 9.69 -60.33
C SER E 29 -69.09 9.01 -58.98
N VAL E 30 -68.01 8.61 -58.34
CA VAL E 30 -68.06 8.03 -57.00
C VAL E 30 -66.99 8.65 -56.14
N ASN E 31 -67.34 8.96 -54.90
CA ASN E 31 -66.37 9.39 -53.92
C ASN E 31 -65.79 8.18 -53.20
N LEU E 32 -64.48 8.08 -53.15
CA LEU E 32 -63.82 6.93 -52.52
C LEU E 32 -63.25 7.29 -51.15
N LEU E 33 -63.36 8.56 -50.79
CA LEU E 33 -62.76 9.05 -49.55
C LEU E 33 -63.79 9.36 -48.47
N GLU E 34 -63.94 8.43 -47.53
CA GLU E 34 -64.86 8.62 -46.41
C GLU E 34 -64.34 9.71 -45.47
N ASP E 35 -65.17 10.71 -45.21
CA ASP E 35 -64.74 11.84 -44.39
C ASP E 35 -65.72 12.16 -43.25
N SER E 36 -66.83 11.43 -43.20
CA SER E 36 -67.79 11.60 -42.12
C SER E 36 -67.57 10.56 -41.02
N HIS E 37 -67.59 11.00 -39.77
CA HIS E 37 -67.46 10.07 -38.65
C HIS E 37 -68.53 10.30 -37.59
N ASN E 38 -68.61 9.36 -36.64
CA ASN E 38 -69.67 9.34 -35.65
C ASN E 38 -69.48 10.36 -34.51
N GLY E 39 -68.25 10.51 -34.05
CA GLY E 39 -67.96 11.41 -32.95
C GLY E 39 -68.14 10.74 -31.60
N LYS E 40 -68.48 9.45 -31.62
CA LYS E 40 -68.70 8.70 -30.39
C LYS E 40 -67.84 7.44 -30.35
N LEU E 41 -67.58 6.95 -29.15
CA LEU E 41 -66.90 5.67 -28.98
C LEU E 41 -67.95 4.59 -28.78
N CYS E 42 -67.91 3.54 -29.59
CA CYS E 42 -68.99 2.57 -29.62
C CYS E 42 -68.53 1.14 -29.40
N LYS E 43 -69.50 0.26 -29.14
CA LYS E 43 -69.23 -1.16 -28.99
C LYS E 43 -68.72 -1.76 -30.30
N LEU E 44 -68.09 -2.93 -30.19
CA LEU E 44 -67.62 -3.67 -31.34
C LEU E 44 -68.07 -5.12 -31.20
N LYS E 45 -68.96 -5.56 -32.09
CA LYS E 45 -69.52 -6.90 -31.99
C LYS E 45 -70.25 -7.08 -30.66
N GLY E 46 -71.00 -6.05 -30.26
CA GLY E 46 -71.85 -6.12 -29.08
C GLY E 46 -71.12 -5.88 -27.77
N ILE E 47 -69.80 -5.77 -27.83
CA ILE E 47 -68.99 -5.59 -26.63
C ILE E 47 -68.50 -4.16 -26.50
N ALA E 48 -68.61 -3.60 -25.28
CA ALA E 48 -68.23 -2.22 -25.02
C ALA E 48 -66.73 -2.10 -24.74
N PRO E 49 -66.18 -0.88 -24.93
CA PRO E 49 -64.77 -0.64 -24.60
C PRO E 49 -64.60 -0.40 -23.10
N LEU E 50 -63.40 -0.62 -22.59
CA LEU E 50 -63.09 -0.35 -21.19
C LEU E 50 -62.63 1.09 -21.01
N GLN E 51 -63.50 1.92 -20.44
CA GLN E 51 -63.17 3.31 -20.17
C GLN E 51 -62.31 3.42 -18.92
N LEU E 52 -61.07 3.86 -19.08
CA LEU E 52 -60.16 4.02 -17.95
C LEU E 52 -60.38 5.37 -17.26
N GLY E 53 -60.81 6.35 -18.03
CA GLY E 53 -61.12 7.67 -17.49
C GLY E 53 -59.91 8.39 -16.93
N LYS E 54 -59.92 8.62 -15.63
CA LYS E 54 -58.86 9.37 -14.98
C LYS E 54 -57.58 8.55 -14.83
N CYS E 55 -57.69 7.23 -15.01
CA CYS E 55 -56.57 6.33 -14.79
C CYS E 55 -55.87 5.94 -16.09
N ASN E 56 -54.67 5.39 -15.94
CA ASN E 56 -53.97 4.77 -17.07
C ASN E 56 -53.77 3.29 -16.81
N ILE E 57 -53.13 2.59 -17.75
CA ILE E 57 -52.92 1.16 -17.61
C ILE E 57 -52.32 0.84 -16.25
N ALA E 58 -51.35 1.64 -15.82
CA ALA E 58 -50.66 1.40 -14.56
C ALA E 58 -51.62 1.45 -13.37
N GLY E 59 -52.38 2.53 -13.26
CA GLY E 59 -53.34 2.66 -12.18
C GLY E 59 -54.32 1.51 -12.16
N TRP E 60 -54.83 1.16 -13.33
CA TRP E 60 -55.82 0.09 -13.44
C TRP E 60 -55.28 -1.26 -12.98
N LEU E 61 -54.13 -1.65 -13.50
CA LEU E 61 -53.56 -2.96 -13.19
C LEU E 61 -53.02 -3.04 -11.76
N LEU E 62 -52.33 -1.98 -11.33
CA LEU E 62 -51.75 -1.95 -10.00
C LEU E 62 -52.81 -1.85 -8.91
N GLY E 63 -53.84 -1.04 -9.16
CA GLY E 63 -54.93 -0.87 -8.20
C GLY E 63 -54.87 0.45 -7.46
N ASN E 64 -54.47 1.51 -8.16
CA ASN E 64 -54.51 2.84 -7.59
C ASN E 64 -55.92 3.10 -7.03
N PRO E 65 -56.00 3.59 -5.79
CA PRO E 65 -57.28 3.84 -5.14
C PRO E 65 -58.28 4.60 -6.02
N GLU E 66 -57.81 5.60 -6.77
CA GLU E 66 -58.68 6.41 -7.62
C GLU E 66 -59.22 5.64 -8.83
N CYS E 67 -58.83 4.37 -8.96
CA CYS E 67 -59.25 3.55 -10.09
C CYS E 67 -60.16 2.41 -9.65
N ASP E 68 -60.92 2.63 -8.58
CA ASP E 68 -61.80 1.60 -8.05
C ASP E 68 -63.01 1.37 -8.94
N LEU E 69 -63.31 2.32 -9.81
CA LEU E 69 -64.37 2.17 -10.79
C LEU E 69 -64.07 0.96 -11.68
N LEU E 70 -62.79 0.64 -11.80
CA LEU E 70 -62.34 -0.35 -12.78
C LEU E 70 -62.20 -1.77 -12.21
N LEU E 71 -62.38 -1.91 -10.91
CA LEU E 71 -62.21 -3.22 -10.26
C LEU E 71 -63.20 -4.26 -10.79
N THR E 72 -64.30 -3.79 -11.37
CA THR E 72 -65.36 -4.69 -11.84
C THR E 72 -65.11 -5.22 -13.25
N ALA E 73 -64.25 -4.52 -14.00
CA ALA E 73 -63.95 -4.90 -15.38
C ALA E 73 -63.58 -6.38 -15.53
N SER E 74 -63.90 -6.94 -16.70
CA SER E 74 -63.61 -8.34 -16.98
C SER E 74 -63.39 -8.59 -18.46
N SER E 75 -64.23 -7.99 -19.30
CA SER E 75 -64.09 -8.11 -20.75
C SER E 75 -64.32 -6.78 -21.45
N TRP E 76 -63.77 -6.64 -22.65
CA TRP E 76 -63.83 -5.37 -23.38
C TRP E 76 -63.43 -5.56 -24.83
N SER E 77 -63.94 -4.69 -25.70
CA SER E 77 -63.61 -4.73 -27.12
C SER E 77 -62.34 -3.94 -27.40
N TYR E 78 -62.09 -2.92 -26.60
CA TYR E 78 -60.86 -2.13 -26.69
C TYR E 78 -60.71 -1.17 -25.51
N ILE E 79 -59.50 -0.67 -25.31
CA ILE E 79 -59.17 0.14 -24.14
C ILE E 79 -58.98 1.61 -24.49
N VAL E 80 -59.54 2.49 -23.67
CA VAL E 80 -59.50 3.92 -23.95
C VAL E 80 -58.91 4.75 -22.81
N GLU E 81 -57.89 5.53 -23.13
CA GLU E 81 -57.32 6.50 -22.20
C GLU E 81 -57.69 7.90 -22.66
N THR E 82 -57.78 8.83 -21.72
CA THR E 82 -58.22 10.18 -22.03
C THR E 82 -57.11 11.21 -21.80
N SER E 83 -57.42 12.47 -22.08
CA SER E 83 -56.48 13.56 -21.82
C SER E 83 -56.11 13.61 -20.34
N ASN E 84 -56.99 13.05 -19.50
CA ASN E 84 -56.82 13.15 -18.05
C ASN E 84 -56.58 11.78 -17.39
N SER E 85 -55.75 10.96 -18.02
CA SER E 85 -55.42 9.65 -17.46
C SER E 85 -54.06 9.70 -16.77
N GLU E 86 -53.99 10.43 -15.67
CA GLU E 86 -52.72 10.66 -14.99
C GLU E 86 -52.57 9.81 -13.74
N ASN E 87 -53.70 9.30 -13.25
CA ASN E 87 -53.70 8.43 -12.07
C ASN E 87 -53.19 7.03 -12.37
N GLY E 88 -51.91 6.80 -12.15
CA GLY E 88 -51.31 5.50 -12.36
C GLY E 88 -50.47 5.08 -11.17
N THR E 89 -49.17 5.37 -11.25
CA THR E 89 -48.27 5.13 -10.13
C THR E 89 -48.38 6.26 -9.13
N CYS E 90 -48.81 5.95 -7.91
CA CYS E 90 -49.00 6.98 -6.88
C CYS E 90 -47.83 7.06 -5.89
N TYR E 91 -47.18 5.92 -5.65
CA TYR E 91 -45.92 5.91 -4.92
C TYR E 91 -44.81 5.95 -5.96
N PRO E 92 -43.98 7.01 -5.94
CA PRO E 92 -42.98 7.29 -6.97
C PRO E 92 -42.10 6.09 -7.30
N GLY E 93 -41.84 5.87 -8.58
CA GLY E 93 -41.00 4.76 -9.02
C GLY E 93 -41.07 4.47 -10.51
N ASP E 94 -40.21 3.57 -10.97
CA ASP E 94 -40.16 3.16 -12.37
C ASP E 94 -41.02 1.93 -12.58
N PHE E 95 -41.93 2.01 -13.55
CA PHE E 95 -42.67 0.83 -13.96
C PHE E 95 -41.80 0.11 -14.99
N ILE E 96 -41.18 -0.99 -14.60
CA ILE E 96 -40.21 -1.67 -15.45
C ILE E 96 -40.87 -2.36 -16.63
N ASP E 97 -40.42 -2.02 -17.84
CA ASP E 97 -40.98 -2.57 -19.08
C ASP E 97 -42.48 -2.25 -19.17
N TYR E 98 -42.84 -1.04 -18.76
CA TYR E 98 -44.23 -0.62 -18.76
C TYR E 98 -44.82 -0.66 -20.16
N GLU E 99 -44.09 -0.11 -21.13
CA GLU E 99 -44.54 -0.08 -22.50
C GLU E 99 -44.84 -1.50 -23.00
N GLU E 100 -43.91 -2.42 -22.73
CA GLU E 100 -44.10 -3.81 -23.13
C GLU E 100 -45.38 -4.38 -22.54
N LEU E 101 -45.75 -3.92 -21.36
CA LEU E 101 -46.95 -4.41 -20.69
C LEU E 101 -48.19 -3.85 -21.37
N ARG E 102 -48.12 -2.59 -21.80
CA ARG E 102 -49.21 -2.01 -22.56
C ARG E 102 -49.42 -2.81 -23.84
N GLU E 103 -48.32 -3.03 -24.57
CA GLU E 103 -48.36 -3.76 -25.83
C GLU E 103 -48.98 -5.15 -25.66
N GLN E 104 -48.65 -5.80 -24.55
CA GLN E 104 -49.23 -7.10 -24.23
C GLN E 104 -50.74 -6.98 -24.05
N LEU E 105 -51.17 -5.92 -23.38
CA LEU E 105 -52.59 -5.73 -23.09
C LEU E 105 -53.41 -5.46 -24.35
N SER E 106 -52.78 -4.87 -25.35
CA SER E 106 -53.46 -4.56 -26.61
C SER E 106 -54.07 -5.81 -27.25
N SER E 107 -53.51 -6.97 -26.91
CA SER E 107 -53.99 -8.23 -27.49
C SER E 107 -54.73 -9.07 -26.44
N VAL E 108 -55.37 -8.40 -25.50
CA VAL E 108 -56.14 -9.08 -24.46
C VAL E 108 -57.58 -8.59 -24.48
N SER E 109 -58.52 -9.53 -24.63
CA SER E 109 -59.92 -9.19 -24.76
C SER E 109 -60.66 -9.32 -23.43
N SER E 110 -60.05 -10.05 -22.50
CA SER E 110 -60.65 -10.27 -21.19
C SER E 110 -59.70 -10.98 -20.25
N PHE E 111 -59.97 -10.87 -18.95
CA PHE E 111 -59.26 -11.66 -17.96
C PHE E 111 -60.12 -11.98 -16.75
N GLU E 112 -59.59 -12.81 -15.86
CA GLU E 112 -60.28 -13.13 -14.62
C GLU E 112 -59.42 -12.70 -13.43
N LYS E 113 -59.72 -11.54 -12.88
CA LYS E 113 -58.99 -11.06 -11.71
C LYS E 113 -59.22 -11.99 -10.53
N PHE E 114 -58.14 -12.53 -9.97
CA PHE E 114 -58.26 -13.45 -8.85
C PHE E 114 -57.24 -13.14 -7.76
N GLU E 115 -57.47 -13.69 -6.57
CA GLU E 115 -56.63 -13.42 -5.42
C GLU E 115 -55.50 -14.43 -5.37
N ILE E 116 -54.32 -14.05 -5.85
CA ILE E 116 -53.20 -14.98 -5.94
C ILE E 116 -52.61 -15.32 -4.58
N PHE E 117 -52.26 -14.30 -3.82
CA PHE E 117 -51.79 -14.49 -2.45
C PHE E 117 -52.69 -13.75 -1.47
N PRO E 118 -53.74 -14.44 -0.98
CA PRO E 118 -54.73 -13.86 -0.07
C PRO E 118 -54.12 -13.17 1.14
N LYS E 119 -54.49 -11.91 1.35
CA LYS E 119 -53.97 -11.09 2.43
C LYS E 119 -54.06 -11.76 3.79
N THR E 120 -55.26 -12.18 4.18
CA THR E 120 -55.47 -12.67 5.53
C THR E 120 -55.26 -14.18 5.69
N SER E 121 -54.17 -14.69 5.12
CA SER E 121 -53.90 -16.13 5.18
C SER E 121 -52.52 -16.53 4.66
N SER E 122 -51.89 -15.67 3.86
CA SER E 122 -50.65 -16.03 3.19
C SER E 122 -49.40 -15.64 3.96
N TRP E 123 -49.55 -14.77 4.95
CA TRP E 123 -48.40 -14.23 5.66
C TRP E 123 -48.56 -14.28 7.18
N PRO E 124 -48.50 -15.51 7.73
CA PRO E 124 -48.65 -15.75 9.17
C PRO E 124 -47.57 -15.04 9.98
N ASN E 125 -46.37 -14.93 9.42
CA ASN E 125 -45.23 -14.42 10.16
C ASN E 125 -44.83 -13.00 9.82
N HIS E 126 -45.71 -12.29 9.12
CA HIS E 126 -45.43 -10.91 8.72
C HIS E 126 -46.64 -10.02 8.95
N GLU E 127 -46.40 -8.72 9.10
CA GLU E 127 -47.48 -7.76 9.33
C GLU E 127 -48.12 -7.40 8.00
N THR E 128 -49.43 -7.63 7.89
CA THR E 128 -50.14 -7.36 6.63
C THR E 128 -50.95 -6.06 6.66
N THR E 129 -50.90 -5.35 7.77
CA THR E 129 -51.49 -4.02 7.88
C THR E 129 -50.39 -2.97 7.98
N LYS E 130 -50.76 -1.73 8.26
CA LYS E 130 -49.79 -0.66 8.42
C LYS E 130 -49.01 -0.43 7.14
N GLY E 131 -49.43 -1.09 6.07
CA GLY E 131 -48.79 -0.95 4.77
C GLY E 131 -49.52 0.07 3.91
N VAL E 132 -49.67 1.28 4.45
CA VAL E 132 -50.34 2.35 3.75
C VAL E 132 -49.42 3.54 3.65
N THR E 133 -49.77 4.50 2.81
CA THR E 133 -48.96 5.70 2.62
C THR E 133 -49.81 6.87 2.15
N ALA E 134 -49.48 8.06 2.64
CA ALA E 134 -50.17 9.26 2.23
C ALA E 134 -50.03 9.47 0.73
N ALA E 135 -48.96 8.92 0.18
CA ALA E 135 -48.67 9.04 -1.24
C ALA E 135 -49.81 8.49 -2.09
N CYS E 136 -50.47 7.44 -1.61
CA CYS E 136 -51.57 6.81 -2.33
C CYS E 136 -52.88 6.90 -1.55
N SER E 137 -53.33 8.13 -1.30
CA SER E 137 -54.53 8.33 -0.48
C SER E 137 -55.75 8.69 -1.32
N TYR E 138 -56.92 8.26 -0.85
CA TYR E 138 -58.18 8.73 -1.44
C TYR E 138 -59.07 9.32 -0.35
N ALA E 139 -59.43 10.59 -0.54
CA ALA E 139 -60.18 11.34 0.46
C ALA E 139 -59.37 11.52 1.74
N GLY E 140 -58.19 12.12 1.61
CA GLY E 140 -57.33 12.43 2.73
C GLY E 140 -57.10 11.27 3.69
N ALA E 141 -57.09 10.05 3.16
CA ALA E 141 -56.89 8.86 3.98
C ALA E 141 -55.83 7.95 3.38
N SER E 142 -54.71 7.79 4.09
CA SER E 142 -53.63 6.92 3.63
C SER E 142 -54.14 5.56 3.17
N SER E 143 -53.89 5.24 1.90
CA SER E 143 -54.34 3.97 1.35
C SER E 143 -53.19 3.33 0.57
N PHE E 144 -53.53 2.33 -0.24
CA PHE E 144 -52.51 1.63 -1.03
C PHE E 144 -53.13 0.87 -2.19
N TYR E 145 -52.28 0.43 -3.12
CA TYR E 145 -52.73 -0.33 -4.28
C TYR E 145 -53.63 -1.49 -3.87
N ARG E 146 -54.73 -1.65 -4.59
CA ARG E 146 -55.74 -2.66 -4.26
C ARG E 146 -55.27 -4.07 -4.60
N ASN E 147 -54.21 -4.17 -5.41
CA ASN E 147 -53.77 -5.47 -5.91
C ASN E 147 -52.39 -5.90 -5.42
N LEU E 148 -51.75 -5.05 -4.64
CA LEU E 148 -50.45 -5.36 -4.05
C LEU E 148 -50.53 -5.23 -2.52
N LEU E 149 -49.79 -6.08 -1.82
CA LEU E 149 -49.79 -6.05 -0.37
C LEU E 149 -48.43 -5.64 0.17
N TRP E 150 -48.40 -4.52 0.89
CA TRP E 150 -47.15 -4.02 1.46
C TRP E 150 -46.83 -4.70 2.79
N LEU E 151 -46.06 -5.79 2.74
CA LEU E 151 -45.69 -6.52 3.94
C LEU E 151 -44.62 -5.77 4.73
N THR E 152 -44.77 -5.75 6.05
CA THR E 152 -43.75 -5.19 6.94
C THR E 152 -43.42 -6.15 8.07
N LYS E 153 -42.43 -5.79 8.87
CA LYS E 153 -41.97 -6.63 9.97
C LYS E 153 -43.06 -6.80 11.03
N LYS E 154 -43.15 -8.00 11.58
CA LYS E 154 -44.07 -8.25 12.68
C LYS E 154 -43.30 -8.14 13.99
N GLY E 155 -43.31 -6.94 14.57
CA GLY E 155 -42.58 -6.67 15.79
C GLY E 155 -41.09 -6.94 15.67
N SER E 156 -40.35 -5.98 15.14
CA SER E 156 -38.89 -6.09 15.01
C SER E 156 -38.38 -7.47 14.56
N SER E 157 -39.21 -8.23 13.87
CA SER E 157 -38.82 -9.54 13.36
C SER E 157 -39.44 -9.78 12.00
N TYR E 158 -38.65 -9.56 10.94
CA TYR E 158 -39.09 -9.83 9.58
C TYR E 158 -38.38 -11.06 9.06
N PRO E 159 -38.99 -12.25 9.26
CA PRO E 159 -38.35 -13.50 8.88
C PRO E 159 -38.36 -13.71 7.38
N LYS E 160 -37.38 -14.45 6.88
CA LYS E 160 -37.32 -14.80 5.46
C LYS E 160 -38.61 -15.50 5.06
N LEU E 161 -39.26 -15.00 4.02
CA LEU E 161 -40.49 -15.60 3.53
C LEU E 161 -40.30 -16.33 2.20
N SER E 162 -41.05 -17.40 2.00
CA SER E 162 -40.98 -18.16 0.75
C SER E 162 -42.38 -18.59 0.34
N LYS E 163 -42.93 -17.94 -0.69
CA LYS E 163 -44.29 -18.21 -1.12
C LYS E 163 -44.33 -18.57 -2.62
N SER E 164 -44.95 -19.70 -2.93
CA SER E 164 -45.02 -20.14 -4.31
C SER E 164 -46.46 -20.27 -4.79
N TYR E 165 -46.75 -19.72 -5.96
CA TYR E 165 -48.04 -19.93 -6.60
C TYR E 165 -47.88 -20.79 -7.84
N VAL E 166 -48.67 -21.86 -7.91
CA VAL E 166 -48.66 -22.72 -9.09
C VAL E 166 -49.81 -22.36 -10.00
N ASN E 167 -49.49 -21.84 -11.18
CA ASN E 167 -50.52 -21.44 -12.12
C ASN E 167 -51.23 -22.60 -12.79
N ASN E 168 -52.36 -23.00 -12.22
CA ASN E 168 -53.26 -23.90 -12.93
C ASN E 168 -54.59 -23.18 -13.18
N LYS E 169 -54.59 -22.40 -14.26
CA LYS E 169 -55.77 -21.66 -14.70
C LYS E 169 -56.00 -21.93 -16.17
N GLY E 170 -55.10 -22.72 -16.75
CA GLY E 170 -55.20 -23.10 -18.15
C GLY E 170 -54.88 -21.95 -19.10
N LYS E 171 -54.47 -20.82 -18.53
CA LYS E 171 -54.18 -19.64 -19.34
C LYS E 171 -53.07 -18.79 -18.74
N GLU E 172 -52.53 -17.89 -19.56
CA GLU E 172 -51.51 -16.95 -19.10
C GLU E 172 -52.00 -16.16 -17.89
N VAL E 173 -51.19 -16.11 -16.84
CA VAL E 173 -51.52 -15.33 -15.66
C VAL E 173 -50.56 -14.14 -15.51
N LEU E 174 -51.14 -12.95 -15.39
CA LEU E 174 -50.35 -11.74 -15.21
C LEU E 174 -50.12 -11.44 -13.74
N VAL E 175 -48.89 -11.63 -13.28
CA VAL E 175 -48.54 -11.38 -11.89
C VAL E 175 -47.78 -10.05 -11.74
N LEU E 176 -48.23 -9.22 -10.81
CA LEU E 176 -47.56 -7.94 -10.58
C LEU E 176 -47.07 -7.81 -9.14
N TRP E 177 -45.90 -7.20 -8.98
CA TRP E 177 -45.33 -6.97 -7.66
C TRP E 177 -44.41 -5.77 -7.71
N GLY E 178 -43.97 -5.32 -6.54
CA GLY E 178 -43.08 -4.18 -6.46
C GLY E 178 -41.89 -4.46 -5.56
N VAL E 179 -40.91 -3.56 -5.60
CA VAL E 179 -39.76 -3.64 -4.71
C VAL E 179 -39.48 -2.26 -4.10
N HIS E 180 -39.65 -2.16 -2.78
CA HIS E 180 -39.51 -0.88 -2.09
C HIS E 180 -38.07 -0.52 -1.80
N HIS E 181 -37.73 0.75 -1.99
CA HIS E 181 -36.38 1.26 -1.75
C HIS E 181 -36.43 2.48 -0.84
N PRO E 182 -36.42 2.26 0.48
CA PRO E 182 -36.46 3.34 1.47
C PRO E 182 -35.36 4.37 1.28
N PRO E 183 -35.58 5.61 1.73
CA PRO E 183 -34.62 6.71 1.59
C PRO E 183 -33.43 6.62 2.55
N THR E 184 -33.61 5.97 3.70
CA THR E 184 -32.54 5.88 4.70
C THR E 184 -32.45 4.50 5.34
N GLY E 185 -31.33 4.23 6.01
CA GLY E 185 -31.16 3.00 6.74
C GLY E 185 -32.11 2.90 7.92
N THR E 186 -32.54 4.06 8.40
CA THR E 186 -33.51 4.13 9.48
C THR E 186 -34.85 3.57 9.01
N ASP E 187 -35.40 4.16 7.95
CA ASP E 187 -36.65 3.71 7.36
C ASP E 187 -36.58 2.22 7.01
N GLN E 188 -35.43 1.81 6.47
CA GLN E 188 -35.22 0.40 6.12
C GLN E 188 -35.42 -0.48 7.36
N GLN E 189 -34.98 0.03 8.50
CA GLN E 189 -35.06 -0.72 9.75
C GLN E 189 -36.48 -0.79 10.31
N SER E 190 -37.18 0.33 10.26
CA SER E 190 -38.53 0.39 10.80
C SER E 190 -39.50 -0.49 10.02
N LEU E 191 -39.34 -0.51 8.70
CA LEU E 191 -40.23 -1.28 7.83
C LEU E 191 -39.90 -2.76 7.84
N TYR E 192 -38.64 -3.11 7.72
CA TYR E 192 -38.32 -4.49 7.52
C TYR E 192 -37.33 -5.02 8.49
N GLN E 193 -36.87 -4.18 9.39
CA GLN E 193 -35.64 -4.49 10.05
C GLN E 193 -34.82 -4.88 8.87
N ASN E 194 -33.69 -5.46 9.11
CA ASN E 194 -32.98 -6.26 8.12
C ASN E 194 -32.42 -5.21 7.17
N ALA E 195 -31.25 -4.67 7.50
CA ALA E 195 -30.65 -3.61 6.70
C ALA E 195 -30.14 -4.13 5.36
N ASP E 196 -29.84 -5.43 5.34
CA ASP E 196 -29.37 -6.07 4.11
C ASP E 196 -30.36 -7.14 3.66
N ALA E 197 -31.53 -6.68 3.20
CA ALA E 197 -32.58 -7.58 2.73
C ALA E 197 -32.47 -7.80 1.24
N TYR E 198 -33.22 -8.78 0.73
CA TYR E 198 -33.23 -9.06 -0.70
C TYR E 198 -34.58 -9.64 -1.13
N VAL E 199 -34.90 -9.48 -2.41
CA VAL E 199 -36.08 -10.07 -3.00
C VAL E 199 -35.67 -10.99 -4.15
N SER E 200 -36.11 -12.24 -4.11
CA SER E 200 -35.74 -13.20 -5.14
C SER E 200 -36.98 -13.80 -5.81
N VAL E 201 -37.18 -13.48 -7.08
CA VAL E 201 -38.35 -13.96 -7.82
C VAL E 201 -37.93 -14.94 -8.91
N GLY E 202 -38.55 -16.12 -8.93
CA GLY E 202 -38.17 -17.14 -9.88
C GLY E 202 -39.29 -18.05 -10.39
N SER E 203 -39.33 -18.22 -11.70
CA SER E 203 -40.23 -19.19 -12.32
C SER E 203 -39.41 -20.06 -13.28
N SER E 204 -40.07 -20.71 -14.23
CA SER E 204 -39.36 -21.54 -15.19
C SER E 204 -38.49 -20.71 -16.13
N LYS E 205 -38.96 -19.52 -16.47
CA LYS E 205 -38.27 -18.67 -17.43
C LYS E 205 -37.75 -17.37 -16.81
N TYR E 206 -38.29 -16.99 -15.66
CA TYR E 206 -37.95 -15.74 -15.01
C TYR E 206 -37.05 -15.94 -13.79
N ASN E 207 -35.91 -15.27 -13.79
CA ASN E 207 -35.01 -15.31 -12.63
C ASN E 207 -34.35 -13.97 -12.41
N ARG E 208 -34.52 -13.42 -11.22
CA ARG E 208 -33.98 -12.10 -10.90
C ARG E 208 -33.99 -11.85 -9.40
N ARG E 209 -32.91 -11.25 -8.89
CA ARG E 209 -32.85 -10.90 -7.48
C ARG E 209 -32.76 -9.39 -7.32
N PHE E 210 -33.40 -8.87 -6.28
CA PHE E 210 -33.41 -7.43 -6.04
C PHE E 210 -32.86 -7.08 -4.65
N THR E 211 -31.96 -6.11 -4.61
CA THR E 211 -31.49 -5.56 -3.34
C THR E 211 -31.89 -4.10 -3.25
N PRO E 212 -32.20 -3.62 -2.04
CA PRO E 212 -32.68 -2.24 -1.86
C PRO E 212 -31.63 -1.19 -2.22
N GLU E 213 -32.02 -0.21 -3.01
CA GLU E 213 -31.17 0.93 -3.31
C GLU E 213 -31.47 2.06 -2.34
N ILE E 214 -30.70 2.13 -1.26
CA ILE E 214 -30.98 3.09 -0.19
C ILE E 214 -30.25 4.41 -0.38
N ALA E 215 -31.02 5.46 -0.61
CA ALA E 215 -30.45 6.79 -0.83
C ALA E 215 -31.52 7.87 -0.75
N ALA E 216 -31.11 9.10 -0.51
CA ALA E 216 -32.05 10.21 -0.41
C ALA E 216 -32.30 10.82 -1.78
N ARG E 217 -33.58 10.94 -2.13
CA ARG E 217 -33.97 11.52 -3.40
C ARG E 217 -34.91 12.70 -3.19
N PRO E 218 -35.09 13.52 -4.23
CA PRO E 218 -36.10 14.58 -4.14
C PRO E 218 -37.44 13.94 -3.82
N LYS E 219 -38.28 14.65 -3.07
CA LYS E 219 -39.56 14.10 -2.67
C LYS E 219 -40.60 14.19 -3.78
N VAL E 220 -41.15 13.04 -4.16
CA VAL E 220 -42.26 12.97 -5.09
C VAL E 220 -43.52 12.57 -4.34
N ARG E 221 -44.52 13.45 -4.33
CA ARG E 221 -45.74 13.21 -3.57
C ARG E 221 -45.40 12.90 -2.11
N GLY E 222 -44.42 13.61 -1.58
CA GLY E 222 -44.05 13.49 -0.18
C GLY E 222 -43.26 12.24 0.15
N GLN E 223 -42.65 11.63 -0.86
CA GLN E 223 -41.85 10.43 -0.63
C GLN E 223 -40.44 10.56 -1.21
N ALA E 224 -39.44 10.29 -0.37
CA ALA E 224 -38.06 10.25 -0.82
C ALA E 224 -37.71 8.83 -1.25
N GLY E 225 -38.41 7.87 -0.68
CA GLY E 225 -38.27 6.49 -1.07
C GLY E 225 -38.82 6.28 -2.47
N ARG E 226 -38.56 5.10 -3.03
CA ARG E 226 -39.06 4.77 -4.36
C ARG E 226 -39.56 3.33 -4.37
N MET E 227 -40.43 3.02 -5.32
CA MET E 227 -40.97 1.68 -5.42
C MET E 227 -41.02 1.23 -6.88
N ASN E 228 -40.18 0.27 -7.23
CA ASN E 228 -40.17 -0.26 -8.59
C ASN E 228 -41.26 -1.30 -8.78
N TYR E 229 -41.89 -1.29 -9.93
CA TYR E 229 -42.97 -2.22 -10.21
C TYR E 229 -42.57 -3.20 -11.31
N TYR E 230 -42.83 -4.48 -11.07
CA TYR E 230 -42.45 -5.51 -12.01
C TYR E 230 -43.64 -6.36 -12.40
N TRP E 231 -43.45 -7.20 -13.42
CA TRP E 231 -44.51 -8.10 -13.88
C TRP E 231 -43.93 -9.21 -14.72
N THR E 232 -44.66 -10.31 -14.78
CA THR E 232 -44.31 -11.41 -15.66
C THR E 232 -45.57 -12.18 -16.01
N LEU E 233 -45.52 -12.90 -17.12
CA LEU E 233 -46.64 -13.74 -17.53
C LEU E 233 -46.33 -15.18 -17.21
N LEU E 234 -46.85 -15.65 -16.09
CA LEU E 234 -46.68 -17.05 -15.71
C LEU E 234 -47.47 -17.92 -16.69
N GLU E 235 -46.84 -18.96 -17.20
CA GLU E 235 -47.50 -19.85 -18.15
C GLU E 235 -48.24 -20.96 -17.42
N PRO E 236 -49.27 -21.53 -18.07
CA PRO E 236 -50.05 -22.63 -17.50
C PRO E 236 -49.13 -23.75 -17.02
N GLY E 237 -49.26 -24.12 -15.76
CA GLY E 237 -48.47 -25.19 -15.20
C GLY E 237 -47.20 -24.68 -14.53
N ASP E 238 -46.75 -23.51 -14.94
CA ASP E 238 -45.52 -22.96 -14.38
C ASP E 238 -45.71 -22.33 -13.01
N THR E 239 -44.70 -22.47 -12.16
CA THR E 239 -44.73 -21.96 -10.79
C THR E 239 -43.87 -20.72 -10.66
N ILE E 240 -44.30 -19.79 -9.82
CA ILE E 240 -43.50 -18.62 -9.51
C ILE E 240 -43.25 -18.56 -8.00
N THR E 241 -41.97 -18.45 -7.62
CA THR E 241 -41.59 -18.45 -6.21
C THR E 241 -41.09 -17.08 -5.77
N PHE E 242 -41.72 -16.53 -4.73
CA PHE E 242 -41.27 -15.26 -4.15
C PHE E 242 -40.50 -15.51 -2.88
N GLU E 243 -39.32 -14.93 -2.79
CA GLU E 243 -38.46 -15.10 -1.64
C GLU E 243 -37.92 -13.74 -1.21
N ALA E 244 -38.13 -13.37 0.05
CA ALA E 244 -37.71 -12.07 0.51
C ALA E 244 -37.30 -12.05 1.97
N THR E 245 -36.39 -11.14 2.30
CA THR E 245 -36.07 -10.84 3.70
C THR E 245 -36.45 -9.39 3.99
N GLY E 246 -37.30 -8.84 3.12
CA GLY E 246 -37.79 -7.48 3.28
C GLY E 246 -37.98 -6.79 1.95
N ASN E 247 -38.54 -5.58 1.99
CA ASN E 247 -38.66 -4.74 0.80
C ASN E 247 -39.57 -5.28 -0.31
N LEU E 248 -40.27 -6.38 -0.03
CA LEU E 248 -41.16 -6.98 -1.03
C LEU E 248 -42.58 -6.44 -0.95
N ILE E 249 -43.02 -5.78 -2.01
CA ILE E 249 -44.43 -5.39 -2.14
C ILE E 249 -45.16 -6.53 -2.82
N ALA E 250 -45.59 -7.50 -2.03
CA ALA E 250 -46.15 -8.76 -2.54
C ALA E 250 -47.39 -8.57 -3.42
N PRO E 251 -47.63 -9.54 -4.32
CA PRO E 251 -48.83 -9.58 -5.16
C PRO E 251 -50.04 -10.04 -4.35
N TRP E 252 -51.12 -9.29 -4.41
CA TRP E 252 -52.36 -9.67 -3.74
C TRP E 252 -53.32 -10.27 -4.76
N TYR E 253 -53.54 -9.54 -5.86
CA TYR E 253 -54.39 -10.02 -6.94
C TYR E 253 -53.65 -10.09 -8.27
N ALA E 254 -53.89 -11.16 -9.02
CA ALA E 254 -53.31 -11.32 -10.34
C ALA E 254 -54.41 -11.47 -11.38
N PHE E 255 -54.03 -11.54 -12.66
CA PHE E 255 -55.02 -11.62 -13.74
C PHE E 255 -54.76 -12.77 -14.71
N ALA E 256 -55.67 -13.73 -14.75
CA ALA E 256 -55.62 -14.79 -15.75
C ALA E 256 -56.15 -14.24 -17.07
N LEU E 257 -55.30 -14.21 -18.09
CA LEU E 257 -55.59 -13.49 -19.33
C LEU E 257 -56.23 -14.32 -20.44
N ASN E 258 -57.09 -13.67 -21.21
CA ASN E 258 -57.70 -14.27 -22.39
C ASN E 258 -57.26 -13.52 -23.65
N ARG E 259 -56.47 -14.19 -24.50
CA ARG E 259 -55.96 -13.57 -25.72
C ARG E 259 -57.05 -13.40 -26.77
N GLY E 260 -56.95 -12.32 -27.54
CA GLY E 260 -57.92 -12.03 -28.57
C GLY E 260 -57.48 -10.93 -29.51
N SER E 261 -57.35 -11.26 -30.79
CA SER E 261 -56.91 -10.28 -31.79
C SER E 261 -57.94 -9.18 -31.98
N GLY E 262 -57.57 -8.16 -32.75
CA GLY E 262 -58.49 -7.09 -33.11
C GLY E 262 -58.71 -6.04 -32.05
N SER E 263 -58.04 -6.18 -30.91
CA SER E 263 -58.18 -5.23 -29.81
C SER E 263 -57.01 -4.26 -29.76
N GLY E 264 -57.11 -3.23 -28.91
CA GLY E 264 -56.03 -2.27 -28.77
C GLY E 264 -56.31 -1.13 -27.82
N ILE E 265 -55.31 -0.28 -27.63
CA ILE E 265 -55.41 0.88 -26.75
C ILE E 265 -55.35 2.17 -27.55
N ILE E 266 -56.31 3.06 -27.33
CA ILE E 266 -56.31 4.36 -28.01
C ILE E 266 -56.55 5.48 -27.01
N THR E 267 -56.23 6.71 -27.42
CA THR E 267 -56.40 7.87 -26.56
C THR E 267 -57.46 8.80 -27.15
N SER E 268 -58.67 8.70 -26.61
CA SER E 268 -59.79 9.49 -27.13
C SER E 268 -60.57 10.19 -26.02
N ASP E 269 -60.99 11.42 -26.28
CA ASP E 269 -61.82 12.16 -25.35
C ASP E 269 -63.29 12.13 -25.76
N ALA E 270 -63.60 11.31 -26.77
CA ALA E 270 -64.96 11.17 -27.24
C ALA E 270 -65.80 10.39 -26.24
N PRO E 271 -67.11 10.70 -26.17
CA PRO E 271 -68.02 10.06 -25.22
C PRO E 271 -68.43 8.65 -25.63
N VAL E 272 -68.34 7.70 -24.70
CA VAL E 272 -68.84 6.36 -24.96
C VAL E 272 -70.35 6.40 -25.14
N HIS E 273 -70.87 5.52 -25.99
CA HIS E 273 -72.31 5.45 -26.22
C HIS E 273 -72.78 4.04 -26.49
N ASP E 274 -74.08 3.81 -26.34
CA ASP E 274 -74.66 2.51 -26.62
C ASP E 274 -74.94 2.39 -28.11
N CYS E 275 -73.95 1.92 -28.85
CA CYS E 275 -74.08 1.71 -30.27
C CYS E 275 -73.09 0.64 -30.72
N ASN E 276 -73.36 0.01 -31.85
CA ASN E 276 -72.48 -1.02 -32.38
C ASN E 276 -71.88 -0.61 -33.72
N THR E 277 -70.56 -0.64 -33.81
CA THR E 277 -69.86 -0.30 -35.04
C THR E 277 -68.91 -1.42 -35.44
N LYS E 278 -68.41 -1.35 -36.67
CA LYS E 278 -67.42 -2.32 -37.16
C LYS E 278 -66.07 -1.65 -37.34
N CYS E 279 -66.07 -0.33 -37.19
CA CYS E 279 -64.85 0.46 -37.32
C CYS E 279 -64.86 1.63 -36.35
N GLN E 280 -63.76 1.81 -35.62
CA GLN E 280 -63.67 2.87 -34.61
C GLN E 280 -62.36 3.64 -34.66
N THR E 281 -62.45 4.96 -34.62
CA THR E 281 -61.28 5.82 -34.55
C THR E 281 -61.38 6.71 -33.31
N PRO E 282 -60.24 7.32 -32.90
CA PRO E 282 -60.22 8.23 -31.76
C PRO E 282 -61.23 9.38 -31.89
N HIS E 283 -61.62 9.72 -33.10
CA HIS E 283 -62.57 10.81 -33.32
C HIS E 283 -64.02 10.33 -33.35
N GLY E 284 -64.22 9.04 -33.58
CA GLY E 284 -65.55 8.46 -33.62
C GLY E 284 -65.60 7.19 -34.44
N ALA E 285 -66.80 6.64 -34.60
CA ALA E 285 -66.98 5.43 -35.39
C ALA E 285 -67.15 5.76 -36.86
N ILE E 286 -67.21 4.73 -37.71
CA ILE E 286 -67.38 4.92 -39.14
C ILE E 286 -68.26 3.84 -39.76
N ASN E 287 -69.36 4.26 -40.36
CA ASN E 287 -70.23 3.37 -41.10
C ASN E 287 -70.04 3.60 -42.59
N SER E 288 -69.06 2.91 -43.17
CA SER E 288 -68.67 3.18 -44.55
C SER E 288 -68.13 1.95 -45.28
N SER E 289 -68.45 1.88 -46.58
CA SER E 289 -67.97 0.79 -47.42
C SER E 289 -66.91 1.32 -48.38
N LEU E 290 -66.57 2.60 -48.23
CA LEU E 290 -65.55 3.23 -49.05
C LEU E 290 -64.17 2.64 -48.71
N PRO E 291 -63.22 2.75 -49.65
CA PRO E 291 -61.89 2.17 -49.50
C PRO E 291 -60.95 3.04 -48.66
N PHE E 292 -61.17 4.35 -48.69
CA PHE E 292 -60.29 5.29 -48.01
C PHE E 292 -61.02 6.15 -46.98
N GLN E 293 -60.27 6.74 -46.07
CA GLN E 293 -60.80 7.70 -45.11
C GLN E 293 -59.68 8.58 -44.56
N ASN E 294 -60.00 9.85 -44.30
CA ASN E 294 -59.02 10.80 -43.79
C ASN E 294 -59.39 11.32 -42.41
N ILE E 295 -60.04 10.48 -41.62
CA ILE E 295 -60.48 10.84 -40.29
C ILE E 295 -59.39 10.62 -39.24
N HIS E 296 -58.78 9.43 -39.28
CA HIS E 296 -57.71 9.12 -38.33
C HIS E 296 -56.92 7.87 -38.72
N PRO E 297 -55.58 7.93 -38.55
CA PRO E 297 -54.66 6.81 -38.78
C PRO E 297 -54.88 5.66 -37.80
N VAL E 298 -55.31 5.97 -36.58
CA VAL E 298 -55.57 4.93 -35.58
C VAL E 298 -56.93 4.28 -35.82
N THR E 299 -56.94 2.95 -35.83
CA THR E 299 -58.09 2.20 -36.30
C THR E 299 -58.34 0.93 -35.51
N ILE E 300 -59.61 0.64 -35.25
CA ILE E 300 -59.99 -0.61 -34.59
C ILE E 300 -61.18 -1.26 -35.28
N GLY E 301 -60.97 -2.47 -35.80
CA GLY E 301 -62.00 -3.19 -36.52
C GLY E 301 -61.71 -3.26 -38.01
N GLU E 302 -62.75 -3.43 -38.81
CA GLU E 302 -62.60 -3.43 -40.27
C GLU E 302 -62.85 -2.03 -40.81
N CYS E 303 -61.77 -1.30 -41.08
CA CYS E 303 -61.89 0.10 -41.46
C CYS E 303 -61.31 0.38 -42.84
N PRO E 304 -61.67 1.55 -43.42
CA PRO E 304 -61.05 2.01 -44.65
C PRO E 304 -59.59 2.40 -44.44
N LYS E 305 -58.76 2.15 -45.44
CA LYS E 305 -57.34 2.54 -45.42
C LYS E 305 -57.21 4.03 -45.18
N TYR E 306 -56.53 4.43 -44.11
CA TYR E 306 -56.33 5.85 -43.86
C TYR E 306 -55.40 6.47 -44.90
N VAL E 307 -55.70 7.72 -45.26
CA VAL E 307 -54.95 8.40 -46.32
C VAL E 307 -54.98 9.89 -46.05
N ARG E 308 -54.01 10.63 -46.58
CA ARG E 308 -53.90 12.07 -46.31
C ARG E 308 -54.78 12.96 -47.20
N SER E 309 -55.40 12.38 -48.22
CA SER E 309 -56.14 13.14 -49.22
C SER E 309 -57.37 13.86 -48.66
N THR E 310 -57.78 14.92 -49.34
CA THR E 310 -59.01 15.63 -48.99
C THR E 310 -60.09 15.36 -50.03
N LYS E 311 -59.67 15.02 -51.24
CA LYS E 311 -60.60 14.65 -52.30
C LYS E 311 -60.12 13.42 -53.05
N LEU E 312 -60.99 12.42 -53.15
CA LEU E 312 -60.73 11.25 -53.98
C LEU E 312 -61.99 10.88 -54.75
N ARG E 313 -62.38 11.75 -55.68
CA ARG E 313 -63.56 11.51 -56.50
C ARG E 313 -63.18 10.90 -57.84
N MET E 314 -63.65 9.69 -58.07
CA MET E 314 -63.30 8.95 -59.28
C MET E 314 -64.44 8.96 -60.30
N ALA E 315 -64.16 9.52 -61.47
CA ALA E 315 -65.15 9.63 -62.54
C ALA E 315 -65.67 8.28 -62.99
N THR E 316 -66.96 8.21 -63.28
CA THR E 316 -67.58 7.02 -63.84
C THR E 316 -68.25 7.36 -65.17
N GLY E 317 -68.71 8.61 -65.27
CA GLY E 317 -69.39 9.07 -66.46
C GLY E 317 -68.48 9.87 -67.37
N LEU E 318 -69.06 10.51 -68.37
CA LEU E 318 -68.30 11.30 -69.33
C LEU E 318 -68.33 12.78 -68.96
N ARG E 319 -67.55 13.58 -69.69
CA ARG E 319 -67.55 15.02 -69.47
C ARG E 319 -68.97 15.56 -69.67
N ASN E 320 -69.40 16.43 -68.78
CA ASN E 320 -70.77 16.93 -68.80
C ASN E 320 -70.89 18.26 -69.53
N ILE E 321 -71.63 18.29 -70.62
CA ILE E 321 -71.75 19.50 -71.44
C ILE E 321 -73.19 19.75 -71.91
N PRO E 322 -73.97 20.49 -71.12
CA PRO E 322 -75.34 20.86 -71.47
C PRO E 322 -75.39 22.08 -72.41
N ALA E 323 -74.54 23.06 -72.17
CA ALA E 323 -74.47 24.27 -72.99
C ALA E 323 -75.85 24.89 -73.25
N ARG E 324 -76.32 25.70 -72.31
CA ARG E 324 -77.61 26.36 -72.45
C ARG E 324 -77.58 27.52 -73.44
N GLY F 1 -60.29 16.18 -76.11
CA GLY F 1 -60.57 14.75 -76.12
C GLY F 1 -59.59 13.97 -76.97
N LEU F 2 -59.15 12.83 -76.45
CA LEU F 2 -58.16 12.02 -77.14
C LEU F 2 -58.74 11.45 -78.44
N PHE F 3 -60.05 11.30 -78.49
CA PHE F 3 -60.69 10.69 -79.65
C PHE F 3 -61.51 11.68 -80.49
N GLY F 4 -61.43 12.96 -80.13
CA GLY F 4 -61.99 14.03 -80.93
C GLY F 4 -63.50 14.07 -81.06
N ALA F 5 -64.19 13.18 -80.36
CA ALA F 5 -65.65 13.12 -80.44
C ALA F 5 -66.32 14.04 -79.42
N ILE F 6 -66.33 13.60 -78.16
CA ILE F 6 -66.92 14.40 -77.09
C ILE F 6 -66.19 15.72 -76.94
N ALA F 7 -66.95 16.81 -76.84
CA ALA F 7 -66.38 18.16 -76.81
C ALA F 7 -65.49 18.38 -78.03
N GLY F 8 -65.70 17.55 -79.04
CA GLY F 8 -64.95 17.63 -80.29
C GLY F 8 -65.86 17.95 -81.46
N PHE F 9 -65.92 17.05 -82.43
CA PHE F 9 -66.76 17.28 -83.61
C PHE F 9 -68.24 17.11 -83.27
N ILE F 10 -68.51 16.54 -82.10
CA ILE F 10 -69.85 16.55 -81.52
C ILE F 10 -69.81 17.50 -80.34
N GLU F 11 -70.12 18.77 -80.59
CA GLU F 11 -69.81 19.86 -79.68
C GLU F 11 -70.43 19.79 -78.28
N GLY F 12 -71.57 19.11 -78.13
CA GLY F 12 -72.25 19.09 -76.86
C GLY F 12 -73.05 17.83 -76.56
N GLY F 13 -73.51 17.72 -75.32
CA GLY F 13 -74.30 16.58 -74.89
C GLY F 13 -75.79 16.89 -74.84
N TRP F 14 -76.60 15.85 -74.70
CA TRP F 14 -78.05 16.00 -74.71
C TRP F 14 -78.70 15.71 -73.36
N THR F 15 -79.14 16.76 -72.67
CA THR F 15 -79.92 16.60 -71.46
C THR F 15 -81.22 15.86 -71.77
N GLY F 16 -81.57 15.82 -73.06
CA GLY F 16 -82.77 15.14 -73.52
C GLY F 16 -82.70 13.63 -73.36
N MET F 17 -81.55 13.05 -73.68
CA MET F 17 -81.37 11.61 -73.56
C MET F 17 -81.01 11.24 -72.14
N ILE F 18 -81.77 10.31 -71.55
CA ILE F 18 -81.62 10.02 -70.13
C ILE F 18 -81.68 8.52 -69.79
N ASP F 19 -81.62 7.68 -70.82
CA ASP F 19 -81.67 6.25 -70.60
C ASP F 19 -80.34 5.57 -70.96
N GLY F 20 -79.29 6.36 -71.09
CA GLY F 20 -77.97 5.86 -71.43
C GLY F 20 -76.94 6.95 -71.61
N TRP F 21 -75.68 6.56 -71.79
CA TRP F 21 -74.60 7.51 -72.00
C TRP F 21 -74.51 7.92 -73.47
N TYR F 22 -74.60 6.92 -74.36
CA TYR F 22 -74.49 7.17 -75.78
C TYR F 22 -75.79 6.78 -76.48
N GLY F 23 -76.15 7.52 -77.52
CA GLY F 23 -77.38 7.23 -78.24
C GLY F 23 -77.63 8.09 -79.45
N TYR F 24 -78.89 8.18 -79.86
CA TYR F 24 -79.25 8.91 -81.08
C TYR F 24 -80.37 9.92 -80.85
N HIS F 25 -80.59 10.75 -81.86
CA HIS F 25 -81.70 11.70 -81.89
C HIS F 25 -82.09 11.91 -83.34
N HIS F 26 -83.19 11.31 -83.76
CA HIS F 26 -83.64 11.31 -85.14
C HIS F 26 -84.67 12.37 -85.47
N GLN F 27 -85.00 12.49 -86.76
CA GLN F 27 -85.98 13.44 -87.31
C GLN F 27 -87.34 12.98 -87.82
N ASN F 28 -87.35 12.25 -88.93
CA ASN F 28 -88.53 11.50 -89.33
C ASN F 28 -89.51 12.37 -90.08
N GLU F 29 -90.65 11.78 -90.38
CA GLU F 29 -91.89 12.42 -90.77
C GLU F 29 -92.81 12.18 -89.59
N GLN F 30 -92.45 11.18 -88.78
CA GLN F 30 -93.29 10.74 -87.66
C GLN F 30 -92.83 11.32 -86.33
N GLY F 31 -92.08 12.41 -86.37
CA GLY F 31 -91.69 13.11 -85.16
C GLY F 31 -90.24 12.92 -84.73
N SER F 32 -89.85 13.64 -83.68
CA SER F 32 -88.49 13.59 -83.16
C SER F 32 -88.44 12.90 -81.79
N GLY F 33 -87.23 12.75 -81.25
CA GLY F 33 -87.04 12.12 -79.96
C GLY F 33 -85.62 11.63 -79.74
N TYR F 34 -85.38 11.04 -78.56
CA TYR F 34 -84.08 10.51 -78.22
C TYR F 34 -84.15 9.01 -77.97
N ALA F 35 -82.99 8.35 -78.06
CA ALA F 35 -82.92 6.91 -77.81
C ALA F 35 -81.54 6.50 -77.33
N ALA F 36 -81.50 5.65 -76.31
CA ALA F 36 -80.24 5.15 -75.79
C ALA F 36 -79.84 3.90 -76.54
N ASP F 37 -78.54 3.68 -76.69
CA ASP F 37 -78.04 2.48 -77.34
C ASP F 37 -77.63 1.43 -76.31
N GLN F 38 -78.49 0.44 -76.09
CA GLN F 38 -78.24 -0.59 -75.09
C GLN F 38 -76.86 -1.20 -75.27
N LYS F 39 -76.54 -1.54 -76.51
CA LYS F 39 -75.26 -2.14 -76.86
C LYS F 39 -74.08 -1.40 -76.23
N SER F 40 -73.90 -0.14 -76.63
CA SER F 40 -72.71 0.62 -76.25
C SER F 40 -72.77 1.18 -74.83
N THR F 41 -73.97 1.40 -74.32
CA THR F 41 -74.12 1.91 -72.96
C THR F 41 -73.88 0.81 -71.92
N GLN F 42 -74.55 -0.32 -72.09
CA GLN F 42 -74.37 -1.45 -71.19
C GLN F 42 -72.91 -1.88 -71.15
N ASN F 43 -72.29 -1.88 -72.32
CA ASN F 43 -70.87 -2.22 -72.44
C ASN F 43 -70.00 -1.28 -71.62
N ALA F 44 -70.35 0.00 -71.63
CA ALA F 44 -69.60 0.99 -70.87
C ALA F 44 -69.88 0.85 -69.38
N ILE F 45 -71.13 0.60 -69.02
CA ILE F 45 -71.51 0.41 -67.63
C ILE F 45 -70.74 -0.75 -67.01
N ASP F 46 -70.75 -1.90 -67.69
CA ASP F 46 -70.03 -3.08 -67.22
C ASP F 46 -68.56 -2.75 -67.00
N GLY F 47 -67.96 -2.09 -67.98
CA GLY F 47 -66.55 -1.73 -67.90
C GLY F 47 -66.22 -0.82 -66.74
N ILE F 48 -66.91 0.31 -66.64
CA ILE F 48 -66.66 1.27 -65.57
C ILE F 48 -66.95 0.67 -64.20
N THR F 49 -67.97 -0.18 -64.12
CA THR F 49 -68.27 -0.87 -62.88
C THR F 49 -67.08 -1.72 -62.47
N ASN F 50 -66.48 -2.38 -63.46
CA ASN F 50 -65.36 -3.25 -63.20
C ASN F 50 -64.12 -2.47 -62.79
N LYS F 51 -63.93 -1.29 -63.37
CA LYS F 51 -62.79 -0.44 -63.04
C LYS F 51 -62.88 0.00 -61.58
N VAL F 52 -64.05 0.50 -61.19
CA VAL F 52 -64.28 0.90 -59.81
C VAL F 52 -64.07 -0.26 -58.85
N ASN F 53 -64.74 -1.37 -59.09
CA ASN F 53 -64.58 -2.56 -58.27
C ASN F 53 -63.13 -3.03 -58.18
N SER F 54 -62.43 -2.99 -59.31
CA SER F 54 -61.03 -3.43 -59.35
C SER F 54 -60.13 -2.52 -58.52
N VAL F 55 -60.32 -1.20 -58.68
CA VAL F 55 -59.57 -0.23 -57.90
C VAL F 55 -59.77 -0.42 -56.40
N ILE F 56 -61.00 -0.74 -56.01
CA ILE F 56 -61.32 -0.94 -54.61
C ILE F 56 -60.76 -2.26 -54.08
N GLU F 57 -60.68 -3.27 -54.95
CA GLU F 57 -60.14 -4.56 -54.55
C GLU F 57 -58.67 -4.48 -54.20
N LYS F 58 -57.94 -3.63 -54.94
CA LYS F 58 -56.51 -3.48 -54.72
C LYS F 58 -56.22 -2.64 -53.48
N MET F 59 -57.29 -2.16 -52.83
CA MET F 59 -57.16 -1.43 -51.57
C MET F 59 -57.78 -2.26 -50.45
N ASN F 60 -56.95 -3.06 -49.77
CA ASN F 60 -57.44 -3.92 -48.70
C ASN F 60 -57.70 -3.17 -47.40
N THR F 61 -58.86 -3.42 -46.81
CA THR F 61 -59.29 -2.71 -45.61
C THR F 61 -58.22 -2.71 -44.51
N GLN F 62 -58.14 -1.60 -43.80
CA GLN F 62 -57.17 -1.43 -42.72
C GLN F 62 -57.73 -1.98 -41.41
N PHE F 63 -57.17 -3.10 -40.97
CA PHE F 63 -57.61 -3.72 -39.73
C PHE F 63 -57.03 -2.99 -38.52
N THR F 64 -57.15 -3.60 -37.34
CA THR F 64 -56.72 -2.95 -36.09
C THR F 64 -55.29 -2.44 -36.17
N ALA F 65 -55.13 -1.12 -36.09
CA ALA F 65 -53.82 -0.50 -36.16
C ALA F 65 -53.70 0.61 -35.12
N VAL F 66 -53.06 0.31 -34.00
CA VAL F 66 -52.89 1.27 -32.93
C VAL F 66 -51.43 1.65 -32.72
N GLY F 67 -51.19 2.87 -32.24
CA GLY F 67 -49.84 3.34 -31.99
C GLY F 67 -49.23 2.68 -30.78
N LYS F 68 -47.93 2.91 -30.58
CA LYS F 68 -47.22 2.32 -29.45
C LYS F 68 -46.57 3.41 -28.59
N GLU F 69 -46.44 3.13 -27.30
CA GLU F 69 -45.77 4.07 -26.39
C GLU F 69 -44.31 3.69 -26.23
N PHE F 70 -43.46 4.70 -26.02
CA PHE F 70 -42.04 4.48 -25.77
C PHE F 70 -41.61 5.27 -24.55
N ASN F 71 -40.63 4.75 -23.82
CA ASN F 71 -40.06 5.52 -22.71
C ASN F 71 -39.00 6.49 -23.20
N ASN F 72 -38.54 7.37 -22.32
CA ASN F 72 -37.67 8.47 -22.73
C ASN F 72 -36.25 8.05 -23.15
N LEU F 73 -35.97 6.76 -23.09
CA LEU F 73 -34.67 6.24 -23.53
C LEU F 73 -34.80 5.40 -24.79
N GLU F 74 -35.93 5.53 -25.47
CA GLU F 74 -36.18 4.76 -26.68
C GLU F 74 -36.59 5.68 -27.82
N ARG F 75 -36.04 6.88 -27.82
CA ARG F 75 -36.37 7.86 -28.84
C ARG F 75 -36.01 7.37 -30.23
N ARG F 76 -34.91 6.61 -30.34
CA ARG F 76 -34.47 6.08 -31.62
C ARG F 76 -35.52 5.14 -32.21
N ILE F 77 -36.01 4.21 -31.39
CA ILE F 77 -37.06 3.29 -31.82
C ILE F 77 -38.34 4.04 -32.14
N GLU F 78 -38.63 5.07 -31.35
CA GLU F 78 -39.84 5.85 -31.54
C GLU F 78 -39.82 6.58 -32.88
N ASN F 79 -38.70 7.21 -33.21
CA ASN F 79 -38.55 7.87 -34.49
C ASN F 79 -38.60 6.89 -35.64
N LEU F 80 -38.05 5.70 -35.41
CA LEU F 80 -38.08 4.63 -36.41
C LEU F 80 -39.52 4.27 -36.70
N ASN F 81 -40.28 4.00 -35.64
CA ASN F 81 -41.69 3.69 -35.75
C ASN F 81 -42.44 4.78 -36.49
N LYS F 82 -42.17 6.03 -36.13
CA LYS F 82 -42.78 7.16 -36.80
C LYS F 82 -42.39 7.17 -38.26
N LYS F 83 -41.10 6.98 -38.55
CA LYS F 83 -40.61 6.99 -39.92
C LYS F 83 -41.29 5.93 -40.78
N VAL F 84 -41.65 4.81 -40.16
CA VAL F 84 -42.32 3.73 -40.86
C VAL F 84 -43.78 4.06 -41.17
N ASP F 85 -44.49 4.58 -40.18
CA ASP F 85 -45.89 4.95 -40.33
C ASP F 85 -46.06 6.10 -41.32
N ASP F 86 -45.13 7.05 -41.28
CA ASP F 86 -45.16 8.18 -42.20
C ASP F 86 -44.74 7.74 -43.60
N GLY F 87 -43.75 6.86 -43.67
CA GLY F 87 -43.31 6.33 -44.95
C GLY F 87 -44.47 5.68 -45.68
N PHE F 88 -45.16 4.78 -45.00
CA PHE F 88 -46.29 4.07 -45.59
C PHE F 88 -47.44 5.01 -45.90
N LEU F 89 -47.68 5.98 -45.02
CA LEU F 89 -48.74 6.95 -45.24
C LEU F 89 -48.47 7.75 -46.51
N ASP F 90 -47.24 8.21 -46.66
CA ASP F 90 -46.84 8.96 -47.84
C ASP F 90 -47.11 8.15 -49.11
N ILE F 91 -46.68 6.88 -49.09
CA ILE F 91 -46.79 6.03 -50.27
C ILE F 91 -48.23 5.72 -50.63
N TRP F 92 -49.06 5.42 -49.64
CA TRP F 92 -50.46 5.08 -49.89
C TRP F 92 -51.28 6.29 -50.30
N THR F 93 -50.91 7.47 -49.82
CA THR F 93 -51.58 8.69 -50.22
C THR F 93 -51.23 8.99 -51.67
N TYR F 94 -49.96 8.80 -52.00
CA TYR F 94 -49.48 9.02 -53.36
C TYR F 94 -50.17 8.07 -54.35
N ASN F 95 -50.16 6.79 -54.03
CA ASN F 95 -50.81 5.79 -54.88
C ASN F 95 -52.28 6.08 -55.13
N ALA F 96 -53.02 6.31 -54.05
CA ALA F 96 -54.45 6.56 -54.15
C ALA F 96 -54.76 7.74 -55.05
N GLU F 97 -54.16 8.90 -54.75
CA GLU F 97 -54.41 10.10 -55.52
C GLU F 97 -53.96 9.93 -56.97
N LEU F 98 -52.83 9.26 -57.14
CA LEU F 98 -52.23 9.10 -58.46
C LEU F 98 -53.06 8.18 -59.34
N LEU F 99 -53.50 7.06 -58.79
CA LEU F 99 -54.31 6.10 -59.53
C LEU F 99 -55.59 6.75 -60.02
N VAL F 100 -56.20 7.58 -59.18
CA VAL F 100 -57.47 8.23 -59.49
C VAL F 100 -57.30 9.27 -60.60
N LEU F 101 -56.22 10.03 -60.55
CA LEU F 101 -55.91 11.00 -61.60
C LEU F 101 -55.78 10.32 -62.95
N LEU F 102 -55.13 9.16 -62.96
CA LEU F 102 -54.84 8.46 -64.20
C LEU F 102 -56.06 7.74 -64.74
N GLU F 103 -56.77 7.01 -63.89
CA GLU F 103 -57.96 6.30 -64.34
C GLU F 103 -59.11 7.23 -64.67
N ASN F 104 -59.04 8.47 -64.19
CA ASN F 104 -60.01 9.49 -64.58
C ASN F 104 -59.75 9.97 -66.01
N GLU F 105 -58.48 10.16 -66.35
CA GLU F 105 -58.10 10.54 -67.69
C GLU F 105 -58.50 9.43 -68.67
N ARG F 106 -58.12 8.20 -68.35
CA ARG F 106 -58.45 7.05 -69.18
C ARG F 106 -59.96 6.85 -69.28
N THR F 107 -60.68 7.17 -68.20
CA THR F 107 -62.12 7.00 -68.20
C THR F 107 -62.81 7.96 -69.17
N LEU F 108 -62.47 9.25 -69.09
CA LEU F 108 -63.05 10.23 -69.98
C LEU F 108 -62.78 9.86 -71.44
N ASP F 109 -61.56 9.45 -71.73
CA ASP F 109 -61.18 9.03 -73.08
C ASP F 109 -61.90 7.74 -73.47
N PHE F 110 -62.24 6.93 -72.48
CA PHE F 110 -62.96 5.69 -72.74
C PHE F 110 -64.34 6.00 -73.29
N HIS F 111 -64.95 7.04 -72.76
CA HIS F 111 -66.24 7.51 -73.27
C HIS F 111 -66.06 8.14 -74.64
N ASP F 112 -65.05 8.97 -74.80
CA ASP F 112 -64.78 9.63 -76.07
C ASP F 112 -64.57 8.56 -77.15
N SER F 113 -64.00 7.44 -76.76
CA SER F 113 -63.76 6.34 -77.68
C SER F 113 -65.05 5.64 -78.08
N ASN F 114 -65.95 5.48 -77.12
CA ASN F 114 -67.21 4.80 -77.38
C ASN F 114 -68.13 5.61 -78.29
N VAL F 115 -68.10 6.94 -78.13
CA VAL F 115 -68.88 7.83 -78.98
C VAL F 115 -68.39 7.76 -80.43
N ARG F 116 -67.10 7.97 -80.63
CA ARG F 116 -66.51 7.89 -81.96
C ARG F 116 -66.85 6.55 -82.59
N ASN F 117 -66.53 5.46 -81.90
CA ASN F 117 -66.82 4.13 -82.42
C ASN F 117 -68.29 3.95 -82.79
N LEU F 118 -69.18 4.58 -82.03
CA LEU F 118 -70.61 4.50 -82.30
C LEU F 118 -70.93 5.30 -83.56
N TYR F 119 -70.41 6.52 -83.62
CA TYR F 119 -70.59 7.37 -84.80
C TYR F 119 -70.08 6.67 -86.06
N GLU F 120 -69.10 5.79 -85.90
CA GLU F 120 -68.50 5.12 -87.05
C GLU F 120 -69.23 3.83 -87.40
N LYS F 121 -69.84 3.20 -86.40
CA LYS F 121 -70.64 2.00 -86.66
C LYS F 121 -71.81 2.39 -87.54
N VAL F 122 -72.38 3.56 -87.24
CA VAL F 122 -73.48 4.11 -88.01
C VAL F 122 -73.01 4.52 -89.41
N LYS F 123 -71.99 5.37 -89.46
CA LYS F 123 -71.48 5.88 -90.72
C LYS F 123 -71.06 4.76 -91.68
N SER F 124 -70.65 3.62 -91.11
CA SER F 124 -70.20 2.51 -91.95
C SER F 124 -71.37 1.67 -92.44
N GLN F 125 -72.55 1.90 -91.87
CA GLN F 125 -73.77 1.23 -92.34
C GLN F 125 -74.40 2.04 -93.46
N LEU F 126 -74.55 3.34 -93.22
CA LEU F 126 -75.28 4.22 -94.13
C LEU F 126 -74.51 4.39 -95.45
N LYS F 127 -73.29 4.88 -95.36
CA LYS F 127 -72.50 5.16 -96.56
C LYS F 127 -73.26 6.17 -97.41
N ASN F 128 -73.44 5.83 -98.69
CA ASN F 128 -74.02 6.73 -99.68
C ASN F 128 -75.39 7.29 -99.30
N ASN F 129 -76.20 6.46 -98.64
CA ASN F 129 -77.59 6.79 -98.36
C ASN F 129 -77.78 8.06 -97.53
N ALA F 130 -76.69 8.60 -97.01
CA ALA F 130 -76.74 9.86 -96.25
C ALA F 130 -75.39 10.58 -96.32
N LYS F 131 -75.40 11.89 -96.07
CA LYS F 131 -74.17 12.66 -96.07
C LYS F 131 -73.88 13.26 -94.70
N GLU F 132 -72.59 13.35 -94.37
CA GLU F 132 -72.16 13.85 -93.07
C GLU F 132 -72.17 15.38 -93.03
N ILE F 133 -73.05 15.94 -92.22
CA ILE F 133 -73.06 17.37 -91.95
C ILE F 133 -71.90 17.71 -91.02
N GLY F 134 -72.17 17.56 -89.72
CA GLY F 134 -71.22 17.81 -88.66
C GLY F 134 -71.96 17.45 -87.39
N ASN F 135 -71.48 17.92 -86.24
CA ASN F 135 -72.16 17.65 -84.98
C ASN F 135 -72.62 16.20 -84.84
N GLY F 136 -71.95 15.30 -85.55
CA GLY F 136 -72.28 13.89 -85.52
C GLY F 136 -73.66 13.58 -86.10
N CYS F 137 -74.10 14.37 -87.07
CA CYS F 137 -75.40 14.16 -87.68
C CYS F 137 -75.30 13.66 -89.11
N PHE F 138 -76.31 12.90 -89.53
CA PHE F 138 -76.37 12.39 -90.90
C PHE F 138 -77.65 12.86 -91.58
N GLU F 139 -77.50 13.43 -92.77
CA GLU F 139 -78.65 13.83 -93.57
C GLU F 139 -79.00 12.73 -94.58
N PHE F 140 -80.12 12.06 -94.35
CA PHE F 140 -80.56 10.96 -95.21
C PHE F 140 -80.95 11.44 -96.61
N TYR F 141 -81.07 10.49 -97.53
CA TYR F 141 -81.49 10.77 -98.90
C TYR F 141 -82.79 10.05 -99.23
N HIS F 142 -82.92 8.83 -98.72
CA HIS F 142 -83.99 7.92 -99.11
C HIS F 142 -85.23 7.98 -98.22
N LYS F 143 -85.32 9.00 -97.38
CA LYS F 143 -86.47 9.17 -96.50
C LYS F 143 -86.65 7.95 -95.60
N CYS F 144 -86.14 8.05 -94.37
CA CYS F 144 -86.13 6.92 -93.45
C CYS F 144 -87.22 7.04 -92.39
N ASP F 145 -88.06 6.02 -92.27
CA ASP F 145 -89.14 6.02 -91.29
C ASP F 145 -88.70 5.40 -89.96
N ASP F 146 -89.55 5.52 -88.95
CA ASP F 146 -89.25 5.00 -87.62
C ASP F 146 -88.75 3.55 -87.64
N ALA F 147 -89.31 2.74 -88.53
CA ALA F 147 -88.89 1.35 -88.64
C ALA F 147 -87.50 1.26 -89.26
N CYS F 148 -87.19 2.21 -90.12
CA CYS F 148 -85.87 2.28 -90.74
C CYS F 148 -84.86 2.87 -89.77
N MET F 149 -85.30 3.87 -89.01
CA MET F 149 -84.47 4.46 -87.96
C MET F 149 -84.02 3.39 -86.99
N GLU F 150 -84.96 2.55 -86.57
CA GLU F 150 -84.65 1.46 -85.63
C GLU F 150 -83.58 0.54 -86.18
N SER F 151 -83.69 0.18 -87.45
CA SER F 151 -82.75 -0.74 -88.06
C SER F 151 -81.32 -0.21 -88.00
N VAL F 152 -81.18 1.11 -87.94
CA VAL F 152 -79.87 1.74 -87.84
C VAL F 152 -79.30 1.55 -86.43
N ARG F 153 -80.07 1.93 -85.42
CA ARG F 153 -79.67 1.74 -84.03
C ARG F 153 -79.57 0.25 -83.73
N ASN F 154 -80.21 -0.55 -84.59
CA ASN F 154 -80.28 -1.99 -84.43
C ASN F 154 -79.01 -2.65 -84.95
N GLY F 155 -78.30 -1.96 -85.84
CA GLY F 155 -77.14 -2.52 -86.50
C GLY F 155 -77.54 -3.43 -87.65
N THR F 156 -78.72 -3.18 -88.21
CA THR F 156 -79.28 -3.99 -89.28
C THR F 156 -79.98 -3.08 -90.30
N TYR F 157 -79.20 -2.31 -91.03
CA TYR F 157 -79.73 -1.22 -91.84
C TYR F 157 -80.12 -1.61 -93.27
N ASP F 158 -79.49 -2.65 -93.80
CA ASP F 158 -79.81 -3.14 -95.15
C ASP F 158 -79.61 -2.05 -96.20
N TYR F 159 -78.34 -1.67 -96.41
CA TYR F 159 -77.99 -0.64 -97.39
C TYR F 159 -78.50 -0.95 -98.80
N PRO F 160 -78.32 -2.20 -99.28
CA PRO F 160 -78.83 -2.58 -100.60
C PRO F 160 -80.36 -2.57 -100.60
N LYS F 161 -80.92 -1.40 -100.85
CA LYS F 161 -82.37 -1.22 -100.78
C LYS F 161 -82.60 0.27 -100.94
N TYR F 162 -81.53 1.00 -101.19
CA TYR F 162 -81.61 2.43 -101.39
C TYR F 162 -80.72 2.91 -102.51
N SER F 163 -81.29 3.82 -103.30
CA SER F 163 -80.71 4.30 -104.54
C SER F 163 -81.69 5.38 -104.96
N GLU F 164 -82.68 5.57 -104.10
CA GLU F 164 -83.65 6.65 -104.23
C GLU F 164 -82.92 7.99 -104.16
N GLU F 165 -81.62 7.92 -103.92
CA GLU F 165 -80.76 9.09 -103.96
C GLU F 165 -81.06 10.00 -105.15
N ASP G 1 11.21 28.25 -3.96
CA ASP G 1 10.71 27.62 -2.74
C ASP G 1 11.61 26.46 -2.30
N THR G 2 12.04 26.51 -1.04
CA THR G 2 13.00 25.53 -0.53
C THR G 2 12.96 25.37 0.99
N ILE G 3 13.30 24.19 1.47
CA ILE G 3 13.41 23.92 2.90
C ILE G 3 14.76 23.27 3.25
N CYS G 4 15.43 23.81 4.26
CA CYS G 4 16.74 23.32 4.68
C CYS G 4 16.70 22.67 6.06
N ILE G 5 17.58 21.69 6.26
CA ILE G 5 17.68 21.01 7.55
C ILE G 5 19.05 21.28 8.17
N GLY G 6 19.05 21.71 9.43
CA GLY G 6 20.29 22.09 10.08
C GLY G 6 20.30 21.94 11.59
N TYR G 7 21.32 22.54 12.22
CA TYR G 7 21.50 22.41 13.66
C TYR G 7 21.93 23.71 14.33
N HIS G 8 21.65 23.77 15.63
CA HIS G 8 21.92 24.96 16.45
C HIS G 8 23.40 25.36 16.46
N ALA G 9 23.63 26.64 16.66
CA ALA G 9 24.97 27.17 16.87
C ALA G 9 24.84 28.43 17.72
N ASN G 10 25.91 28.81 18.39
CA ASN G 10 25.88 30.00 19.23
C ASN G 10 27.25 30.59 19.56
N ASN G 11 27.29 31.54 20.48
CA ASN G 11 28.51 32.25 20.83
C ASN G 11 29.32 31.56 21.92
N SER G 12 28.94 30.33 22.24
CA SER G 12 29.62 29.54 23.26
C SER G 12 31.04 29.19 22.82
N THR G 13 31.98 29.28 23.76
CA THR G 13 33.38 28.96 23.47
C THR G 13 33.86 27.80 24.32
N ASP G 14 32.95 27.19 25.06
CA ASP G 14 33.28 26.02 25.87
C ASP G 14 33.79 24.88 24.99
N THR G 15 34.88 24.26 25.42
CA THR G 15 35.45 23.15 24.66
C THR G 15 35.44 21.85 25.47
N VAL G 16 35.44 20.72 24.77
CA VAL G 16 35.50 19.42 25.40
C VAL G 16 36.50 18.54 24.67
N ASP G 17 36.84 17.40 25.26
CA ASP G 17 37.80 16.48 24.64
C ASP G 17 37.15 15.15 24.29
N THR G 18 37.58 14.59 23.17
CA THR G 18 37.17 13.25 22.77
C THR G 18 38.41 12.42 22.53
N VAL G 19 38.23 11.12 22.36
CA VAL G 19 39.36 10.24 22.11
C VAL G 19 39.95 10.50 20.73
N LEU G 20 39.13 10.98 19.82
CA LEU G 20 39.56 11.24 18.44
C LEU G 20 40.12 12.65 18.24
N GLU G 21 39.60 13.61 19.00
CA GLU G 21 40.00 15.00 18.85
C GLU G 21 39.97 15.76 20.17
N LYS G 22 40.94 16.64 20.37
CA LYS G 22 40.98 17.49 21.54
C LYS G 22 40.55 18.92 21.21
N ASN G 23 40.01 19.62 22.20
CA ASN G 23 39.55 21.00 22.02
C ASN G 23 38.42 21.10 20.97
N VAL G 24 37.25 20.61 21.34
CA VAL G 24 36.09 20.69 20.46
C VAL G 24 35.06 21.63 21.07
N THR G 25 34.81 22.74 20.38
CA THR G 25 33.85 23.74 20.86
C THR G 25 32.43 23.22 20.70
N VAL G 26 31.67 23.21 21.78
CA VAL G 26 30.30 22.71 21.74
C VAL G 26 29.30 23.77 22.20
N THR G 27 28.03 23.56 21.86
CA THR G 27 26.99 24.54 22.14
C THR G 27 26.56 24.54 23.61
N HIS G 28 26.72 23.41 24.27
CA HIS G 28 26.33 23.29 25.67
C HIS G 28 27.18 22.24 26.38
N SER G 29 27.35 22.40 27.69
CA SER G 29 28.22 21.51 28.44
C SER G 29 28.00 21.60 29.94
N VAL G 30 28.33 20.51 30.64
CA VAL G 30 28.30 20.50 32.10
C VAL G 30 29.70 20.35 32.66
N ASN G 31 30.02 21.13 33.69
CA ASN G 31 31.29 20.99 34.38
C ASN G 31 31.15 20.07 35.58
N LEU G 32 31.73 18.88 35.48
CA LEU G 32 31.57 17.86 36.53
C LEU G 32 32.61 17.99 37.64
N LEU G 33 33.50 18.97 37.52
CA LEU G 33 34.62 19.08 38.45
C LEU G 33 34.62 20.37 39.27
N GLU G 34 34.34 20.24 40.55
CA GLU G 34 34.34 21.39 41.45
C GLU G 34 35.76 21.75 41.87
N ASP G 35 36.11 23.03 41.79
CA ASP G 35 37.46 23.49 42.10
C ASP G 35 37.46 24.78 42.92
N SER G 36 36.29 25.15 43.43
CA SER G 36 36.15 26.37 44.22
C SER G 36 35.73 26.04 45.66
N HIS G 37 36.50 26.53 46.62
CA HIS G 37 36.22 26.29 48.02
C HIS G 37 36.04 27.57 48.83
N ASN G 38 35.57 27.42 50.06
CA ASN G 38 35.24 28.54 50.93
C ASN G 38 36.49 29.28 51.42
N GLY G 39 37.56 28.54 51.66
CA GLY G 39 38.77 29.09 52.23
C GLY G 39 38.66 29.23 53.73
N LYS G 40 37.49 28.90 54.26
CA LYS G 40 37.22 29.01 55.69
C LYS G 40 36.92 27.64 56.30
N LEU G 41 36.90 27.60 57.64
CA LEU G 41 36.48 26.41 58.38
C LEU G 41 35.15 26.68 59.07
N CYS G 42 34.12 25.95 58.66
CA CYS G 42 32.75 26.28 59.07
C CYS G 42 32.13 25.24 60.02
N LYS G 43 31.05 25.64 60.68
CA LYS G 43 30.29 24.76 61.54
C LYS G 43 29.77 23.56 60.75
N LEU G 44 29.29 22.56 61.47
CA LEU G 44 28.70 21.38 60.85
C LEU G 44 27.48 20.94 61.66
N LYS G 45 26.31 21.02 61.04
CA LYS G 45 25.06 20.69 61.72
C LYS G 45 24.86 21.61 62.93
N GLY G 46 25.35 22.85 62.80
CA GLY G 46 25.20 23.85 63.84
C GLY G 46 26.39 23.97 64.77
N ILE G 47 27.10 22.86 64.98
CA ILE G 47 28.22 22.83 65.92
C ILE G 47 29.53 23.27 65.30
N ALA G 48 30.24 24.16 65.98
CA ALA G 48 31.54 24.62 65.52
C ALA G 48 32.62 23.58 65.84
N PRO G 49 33.76 23.65 65.13
CA PRO G 49 34.86 22.71 65.36
C PRO G 49 35.71 23.11 66.56
N LEU G 50 36.33 22.12 67.21
CA LEU G 50 37.26 22.39 68.28
C LEU G 50 38.62 22.73 67.70
N GLN G 51 39.06 23.97 67.93
CA GLN G 51 40.39 24.38 67.49
C GLN G 51 41.41 24.10 68.59
N LEU G 52 42.42 23.29 68.28
CA LEU G 52 43.45 22.97 69.25
C LEU G 52 44.55 24.04 69.27
N GLY G 53 44.47 24.99 68.35
CA GLY G 53 45.45 26.07 68.29
C GLY G 53 46.87 25.54 68.25
N LYS G 54 47.68 25.96 69.21
CA LYS G 54 49.08 25.54 69.26
C LYS G 54 49.27 24.28 70.11
N CYS G 55 48.17 23.59 70.37
CA CYS G 55 48.21 22.32 71.10
C CYS G 55 47.82 21.18 70.17
N ASN G 56 48.26 19.97 70.50
CA ASN G 56 47.83 18.80 69.78
C ASN G 56 46.99 17.87 70.67
N ILE G 57 46.50 16.79 70.10
CA ILE G 57 45.65 15.86 70.83
C ILE G 57 46.27 15.42 72.18
N ALA G 58 47.58 15.22 72.19
CA ALA G 58 48.25 14.77 73.40
C ALA G 58 48.17 15.81 74.51
N GLY G 59 48.51 17.05 74.18
CA GLY G 59 48.52 18.12 75.17
C GLY G 59 47.14 18.50 75.66
N TRP G 60 46.15 18.31 74.80
CA TRP G 60 44.77 18.64 75.15
C TRP G 60 44.22 17.65 76.18
N LEU G 61 44.47 16.36 75.95
CA LEU G 61 43.94 15.33 76.84
C LEU G 61 44.73 15.23 78.14
N LEU G 62 46.05 15.40 78.06
CA LEU G 62 46.89 15.36 79.25
C LEU G 62 46.72 16.60 80.10
N GLY G 63 46.57 17.75 79.44
CA GLY G 63 46.38 19.01 80.14
C GLY G 63 47.64 19.86 80.20
N ASN G 64 48.41 19.86 79.12
CA ASN G 64 49.55 20.74 79.00
C ASN G 64 49.13 22.16 79.38
N PRO G 65 49.86 22.79 80.30
CA PRO G 65 49.52 24.12 80.84
C PRO G 65 49.33 25.19 79.77
N GLU G 66 49.77 24.92 78.55
CA GLU G 66 49.58 25.86 77.45
C GLU G 66 48.21 25.65 76.81
N CYS G 67 47.58 24.53 77.16
CA CYS G 67 46.30 24.15 76.57
C CYS G 67 45.13 24.37 77.52
N ASP G 68 45.21 25.44 78.32
CA ASP G 68 44.17 25.73 79.29
C ASP G 68 42.94 26.35 78.63
N LEU G 69 43.12 26.93 77.45
CA LEU G 69 42.01 27.49 76.69
C LEU G 69 40.98 26.40 76.38
N LEU G 70 41.43 25.15 76.37
CA LEU G 70 40.61 24.02 75.94
C LEU G 70 39.92 23.29 77.09
N LEU G 71 40.14 23.77 78.31
CA LEU G 71 39.53 23.15 79.49
C LEU G 71 38.01 23.24 79.44
N THR G 72 37.51 24.19 78.66
CA THR G 72 36.08 24.46 78.59
C THR G 72 35.38 23.61 77.53
N ALA G 73 36.11 23.25 76.48
CA ALA G 73 35.57 22.45 75.37
C ALA G 73 34.79 21.24 75.85
N SER G 74 33.66 20.96 75.19
CA SER G 74 32.81 19.85 75.58
C SER G 74 32.23 19.10 74.37
N SER G 75 31.90 19.83 73.32
CA SER G 75 31.29 19.21 72.14
C SER G 75 31.81 19.83 70.85
N TRP G 76 31.93 19.01 69.81
CA TRP G 76 32.52 19.48 68.55
C TRP G 76 32.02 18.70 67.33
N SER G 77 32.26 19.27 66.15
CA SER G 77 31.89 18.65 64.89
C SER G 77 33.07 17.86 64.33
N TYR G 78 34.26 18.41 64.49
CA TYR G 78 35.51 17.74 64.10
C TYR G 78 36.68 18.46 64.76
N ILE G 79 37.86 17.83 64.74
CA ILE G 79 39.02 18.39 65.42
C ILE G 79 40.04 18.98 64.46
N VAL G 80 40.53 20.17 64.79
CA VAL G 80 41.45 20.90 63.92
C VAL G 80 42.81 21.15 64.57
N GLU G 81 43.86 20.67 63.94
CA GLU G 81 45.22 20.98 64.36
C GLU G 81 45.86 21.93 63.36
N THR G 82 46.86 22.69 63.80
CA THR G 82 47.54 23.64 62.93
C THR G 82 49.02 23.30 62.81
N SER G 83 49.75 24.16 62.12
CA SER G 83 51.19 23.97 61.92
C SER G 83 51.95 24.30 63.20
N ASN G 84 51.26 25.00 64.11
CA ASN G 84 51.85 25.41 65.38
C ASN G 84 51.40 24.53 66.54
N SER G 85 50.59 23.51 66.22
CA SER G 85 50.13 22.55 67.22
C SER G 85 51.25 21.61 67.63
N GLU G 86 52.10 22.07 68.54
CA GLU G 86 53.19 21.24 69.03
C GLU G 86 53.21 21.10 70.55
N ASN G 87 52.42 21.92 71.24
CA ASN G 87 52.31 21.80 72.69
C ASN G 87 51.49 20.56 73.07
N GLY G 88 52.20 19.50 73.44
CA GLY G 88 51.58 18.25 73.83
C GLY G 88 52.32 17.60 74.98
N THR G 89 53.23 16.70 74.66
CA THR G 89 54.05 16.03 75.66
C THR G 89 55.20 16.94 76.10
N CYS G 90 55.02 17.57 77.26
CA CYS G 90 56.01 18.51 77.78
C CYS G 90 57.08 17.83 78.64
N TYR G 91 56.70 16.77 79.35
CA TYR G 91 57.70 15.93 79.99
C TYR G 91 58.09 14.79 79.06
N PRO G 92 59.38 14.74 78.69
CA PRO G 92 59.92 13.81 77.68
C PRO G 92 59.46 12.38 77.90
N GLY G 93 58.99 11.72 76.84
CA GLY G 93 58.58 10.34 76.94
C GLY G 93 57.73 9.87 75.77
N ASP G 94 57.27 8.63 75.85
CA ASP G 94 56.42 8.06 74.80
C ASP G 94 54.95 8.04 75.22
N PHE G 95 54.09 8.47 74.30
CA PHE G 95 52.65 8.35 74.50
C PHE G 95 52.23 7.05 73.82
N ILE G 96 52.23 5.97 74.58
CA ILE G 96 51.96 4.65 74.00
C ILE G 96 50.59 4.58 73.34
N ASP G 97 50.56 4.06 72.11
CA ASP G 97 49.32 3.91 71.35
C ASP G 97 48.64 5.24 71.09
N TYR G 98 49.45 6.27 70.86
CA TYR G 98 48.94 7.62 70.61
C TYR G 98 48.07 7.65 69.38
N GLU G 99 48.63 7.22 68.26
CA GLU G 99 47.92 7.22 66.98
C GLU G 99 46.56 6.56 67.14
N GLU G 100 46.53 5.38 67.77
CA GLU G 100 45.27 4.70 68.05
C GLU G 100 44.29 5.64 68.72
N LEU G 101 44.71 6.24 69.83
CA LEU G 101 43.87 7.17 70.56
C LEU G 101 43.28 8.23 69.62
N ARG G 102 44.15 8.92 68.89
CA ARG G 102 43.71 9.93 67.94
C ARG G 102 42.60 9.40 67.04
N GLU G 103 42.73 8.13 66.63
CA GLU G 103 41.72 7.49 65.79
C GLU G 103 40.40 7.35 66.55
N GLN G 104 40.48 6.95 67.82
CA GLN G 104 39.31 6.80 68.66
C GLN G 104 38.54 8.11 68.82
N LEU G 105 39.28 9.21 68.90
CA LEU G 105 38.68 10.53 69.11
C LEU G 105 37.97 11.06 67.87
N SER G 106 38.17 10.39 66.74
CA SER G 106 37.53 10.79 65.49
C SER G 106 36.05 10.41 65.49
N SER G 107 35.73 9.30 66.14
CA SER G 107 34.34 8.84 66.24
C SER G 107 33.68 9.35 67.53
N VAL G 108 34.24 10.41 68.09
CA VAL G 108 33.66 11.06 69.27
C VAL G 108 33.17 12.44 68.90
N SER G 109 32.07 12.86 69.50
CA SER G 109 31.45 14.13 69.16
C SER G 109 31.35 15.09 70.36
N SER G 110 31.49 14.53 71.55
CA SER G 110 31.41 15.31 72.79
C SER G 110 31.82 14.46 73.98
N PHE G 111 32.10 15.10 75.10
CA PHE G 111 32.39 14.38 76.34
C PHE G 111 32.18 15.20 77.60
N GLU G 112 32.06 14.51 78.73
CA GLU G 112 32.00 15.17 80.03
C GLU G 112 33.32 14.94 80.75
N LYS G 113 34.07 16.01 80.98
CA LYS G 113 35.30 15.92 81.74
C LYS G 113 34.98 15.99 83.24
N PHE G 114 35.45 15.00 83.99
CA PHE G 114 35.15 14.94 85.41
C PHE G 114 36.37 14.54 86.24
N GLU G 115 36.39 14.97 87.49
CA GLU G 115 37.48 14.68 88.41
C GLU G 115 37.33 13.25 88.92
N ILE G 116 38.22 12.36 88.48
CA ILE G 116 38.13 10.95 88.84
C ILE G 116 38.78 10.65 90.19
N PHE G 117 39.95 11.26 90.43
CA PHE G 117 40.66 11.07 91.68
C PHE G 117 41.10 12.43 92.25
N PRO G 118 40.16 13.16 92.85
CA PRO G 118 40.44 14.49 93.40
C PRO G 118 41.74 14.55 94.19
N LYS G 119 42.56 15.57 93.91
CA LYS G 119 43.91 15.66 94.45
C LYS G 119 43.96 15.81 95.98
N THR G 120 43.08 16.65 96.51
CA THR G 120 43.13 17.01 97.93
C THR G 120 42.64 15.91 98.87
N SER G 121 41.96 14.90 98.33
CA SER G 121 41.32 13.88 99.17
C SER G 121 41.77 12.45 98.86
N SER G 122 42.43 12.24 97.73
CA SER G 122 42.68 10.90 97.25
C SER G 122 43.99 10.26 97.71
N TRP G 123 44.97 11.07 98.10
CA TRP G 123 46.31 10.54 98.40
C TRP G 123 46.88 11.05 99.72
N PRO G 124 46.24 10.69 100.85
CA PRO G 124 46.66 11.15 102.18
C PRO G 124 48.02 10.60 102.60
N ASN G 125 48.42 9.45 102.07
CA ASN G 125 49.68 8.82 102.47
C ASN G 125 50.84 9.11 101.52
N HIS G 126 50.65 10.08 100.63
CA HIS G 126 51.63 10.42 99.61
C HIS G 126 51.64 11.93 99.36
N GLU G 127 52.79 12.46 98.95
CA GLU G 127 52.92 13.89 98.70
C GLU G 127 52.21 14.34 97.40
N THR G 128 51.19 15.17 97.56
CA THR G 128 50.37 15.60 96.43
C THR G 128 50.99 16.75 95.64
N THR G 129 51.81 17.56 96.29
CA THR G 129 52.54 18.60 95.59
C THR G 129 53.96 18.12 95.33
N LYS G 130 54.88 19.06 95.14
CA LYS G 130 56.27 18.73 94.80
C LYS G 130 56.33 18.05 93.45
N GLY G 131 55.17 17.77 92.87
CA GLY G 131 55.08 17.08 91.60
C GLY G 131 54.93 18.03 90.42
N VAL G 132 55.88 18.95 90.29
CA VAL G 132 55.90 19.90 89.18
C VAL G 132 57.29 19.88 88.55
N THR G 133 57.44 20.53 87.39
CA THR G 133 58.72 20.50 86.68
C THR G 133 58.87 21.65 85.68
N ALA G 134 60.10 22.13 85.53
CA ALA G 134 60.40 23.21 84.60
C ALA G 134 60.04 22.82 83.17
N ALA G 135 60.17 21.53 82.86
CA ALA G 135 59.78 21.05 81.53
C ALA G 135 58.35 21.46 81.20
N CYS G 136 57.46 21.36 82.17
CA CYS G 136 56.05 21.71 81.99
C CYS G 136 55.71 23.01 82.72
N SER G 137 56.37 24.10 82.39
CA SER G 137 56.18 25.36 83.10
C SER G 137 55.16 26.28 82.44
N TYR G 138 54.41 27.00 83.26
CA TYR G 138 53.48 28.02 82.80
C TYR G 138 53.69 29.32 83.58
N ALA G 139 53.69 30.43 82.87
CA ALA G 139 53.90 31.75 83.48
C ALA G 139 55.28 31.85 84.12
N GLY G 140 56.26 31.18 83.53
CA GLY G 140 57.62 31.20 84.02
C GLY G 140 57.81 30.46 85.33
N ALA G 141 56.79 29.70 85.72
CA ALA G 141 56.82 28.95 86.98
C ALA G 141 56.59 27.46 86.75
N SER G 142 57.46 26.63 87.32
CA SER G 142 57.35 25.18 87.18
C SER G 142 55.93 24.72 87.48
N SER G 143 55.35 23.96 86.55
CA SER G 143 54.00 23.48 86.69
C SER G 143 53.92 21.99 86.34
N PHE G 144 52.75 21.56 85.87
CA PHE G 144 52.56 20.17 85.45
C PHE G 144 51.19 20.00 84.80
N TYR G 145 50.93 18.79 84.31
CA TYR G 145 49.66 18.47 83.65
C TYR G 145 48.44 18.75 84.52
N ARG G 146 47.37 19.25 83.89
CA ARG G 146 46.16 19.61 84.61
C ARG G 146 45.35 18.38 85.00
N ASN G 147 45.47 17.32 84.21
CA ASN G 147 44.61 16.15 84.38
C ASN G 147 45.31 14.96 85.01
N LEU G 148 46.63 15.04 85.14
CA LEU G 148 47.40 14.02 85.84
C LEU G 148 47.94 14.55 87.16
N LEU G 149 48.39 13.63 88.03
CA LEU G 149 48.90 14.00 89.34
C LEU G 149 50.19 13.26 89.65
N TRP G 150 51.29 14.01 89.72
CA TRP G 150 52.60 13.42 90.00
C TRP G 150 52.82 13.22 91.50
N LEU G 151 52.65 11.99 91.98
CA LEU G 151 52.78 11.69 93.39
C LEU G 151 54.21 11.29 93.75
N THR G 152 54.73 11.87 94.83
CA THR G 152 56.05 11.51 95.32
C THR G 152 55.99 11.09 96.80
N LYS G 153 57.01 10.37 97.24
CA LYS G 153 57.07 9.88 98.61
C LYS G 153 56.81 11.01 99.60
N LYS G 154 56.01 10.71 100.62
CA LYS G 154 55.67 11.71 101.63
C LYS G 154 56.61 11.59 102.84
N GLY G 155 57.61 12.46 102.87
CA GLY G 155 58.59 12.45 103.94
C GLY G 155 59.37 11.14 104.03
N SER G 156 60.04 10.78 102.94
CA SER G 156 60.88 9.58 102.89
C SER G 156 60.10 8.27 102.98
N SER G 157 58.77 8.35 102.87
CA SER G 157 57.94 7.16 102.94
C SER G 157 56.95 7.06 101.78
N TYR G 158 57.10 6.01 100.98
CA TYR G 158 56.18 5.74 99.88
C TYR G 158 55.51 4.39 100.09
N PRO G 159 54.34 4.41 100.75
CA PRO G 159 53.54 3.21 101.05
C PRO G 159 52.84 2.67 99.80
N LYS G 160 52.89 1.35 99.59
CA LYS G 160 52.19 0.72 98.50
C LYS G 160 50.75 1.23 98.41
N LEU G 161 50.40 1.85 97.29
CA LEU G 161 49.08 2.45 97.13
C LEU G 161 48.13 1.61 96.27
N SER G 162 46.83 1.71 96.56
CA SER G 162 45.81 0.98 95.82
C SER G 162 44.52 1.80 95.74
N LYS G 163 44.21 2.30 94.54
CA LYS G 163 43.02 3.12 94.34
C LYS G 163 42.17 2.57 93.20
N SER G 164 40.86 2.72 93.30
CA SER G 164 39.96 2.19 92.27
C SER G 164 38.86 3.18 91.89
N TYR G 165 38.44 3.11 90.64
CA TYR G 165 37.29 3.87 90.17
C TYR G 165 36.27 2.95 89.51
N VAL G 166 34.99 3.17 89.79
CA VAL G 166 33.94 2.41 89.14
C VAL G 166 33.18 3.30 88.16
N ASN G 167 33.06 2.83 86.92
CA ASN G 167 32.43 3.62 85.87
C ASN G 167 30.91 3.67 85.99
N ASN G 168 30.42 4.58 86.82
CA ASN G 168 28.98 4.75 86.99
C ASN G 168 28.36 5.59 85.88
N LYS G 169 29.20 6.24 85.09
CA LYS G 169 28.73 6.99 83.94
C LYS G 169 28.11 6.01 82.93
N GLY G 170 27.21 6.51 82.10
CA GLY G 170 26.51 5.66 81.17
C GLY G 170 27.22 5.53 79.84
N LYS G 171 28.48 5.98 79.80
CA LYS G 171 29.25 5.98 78.57
C LYS G 171 30.62 5.36 78.82
N GLU G 172 31.38 5.19 77.74
CA GLU G 172 32.78 4.82 77.86
C GLU G 172 33.50 5.93 78.61
N VAL G 173 34.54 5.57 79.35
CA VAL G 173 35.33 6.57 80.06
C VAL G 173 36.81 6.44 79.71
N LEU G 174 37.37 7.51 79.17
CA LEU G 174 38.79 7.54 78.86
C LEU G 174 39.58 7.90 80.10
N VAL G 175 40.42 6.97 80.54
CA VAL G 175 41.29 7.20 81.69
C VAL G 175 42.74 7.26 81.23
N LEU G 176 43.41 8.36 81.53
CA LEU G 176 44.81 8.51 81.19
C LEU G 176 45.69 8.56 82.43
N TRP G 177 46.83 7.87 82.38
CA TRP G 177 47.81 7.95 83.45
C TRP G 177 49.22 7.96 82.88
N GLY G 178 50.21 7.90 83.77
CA GLY G 178 51.59 7.95 83.35
C GLY G 178 52.51 7.11 84.21
N VAL G 179 53.75 6.94 83.74
CA VAL G 179 54.76 6.20 84.47
C VAL G 179 56.11 6.89 84.34
N HIS G 180 56.68 7.30 85.46
CA HIS G 180 57.95 8.03 85.45
C HIS G 180 59.15 7.07 85.42
N HIS G 181 60.19 7.45 84.68
CA HIS G 181 61.40 6.64 84.56
C HIS G 181 62.64 7.47 84.86
N PRO G 182 63.04 7.52 86.15
CA PRO G 182 64.22 8.29 86.56
C PRO G 182 65.46 7.92 85.75
N PRO G 183 66.46 8.82 85.71
CA PRO G 183 67.70 8.60 84.95
C PRO G 183 68.63 7.61 85.64
N THR G 184 68.75 7.75 86.97
CA THR G 184 69.65 6.92 87.74
C THR G 184 68.92 6.29 88.92
N GLY G 185 69.65 5.48 89.69
CA GLY G 185 69.11 4.87 90.90
C GLY G 185 69.04 5.85 92.06
N THR G 186 69.92 6.83 92.08
CA THR G 186 69.81 7.88 93.08
C THR G 186 68.49 8.63 92.96
N ASP G 187 68.20 9.07 91.74
CA ASP G 187 66.96 9.77 91.44
C ASP G 187 65.73 8.95 91.82
N GLN G 188 65.75 7.67 91.43
CA GLN G 188 64.65 6.75 91.72
C GLN G 188 64.22 6.85 93.19
N GLN G 189 65.17 6.65 94.08
CA GLN G 189 64.88 6.61 95.51
C GLN G 189 64.56 7.99 96.09
N SER G 190 65.18 9.03 95.53
CA SER G 190 64.92 10.39 95.97
C SER G 190 63.44 10.72 95.87
N LEU G 191 62.76 10.05 94.94
CA LEU G 191 61.36 10.35 94.63
C LEU G 191 60.40 9.32 95.20
N TYR G 192 60.70 8.07 94.97
CA TYR G 192 59.72 7.06 95.25
C TYR G 192 60.06 6.33 96.48
N GLN G 193 61.35 6.23 96.74
CA GLN G 193 61.80 5.37 97.78
C GLN G 193 62.00 3.91 97.87
N ASN G 194 61.29 3.15 97.11
CA ASN G 194 61.69 1.80 96.79
C ASN G 194 62.50 1.69 95.50
N ALA G 195 63.47 0.79 95.49
CA ALA G 195 64.34 0.62 94.33
C ALA G 195 63.66 -0.20 93.23
N ASP G 196 62.84 -1.17 93.63
CA ASP G 196 62.15 -2.03 92.67
C ASP G 196 60.63 -1.83 92.71
N ALA G 197 60.20 -0.58 92.54
CA ALA G 197 58.78 -0.26 92.55
C ALA G 197 58.10 -0.67 91.25
N TYR G 198 56.77 -0.67 91.25
CA TYR G 198 56.00 -1.09 90.09
C TYR G 198 54.64 -0.39 90.04
N VAL G 199 54.08 -0.28 88.84
CA VAL G 199 52.74 0.24 88.66
C VAL G 199 51.89 -0.81 87.97
N SER G 200 50.79 -1.20 88.61
CA SER G 200 49.90 -2.21 88.05
C SER G 200 48.50 -1.66 87.88
N VAL G 201 47.98 -1.73 86.66
CA VAL G 201 46.66 -1.19 86.33
C VAL G 201 45.76 -2.26 85.75
N GLY G 202 44.64 -2.51 86.41
CA GLY G 202 43.73 -3.58 85.99
C GLY G 202 42.27 -3.22 85.97
N SER G 203 41.61 -3.57 84.86
CA SER G 203 40.15 -3.50 84.78
C SER G 203 39.65 -4.87 84.34
N SER G 204 38.40 -4.95 83.89
CA SER G 204 37.83 -6.23 83.48
C SER G 204 38.44 -6.77 82.19
N LYS G 205 39.04 -5.89 81.40
CA LYS G 205 39.66 -6.29 80.14
C LYS G 205 41.11 -5.87 80.08
N TYR G 206 41.45 -4.79 80.79
CA TYR G 206 42.80 -4.25 80.79
C TYR G 206 43.62 -4.82 81.94
N ASN G 207 44.85 -5.22 81.64
CA ASN G 207 45.78 -5.69 82.64
C ASN G 207 47.22 -5.55 82.16
N ARG G 208 48.02 -4.83 82.91
CA ARG G 208 49.37 -4.53 82.47
C ARG G 208 50.26 -4.08 83.63
N ARG G 209 51.53 -4.47 83.55
CA ARG G 209 52.50 -4.16 84.60
C ARG G 209 53.53 -3.17 84.09
N PHE G 210 53.88 -2.20 84.93
CA PHE G 210 54.83 -1.16 84.56
C PHE G 210 56.04 -1.14 85.48
N THR G 211 57.23 -1.32 84.89
CA THR G 211 58.47 -1.36 85.64
C THR G 211 59.38 -0.21 85.26
N PRO G 212 59.84 0.57 86.26
CA PRO G 212 60.76 1.68 86.02
C PRO G 212 61.98 1.20 85.24
N GLU G 213 62.08 1.60 83.98
CA GLU G 213 63.21 1.21 83.15
C GLU G 213 64.29 2.29 83.23
N ILE G 214 65.16 2.18 84.24
CA ILE G 214 66.18 3.18 84.50
C ILE G 214 67.40 3.05 83.59
N ALA G 215 67.83 4.17 83.01
CA ALA G 215 68.99 4.20 82.13
C ALA G 215 69.51 5.63 81.97
N ALA G 216 70.81 5.76 81.71
CA ALA G 216 71.40 7.07 81.46
C ALA G 216 70.95 7.61 80.11
N ARG G 217 70.37 8.80 80.11
CA ARG G 217 69.83 9.39 78.88
C ARG G 217 70.18 10.85 78.76
N PRO G 218 70.25 11.34 77.51
CA PRO G 218 70.43 12.77 77.25
C PRO G 218 69.28 13.55 77.87
N LYS G 219 69.51 14.82 78.20
CA LYS G 219 68.44 15.64 78.73
C LYS G 219 67.55 16.14 77.59
N VAL G 220 66.24 16.05 77.80
CA VAL G 220 65.28 16.61 76.86
C VAL G 220 64.44 17.64 77.60
N ARG G 221 64.45 18.87 77.11
CA ARG G 221 63.78 19.97 77.78
C ARG G 221 64.15 19.95 79.25
N GLY G 222 65.46 19.82 79.50
CA GLY G 222 65.99 19.87 80.85
C GLY G 222 65.95 18.56 81.58
N GLN G 223 65.03 17.69 81.21
CA GLN G 223 64.79 16.45 81.96
C GLN G 223 65.59 15.25 81.46
N ALA G 224 66.34 14.63 82.37
CA ALA G 224 67.10 13.42 82.07
C ALA G 224 66.22 12.20 82.24
N GLY G 225 65.13 12.36 82.99
CA GLY G 225 64.17 11.29 83.15
C GLY G 225 63.15 11.26 82.03
N ARG G 226 62.46 10.13 81.90
CA ARG G 226 61.43 9.99 80.89
C ARG G 226 60.09 9.65 81.52
N MET G 227 59.01 9.94 80.81
CA MET G 227 57.68 9.64 81.30
C MET G 227 56.82 9.07 80.17
N ASN G 228 56.41 7.81 80.33
CA ASN G 228 55.51 7.19 79.37
C ASN G 228 54.05 7.39 79.78
N TYR G 229 53.20 7.69 78.81
CA TYR G 229 51.80 7.98 79.08
C TYR G 229 50.91 6.88 78.57
N TYR G 230 49.83 6.60 79.30
CA TYR G 230 48.93 5.52 78.94
C TYR G 230 47.47 5.96 78.99
N TRP G 231 46.62 5.16 78.36
CA TRP G 231 45.19 5.40 78.36
C TRP G 231 44.44 4.09 78.23
N THR G 232 43.12 4.16 78.31
CA THR G 232 42.27 2.98 78.15
C THR G 232 40.81 3.42 78.18
N LEU G 233 39.95 2.61 77.58
CA LEU G 233 38.52 2.93 77.55
C LEU G 233 37.73 2.07 78.51
N LEU G 234 37.47 2.62 79.70
CA LEU G 234 36.69 1.90 80.71
C LEU G 234 35.23 1.85 80.31
N GLU G 235 34.70 0.65 80.17
CA GLU G 235 33.33 0.45 79.73
C GLU G 235 32.33 0.59 80.88
N PRO G 236 31.10 1.00 80.57
CA PRO G 236 30.03 1.23 81.53
C PRO G 236 29.94 0.15 82.60
N GLY G 237 30.04 0.55 83.87
CA GLY G 237 29.89 -0.36 84.97
C GLY G 237 31.14 -1.13 85.35
N ASP G 238 32.22 -0.94 84.60
CA ASP G 238 33.47 -1.64 84.88
C ASP G 238 34.33 -0.87 85.87
N THR G 239 35.24 -1.57 86.54
CA THR G 239 36.08 -0.98 87.56
C THR G 239 37.55 -1.00 87.15
N ILE G 240 38.26 0.10 87.42
CA ILE G 240 39.69 0.18 87.15
C ILE G 240 40.48 0.35 88.44
N THR G 241 41.53 -0.45 88.61
CA THR G 241 42.30 -0.45 89.84
C THR G 241 43.75 -0.05 89.62
N PHE G 242 44.18 0.98 90.34
CA PHE G 242 45.56 1.47 90.27
C PHE G 242 46.35 1.06 91.52
N GLU G 243 47.31 0.17 91.33
CA GLU G 243 48.18 -0.27 92.41
C GLU G 243 49.61 0.09 92.08
N ALA G 244 50.24 0.88 92.95
CA ALA G 244 51.59 1.36 92.68
C ALA G 244 52.42 1.58 93.95
N THR G 245 53.70 1.22 93.89
CA THR G 245 54.62 1.49 94.99
C THR G 245 55.62 2.57 94.57
N GLY G 246 55.28 3.29 93.50
CA GLY G 246 56.11 4.38 93.02
C GLY G 246 55.99 4.61 91.52
N ASN G 247 56.55 5.71 91.05
CA ASN G 247 56.63 6.00 89.62
C ASN G 247 55.28 6.27 88.94
N LEU G 248 54.20 6.28 89.72
CA LEU G 248 52.88 6.47 89.15
C LEU G 248 52.50 7.95 89.00
N ILE G 249 52.30 8.38 87.77
CA ILE G 249 51.68 9.67 87.51
C ILE G 249 50.18 9.47 87.45
N ALA G 250 49.53 9.61 88.61
CA ALA G 250 48.12 9.23 88.76
C ALA G 250 47.16 10.04 87.93
N PRO G 251 46.01 9.45 87.57
CA PRO G 251 44.91 10.17 86.95
C PRO G 251 44.31 11.16 87.93
N TRP G 252 43.85 12.30 87.45
CA TRP G 252 43.24 13.31 88.29
C TRP G 252 41.90 13.69 87.67
N TYR G 253 41.90 13.88 86.35
CA TYR G 253 40.67 14.10 85.59
C TYR G 253 40.53 13.03 84.50
N ALA G 254 39.29 12.65 84.20
CA ALA G 254 39.02 11.69 83.14
C ALA G 254 37.92 12.21 82.22
N PHE G 255 37.55 11.41 81.22
CA PHE G 255 36.54 11.83 80.24
C PHE G 255 35.46 10.79 80.00
N ALA G 256 34.21 11.24 80.08
CA ALA G 256 33.07 10.39 79.72
C ALA G 256 32.73 10.66 78.24
N LEU G 257 32.81 9.63 77.42
CA LEU G 257 32.80 9.83 75.97
C LEU G 257 31.45 9.62 75.29
N ASN G 258 31.05 10.59 74.48
CA ASN G 258 29.87 10.48 73.63
C ASN G 258 30.28 10.20 72.19
N ARG G 259 30.04 8.97 71.73
CA ARG G 259 30.41 8.59 70.37
C ARG G 259 29.58 9.33 69.32
N GLY G 260 29.61 8.83 68.09
CA GLY G 260 28.88 9.45 67.00
C GLY G 260 29.64 9.34 65.68
N SER G 261 29.02 8.67 64.71
CA SER G 261 29.64 8.48 63.40
C SER G 261 29.75 9.79 62.62
N GLY G 262 30.81 9.92 61.82
CA GLY G 262 31.02 11.10 61.02
C GLY G 262 31.75 12.21 61.75
N SER G 263 33.08 12.23 61.60
CA SER G 263 33.95 13.24 62.19
C SER G 263 35.40 12.78 62.13
N GLY G 264 36.34 13.67 62.49
CA GLY G 264 37.74 13.32 62.46
C GLY G 264 38.69 14.47 62.69
N ILE G 265 39.97 14.22 62.42
CA ILE G 265 41.03 15.18 62.69
C ILE G 265 41.72 15.66 61.40
N ILE G 266 41.79 16.97 61.22
CA ILE G 266 42.46 17.54 60.05
C ILE G 266 43.48 18.59 60.46
N THR G 267 44.49 18.77 59.62
CA THR G 267 45.50 19.80 59.84
C THR G 267 45.25 20.96 58.89
N SER G 268 45.01 22.15 59.43
CA SER G 268 44.67 23.30 58.61
C SER G 268 44.96 24.63 59.30
N ASP G 269 45.35 25.61 58.50
CA ASP G 269 45.58 26.96 59.01
C ASP G 269 44.49 27.90 58.52
N ALA G 270 43.55 27.36 57.74
CA ALA G 270 42.41 28.15 57.29
C ALA G 270 41.65 28.66 58.52
N PRO G 271 41.27 29.94 58.49
CA PRO G 271 40.54 30.57 59.60
C PRO G 271 39.17 29.95 59.84
N VAL G 272 38.72 29.99 61.08
CA VAL G 272 37.40 29.48 61.43
C VAL G 272 36.41 30.62 61.64
N HIS G 273 35.36 30.64 60.83
CA HIS G 273 34.36 31.69 60.91
C HIS G 273 32.98 31.17 61.28
N ASP G 274 32.07 32.09 61.57
CA ASP G 274 30.70 31.73 61.92
C ASP G 274 29.86 31.51 60.67
N CYS G 275 29.98 30.31 60.10
CA CYS G 275 29.19 29.92 58.94
C CYS G 275 29.00 28.42 58.96
N ASN G 276 28.09 27.91 58.14
CA ASN G 276 27.80 26.48 58.11
C ASN G 276 28.05 25.87 56.74
N THR G 277 28.23 24.56 56.70
CA THR G 277 28.47 23.86 55.45
C THR G 277 28.18 22.37 55.57
N LYS G 278 28.02 21.72 54.42
CA LYS G 278 27.80 20.28 54.37
C LYS G 278 29.12 19.56 54.15
N CYS G 279 30.10 20.29 53.63
CA CYS G 279 31.39 19.71 53.27
C CYS G 279 32.54 20.61 53.71
N GLN G 280 33.55 20.00 54.32
CA GLN G 280 34.73 20.74 54.78
C GLN G 280 36.04 20.03 54.43
N THR G 281 36.98 20.78 53.87
CA THR G 281 38.30 20.27 53.56
C THR G 281 39.33 21.11 54.30
N PRO G 282 40.59 20.64 54.33
CA PRO G 282 41.69 21.40 54.94
C PRO G 282 41.88 22.78 54.31
N HIS G 283 41.56 22.91 53.02
CA HIS G 283 41.71 24.20 52.34
C HIS G 283 40.52 25.11 52.57
N GLY G 284 39.34 24.50 52.70
CA GLY G 284 38.12 25.25 52.96
C GLY G 284 36.86 24.43 52.78
N ALA G 285 35.71 25.08 52.91
CA ALA G 285 34.42 24.40 52.80
C ALA G 285 33.92 24.40 51.35
N ILE G 286 33.04 23.45 51.05
CA ILE G 286 32.52 23.29 49.70
C ILE G 286 30.99 23.31 49.67
N ASN G 287 30.44 24.20 48.85
CA ASN G 287 29.00 24.25 48.63
C ASN G 287 28.68 23.92 47.19
N SER G 288 28.89 22.65 46.82
CA SER G 288 28.73 22.21 45.44
C SER G 288 28.01 20.86 45.36
N SER G 289 27.21 20.69 44.31
CA SER G 289 26.45 19.46 44.11
C SER G 289 27.01 18.61 42.98
N LEU G 290 28.14 19.03 42.42
CA LEU G 290 28.84 18.26 41.40
C LEU G 290 29.37 16.97 41.99
N PRO G 291 29.76 16.01 41.13
CA PRO G 291 30.20 14.68 41.58
C PRO G 291 31.67 14.65 42.01
N PHE G 292 32.51 15.46 41.36
CA PHE G 292 33.95 15.43 41.62
C PHE G 292 34.49 16.76 42.11
N GLN G 293 35.64 16.69 42.78
CA GLN G 293 36.37 17.88 43.20
C GLN G 293 37.87 17.58 43.34
N ASN G 294 38.69 18.55 42.97
CA ASN G 294 40.14 18.37 43.01
C ASN G 294 40.79 19.31 44.02
N ILE G 295 40.03 19.68 45.03
CA ILE G 295 40.50 20.61 46.06
C ILE G 295 41.41 19.95 47.09
N HIS G 296 40.91 18.90 47.75
CA HIS G 296 41.67 18.19 48.75
C HIS G 296 41.11 16.79 49.02
N PRO G 297 42.00 15.80 49.20
CA PRO G 297 41.56 14.44 49.53
C PRO G 297 40.80 14.37 50.85
N VAL G 298 41.33 15.02 51.90
CA VAL G 298 40.68 14.97 53.22
C VAL G 298 39.31 15.63 53.20
N THR G 299 38.30 14.88 53.62
CA THR G 299 36.92 15.34 53.56
C THR G 299 36.16 15.03 54.85
N ILE G 300 35.25 15.93 55.23
CA ILE G 300 34.37 15.71 56.37
C ILE G 300 32.94 16.13 56.05
N GLY G 301 32.04 15.16 55.98
CA GLY G 301 30.65 15.42 55.65
C GLY G 301 30.25 14.85 54.31
N GLU G 302 29.24 15.45 53.67
CA GLU G 302 28.83 15.03 52.34
C GLU G 302 29.55 15.86 51.29
N CYS G 303 30.60 15.28 50.72
CA CYS G 303 31.44 16.00 49.77
C CYS G 303 31.53 15.27 48.44
N PRO G 304 31.88 16.00 47.38
CA PRO G 304 32.17 15.38 46.07
C PRO G 304 33.41 14.48 46.14
N LYS G 305 33.50 13.52 45.22
CA LYS G 305 34.64 12.61 45.16
C LYS G 305 35.89 13.37 44.77
N TYR G 306 36.92 13.30 45.61
CA TYR G 306 38.19 13.93 45.25
C TYR G 306 38.85 13.18 44.09
N VAL G 307 39.53 13.94 43.24
CA VAL G 307 40.16 13.39 42.04
C VAL G 307 41.31 14.30 41.58
N ARG G 308 42.19 13.78 40.74
CA ARG G 308 43.39 14.52 40.31
C ARG G 308 43.22 15.35 39.03
N SER G 309 42.00 15.44 38.52
CA SER G 309 41.78 16.10 37.23
C SER G 309 41.78 17.62 37.32
N THR G 310 42.26 18.27 36.27
CA THR G 310 42.23 19.72 36.18
C THR G 310 40.93 20.14 35.53
N LYS G 311 40.47 19.31 34.60
CA LYS G 311 39.24 19.59 33.85
C LYS G 311 38.42 18.33 33.63
N LEU G 312 37.14 18.41 33.98
CA LEU G 312 36.19 17.33 33.71
C LEU G 312 34.91 17.92 33.14
N ARG G 313 34.94 18.28 31.85
CA ARG G 313 33.78 18.89 31.22
C ARG G 313 33.06 17.94 30.26
N MET G 314 31.78 17.74 30.52
CA MET G 314 30.96 16.82 29.75
C MET G 314 30.11 17.56 28.73
N ALA G 315 30.26 17.19 27.46
CA ALA G 315 29.47 17.81 26.39
C ALA G 315 28.00 17.42 26.51
N THR G 316 27.13 18.41 26.37
CA THR G 316 25.69 18.15 26.36
C THR G 316 25.13 18.45 24.97
N GLY G 317 25.48 19.62 24.43
CA GLY G 317 25.06 20.01 23.10
C GLY G 317 25.91 19.34 22.04
N LEU G 318 26.04 20.01 20.89
CA LEU G 318 26.79 19.47 19.77
C LEU G 318 27.91 20.41 19.35
N ARG G 319 28.66 20.03 18.31
CA ARG G 319 29.70 20.88 17.77
C ARG G 319 29.16 22.27 17.46
N ASN G 320 29.93 23.29 17.81
CA ASN G 320 29.53 24.66 17.56
C ASN G 320 30.24 25.22 16.32
N ILE G 321 29.45 25.48 15.27
CA ILE G 321 29.98 26.02 14.03
C ILE G 321 29.11 27.18 13.56
N PRO G 322 29.37 28.38 14.11
CA PRO G 322 28.53 29.57 13.92
C PRO G 322 28.71 30.27 12.56
N ALA G 323 29.87 30.08 11.93
CA ALA G 323 30.20 30.72 10.65
C ALA G 323 29.04 31.54 10.06
N ARG G 324 28.91 32.78 10.50
CA ARG G 324 27.83 33.67 10.06
C ARG G 324 28.07 34.23 8.66
N GLY H 1 30.76 14.16 10.95
CA GLY H 1 31.38 13.35 11.98
C GLY H 1 31.31 11.86 11.66
N LEU H 2 30.61 11.11 12.50
CA LEU H 2 30.51 9.67 12.34
C LEU H 2 29.32 9.28 11.47
N PHE H 3 28.36 10.20 11.35
CA PHE H 3 27.17 9.97 10.51
C PHE H 3 27.14 10.92 9.32
N GLY H 4 28.19 11.73 9.19
CA GLY H 4 28.40 12.54 8.00
C GLY H 4 27.58 13.82 7.87
N ALA H 5 26.70 14.08 8.82
CA ALA H 5 25.85 15.26 8.76
C ALA H 5 26.55 16.53 9.26
N ILE H 6 26.62 16.67 10.59
CA ILE H 6 27.28 17.82 11.20
C ILE H 6 28.74 17.92 10.77
N ALA H 7 29.17 19.13 10.41
CA ALA H 7 30.51 19.33 9.86
C ALA H 7 30.73 18.44 8.64
N GLY H 8 29.64 17.93 8.08
CA GLY H 8 29.69 17.09 6.90
C GLY H 8 28.93 17.72 5.75
N PHE H 9 27.97 16.99 5.18
CA PHE H 9 27.22 17.53 4.05
C PHE H 9 26.36 18.73 4.46
N ILE H 10 26.27 18.98 5.76
CA ILE H 10 25.69 20.22 6.27
C ILE H 10 26.80 21.01 6.96
N GLU H 11 27.43 21.89 6.20
CA GLU H 11 28.70 22.51 6.59
C GLU H 11 28.73 23.23 7.93
N GLY H 12 27.66 23.94 8.27
CA GLY H 12 27.66 24.75 9.47
C GLY H 12 26.36 24.73 10.24
N GLY H 13 26.34 25.47 11.34
CA GLY H 13 25.15 25.59 12.16
C GLY H 13 24.50 26.95 12.01
N TRP H 14 23.25 27.05 12.44
CA TRP H 14 22.52 28.30 12.33
C TRP H 14 22.42 28.97 13.69
N THR H 15 23.13 30.09 13.85
CA THR H 15 22.96 30.90 15.05
C THR H 15 21.54 31.47 15.05
N GLY H 16 20.91 31.44 13.88
CA GLY H 16 19.57 31.99 13.70
C GLY H 16 18.47 31.17 14.36
N MET H 17 18.76 29.91 14.64
CA MET H 17 17.80 29.03 15.30
C MET H 17 18.09 28.90 16.79
N ILE H 18 17.31 29.59 17.62
CA ILE H 18 17.60 29.66 19.05
C ILE H 18 16.63 28.85 19.91
N ASP H 19 15.68 28.16 19.27
CA ASP H 19 14.65 27.45 20.01
C ASP H 19 14.89 25.93 20.13
N GLY H 20 15.99 25.44 19.55
CA GLY H 20 16.29 24.02 19.62
C GLY H 20 17.67 23.64 19.11
N TRP H 21 18.00 22.35 19.21
CA TRP H 21 19.28 21.84 18.74
C TRP H 21 19.26 21.53 17.24
N TYR H 22 18.15 20.96 16.76
CA TYR H 22 17.98 20.71 15.33
C TYR H 22 16.69 21.35 14.86
N GLY H 23 16.62 21.65 13.57
CA GLY H 23 15.43 22.27 13.02
C GLY H 23 15.46 22.52 11.53
N TYR H 24 14.56 23.39 11.06
CA TYR H 24 14.42 23.66 9.65
C TYR H 24 14.58 25.15 9.34
N HIS H 25 14.89 25.46 8.10
CA HIS H 25 14.83 26.82 7.59
C HIS H 25 14.11 26.82 6.25
N HIS H 26 13.02 27.58 6.16
CA HIS H 26 12.16 27.56 4.99
C HIS H 26 12.22 28.87 4.21
N GLN H 27 12.14 28.77 2.89
CA GLN H 27 12.03 29.93 2.03
C GLN H 27 10.71 29.85 1.26
N ASN H 28 9.77 30.72 1.64
CA ASN H 28 8.39 30.64 1.18
C ASN H 28 8.00 31.92 0.44
N GLU H 29 6.83 31.91 -0.20
CA GLU H 29 6.25 33.13 -0.72
C GLU H 29 5.88 34.03 0.47
N GLN H 30 5.37 33.41 1.53
CA GLN H 30 4.98 34.13 2.74
C GLN H 30 6.19 34.58 3.56
N GLY H 31 7.39 34.23 3.11
CA GLY H 31 8.60 34.70 3.75
C GLY H 31 9.59 33.60 4.12
N SER H 32 10.48 33.91 5.06
CA SER H 32 11.51 32.97 5.51
C SER H 32 11.50 32.84 7.03
N GLY H 33 12.46 32.11 7.58
CA GLY H 33 12.58 31.98 9.02
C GLY H 33 13.15 30.65 9.49
N TYR H 34 13.41 30.56 10.79
CA TYR H 34 13.91 29.34 11.40
C TYR H 34 12.85 28.69 12.30
N ALA H 35 12.78 27.36 12.26
CA ALA H 35 11.82 26.62 13.07
C ALA H 35 12.46 25.37 13.65
N ALA H 36 12.48 25.28 14.97
CA ALA H 36 13.06 24.12 15.64
C ALA H 36 12.09 22.94 15.61
N ASP H 37 12.62 21.75 15.35
CA ASP H 37 11.82 20.53 15.39
C ASP H 37 11.65 20.07 16.83
N GLN H 38 10.44 20.20 17.36
CA GLN H 38 10.16 19.87 18.76
C GLN H 38 10.47 18.41 19.10
N LYS H 39 9.94 17.49 18.32
CA LYS H 39 10.12 16.06 18.59
C LYS H 39 11.57 15.67 18.78
N SER H 40 12.37 15.81 17.71
CA SER H 40 13.76 15.36 17.73
C SER H 40 14.55 16.01 18.87
N THR H 41 14.34 17.31 19.08
CA THR H 41 15.06 18.05 20.12
C THR H 41 14.72 17.52 21.51
N GLN H 42 13.46 17.60 21.89
CA GLN H 42 13.03 17.15 23.22
C GLN H 42 13.49 15.73 23.50
N ASN H 43 13.43 14.87 22.49
CA ASN H 43 13.93 13.51 22.63
C ASN H 43 15.41 13.50 22.99
N ALA H 44 16.19 14.27 22.24
CA ALA H 44 17.63 14.34 22.45
C ALA H 44 17.97 15.00 23.80
N ILE H 45 17.14 15.95 24.22
CA ILE H 45 17.33 16.57 25.52
C ILE H 45 17.05 15.57 26.63
N ASP H 46 16.06 14.72 26.42
CA ASP H 46 15.74 13.67 27.38
C ASP H 46 16.89 12.69 27.51
N GLY H 47 17.45 12.30 26.37
CA GLY H 47 18.57 11.37 26.35
C GLY H 47 19.81 11.93 27.01
N ILE H 48 20.14 13.18 26.69
CA ILE H 48 21.34 13.81 27.23
C ILE H 48 21.21 14.08 28.73
N THR H 49 20.09 14.65 29.14
CA THR H 49 19.81 14.86 30.55
C THR H 49 19.89 13.54 31.31
N ASN H 50 19.51 12.46 30.63
CA ASN H 50 19.57 11.13 31.22
C ASN H 50 21.01 10.66 31.32
N LYS H 51 21.78 10.89 30.26
CA LYS H 51 23.19 10.52 30.25
C LYS H 51 23.92 11.19 31.41
N VAL H 52 23.77 12.50 31.52
CA VAL H 52 24.42 13.27 32.57
C VAL H 52 24.02 12.77 33.95
N ASN H 53 22.73 12.52 34.15
CA ASN H 53 22.25 12.04 35.44
C ASN H 53 22.74 10.63 35.77
N SER H 54 22.93 9.81 34.75
CA SER H 54 23.37 8.44 34.95
C SER H 54 24.84 8.37 35.32
N VAL H 55 25.63 9.31 34.80
CA VAL H 55 27.05 9.38 35.12
C VAL H 55 27.27 9.92 36.54
N ILE H 56 26.51 10.94 36.91
CA ILE H 56 26.59 11.48 38.26
C ILE H 56 26.09 10.47 39.28
N GLU H 57 25.02 9.76 38.92
CA GLU H 57 24.40 8.82 39.85
C GLU H 57 25.32 7.66 40.21
N LYS H 58 26.27 7.34 39.34
CA LYS H 58 27.20 6.24 39.59
C LYS H 58 28.35 6.65 40.51
N MET H 59 28.91 7.83 40.26
CA MET H 59 29.98 8.35 41.11
C MET H 59 29.44 8.71 42.48
N ASN H 60 29.39 7.72 43.37
CA ASN H 60 28.86 7.95 44.72
C ASN H 60 29.63 9.01 45.51
N THR H 61 28.90 9.92 46.13
CA THR H 61 29.48 11.02 46.89
C THR H 61 30.46 10.53 47.96
N GLN H 62 31.39 11.40 48.33
CA GLN H 62 32.41 11.09 49.31
C GLN H 62 32.01 11.57 50.71
N PHE H 63 31.94 10.64 51.66
CA PHE H 63 31.62 10.98 53.04
C PHE H 63 32.90 11.21 53.83
N THR H 64 32.77 11.31 55.15
CA THR H 64 33.91 11.54 56.02
C THR H 64 35.02 10.55 55.71
N ALA H 65 36.23 11.07 55.54
CA ALA H 65 37.40 10.25 55.24
C ALA H 65 38.66 11.06 55.47
N VAL H 66 39.29 10.89 56.63
CA VAL H 66 40.51 11.61 56.96
C VAL H 66 41.73 10.72 56.78
N GLY H 67 42.87 11.19 57.29
CA GLY H 67 44.11 10.45 57.19
C GLY H 67 44.60 10.00 58.56
N LYS H 68 45.17 8.80 58.62
CA LYS H 68 45.61 8.22 59.87
C LYS H 68 47.10 8.48 60.10
N GLU H 69 47.48 8.61 61.38
CA GLU H 69 48.88 8.81 61.72
C GLU H 69 49.56 7.50 62.09
N PHE H 70 50.86 7.44 61.84
CA PHE H 70 51.66 6.26 62.17
C PHE H 70 52.96 6.69 62.84
N ASN H 71 53.43 5.89 63.80
CA ASN H 71 54.68 6.21 64.48
C ASN H 71 55.91 5.72 63.71
N ASN H 72 57.09 6.07 64.22
CA ASN H 72 58.34 5.79 63.52
C ASN H 72 58.66 4.31 63.34
N LEU H 73 57.86 3.44 63.96
CA LEU H 73 58.04 1.99 63.80
C LEU H 73 56.91 1.35 63.01
N GLU H 74 56.05 2.18 62.42
CA GLU H 74 54.97 1.67 61.61
C GLU H 74 55.08 2.21 60.19
N ARG H 75 56.29 2.09 59.63
CA ARG H 75 56.58 2.63 58.31
C ARG H 75 55.97 1.77 57.21
N ARG H 76 55.97 0.45 57.42
CA ARG H 76 55.39 -0.49 56.46
C ARG H 76 53.90 -0.30 56.26
N ILE H 77 53.14 -0.21 57.35
CA ILE H 77 51.70 -0.03 57.23
C ILE H 77 51.34 1.39 56.75
N GLU H 78 52.13 2.38 57.16
CA GLU H 78 51.96 3.72 56.63
C GLU H 78 52.10 3.70 55.11
N ASN H 79 53.00 2.84 54.62
CA ASN H 79 53.23 2.69 53.19
C ASN H 79 52.11 1.93 52.51
N LEU H 80 51.48 1.01 53.22
CA LEU H 80 50.30 0.33 52.71
C LEU H 80 49.19 1.35 52.55
N ASN H 81 48.99 2.14 53.60
CA ASN H 81 47.97 3.17 53.59
C ASN H 81 48.15 4.14 52.43
N LYS H 82 49.38 4.56 52.20
CA LYS H 82 49.66 5.46 51.09
C LYS H 82 49.41 4.78 49.76
N LYS H 83 49.91 3.56 49.61
CA LYS H 83 49.74 2.79 48.39
C LYS H 83 48.26 2.63 48.07
N VAL H 84 47.45 2.50 49.11
CA VAL H 84 46.01 2.35 48.94
C VAL H 84 45.39 3.66 48.48
N ASP H 85 45.58 4.72 49.26
CA ASP H 85 45.08 6.04 48.91
C ASP H 85 45.45 6.43 47.48
N ASP H 86 46.74 6.32 47.16
CA ASP H 86 47.22 6.63 45.82
C ASP H 86 46.63 5.70 44.77
N GLY H 87 46.44 4.43 45.16
CA GLY H 87 45.85 3.46 44.26
C GLY H 87 44.42 3.82 43.88
N PHE H 88 43.58 4.04 44.88
CA PHE H 88 42.19 4.39 44.63
C PHE H 88 42.09 5.74 43.93
N LEU H 89 43.07 6.61 44.19
CA LEU H 89 43.10 7.92 43.56
C LEU H 89 43.43 7.77 42.08
N ASP H 90 44.45 6.96 41.78
CA ASP H 90 44.82 6.66 40.40
C ASP H 90 43.63 6.14 39.60
N ILE H 91 42.83 5.28 40.22
CA ILE H 91 41.74 4.61 39.54
C ILE H 91 40.53 5.50 39.32
N TRP H 92 40.15 6.26 40.35
CA TRP H 92 38.99 7.15 40.24
C TRP H 92 39.26 8.33 39.31
N THR H 93 40.51 8.77 39.26
CA THR H 93 40.91 9.80 38.31
C THR H 93 40.81 9.23 36.91
N TYR H 94 41.31 8.02 36.74
CA TYR H 94 41.26 7.33 35.45
C TYR H 94 39.81 7.10 35.03
N ASN H 95 39.03 6.50 35.91
CA ASN H 95 37.63 6.22 35.62
C ASN H 95 36.84 7.47 35.26
N ALA H 96 37.14 8.58 35.91
CA ALA H 96 36.42 9.83 35.66
C ALA H 96 36.82 10.41 34.30
N GLU H 97 38.11 10.68 34.13
CA GLU H 97 38.61 11.27 32.88
C GLU H 97 38.29 10.43 31.66
N LEU H 98 38.36 9.11 31.82
CA LEU H 98 38.12 8.21 30.71
C LEU H 98 36.63 8.16 30.36
N LEU H 99 35.79 8.11 31.39
CA LEU H 99 34.35 8.10 31.17
C LEU H 99 33.89 9.32 30.37
N VAL H 100 34.38 10.49 30.77
CA VAL H 100 34.03 11.74 30.11
C VAL H 100 34.47 11.75 28.64
N LEU H 101 35.72 11.35 28.39
CA LEU H 101 36.24 11.27 27.03
C LEU H 101 35.29 10.49 26.11
N LEU H 102 34.96 9.27 26.52
CA LEU H 102 34.17 8.37 25.69
C LEU H 102 32.73 8.85 25.54
N GLU H 103 32.15 9.36 26.62
CA GLU H 103 30.77 9.82 26.56
C GLU H 103 30.62 11.12 25.76
N ASN H 104 31.65 11.96 25.77
CA ASN H 104 31.67 13.13 24.90
C ASN H 104 31.62 12.69 23.44
N GLU H 105 32.49 11.74 23.10
CA GLU H 105 32.49 11.16 21.76
C GLU H 105 31.11 10.63 21.37
N ARG H 106 30.49 9.89 22.28
CA ARG H 106 29.17 9.33 22.04
C ARG H 106 28.13 10.43 21.80
N THR H 107 28.17 11.46 22.65
CA THR H 107 27.21 12.54 22.58
C THR H 107 27.30 13.32 21.27
N LEU H 108 28.51 13.58 20.81
CA LEU H 108 28.71 14.32 19.57
C LEU H 108 28.21 13.53 18.35
N ASP H 109 28.42 12.22 18.38
CA ASP H 109 27.91 11.34 17.34
C ASP H 109 26.41 11.20 17.46
N PHE H 110 25.92 11.25 18.69
CA PHE H 110 24.49 11.16 18.97
C PHE H 110 23.76 12.29 18.28
N HIS H 111 24.31 13.50 18.39
CA HIS H 111 23.75 14.66 17.71
C HIS H 111 23.87 14.50 16.19
N ASP H 112 25.05 14.10 15.74
CA ASP H 112 25.30 13.89 14.33
C ASP H 112 24.26 12.93 13.74
N SER H 113 23.94 11.89 14.50
CA SER H 113 22.93 10.91 14.07
C SER H 113 21.55 11.54 14.00
N ASN H 114 21.18 12.25 15.06
CA ASN H 114 19.87 12.91 15.13
C ASN H 114 19.61 13.85 13.95
N VAL H 115 20.63 14.62 13.55
CA VAL H 115 20.52 15.48 12.40
C VAL H 115 20.33 14.65 11.14
N ARG H 116 21.23 13.68 10.95
CA ARG H 116 21.13 12.74 9.84
C ARG H 116 19.71 12.20 9.69
N ASN H 117 19.19 11.62 10.77
CA ASN H 117 17.87 11.01 10.73
C ASN H 117 16.73 12.00 10.49
N LEU H 118 16.90 13.23 10.96
CA LEU H 118 15.91 14.26 10.71
C LEU H 118 15.92 14.64 9.24
N TYR H 119 17.12 14.69 8.66
CA TYR H 119 17.28 15.00 7.26
C TYR H 119 16.64 13.95 6.36
N GLU H 120 16.54 12.73 6.87
CA GLU H 120 16.07 11.63 6.04
C GLU H 120 14.58 11.33 6.20
N LYS H 121 14.00 11.71 7.33
CA LYS H 121 12.55 11.60 7.46
C LYS H 121 11.95 12.49 6.39
N VAL H 122 12.45 13.72 6.34
CA VAL H 122 12.03 14.70 5.35
C VAL H 122 12.29 14.20 3.93
N LYS H 123 13.47 13.65 3.70
CA LYS H 123 13.84 13.16 2.37
C LYS H 123 12.87 12.10 1.85
N SER H 124 12.46 11.21 2.73
CA SER H 124 11.55 10.13 2.33
C SER H 124 10.11 10.62 2.25
N GLN H 125 9.86 11.81 2.80
CA GLN H 125 8.54 12.43 2.71
C GLN H 125 8.34 13.09 1.34
N LEU H 126 9.39 13.73 0.85
CA LEU H 126 9.30 14.51 -0.39
C LEU H 126 9.35 13.54 -1.57
N LYS H 127 10.44 12.78 -1.67
CA LYS H 127 10.71 11.95 -2.83
C LYS H 127 10.74 12.90 -4.03
N ASN H 128 9.88 12.64 -5.01
CA ASN H 128 9.91 13.33 -6.30
C ASN H 128 9.52 14.80 -6.27
N ASN H 129 8.73 15.19 -5.27
CA ASN H 129 8.24 16.56 -5.16
C ASN H 129 9.32 17.60 -4.90
N ALA H 130 10.54 17.15 -4.62
CA ALA H 130 11.65 18.06 -4.38
C ALA H 130 12.98 17.42 -4.79
N LYS H 131 14.01 18.25 -4.94
CA LYS H 131 15.34 17.74 -5.26
C LYS H 131 16.37 18.17 -4.21
N GLU H 132 17.32 17.29 -3.95
CA GLU H 132 18.36 17.55 -2.95
C GLU H 132 19.44 18.46 -3.51
N ILE H 133 19.47 19.71 -3.07
CA ILE H 133 20.47 20.67 -3.51
C ILE H 133 21.87 20.22 -3.12
N GLY H 134 22.05 19.93 -1.83
CA GLY H 134 23.34 19.43 -1.37
C GLY H 134 23.66 19.69 0.09
N ASN H 135 23.45 20.93 0.54
CA ASN H 135 23.84 21.32 1.90
C ASN H 135 22.74 21.08 2.93
N GLY H 136 22.09 19.93 2.83
CA GLY H 136 20.96 19.61 3.69
C GLY H 136 19.73 20.38 3.26
N CYS H 137 19.72 20.81 2.01
CA CYS H 137 18.62 21.60 1.48
C CYS H 137 17.83 20.87 0.42
N PHE H 138 16.51 21.06 0.45
CA PHE H 138 15.62 20.50 -0.57
C PHE H 138 14.96 21.62 -1.35
N GLU H 139 15.14 21.61 -2.67
CA GLU H 139 14.46 22.56 -3.54
C GLU H 139 13.14 21.97 -4.00
N PHE H 140 12.04 22.68 -3.72
CA PHE H 140 10.71 22.21 -4.08
C PHE H 140 10.40 22.36 -5.56
N TYR H 141 9.56 21.46 -6.07
CA TYR H 141 9.09 21.54 -7.45
C TYR H 141 7.67 22.08 -7.51
N HIS H 142 7.02 22.20 -6.36
CA HIS H 142 5.58 22.45 -6.35
C HIS H 142 5.09 23.60 -5.46
N LYS H 143 5.99 24.50 -5.10
CA LYS H 143 5.59 25.70 -4.35
C LYS H 143 4.83 25.35 -3.07
N CYS H 144 5.50 25.48 -1.93
CA CYS H 144 4.93 25.07 -0.65
C CYS H 144 4.68 26.27 0.26
N ASP H 145 3.41 26.53 0.56
CA ASP H 145 3.03 27.63 1.45
C ASP H 145 3.33 27.29 2.91
N ASP H 146 3.13 28.25 3.81
CA ASP H 146 3.38 28.04 5.23
C ASP H 146 2.64 26.83 5.78
N ALA H 147 1.37 26.70 5.40
CA ALA H 147 0.58 25.54 5.83
C ALA H 147 1.24 24.24 5.36
N CYS H 148 1.82 24.28 4.17
CA CYS H 148 2.52 23.12 3.62
C CYS H 148 3.84 22.89 4.36
N MET H 149 4.60 23.97 4.58
CA MET H 149 5.87 23.87 5.29
C MET H 149 5.71 23.16 6.63
N GLU H 150 4.73 23.59 7.42
CA GLU H 150 4.47 22.99 8.72
C GLU H 150 4.23 21.49 8.63
N SER H 151 3.50 21.07 7.60
CA SER H 151 3.16 19.66 7.42
C SER H 151 4.41 18.84 7.13
N VAL H 152 5.44 19.49 6.60
CA VAL H 152 6.70 18.83 6.32
C VAL H 152 7.44 18.55 7.63
N ARG H 153 7.46 19.53 8.52
CA ARG H 153 8.07 19.38 9.84
C ARG H 153 7.12 18.68 10.81
N ASN H 154 5.91 18.41 10.33
CA ASN H 154 4.87 17.80 11.15
C ASN H 154 4.84 16.29 10.95
N GLY H 155 5.51 15.84 9.90
CA GLY H 155 5.48 14.44 9.51
C GLY H 155 4.23 14.13 8.71
N THR H 156 3.36 15.14 8.58
CA THR H 156 2.09 14.97 7.88
C THR H 156 2.09 15.67 6.52
N TYR H 157 3.08 15.36 5.70
CA TYR H 157 3.17 15.96 4.37
C TYR H 157 2.49 15.06 3.34
N ASP H 158 1.51 15.62 2.64
CA ASP H 158 0.77 14.87 1.64
C ASP H 158 1.51 14.89 0.31
N TYR H 159 2.17 13.78 -0.02
CA TYR H 159 2.92 13.67 -1.27
C TYR H 159 2.03 13.59 -2.51
N PRO H 160 1.04 12.68 -2.50
CA PRO H 160 0.15 12.54 -3.66
C PRO H 160 -0.55 13.85 -4.00
N LYS H 161 -0.69 14.73 -3.01
CA LYS H 161 -1.39 15.99 -3.20
C LYS H 161 -0.70 16.89 -4.22
N TYR H 162 0.49 16.48 -4.66
CA TYR H 162 1.27 17.31 -5.57
C TYR H 162 1.83 16.55 -6.79
N SER H 163 1.01 16.44 -7.83
CA SER H 163 1.49 15.94 -9.10
C SER H 163 1.80 17.15 -9.98
N GLU H 164 1.56 18.34 -9.42
CA GLU H 164 1.98 19.60 -10.04
C GLU H 164 3.50 19.65 -10.15
N GLU H 165 4.17 18.98 -9.21
CA GLU H 165 5.62 18.92 -9.20
C GLU H 165 6.13 18.09 -10.36
N SER H 166 5.32 17.15 -10.83
CA SER H 166 5.69 16.31 -11.97
C SER H 166 5.81 17.18 -13.21
N LYS H 167 4.95 18.19 -13.32
CA LYS H 167 4.99 19.12 -14.44
C LYS H 167 6.31 19.90 -14.41
N LEU H 168 6.55 20.58 -13.30
CA LEU H 168 7.77 21.36 -13.12
C LEU H 168 9.01 20.49 -13.12
N ASN H 169 8.83 19.20 -12.85
CA ASN H 169 9.93 18.25 -12.82
C ASN H 169 10.72 18.28 -14.13
N ARG H 170 10.04 18.63 -15.21
CA ARG H 170 10.70 18.82 -16.51
C ARG H 170 10.45 20.22 -17.04
N ASP I 1 33.08 4.15 -18.72
CA ASP I 1 33.73 5.07 -17.78
C ASP I 1 33.16 4.95 -16.37
N THR I 2 33.97 4.45 -15.45
CA THR I 2 33.52 4.22 -14.08
C THR I 2 34.51 4.74 -13.04
N ILE I 3 33.98 5.08 -11.87
CA ILE I 3 34.82 5.36 -10.72
C ILE I 3 34.31 4.56 -9.52
N CYS I 4 35.22 3.87 -8.84
CA CYS I 4 34.87 3.07 -7.67
C CYS I 4 35.46 3.64 -6.37
N ILE I 5 34.67 3.58 -5.31
CA ILE I 5 35.16 3.93 -3.97
C ILE I 5 35.52 2.64 -3.23
N GLY I 6 36.66 2.65 -2.54
CA GLY I 6 37.11 1.48 -1.81
C GLY I 6 38.10 1.75 -0.69
N TYR I 7 38.51 0.70 0.00
CA TYR I 7 39.42 0.82 1.14
C TYR I 7 40.70 0.01 0.97
N HIS I 8 41.69 0.33 1.80
CA HIS I 8 43.02 -0.28 1.72
C HIS I 8 43.01 -1.74 2.17
N ALA I 9 43.99 -2.50 1.69
CA ALA I 9 44.18 -3.88 2.09
C ALA I 9 45.65 -4.26 1.92
N ASN I 10 46.09 -5.28 2.65
CA ASN I 10 47.50 -5.66 2.61
C ASN I 10 47.75 -7.08 3.11
N ASN I 11 49.03 -7.42 3.30
CA ASN I 11 49.44 -8.76 3.67
C ASN I 11 49.54 -8.99 5.18
N SER I 12 49.21 -7.97 5.96
CA SER I 12 49.28 -8.05 7.42
C SER I 12 48.44 -9.20 7.98
N THR I 13 49.00 -9.94 8.92
CA THR I 13 48.29 -11.04 9.57
C THR I 13 47.99 -10.71 11.04
N ASP I 14 48.28 -9.47 11.43
CA ASP I 14 47.95 -9.01 12.78
C ASP I 14 46.48 -9.23 13.05
N THR I 15 46.16 -9.70 14.24
CA THR I 15 44.77 -9.88 14.65
C THR I 15 44.48 -9.07 15.91
N VAL I 16 43.21 -8.71 16.07
CA VAL I 16 42.76 -8.02 17.27
C VAL I 16 41.42 -8.58 17.68
N ASP I 17 41.02 -8.30 18.92
CA ASP I 17 39.73 -8.76 19.41
C ASP I 17 38.80 -7.59 19.63
N THR I 18 37.51 -7.82 19.48
CA THR I 18 36.50 -6.83 19.80
C THR I 18 35.44 -7.51 20.63
N VAL I 19 34.56 -6.72 21.24
CA VAL I 19 33.53 -7.27 22.09
C VAL I 19 32.59 -8.20 21.31
N LEU I 20 32.40 -7.92 20.03
CA LEU I 20 31.48 -8.69 19.19
C LEU I 20 32.16 -9.82 18.41
N GLU I 21 33.44 -9.66 18.11
CA GLU I 21 34.13 -10.61 17.25
C GLU I 21 35.55 -10.88 17.76
N LYS I 22 36.03 -12.11 17.58
CA LYS I 22 37.39 -12.45 18.00
C LYS I 22 38.29 -12.78 16.82
N ASN I 23 39.57 -12.43 16.96
CA ASN I 23 40.56 -12.67 15.91
C ASN I 23 40.20 -12.03 14.57
N VAL I 24 40.12 -10.71 14.56
CA VAL I 24 39.86 -9.94 13.35
C VAL I 24 41.17 -9.42 12.77
N THR I 25 41.56 -9.96 11.62
CA THR I 25 42.77 -9.51 10.95
C THR I 25 42.61 -8.05 10.50
N VAL I 26 43.61 -7.23 10.79
CA VAL I 26 43.54 -5.81 10.44
C VAL I 26 44.74 -5.40 9.57
N THR I 27 44.65 -4.21 9.00
CA THR I 27 45.70 -3.70 8.12
C THR I 27 46.85 -3.13 8.92
N HIS I 28 46.52 -2.41 9.99
CA HIS I 28 47.52 -1.79 10.85
C HIS I 28 47.14 -1.90 12.33
N SER I 29 48.14 -2.04 13.19
CA SER I 29 47.89 -2.14 14.62
C SER I 29 49.14 -1.82 15.44
N VAL I 30 48.92 -1.48 16.71
CA VAL I 30 50.03 -1.24 17.64
C VAL I 30 49.87 -2.11 18.88
N ASN I 31 50.96 -2.77 19.28
CA ASN I 31 50.96 -3.55 20.51
C ASN I 31 51.24 -2.65 21.71
N LEU I 32 50.41 -2.77 22.76
CA LEU I 32 50.53 -1.92 23.93
C LEU I 32 51.08 -2.67 25.14
N LEU I 33 51.43 -3.94 24.95
CA LEU I 33 51.88 -4.78 26.07
C LEU I 33 53.33 -5.21 25.89
N GLU I 34 54.22 -4.64 26.70
CA GLU I 34 55.64 -4.99 26.65
C GLU I 34 55.87 -6.37 27.28
N ASP I 35 56.60 -7.23 26.57
CA ASP I 35 56.83 -8.60 27.02
C ASP I 35 58.29 -9.02 26.84
N SER I 36 59.18 -8.04 26.70
CA SER I 36 60.59 -8.31 26.42
C SER I 36 61.52 -7.64 27.44
N HIS I 37 62.50 -8.40 27.93
CA HIS I 37 63.43 -7.88 28.93
C HIS I 37 64.88 -8.36 28.75
N ASN I 38 65.77 -7.78 29.54
CA ASN I 38 67.21 -8.03 29.45
C ASN I 38 67.67 -9.40 29.95
N GLY I 39 66.96 -9.93 30.94
CA GLY I 39 67.46 -11.06 31.70
C GLY I 39 68.67 -10.63 32.49
N LYS I 40 68.78 -9.32 32.73
CA LYS I 40 69.94 -8.73 33.40
C LYS I 40 69.55 -7.64 34.40
N LEU I 41 70.36 -7.48 35.45
CA LEU I 41 70.16 -6.43 36.43
C LEU I 41 71.08 -5.25 36.12
N CYS I 42 70.50 -4.09 35.87
CA CYS I 42 71.24 -2.95 35.32
C CYS I 42 71.33 -1.76 36.26
N LYS I 43 72.30 -0.89 35.98
CA LYS I 43 72.41 0.38 36.68
C LYS I 43 71.19 1.21 36.36
N LEU I 44 70.74 2.00 37.33
CA LEU I 44 69.71 2.99 37.10
C LEU I 44 70.33 4.37 37.27
N LYS I 45 70.37 5.14 36.19
CA LYS I 45 70.97 6.48 36.19
C LYS I 45 72.47 6.42 36.47
N GLY I 46 73.12 5.40 35.93
CA GLY I 46 74.56 5.24 36.06
C GLY I 46 75.02 4.63 37.37
N ILE I 47 74.08 4.48 38.31
CA ILE I 47 74.41 3.94 39.63
C ILE I 47 74.02 2.47 39.74
N ALA I 48 74.97 1.63 40.10
CA ALA I 48 74.76 0.19 40.15
C ALA I 48 73.95 -0.26 41.37
N PRO I 49 73.28 -1.42 41.26
CA PRO I 49 72.57 -2.00 42.40
C PRO I 49 73.56 -2.62 43.38
N LEU I 50 73.10 -2.86 44.60
CA LEU I 50 73.92 -3.52 45.61
C LEU I 50 73.60 -5.01 45.63
N GLN I 51 74.58 -5.83 45.25
CA GLN I 51 74.40 -7.28 45.21
C GLN I 51 74.71 -7.91 46.58
N LEU I 52 73.67 -8.29 47.32
CA LEU I 52 73.88 -8.93 48.62
C LEU I 52 74.36 -10.38 48.48
N GLY I 53 74.09 -10.97 47.33
CA GLY I 53 74.51 -12.34 47.05
C GLY I 53 74.03 -13.37 48.07
N LYS I 54 74.97 -13.97 48.78
CA LYS I 54 74.65 -15.02 49.74
C LYS I 54 74.17 -14.44 51.08
N CYS I 55 74.25 -13.12 51.20
CA CYS I 55 73.84 -12.45 52.44
C CYS I 55 72.48 -11.79 52.29
N ASN I 56 71.87 -11.47 53.42
CA ASN I 56 70.64 -10.70 53.44
C ASN I 56 70.85 -9.40 54.22
N ILE I 57 69.85 -8.52 54.23
CA ILE I 57 69.97 -7.23 54.89
C ILE I 57 70.59 -7.31 56.29
N ALA I 58 70.17 -8.29 57.09
CA ALA I 58 70.70 -8.43 58.45
C ALA I 58 72.19 -8.72 58.44
N GLY I 59 72.61 -9.68 57.63
CA GLY I 59 74.02 -10.02 57.53
C GLY I 59 74.83 -8.83 57.06
N TRP I 60 74.28 -8.07 56.12
CA TRP I 60 74.95 -6.90 55.58
C TRP I 60 75.16 -5.82 56.64
N LEU I 61 74.07 -5.43 57.31
CA LEU I 61 74.13 -4.36 58.30
C LEU I 61 74.88 -4.75 59.57
N LEU I 62 74.77 -6.02 59.97
CA LEU I 62 75.47 -6.49 61.15
C LEU I 62 76.93 -6.78 60.85
N GLY I 63 77.21 -7.19 59.61
CA GLY I 63 78.57 -7.51 59.22
C GLY I 63 78.89 -8.98 59.43
N ASN I 64 77.92 -9.84 59.16
CA ASN I 64 78.15 -11.27 59.13
C ASN I 64 79.43 -11.57 58.36
N PRO I 65 80.34 -12.33 58.98
CA PRO I 65 81.67 -12.63 58.43
C PRO I 65 81.65 -13.07 56.97
N GLU I 66 80.52 -13.55 56.50
CA GLU I 66 80.40 -14.03 55.12
C GLU I 66 80.04 -12.94 54.11
N CYS I 67 79.95 -11.69 54.59
CA CYS I 67 79.51 -10.59 53.74
C CYS I 67 80.58 -9.50 53.62
N ASP I 68 81.84 -9.86 53.85
CA ASP I 68 82.93 -8.89 53.84
C ASP I 68 82.96 -8.02 52.59
N LEU I 69 82.65 -8.62 51.45
CA LEU I 69 82.60 -7.86 50.19
C LEU I 69 81.75 -6.59 50.31
N LEU I 70 80.69 -6.68 51.09
CA LEU I 70 79.70 -5.61 51.17
C LEU I 70 80.17 -4.41 52.01
N LEU I 71 81.17 -4.61 52.85
CA LEU I 71 81.66 -3.56 53.74
C LEU I 71 82.00 -2.28 53.01
N THR I 72 82.34 -2.43 51.73
CA THR I 72 82.78 -1.31 50.90
C THR I 72 81.62 -0.47 50.34
N ALA I 73 80.44 -1.06 50.27
CA ALA I 73 79.28 -0.40 49.69
C ALA I 73 78.96 0.92 50.38
N SER I 74 78.61 1.93 49.60
CA SER I 74 78.25 3.24 50.15
C SER I 74 77.08 3.88 49.38
N SER I 75 76.96 3.58 48.09
CA SER I 75 75.82 4.04 47.31
C SER I 75 75.31 2.98 46.36
N TRP I 76 74.03 3.06 46.02
CA TRP I 76 73.38 2.03 45.20
C TRP I 76 72.06 2.55 44.65
N SER I 77 71.65 2.00 43.51
CA SER I 77 70.39 2.40 42.87
C SER I 77 69.22 1.55 43.36
N TYR I 78 69.54 0.37 43.88
CA TYR I 78 68.55 -0.50 44.51
C TYR I 78 69.24 -1.71 45.10
N ILE I 79 68.61 -2.35 46.09
CA ILE I 79 69.25 -3.46 46.78
C ILE I 79 68.69 -4.79 46.30
N VAL I 80 69.58 -5.77 46.13
CA VAL I 80 69.20 -7.07 45.58
C VAL I 80 69.52 -8.25 46.49
N GLU I 81 68.49 -9.01 46.86
CA GLU I 81 68.68 -10.29 47.55
C GLU I 81 68.45 -11.44 46.58
N THR I 82 68.96 -12.61 46.91
CA THR I 82 68.86 -13.75 46.02
C THR I 82 68.30 -14.96 46.75
N SER I 83 68.14 -16.06 46.01
CA SER I 83 67.66 -17.32 46.59
C SER I 83 68.65 -17.87 47.62
N ASN I 84 69.88 -17.38 47.57
CA ASN I 84 70.93 -17.86 48.48
C ASN I 84 71.28 -16.87 49.59
N SER I 85 70.44 -15.84 49.74
CA SER I 85 70.64 -14.85 50.80
C SER I 85 70.17 -15.74 51.94
N GLU I 86 71.10 -16.38 52.64
CA GLU I 86 70.84 -17.03 53.91
C GLU I 86 71.72 -16.52 55.04
N ASN I 87 72.76 -15.77 54.69
CA ASN I 87 73.69 -15.28 55.70
C ASN I 87 73.25 -13.97 56.34
N GLY I 88 72.65 -14.07 57.51
CA GLY I 88 72.20 -12.90 58.25
C GLY I 88 72.65 -12.96 59.69
N THR I 89 71.78 -13.47 60.55
CA THR I 89 72.07 -13.58 61.98
C THR I 89 72.74 -14.93 62.30
N CYS I 90 74.06 -14.92 62.40
CA CYS I 90 74.83 -16.16 62.58
C CYS I 90 74.83 -16.67 64.02
N TYR I 91 74.71 -15.76 64.99
CA TYR I 91 74.48 -16.16 66.36
C TYR I 91 72.99 -16.00 66.65
N PRO I 92 72.32 -17.11 67.01
CA PRO I 92 70.86 -17.20 67.08
C PRO I 92 70.22 -16.14 67.97
N GLY I 93 69.05 -15.66 67.56
CA GLY I 93 68.31 -14.66 68.32
C GLY I 93 67.40 -13.81 67.45
N ASP I 94 66.56 -13.01 68.08
CA ASP I 94 65.60 -12.17 67.38
C ASP I 94 66.23 -10.86 66.90
N PHE I 95 66.01 -10.53 65.64
CA PHE I 95 66.34 -9.20 65.14
C PHE I 95 65.08 -8.36 65.30
N ILE I 96 65.05 -7.52 66.33
CA ILE I 96 63.84 -6.78 66.68
C ILE I 96 63.47 -5.75 65.61
N ASP I 97 62.19 -5.71 65.26
CA ASP I 97 61.69 -4.79 64.24
C ASP I 97 62.54 -4.83 62.97
N TYR I 98 62.95 -6.03 62.58
CA TYR I 98 63.80 -6.23 61.42
C TYR I 98 63.12 -5.80 60.12
N GLU I 99 61.85 -6.17 59.97
CA GLU I 99 61.12 -5.84 58.76
C GLU I 99 61.01 -4.31 58.60
N GLU I 100 60.73 -3.63 59.70
CA GLU I 100 60.69 -2.18 59.69
C GLU I 100 62.04 -1.61 59.27
N LEU I 101 63.12 -2.24 59.72
CA LEU I 101 64.45 -1.80 59.35
C LEU I 101 64.64 -1.98 57.84
N ARG I 102 64.29 -3.15 57.33
CA ARG I 102 64.35 -3.38 55.89
C ARG I 102 63.62 -2.24 55.18
N GLU I 103 62.42 -1.94 55.68
CA GLU I 103 61.60 -0.90 55.09
C GLU I 103 62.33 0.44 55.09
N GLN I 104 63.07 0.71 56.17
CA GLN I 104 63.84 1.95 56.27
C GLN I 104 64.89 2.02 55.17
N LEU I 105 65.62 0.92 54.98
CA LEU I 105 66.68 0.87 53.97
C LEU I 105 66.17 1.11 52.56
N SER I 106 64.88 0.91 52.34
CA SER I 106 64.31 1.07 51.00
C SER I 106 64.22 2.53 50.59
N SER I 107 64.33 3.44 51.55
CA SER I 107 64.34 4.87 51.25
C SER I 107 65.74 5.46 51.44
N VAL I 108 66.73 4.58 51.53
CA VAL I 108 68.12 5.00 51.66
C VAL I 108 68.83 4.79 50.34
N SER I 109 69.44 5.84 49.81
CA SER I 109 70.11 5.74 48.52
C SER I 109 71.61 5.60 48.71
N SER I 110 72.08 5.93 49.91
CA SER I 110 73.50 5.83 50.23
C SER I 110 73.72 6.16 51.69
N PHE I 111 74.84 5.72 52.24
CA PHE I 111 75.21 6.09 53.60
C PHE I 111 76.72 6.13 53.79
N GLU I 112 77.14 6.70 54.92
CA GLU I 112 78.55 6.71 55.27
C GLU I 112 78.77 5.83 56.50
N LYS I 113 79.54 4.76 56.30
CA LYS I 113 79.91 3.88 57.41
C LYS I 113 81.03 4.54 58.21
N PHE I 114 80.90 4.54 59.52
CA PHE I 114 81.93 5.14 60.36
C PHE I 114 82.05 4.43 61.70
N GLU I 115 83.21 4.56 62.33
CA GLU I 115 83.49 3.90 63.60
C GLU I 115 82.89 4.71 64.74
N ILE I 116 81.70 4.32 65.18
CA ILE I 116 81.01 5.05 66.24
C ILE I 116 81.73 4.88 67.57
N PHE I 117 82.27 3.69 67.80
CA PHE I 117 83.11 3.41 68.95
C PHE I 117 84.29 2.57 68.51
N PRO I 118 85.40 3.23 68.16
CA PRO I 118 86.63 2.53 67.72
C PRO I 118 87.05 1.46 68.72
N LYS I 119 87.42 0.30 68.20
CA LYS I 119 87.75 -0.86 69.03
C LYS I 119 88.93 -0.59 69.96
N THR I 120 90.07 -0.29 69.37
CA THR I 120 91.28 -0.03 70.13
C THR I 120 91.38 1.45 70.46
N SER I 121 90.56 1.90 71.41
CA SER I 121 90.46 3.31 71.73
C SER I 121 89.31 3.61 72.70
N SER I 122 88.29 2.75 72.69
CA SER I 122 87.06 3.05 73.43
C SER I 122 86.88 2.21 74.68
N TRP I 123 87.58 1.09 74.77
CA TRP I 123 87.36 0.15 75.86
C TRP I 123 88.63 -0.22 76.63
N PRO I 124 89.19 0.76 77.36
CA PRO I 124 90.42 0.57 78.14
C PRO I 124 90.22 -0.39 79.31
N ASN I 125 89.00 -0.48 79.83
CA ASN I 125 88.71 -1.31 81.00
C ASN I 125 87.99 -2.60 80.66
N HIS I 126 87.98 -2.95 79.37
CA HIS I 126 87.28 -4.15 78.94
C HIS I 126 88.03 -4.90 77.84
N GLU I 127 87.63 -6.15 77.60
CA GLU I 127 88.32 -7.01 76.64
C GLU I 127 87.69 -6.92 75.26
N THR I 128 88.45 -6.42 74.30
CA THR I 128 87.94 -6.20 72.94
C THR I 128 88.22 -7.37 72.00
N THR I 129 89.00 -8.33 72.47
CA THR I 129 89.24 -9.56 71.72
C THR I 129 88.42 -10.69 72.35
N LYS I 130 88.62 -11.90 71.85
CA LYS I 130 87.97 -13.08 72.44
C LYS I 130 86.46 -13.07 72.25
N GLY I 131 85.94 -12.03 71.60
CA GLY I 131 84.52 -11.92 71.36
C GLY I 131 84.08 -12.59 70.08
N VAL I 132 84.50 -13.85 69.90
CA VAL I 132 84.08 -14.64 68.74
C VAL I 132 83.31 -15.87 69.18
N THR I 133 82.96 -16.70 68.20
CA THR I 133 82.13 -17.87 68.45
C THR I 133 82.14 -18.79 67.23
N ALA I 134 81.93 -20.08 67.45
CA ALA I 134 81.83 -21.04 66.35
C ALA I 134 80.54 -20.80 65.54
N ALA I 135 79.54 -20.23 66.19
CA ALA I 135 78.28 -19.94 65.51
C ALA I 135 78.50 -18.98 64.34
N CYS I 136 79.62 -18.28 64.36
CA CYS I 136 79.94 -17.29 63.33
C CYS I 136 81.29 -17.56 62.70
N SER I 137 81.63 -18.83 62.51
CA SER I 137 82.95 -19.17 62.00
C SER I 137 83.06 -18.88 60.50
N TYR I 138 84.23 -18.37 60.11
CA TYR I 138 84.47 -17.94 58.73
C TYR I 138 85.85 -18.38 58.26
N ALA I 139 85.86 -19.32 57.32
CA ALA I 139 87.10 -19.84 56.76
C ALA I 139 88.03 -20.49 57.81
N GLY I 140 87.44 -21.27 58.71
CA GLY I 140 88.23 -22.06 59.65
C GLY I 140 88.10 -21.72 61.12
N ALA I 141 88.26 -20.43 61.45
CA ALA I 141 88.28 -20.02 62.85
C ALA I 141 86.96 -19.38 63.28
N SER I 142 86.67 -19.49 64.58
CA SER I 142 85.54 -18.78 65.16
C SER I 142 85.72 -17.30 64.90
N SER I 143 84.64 -16.61 64.55
CA SER I 143 84.71 -15.19 64.23
C SER I 143 83.52 -14.44 64.80
N PHE I 144 83.21 -13.30 64.21
CA PHE I 144 82.09 -12.49 64.67
C PHE I 144 81.76 -11.40 63.66
N TYR I 145 80.68 -10.67 63.91
CA TYR I 145 80.28 -9.54 63.06
C TYR I 145 81.38 -8.49 62.99
N ARG I 146 81.46 -7.79 61.87
CA ARG I 146 82.45 -6.74 61.69
C ARG I 146 81.98 -5.40 62.24
N ASN I 147 80.67 -5.23 62.34
CA ASN I 147 80.09 -3.96 62.72
C ASN I 147 79.73 -3.86 64.19
N LEU I 148 79.83 -4.99 64.89
CA LEU I 148 79.55 -5.04 66.32
C LEU I 148 80.77 -5.56 67.08
N LEU I 149 80.86 -5.22 68.35
CA LEU I 149 81.98 -5.66 69.18
C LEU I 149 81.50 -6.38 70.44
N TRP I 150 81.86 -7.66 70.53
CA TRP I 150 81.48 -8.48 71.68
C TRP I 150 82.40 -8.23 72.86
N LEU I 151 81.99 -7.33 73.76
CA LEU I 151 82.80 -6.99 74.93
C LEU I 151 82.74 -8.06 76.00
N THR I 152 83.91 -8.58 76.39
CA THR I 152 84.01 -9.59 77.44
C THR I 152 84.84 -9.08 78.62
N LYS I 153 84.81 -9.79 79.74
CA LYS I 153 85.46 -9.35 80.96
C LYS I 153 86.98 -9.36 80.85
N LYS I 154 87.60 -8.31 81.38
CA LYS I 154 89.04 -8.14 81.34
C LYS I 154 89.66 -8.62 82.66
N GLY I 155 90.26 -9.80 82.63
CA GLY I 155 90.88 -10.38 83.80
C GLY I 155 89.94 -10.45 85.00
N SER I 156 88.87 -11.23 84.87
CA SER I 156 87.89 -11.41 85.94
C SER I 156 87.29 -10.09 86.43
N SER I 157 87.46 -9.03 85.63
CA SER I 157 86.89 -7.73 85.97
C SER I 157 86.00 -7.21 84.85
N TYR I 158 84.80 -6.81 85.21
CA TYR I 158 83.89 -6.17 84.26
C TYR I 158 83.18 -5.00 84.91
N PRO I 159 83.84 -3.84 84.92
CA PRO I 159 83.29 -2.63 85.55
C PRO I 159 82.13 -2.07 84.73
N LYS I 160 81.14 -1.50 85.41
CA LYS I 160 80.08 -0.79 84.71
C LYS I 160 80.72 0.13 83.69
N LEU I 161 80.26 0.05 82.44
CA LEU I 161 80.77 0.92 81.39
C LEU I 161 79.77 2.03 81.05
N SER I 162 80.28 3.15 80.56
CA SER I 162 79.42 4.23 80.12
C SER I 162 80.02 4.97 78.93
N LYS I 163 79.51 4.67 77.74
CA LYS I 163 80.02 5.26 76.51
C LYS I 163 78.88 5.95 75.76
N SER I 164 79.11 7.19 75.33
CA SER I 164 78.08 7.95 74.64
C SER I 164 78.54 8.38 73.26
N TYR I 165 77.58 8.51 72.34
CA TYR I 165 77.87 9.06 71.03
C TYR I 165 76.92 10.21 70.71
N VAL I 166 77.48 11.31 70.24
CA VAL I 166 76.69 12.45 69.82
C VAL I 166 76.66 12.51 68.31
N ASN I 167 75.47 12.49 67.72
CA ASN I 167 75.35 12.53 66.27
C ASN I 167 75.83 13.84 65.69
N ASN I 168 77.02 13.82 65.09
CA ASN I 168 77.54 14.98 64.40
C ASN I 168 77.79 14.67 62.93
N LYS I 169 76.78 14.11 62.28
CA LYS I 169 76.87 13.76 60.87
C LYS I 169 75.82 14.51 60.05
N GLY I 170 75.00 15.30 60.73
CA GLY I 170 74.00 16.13 60.09
C GLY I 170 72.87 15.37 59.41
N LYS I 171 72.78 14.08 59.70
CA LYS I 171 71.75 13.24 59.13
C LYS I 171 71.51 12.09 60.09
N GLU I 172 70.38 11.40 59.93
CA GLU I 172 70.10 10.26 60.80
C GLU I 172 71.28 9.31 60.82
N VAL I 173 71.59 8.79 62.01
CA VAL I 173 72.62 7.77 62.15
C VAL I 173 72.02 6.46 62.64
N LEU I 174 72.14 5.42 61.83
CA LEU I 174 71.66 4.09 62.18
C LEU I 174 72.62 3.40 63.14
N VAL I 175 72.16 3.12 64.35
CA VAL I 175 72.98 2.43 65.34
C VAL I 175 72.44 1.03 65.61
N LEU I 176 73.35 0.05 65.62
CA LEU I 176 72.97 -1.33 65.85
C LEU I 176 73.76 -1.90 67.03
N TRP I 177 73.07 -2.61 67.92
CA TRP I 177 73.75 -3.29 69.01
C TRP I 177 73.09 -4.63 69.28
N GLY I 178 73.60 -5.34 70.29
CA GLY I 178 73.07 -6.63 70.67
C GLY I 178 73.06 -6.85 72.16
N VAL I 179 72.07 -7.60 72.63
CA VAL I 179 72.00 -7.95 74.04
C VAL I 179 72.10 -9.46 74.19
N HIS I 180 73.15 -9.93 74.85
CA HIS I 180 73.42 -11.36 74.92
C HIS I 180 72.74 -12.03 76.10
N HIS I 181 72.21 -13.22 75.88
CA HIS I 181 71.54 -14.00 76.91
C HIS I 181 72.13 -15.40 76.97
N PRO I 182 73.16 -15.58 77.82
CA PRO I 182 73.83 -16.89 77.97
C PRO I 182 72.87 -17.96 78.49
N PRO I 183 73.22 -19.24 78.29
CA PRO I 183 72.38 -20.38 78.65
C PRO I 183 72.41 -20.70 80.15
N THR I 184 73.55 -20.43 80.79
CA THR I 184 73.73 -20.80 82.19
C THR I 184 74.43 -19.69 82.96
N GLY I 185 74.31 -19.74 84.28
CA GLY I 185 74.95 -18.76 85.16
C GLY I 185 76.46 -18.85 85.09
N THR I 186 76.97 -20.03 84.75
CA THR I 186 78.40 -20.24 84.62
C THR I 186 78.94 -19.35 83.50
N ASP I 187 78.30 -19.45 82.33
CA ASP I 187 78.69 -18.66 81.18
C ASP I 187 78.53 -17.16 81.48
N GLN I 188 77.43 -16.80 82.10
CA GLN I 188 77.20 -15.42 82.49
C GLN I 188 78.43 -14.86 83.20
N GLN I 189 78.98 -15.63 84.12
CA GLN I 189 80.15 -15.22 84.89
C GLN I 189 81.44 -15.29 84.09
N SER I 190 81.57 -16.32 83.28
CA SER I 190 82.79 -16.53 82.50
C SER I 190 83.00 -15.45 81.45
N LEU I 191 81.93 -14.73 81.11
CA LEU I 191 81.99 -13.68 80.11
C LEU I 191 82.00 -12.30 80.75
N TYR I 192 81.04 -12.10 81.63
CA TYR I 192 80.72 -10.80 82.09
C TYR I 192 81.07 -10.61 83.54
N GLN I 193 81.61 -11.65 84.15
CA GLN I 193 82.02 -11.59 85.54
C GLN I 193 81.21 -10.97 86.62
N ASN I 194 79.97 -11.37 86.78
CA ASN I 194 78.91 -10.51 87.19
C ASN I 194 77.72 -11.28 86.88
N ALA I 195 77.11 -11.77 87.91
CA ALA I 195 76.04 -12.75 87.75
C ALA I 195 74.73 -12.06 87.38
N ASP I 196 74.51 -10.87 87.95
CA ASP I 196 73.34 -10.08 87.63
C ASP I 196 73.72 -8.77 86.96
N ALA I 197 73.97 -8.84 85.66
CA ALA I 197 74.35 -7.67 84.88
C ALA I 197 73.13 -7.03 84.24
N TYR I 198 73.37 -5.97 83.46
CA TYR I 198 72.30 -5.25 82.80
C TYR I 198 72.88 -4.37 81.70
N VAL I 199 72.05 -4.08 80.70
CA VAL I 199 72.43 -3.15 79.64
C VAL I 199 71.35 -2.08 79.51
N SER I 200 71.75 -0.81 79.56
CA SER I 200 70.79 0.28 79.41
C SER I 200 71.18 1.13 78.21
N VAL I 201 70.18 1.47 77.39
CA VAL I 201 70.40 2.26 76.18
C VAL I 201 69.43 3.44 76.18
N GLY I 202 69.95 4.65 75.96
CA GLY I 202 69.13 5.83 76.00
C GLY I 202 69.46 6.92 75.00
N SER I 203 68.45 7.68 74.63
CA SER I 203 68.61 8.82 73.74
C SER I 203 67.40 9.74 73.90
N SER I 204 67.23 10.67 72.97
CA SER I 204 66.10 11.59 73.03
C SER I 204 64.78 10.84 72.92
N LYS I 205 64.81 9.73 72.18
CA LYS I 205 63.58 8.99 71.91
C LYS I 205 63.67 7.50 72.25
N TYR I 206 64.86 7.02 72.56
CA TYR I 206 65.05 5.62 72.93
C TYR I 206 65.39 5.47 74.41
N ASN I 207 64.78 4.49 75.06
CA ASN I 207 65.03 4.25 76.47
C ASN I 207 64.70 2.83 76.91
N ARG I 208 65.73 2.02 77.14
CA ARG I 208 65.52 0.66 77.62
C ARG I 208 66.65 0.14 78.51
N ARG I 209 66.28 -0.71 79.46
CA ARG I 209 67.24 -1.43 80.28
C ARG I 209 67.04 -2.91 80.07
N PHE I 210 67.99 -3.55 79.39
CA PHE I 210 67.91 -4.97 79.11
C PHE I 210 68.59 -5.76 80.22
N THR I 211 67.86 -6.71 80.79
CA THR I 211 68.43 -7.63 81.75
C THR I 211 68.47 -9.05 81.19
N PRO I 212 69.65 -9.69 81.25
CA PRO I 212 69.87 -11.03 80.69
C PRO I 212 68.87 -12.06 81.20
N GLU I 213 68.37 -12.88 80.29
CA GLU I 213 67.45 -13.96 80.63
C GLU I 213 68.18 -15.30 80.47
N ILE I 214 68.77 -15.78 81.56
CA ILE I 214 69.59 -16.98 81.50
C ILE I 214 68.73 -18.24 81.45
N ALA I 215 68.90 -19.02 80.39
CA ALA I 215 68.16 -20.25 80.19
C ALA I 215 68.78 -21.09 79.08
N ALA I 216 68.52 -22.39 79.11
CA ALA I 216 68.99 -23.28 78.05
C ALA I 216 67.89 -23.46 77.01
N ARG I 217 68.18 -23.09 75.77
CA ARG I 217 67.23 -23.26 74.68
C ARG I 217 67.77 -24.31 73.71
N PRO I 218 66.89 -24.88 72.88
CA PRO I 218 67.36 -25.83 71.87
C PRO I 218 68.51 -25.21 71.10
N LYS I 219 69.64 -25.91 71.04
CA LYS I 219 70.83 -25.37 70.41
C LYS I 219 70.62 -25.07 68.92
N VAL I 220 70.83 -23.82 68.55
CA VAL I 220 70.83 -23.43 67.15
C VAL I 220 72.24 -22.97 66.81
N ARG I 221 72.83 -23.61 65.80
CA ARG I 221 74.22 -23.34 65.45
C ARG I 221 75.16 -23.57 66.64
N GLY I 222 74.78 -24.54 67.48
CA GLY I 222 75.61 -24.93 68.60
C GLY I 222 75.41 -24.11 69.86
N GLN I 223 74.59 -23.08 69.77
CA GLN I 223 74.44 -22.14 70.87
C GLN I 223 73.12 -22.30 71.63
N ALA I 224 73.23 -22.59 72.92
CA ALA I 224 72.06 -22.68 73.78
C ALA I 224 71.64 -21.27 74.20
N GLY I 225 72.55 -20.32 74.02
CA GLY I 225 72.26 -18.92 74.30
C GLY I 225 71.57 -18.23 73.15
N ARG I 226 71.18 -16.98 73.38
CA ARG I 226 70.55 -16.18 72.34
C ARG I 226 71.12 -14.78 72.35
N MET I 227 71.13 -14.14 71.19
CA MET I 227 71.54 -12.76 71.08
C MET I 227 70.39 -12.00 70.42
N ASN I 228 69.93 -10.94 71.06
CA ASN I 228 68.91 -10.07 70.47
C ASN I 228 69.57 -8.86 69.81
N TYR I 229 69.03 -8.45 68.67
CA TYR I 229 69.62 -7.35 67.93
C TYR I 229 68.67 -6.15 67.89
N TYR I 230 69.21 -4.97 68.20
CA TYR I 230 68.40 -3.76 68.23
C TYR I 230 69.01 -2.68 67.37
N TRP I 231 68.16 -1.78 66.88
CA TRP I 231 68.62 -0.67 66.07
C TRP I 231 67.77 0.55 66.39
N THR I 232 68.33 1.72 66.16
CA THR I 232 67.59 2.95 66.33
C THR I 232 68.12 4.01 65.37
N LEU I 233 67.30 5.00 65.07
CA LEU I 233 67.71 6.10 64.22
C LEU I 233 68.00 7.33 65.08
N LEU I 234 69.29 7.64 65.20
CA LEU I 234 69.73 8.77 66.01
C LEU I 234 69.67 10.05 65.18
N GLU I 235 68.88 11.01 65.61
CA GLU I 235 68.76 12.28 64.90
C GLU I 235 69.96 13.18 65.09
N PRO I 236 70.18 14.12 64.16
CA PRO I 236 71.33 15.03 64.22
C PRO I 236 71.39 15.78 65.54
N GLY I 237 72.52 15.68 66.22
CA GLY I 237 72.71 16.39 67.48
C GLY I 237 72.20 15.64 68.68
N ASP I 238 71.47 14.56 68.44
CA ASP I 238 70.96 13.74 69.53
C ASP I 238 72.10 12.90 70.12
N THR I 239 71.93 12.46 71.35
CA THR I 239 72.95 11.65 72.02
C THR I 239 72.40 10.26 72.34
N ILE I 240 73.21 9.25 72.10
CA ILE I 240 72.86 7.88 72.50
C ILE I 240 73.85 7.39 73.54
N THR I 241 73.34 6.97 74.70
CA THR I 241 74.19 6.57 75.81
C THR I 241 74.08 5.08 76.11
N PHE I 242 75.24 4.42 76.21
CA PHE I 242 75.32 3.01 76.52
C PHE I 242 75.94 2.79 77.89
N GLU I 243 75.25 2.03 78.75
CA GLU I 243 75.80 1.62 80.04
C GLU I 243 75.49 0.16 80.31
N ALA I 244 76.53 -0.63 80.59
CA ALA I 244 76.35 -2.05 80.80
C ALA I 244 77.34 -2.63 81.81
N THR I 245 76.86 -3.55 82.63
CA THR I 245 77.74 -4.31 83.52
C THR I 245 78.00 -5.67 82.90
N GLY I 246 77.82 -5.75 81.59
CA GLY I 246 78.02 -6.98 80.85
C GLY I 246 76.87 -7.26 79.90
N ASN I 247 77.05 -8.25 79.02
CA ASN I 247 75.98 -8.70 78.13
C ASN I 247 75.71 -7.77 76.95
N LEU I 248 76.54 -6.74 76.80
CA LEU I 248 76.37 -5.79 75.70
C LEU I 248 77.21 -6.17 74.49
N ILE I 249 76.57 -6.30 73.35
CA ILE I 249 77.28 -6.40 72.08
C ILE I 249 77.34 -4.99 71.51
N ALA I 250 78.46 -4.31 71.78
CA ALA I 250 78.58 -2.88 71.52
C ALA I 250 78.61 -2.52 70.04
N PRO I 251 77.97 -1.39 69.69
CA PRO I 251 78.11 -0.83 68.35
C PRO I 251 79.56 -0.53 68.06
N TRP I 252 80.06 -1.01 66.93
CA TRP I 252 81.42 -0.71 66.51
C TRP I 252 81.57 0.06 65.21
N TYR I 253 80.69 -0.20 64.25
CA TYR I 253 80.46 0.64 63.09
C TYR I 253 78.99 1.02 62.98
N ALA I 254 78.73 2.25 62.57
CA ALA I 254 77.36 2.72 62.38
C ALA I 254 77.19 3.33 60.98
N PHE I 255 75.99 3.84 60.69
CA PHE I 255 75.68 4.31 59.34
C PHE I 255 74.92 5.63 59.30
N ALA I 256 75.56 6.68 58.80
CA ALA I 256 74.88 7.95 58.57
C ALA I 256 74.10 7.87 57.25
N LEU I 257 72.78 7.92 57.33
CA LEU I 257 71.92 7.61 56.19
C LEU I 257 71.58 8.81 55.29
N ASN I 258 71.70 8.60 53.98
CA ASN I 258 71.25 9.57 52.99
C ASN I 258 69.94 9.12 52.35
N ARG I 259 68.86 9.84 52.66
CA ARG I 259 67.54 9.49 52.16
C ARG I 259 67.38 9.86 50.69
N GLY I 260 66.79 8.93 49.93
CA GLY I 260 66.43 9.18 48.55
C GLY I 260 65.10 8.50 48.28
N SER I 261 64.53 8.75 47.12
CA SER I 261 63.26 8.11 46.75
C SER I 261 63.44 7.23 45.52
N GLY I 262 62.49 6.33 45.29
CA GLY I 262 62.51 5.50 44.10
C GLY I 262 63.45 4.32 44.20
N SER I 263 63.92 4.01 45.41
CA SER I 263 64.76 2.84 45.60
C SER I 263 63.94 1.71 46.22
N GLY I 264 64.60 0.63 46.60
CA GLY I 264 63.91 -0.50 47.20
C GLY I 264 64.66 -1.81 47.10
N ILE I 265 64.04 -2.87 47.61
CA ILE I 265 64.67 -4.19 47.64
C ILE I 265 63.90 -5.20 46.81
N ILE I 266 64.62 -5.91 45.95
CA ILE I 266 64.01 -6.95 45.12
C ILE I 266 64.74 -8.27 45.31
N THR I 267 64.12 -9.35 44.88
CA THR I 267 64.76 -10.66 44.93
C THR I 267 64.93 -11.17 43.51
N SER I 268 66.17 -11.48 43.14
CA SER I 268 66.46 -11.92 41.78
C SER I 268 67.73 -12.77 41.71
N ASP I 269 67.72 -13.76 40.82
CA ASP I 269 68.90 -14.56 40.55
C ASP I 269 69.52 -14.14 39.21
N ALA I 270 69.01 -13.04 38.65
CA ALA I 270 69.54 -12.50 37.41
C ALA I 270 70.90 -11.85 37.66
N PRO I 271 71.86 -12.09 36.76
CA PRO I 271 73.22 -11.57 36.90
C PRO I 271 73.28 -10.06 36.68
N VAL I 272 74.23 -9.40 37.34
CA VAL I 272 74.42 -7.97 37.15
C VAL I 272 75.37 -7.72 35.99
N HIS I 273 75.09 -6.67 35.23
CA HIS I 273 75.91 -6.33 34.06
C HIS I 273 76.19 -4.83 34.00
N ASP I 274 77.21 -4.46 33.23
CA ASP I 274 77.51 -3.05 33.02
C ASP I 274 76.59 -2.48 31.95
N CYS I 275 75.29 -2.45 32.25
CA CYS I 275 74.30 -1.87 31.36
C CYS I 275 73.49 -0.83 32.12
N ASN I 276 72.65 -0.09 31.40
CA ASN I 276 71.89 0.98 32.02
C ASN I 276 70.45 1.04 31.52
N THR I 277 69.50 1.27 32.41
CA THR I 277 68.09 1.24 32.07
C THR I 277 67.29 2.28 32.86
N LYS I 278 66.06 2.52 32.45
CA LYS I 278 65.15 3.40 33.19
C LYS I 278 64.06 2.60 33.89
N CYS I 279 64.09 1.29 33.70
CA CYS I 279 63.08 0.41 34.27
C CYS I 279 63.65 -0.97 34.58
N GLN I 280 63.42 -1.44 35.80
CA GLN I 280 64.04 -2.68 36.27
C GLN I 280 63.04 -3.64 36.92
N THR I 281 63.18 -4.92 36.61
CA THR I 281 62.37 -5.96 37.22
C THR I 281 63.28 -7.12 37.62
N PRO I 282 62.82 -7.95 38.56
CA PRO I 282 63.63 -9.09 39.03
C PRO I 282 64.06 -10.01 37.90
N HIS I 283 63.33 -10.01 36.78
CA HIS I 283 63.67 -10.88 35.65
C HIS I 283 64.69 -10.24 34.71
N GLY I 284 64.59 -8.93 34.53
CA GLY I 284 65.50 -8.21 33.65
C GLY I 284 65.03 -6.78 33.42
N ALA I 285 65.88 -5.98 32.79
CA ALA I 285 65.56 -4.58 32.52
C ALA I 285 64.57 -4.44 31.36
N ILE I 286 63.96 -3.27 31.25
CA ILE I 286 63.00 -3.02 30.19
C ILE I 286 63.28 -1.71 29.45
N ASN I 287 63.43 -1.79 28.14
CA ASN I 287 63.50 -0.60 27.30
C ASN I 287 62.22 -0.51 26.48
N SER I 288 61.27 0.30 26.95
CA SER I 288 59.95 0.33 26.35
C SER I 288 59.23 1.66 26.52
N SER I 289 58.39 1.99 25.56
CA SER I 289 57.55 3.19 25.63
C SER I 289 56.08 2.78 25.74
N LEU I 290 55.84 1.47 25.73
CA LEU I 290 54.49 0.94 25.87
C LEU I 290 53.96 1.17 27.29
N PRO I 291 52.63 1.34 27.41
CA PRO I 291 51.98 1.67 28.68
C PRO I 291 51.81 0.48 29.61
N PHE I 292 51.93 -0.73 29.07
CA PHE I 292 51.72 -1.94 29.87
C PHE I 292 52.87 -2.93 29.74
N GLN I 293 52.96 -3.85 30.70
CA GLN I 293 53.92 -4.94 30.64
C GLN I 293 53.43 -6.12 31.48
N ASN I 294 53.80 -7.33 31.06
CA ASN I 294 53.39 -8.54 31.77
C ASN I 294 54.61 -9.32 32.26
N ILE I 295 55.71 -8.62 32.43
CA ILE I 295 56.96 -9.24 32.84
C ILE I 295 57.01 -9.50 34.35
N HIS I 296 56.69 -8.48 35.14
CA HIS I 296 56.77 -8.59 36.60
C HIS I 296 56.12 -7.41 37.31
N PRO I 297 55.36 -7.68 38.37
CA PRO I 297 54.68 -6.66 39.17
C PRO I 297 55.66 -5.80 39.99
N VAL I 298 56.78 -6.38 40.42
CA VAL I 298 57.80 -5.64 41.16
C VAL I 298 58.67 -4.82 40.22
N THR I 299 58.76 -3.51 40.48
CA THR I 299 59.34 -2.58 39.52
C THR I 299 60.18 -1.49 40.19
N ILE I 300 61.31 -1.17 39.56
CA ILE I 300 62.18 -0.09 40.04
C ILE I 300 62.53 0.89 38.91
N GLY I 301 62.17 2.16 39.10
CA GLY I 301 62.39 3.19 38.10
C GLY I 301 61.08 3.68 37.53
N GLU I 302 61.11 4.10 36.26
CA GLU I 302 59.91 4.48 35.55
C GLU I 302 59.52 3.34 34.63
N CYS I 303 58.40 2.68 34.91
CA CYS I 303 58.04 1.48 34.18
C CYS I 303 56.62 1.51 33.62
N PRO I 304 56.36 0.65 32.62
CA PRO I 304 55.00 0.38 32.16
C PRO I 304 54.20 -0.28 33.27
N LYS I 305 52.90 -0.02 33.33
CA LYS I 305 52.04 -0.60 34.35
C LYS I 305 51.93 -2.11 34.16
N TYR I 306 52.24 -2.86 35.21
CA TYR I 306 52.15 -4.32 35.13
C TYR I 306 50.71 -4.76 35.01
N VAL I 307 50.51 -5.91 34.38
CA VAL I 307 49.17 -6.39 34.06
C VAL I 307 49.26 -7.90 33.82
N ARG I 308 48.17 -8.61 34.06
CA ARG I 308 48.14 -10.06 33.86
C ARG I 308 48.05 -10.45 32.38
N SER I 309 47.58 -9.52 31.56
CA SER I 309 47.27 -9.80 30.16
C SER I 309 48.39 -10.50 29.38
N THR I 310 47.97 -11.38 28.46
CA THR I 310 48.89 -12.05 27.57
C THR I 310 48.98 -11.28 26.25
N LYS I 311 47.91 -10.58 25.91
CA LYS I 311 47.82 -9.85 24.66
C LYS I 311 47.01 -8.56 24.80
N LEU I 312 47.59 -7.45 24.39
CA LEU I 312 46.89 -6.17 24.38
C LEU I 312 47.18 -5.39 23.10
N ARG I 313 46.66 -5.90 21.98
CA ARG I 313 46.92 -5.29 20.68
C ARG I 313 45.78 -4.36 20.26
N MET I 314 46.12 -3.12 19.95
CA MET I 314 45.13 -2.12 19.60
C MET I 314 45.07 -1.87 18.10
N ALA I 315 43.86 -1.91 17.55
CA ALA I 315 43.66 -1.71 16.12
C ALA I 315 43.76 -0.24 15.73
N THR I 316 44.57 0.04 14.71
CA THR I 316 44.72 1.38 14.19
C THR I 316 44.16 1.45 12.77
N GLY I 317 44.49 0.44 11.97
CA GLY I 317 44.00 0.34 10.61
C GLY I 317 42.60 -0.24 10.56
N LEU I 318 42.16 -0.65 9.38
CA LEU I 318 40.83 -1.21 9.23
C LEU I 318 40.86 -2.73 9.05
N ARG I 319 39.68 -3.32 8.91
CA ARG I 319 39.57 -4.76 8.72
C ARG I 319 40.20 -5.20 7.40
N ASN I 320 41.25 -6.01 7.49
CA ASN I 320 41.99 -6.44 6.30
C ASN I 320 41.27 -7.50 5.49
N ILE I 321 40.95 -7.18 4.24
CA ILE I 321 40.24 -8.11 3.36
C ILE I 321 40.81 -8.07 1.96
N PRO I 322 41.97 -8.71 1.76
CA PRO I 322 42.70 -8.65 0.48
C PRO I 322 41.85 -9.18 -0.67
N ALA I 323 41.24 -10.35 -0.47
CA ALA I 323 40.45 -10.99 -1.52
C ALA I 323 41.03 -10.74 -2.91
N ARG I 324 42.31 -11.05 -3.07
CA ARG I 324 43.02 -10.81 -4.33
C ARG I 324 42.80 -11.95 -5.32
N GLY J 1 30.44 -4.85 9.45
CA GLY J 1 30.25 -3.43 9.25
C GLY J 1 29.01 -2.90 9.95
N LEU J 2 29.21 -1.91 10.81
CA LEU J 2 28.10 -1.26 11.50
C LEU J 2 27.47 -0.22 10.59
N PHE J 3 28.27 0.28 9.64
CA PHE J 3 27.80 1.29 8.69
C PHE J 3 27.58 0.70 7.29
N GLY J 4 27.76 -0.61 7.18
CA GLY J 4 27.39 -1.34 5.98
C GLY J 4 28.39 -1.34 4.84
N ALA J 5 29.45 -0.54 4.97
CA ALA J 5 30.41 -0.39 3.87
C ALA J 5 31.48 -1.48 3.86
N ILE J 6 32.49 -1.34 4.70
CA ILE J 6 33.57 -2.31 4.77
C ILE J 6 33.04 -3.70 5.06
N ALA J 7 33.43 -4.66 4.23
CA ALA J 7 32.92 -6.03 4.33
C ALA J 7 31.40 -6.04 4.24
N GLY J 8 30.86 -5.01 3.61
CA GLY J 8 29.43 -4.90 3.42
C GLY J 8 29.09 -4.78 1.94
N PHE J 9 28.63 -3.60 1.53
CA PHE J 9 28.28 -3.40 0.13
C PHE J 9 29.50 -3.14 -0.74
N ILE J 10 30.67 -3.09 -0.11
CA ILE J 10 31.93 -3.12 -0.83
C ILE J 10 32.69 -4.35 -0.35
N GLU J 11 32.49 -5.47 -1.05
CA GLU J 11 32.91 -6.78 -0.57
C GLU J 11 34.34 -6.88 -0.03
N GLY J 12 35.28 -6.21 -0.70
CA GLY J 12 36.68 -6.37 -0.34
C GLY J 12 37.51 -5.11 -0.38
N GLY J 13 38.80 -5.25 -0.09
CA GLY J 13 39.72 -4.15 -0.09
C GLY J 13 40.64 -4.20 -1.31
N TRP J 14 41.54 -3.24 -1.40
CA TRP J 14 42.43 -3.15 -2.55
C TRP J 14 43.90 -3.19 -2.15
N THR J 15 44.57 -4.30 -2.41
CA THR J 15 46.01 -4.37 -2.21
C THR J 15 46.67 -3.42 -3.22
N GLY J 16 45.91 -3.04 -4.24
CA GLY J 16 46.39 -2.13 -5.26
C GLY J 16 46.56 -0.71 -4.78
N MET J 17 45.75 -0.31 -3.79
CA MET J 17 45.84 1.03 -3.22
C MET J 17 46.77 1.02 -2.02
N ILE J 18 47.96 1.61 -2.18
CA ILE J 18 49.01 1.49 -1.18
C ILE J 18 49.36 2.80 -0.48
N ASP J 19 48.59 3.86 -0.74
CA ASP J 19 48.95 5.19 -0.26
C ASP J 19 47.89 5.86 0.62
N GLY J 20 47.00 5.06 1.18
CA GLY J 20 45.96 5.58 2.05
C GLY J 20 44.98 4.49 2.46
N TRP J 21 44.18 4.76 3.49
CA TRP J 21 43.20 3.80 3.96
C TRP J 21 41.97 3.75 3.07
N TYR J 22 41.61 4.91 2.51
CA TYR J 22 40.46 5.00 1.61
C TYR J 22 40.83 5.74 0.32
N GLY J 23 40.15 5.41 -0.77
CA GLY J 23 40.43 6.06 -2.05
C GLY J 23 39.52 5.62 -3.18
N TYR J 24 40.01 5.78 -4.40
CA TYR J 24 39.22 5.45 -5.58
C TYR J 24 40.02 4.59 -6.54
N HIS J 25 39.29 4.02 -7.48
CA HIS J 25 39.80 3.40 -8.67
C HIS J 25 38.96 3.93 -9.79
N HIS J 26 39.54 4.26 -10.92
CA HIS J 26 38.76 4.80 -12.01
C HIS J 26 39.10 4.09 -13.28
N GLN J 27 38.13 3.93 -14.18
CA GLN J 27 38.49 3.35 -15.47
C GLN J 27 38.17 4.30 -16.63
N ASN J 28 39.20 4.65 -17.39
CA ASN J 28 39.07 5.67 -18.43
C ASN J 28 39.38 5.16 -19.82
N GLU J 29 39.16 6.02 -20.81
CA GLU J 29 39.65 5.77 -22.16
C GLU J 29 41.16 5.89 -22.14
N GLN J 30 41.65 6.69 -21.20
CA GLN J 30 43.08 6.91 -21.07
C GLN J 30 43.73 5.83 -20.23
N GLY J 31 42.95 5.25 -19.30
CA GLY J 31 43.43 4.15 -18.49
C GLY J 31 42.80 4.04 -17.12
N SER J 32 43.30 3.09 -16.33
CA SER J 32 42.79 2.85 -14.99
C SER J 32 43.92 2.95 -13.97
N GLY J 33 43.58 2.79 -12.70
CA GLY J 33 44.55 2.86 -11.62
C GLY J 33 43.91 3.30 -10.32
N TYR J 34 44.68 3.22 -9.23
CA TYR J 34 44.16 3.60 -7.91
C TYR J 34 44.64 4.99 -7.51
N ALA J 35 43.89 5.63 -6.61
CA ALA J 35 44.29 6.91 -6.04
C ALA J 35 43.60 7.08 -4.69
N ALA J 36 44.38 7.30 -3.65
CA ALA J 36 43.82 7.46 -2.31
C ALA J 36 43.30 8.88 -2.10
N ASP J 37 42.28 9.01 -1.26
CA ASP J 37 41.74 10.32 -0.91
C ASP J 37 42.50 10.89 0.29
N GLN J 38 43.46 11.77 0.00
CA GLN J 38 44.32 12.34 1.04
C GLN J 38 43.48 12.90 2.19
N LYS J 39 42.47 13.70 1.84
CA LYS J 39 41.60 14.34 2.82
C LYS J 39 41.16 13.36 3.91
N SER J 40 40.36 12.38 3.52
CA SER J 40 39.76 11.45 4.49
C SER J 40 40.81 10.56 5.16
N THR J 41 41.77 10.09 4.39
CA THR J 41 42.83 9.25 4.95
C THR J 41 43.54 9.98 6.06
N GLN J 42 43.86 11.24 5.83
CA GLN J 42 44.59 12.05 6.80
C GLN J 42 43.77 12.34 8.05
N ASN J 43 42.48 12.63 7.87
CA ASN J 43 41.60 12.87 9.02
C ASN J 43 41.45 11.63 9.89
N ALA J 44 41.62 10.46 9.29
CA ALA J 44 41.53 9.20 10.02
C ALA J 44 42.80 8.97 10.83
N ILE J 45 43.94 9.21 10.20
CA ILE J 45 45.22 9.07 10.88
C ILE J 45 45.29 10.01 12.08
N ASP J 46 44.84 11.24 11.88
CA ASP J 46 44.81 12.23 12.96
C ASP J 46 43.87 11.80 14.06
N GLY J 47 42.78 11.14 13.68
CA GLY J 47 41.86 10.60 14.67
C GLY J 47 42.50 9.47 15.47
N ILE J 48 42.95 8.43 14.78
CA ILE J 48 43.51 7.26 15.44
C ILE J 48 44.76 7.60 16.25
N THR J 49 45.68 8.35 15.64
CA THR J 49 46.88 8.79 16.35
C THR J 49 46.50 9.40 17.69
N ASN J 50 45.43 10.19 17.68
CA ASN J 50 44.94 10.82 18.90
C ASN J 50 44.34 9.81 19.86
N LYS J 51 43.68 8.80 19.32
CA LYS J 51 43.09 7.74 20.15
C LYS J 51 44.17 6.94 20.86
N VAL J 52 45.16 6.49 20.11
CA VAL J 52 46.26 5.73 20.69
C VAL J 52 46.92 6.55 21.78
N ASN J 53 47.24 7.81 21.46
CA ASN J 53 47.88 8.70 22.42
C ASN J 53 47.05 8.92 23.67
N SER J 54 45.74 9.10 23.50
CA SER J 54 44.85 9.32 24.62
C SER J 54 44.79 8.11 25.54
N VAL J 55 44.81 6.91 24.94
CA VAL J 55 44.86 5.67 25.70
C VAL J 55 46.13 5.61 26.53
N ILE J 56 47.24 6.02 25.93
CA ILE J 56 48.54 5.99 26.58
C ILE J 56 48.68 7.07 27.66
N GLU J 57 48.12 8.25 27.41
CA GLU J 57 48.13 9.31 28.41
C GLU J 57 47.48 8.86 29.72
N LYS J 58 46.27 8.30 29.61
CA LYS J 58 45.49 7.95 30.79
C LYS J 58 46.16 6.90 31.68
N MET J 59 47.11 6.15 31.11
CA MET J 59 47.86 5.17 31.89
C MET J 59 49.22 5.76 32.27
N ASN J 60 49.27 6.47 33.39
CA ASN J 60 50.55 7.00 33.87
C ASN J 60 51.53 5.88 34.20
N THR J 61 52.82 6.14 33.99
CA THR J 61 53.84 5.14 34.25
C THR J 61 53.78 4.62 35.67
N GLN J 62 54.22 3.38 35.86
CA GLN J 62 54.35 2.79 37.18
C GLN J 62 55.73 3.13 37.73
N PHE J 63 55.77 3.99 38.74
CA PHE J 63 57.04 4.30 39.40
C PHE J 63 57.46 3.15 40.30
N THR J 64 58.53 3.34 41.05
CA THR J 64 59.07 2.28 41.90
C THR J 64 58.00 1.69 42.80
N ALA J 65 57.82 0.38 42.70
CA ALA J 65 56.86 -0.34 43.53
C ALA J 65 57.37 -1.74 43.84
N VAL J 66 57.76 -1.96 45.09
CA VAL J 66 58.27 -3.26 45.51
C VAL J 66 57.46 -3.80 46.68
N GLY J 67 57.91 -4.93 47.23
CA GLY J 67 57.17 -5.60 48.28
C GLY J 67 57.71 -5.36 49.68
N LYS J 68 56.90 -5.68 50.67
CA LYS J 68 57.31 -5.56 52.06
C LYS J 68 57.39 -6.95 52.66
N GLU J 69 58.21 -7.10 53.70
CA GLU J 69 58.27 -8.37 54.41
C GLU J 69 57.48 -8.30 55.72
N PHE J 70 57.09 -9.46 56.22
CA PHE J 70 56.34 -9.55 57.45
C PHE J 70 56.77 -10.78 58.24
N ASN J 71 56.81 -10.67 59.56
CA ASN J 71 57.15 -11.83 60.39
C ASN J 71 55.92 -12.71 60.64
N ASN J 72 56.14 -13.85 61.30
CA ASN J 72 55.10 -14.87 61.43
C ASN J 72 53.92 -14.46 62.31
N LEU J 73 54.02 -13.30 62.95
CA LEU J 73 52.92 -12.78 63.76
C LEU J 73 52.22 -11.63 63.05
N GLU J 74 52.52 -11.47 61.77
CA GLU J 74 51.94 -10.39 60.98
C GLU J 74 51.29 -10.92 59.72
N ARG J 75 50.56 -12.03 59.85
CA ARG J 75 49.91 -12.63 58.70
C ARG J 75 48.70 -11.83 58.24
N ARG J 76 47.96 -11.26 59.18
CA ARG J 76 46.82 -10.41 58.85
C ARG J 76 47.23 -9.24 57.96
N ILE J 77 48.25 -8.51 58.40
CA ILE J 77 48.74 -7.37 57.62
C ILE J 77 49.33 -7.83 56.29
N GLU J 78 50.01 -8.97 56.30
CA GLU J 78 50.55 -9.54 55.07
C GLU J 78 49.42 -9.80 54.09
N ASN J 79 48.38 -10.48 54.57
CA ASN J 79 47.22 -10.78 53.72
C ASN J 79 46.52 -9.52 53.23
N LEU J 80 46.57 -8.46 54.01
CA LEU J 80 46.00 -7.18 53.61
C LEU J 80 46.83 -6.63 52.46
N ASN J 81 48.14 -6.54 52.66
CA ASN J 81 49.07 -6.15 51.62
C ASN J 81 48.76 -6.91 50.34
N LYS J 82 48.64 -8.23 50.45
CA LYS J 82 48.38 -9.09 49.30
C LYS J 82 47.00 -8.84 48.69
N LYS J 83 46.00 -8.62 49.55
CA LYS J 83 44.66 -8.32 49.05
C LYS J 83 44.67 -7.01 48.29
N VAL J 84 45.51 -6.07 48.74
CA VAL J 84 45.59 -4.76 48.09
C VAL J 84 46.30 -4.85 46.73
N ASP J 85 47.41 -5.58 46.67
CA ASP J 85 48.14 -5.73 45.42
C ASP J 85 47.32 -6.48 44.37
N ASP J 86 46.76 -7.62 44.78
CA ASP J 86 45.91 -8.41 43.90
C ASP J 86 44.66 -7.66 43.46
N GLY J 87 44.14 -6.83 44.36
CA GLY J 87 42.96 -6.04 44.05
C GLY J 87 43.24 -5.05 42.93
N PHE J 88 44.27 -4.23 43.12
CA PHE J 88 44.62 -3.21 42.13
C PHE J 88 45.03 -3.84 40.81
N LEU J 89 45.73 -4.97 40.89
CA LEU J 89 46.14 -5.68 39.68
C LEU J 89 44.93 -6.18 38.91
N ASP J 90 43.96 -6.74 39.62
CA ASP J 90 42.73 -7.21 39.00
C ASP J 90 42.04 -6.07 38.26
N ILE J 91 41.99 -4.91 38.89
CA ILE J 91 41.27 -3.75 38.34
C ILE J 91 41.93 -3.19 37.09
N TRP J 92 43.26 -3.16 37.05
CA TRP J 92 43.97 -2.60 35.90
C TRP J 92 44.00 -3.55 34.72
N THR J 93 44.13 -4.85 34.99
CA THR J 93 44.09 -5.83 33.92
C THR J 93 42.72 -5.77 33.25
N TYR J 94 41.70 -5.60 34.07
CA TYR J 94 40.34 -5.41 33.60
C TYR J 94 40.27 -4.19 32.70
N ASN J 95 40.63 -3.02 33.23
CA ASN J 95 40.58 -1.77 32.48
C ASN J 95 41.32 -1.81 31.14
N ALA J 96 42.53 -2.37 31.14
CA ALA J 96 43.32 -2.45 29.93
C ALA J 96 42.62 -3.33 28.91
N GLU J 97 42.50 -4.62 29.23
CA GLU J 97 41.87 -5.57 28.33
C GLU J 97 40.53 -5.05 27.81
N LEU J 98 39.73 -4.51 28.73
CA LEU J 98 38.39 -4.03 28.40
C LEU J 98 38.44 -2.81 27.49
N LEU J 99 39.25 -1.81 27.88
CA LEU J 99 39.35 -0.57 27.11
C LEU J 99 39.75 -0.83 25.65
N VAL J 100 40.61 -1.83 25.45
CA VAL J 100 41.08 -2.15 24.11
C VAL J 100 39.99 -2.80 23.25
N LEU J 101 39.26 -3.75 23.83
CA LEU J 101 38.15 -4.38 23.12
C LEU J 101 37.16 -3.34 22.62
N LEU J 102 36.81 -2.41 23.50
CA LEU J 102 35.81 -1.40 23.19
C LEU J 102 36.33 -0.34 22.23
N GLU J 103 37.64 -0.14 22.20
CA GLU J 103 38.20 0.85 21.29
C GLU J 103 38.50 0.26 19.92
N ASN J 104 38.72 -1.04 19.88
CA ASN J 104 38.86 -1.74 18.61
C ASN J 104 37.52 -1.79 17.90
N GLU J 105 36.47 -2.07 18.67
CA GLU J 105 35.11 -2.05 18.15
C GLU J 105 34.80 -0.68 17.56
N ARG J 106 35.22 0.37 18.27
CA ARG J 106 35.00 1.74 17.81
C ARG J 106 35.85 2.07 16.60
N THR J 107 37.08 1.55 16.58
CA THR J 107 38.03 1.85 15.51
C THR J 107 37.65 1.23 14.17
N LEU J 108 37.17 -0.01 14.20
CA LEU J 108 36.78 -0.71 12.98
C LEU J 108 35.53 -0.09 12.36
N ASP J 109 34.59 0.31 13.20
CA ASP J 109 33.37 1.00 12.74
C ASP J 109 33.74 2.38 12.25
N PHE J 110 34.76 2.97 12.86
CA PHE J 110 35.19 4.31 12.50
C PHE J 110 35.61 4.34 11.03
N HIS J 111 36.35 3.31 10.62
CA HIS J 111 36.76 3.18 9.23
C HIS J 111 35.54 2.93 8.34
N ASP J 112 34.62 2.11 8.84
CA ASP J 112 33.39 1.80 8.11
C ASP J 112 32.61 3.09 7.80
N SER J 113 32.50 3.94 8.81
CA SER J 113 31.80 5.22 8.66
C SER J 113 32.52 6.12 7.66
N ASN J 114 33.84 6.10 7.69
CA ASN J 114 34.63 6.92 6.78
C ASN J 114 34.45 6.51 5.32
N VAL J 115 34.38 5.20 5.08
CA VAL J 115 34.14 4.69 3.73
C VAL J 115 32.73 5.07 3.27
N ARG J 116 31.75 4.75 4.10
CA ARG J 116 30.36 5.15 3.85
C ARG J 116 30.28 6.62 3.44
N ASN J 117 30.83 7.49 4.29
CA ASN J 117 30.77 8.93 4.03
C ASN J 117 31.51 9.37 2.77
N LEU J 118 32.57 8.65 2.42
CA LEU J 118 33.34 8.97 1.22
C LEU J 118 32.52 8.58 -0.01
N TYR J 119 31.93 7.38 0.05
CA TYR J 119 31.07 6.91 -1.03
C TYR J 119 29.87 7.84 -1.21
N GLU J 120 29.22 8.19 -0.10
CA GLU J 120 28.05 9.05 -0.16
C GLU J 120 28.38 10.48 -0.57
N LYS J 121 29.66 10.84 -0.46
CA LYS J 121 30.10 12.17 -0.88
C LYS J 121 30.18 12.20 -2.41
N VAL J 122 30.76 11.14 -2.97
CA VAL J 122 30.84 10.98 -4.41
C VAL J 122 29.44 10.88 -5.03
N LYS J 123 28.58 10.09 -4.40
CA LYS J 123 27.23 9.87 -4.89
C LYS J 123 26.44 11.17 -4.99
N SER J 124 26.55 12.02 -3.97
CA SER J 124 25.80 13.27 -3.97
C SER J 124 26.39 14.29 -4.96
N GLN J 125 27.63 14.04 -5.38
CA GLN J 125 28.25 14.86 -6.41
C GLN J 125 27.74 14.46 -7.79
N LEU J 126 27.77 13.15 -8.07
CA LEU J 126 27.39 12.64 -9.37
C LEU J 126 25.91 12.86 -9.62
N LYS J 127 25.07 12.22 -8.82
CA LYS J 127 23.62 12.26 -9.01
C LYS J 127 23.35 11.63 -10.38
N ASN J 128 22.46 12.26 -11.15
CA ASN J 128 22.02 11.76 -12.45
C ASN J 128 23.16 11.32 -13.37
N ASN J 129 24.27 12.05 -13.33
CA ASN J 129 25.34 11.86 -14.30
C ASN J 129 26.01 10.48 -14.28
N ALA J 130 25.57 9.62 -13.36
CA ALA J 130 26.08 8.26 -13.28
C ALA J 130 25.14 7.39 -12.45
N LYS J 131 25.28 6.07 -12.56
CA LYS J 131 24.43 5.18 -11.79
C LYS J 131 25.23 4.22 -10.92
N GLU J 132 24.62 3.80 -9.80
CA GLU J 132 25.28 2.93 -8.84
C GLU J 132 25.25 1.48 -9.31
N ILE J 133 26.37 1.02 -9.87
CA ILE J 133 26.52 -0.38 -10.26
C ILE J 133 26.37 -1.27 -9.04
N GLY J 134 27.03 -0.89 -7.95
CA GLY J 134 27.15 -1.73 -6.78
C GLY J 134 28.62 -1.95 -6.50
N ASN J 135 28.96 -2.54 -5.37
CA ASN J 135 30.36 -2.75 -5.01
C ASN J 135 31.09 -1.43 -4.89
N GLY J 136 30.32 -0.36 -4.70
CA GLY J 136 30.89 0.97 -4.57
C GLY J 136 31.37 1.54 -5.89
N CYS J 137 30.73 1.13 -6.98
CA CYS J 137 31.12 1.60 -8.31
C CYS J 137 30.06 2.50 -8.95
N PHE J 138 30.52 3.61 -9.51
CA PHE J 138 29.63 4.51 -10.25
C PHE J 138 29.92 4.42 -11.75
N GLU J 139 28.87 4.25 -12.54
CA GLU J 139 29.03 4.18 -14.00
C GLU J 139 28.60 5.49 -14.64
N PHE J 140 29.57 6.25 -15.15
CA PHE J 140 29.29 7.55 -15.75
C PHE J 140 28.47 7.44 -17.01
N TYR J 141 27.43 8.26 -17.11
CA TYR J 141 26.63 8.34 -18.33
C TYR J 141 27.31 9.27 -19.33
N HIS J 142 28.22 10.09 -18.88
CA HIS J 142 28.93 10.92 -19.80
C HIS J 142 30.35 10.46 -19.81
N LYS J 143 31.18 11.14 -20.55
CA LYS J 143 32.51 10.64 -20.67
C LYS J 143 33.37 11.35 -19.68
N CYS J 144 34.10 10.59 -18.88
CA CYS J 144 34.82 11.32 -17.84
C CYS J 144 36.33 11.15 -17.94
N ASP J 145 37.01 12.11 -18.56
CA ASP J 145 38.47 12.05 -18.69
C ASP J 145 39.19 12.25 -17.36
N ASP J 146 40.51 12.16 -17.37
CA ASP J 146 41.32 12.27 -16.15
C ASP J 146 40.97 13.51 -15.33
N ALA J 147 40.93 14.67 -15.98
CA ALA J 147 40.62 15.91 -15.28
C ALA J 147 39.23 15.84 -14.65
N CYS J 148 38.34 15.08 -15.27
CA CYS J 148 37.00 14.88 -14.74
C CYS J 148 37.04 13.94 -13.53
N MET J 149 37.76 12.84 -13.67
CA MET J 149 37.95 11.89 -12.59
C MET J 149 38.52 12.60 -11.37
N GLU J 150 39.62 13.32 -11.58
CA GLU J 150 40.29 14.03 -10.50
C GLU J 150 39.37 15.06 -9.85
N SER J 151 38.46 15.62 -10.63
CA SER J 151 37.52 16.62 -10.10
C SER J 151 36.49 15.94 -9.19
N VAL J 152 36.21 14.68 -9.47
CA VAL J 152 35.28 13.91 -8.64
C VAL J 152 35.92 13.61 -7.29
N ARG J 153 37.15 13.11 -7.34
CA ARG J 153 37.91 12.81 -6.13
C ARG J 153 38.58 14.07 -5.59
N ASN J 154 37.91 15.21 -5.78
CA ASN J 154 38.47 16.51 -5.43
C ASN J 154 37.38 17.35 -4.76
N GLY J 155 36.12 16.96 -4.98
CA GLY J 155 34.98 17.67 -4.44
C GLY J 155 34.57 18.85 -5.28
N THR J 156 34.99 18.83 -6.55
CA THR J 156 34.75 19.95 -7.46
C THR J 156 34.12 19.50 -8.78
N TYR J 157 33.51 18.33 -8.78
CA TYR J 157 32.84 17.81 -9.97
C TYR J 157 31.76 18.78 -10.46
N ASP J 158 31.87 19.19 -11.71
CA ASP J 158 30.94 20.15 -12.30
C ASP J 158 29.67 19.42 -12.74
N TYR J 159 28.56 19.71 -12.07
CA TYR J 159 27.29 19.05 -12.40
C TYR J 159 26.35 19.81 -13.34
N PRO J 160 26.41 21.16 -13.35
CA PRO J 160 25.61 21.92 -14.32
C PRO J 160 25.67 21.26 -15.71
N LYS J 161 26.86 21.22 -16.31
CA LYS J 161 27.17 20.14 -17.24
C LYS J 161 27.09 18.98 -16.27
N TYR J 162 26.40 17.91 -16.64
CA TYR J 162 26.08 17.63 -18.02
C TYR J 162 24.58 17.44 -18.27
N SER J 163 24.16 17.73 -19.49
CA SER J 163 22.85 17.34 -19.99
C SER J 163 23.12 16.33 -21.09
N GLU J 164 24.41 16.02 -21.28
CA GLU J 164 24.86 14.88 -22.06
C GLU J 164 24.23 13.62 -21.46
N GLU J 165 23.25 13.84 -20.57
CA GLU J 165 22.57 12.76 -19.86
C GLU J 165 21.29 12.35 -20.57
N SER J 166 21.45 11.82 -21.78
CA SER J 166 20.46 10.93 -22.35
C SER J 166 20.75 9.60 -21.67
N LYS J 167 20.36 8.49 -22.29
CA LYS J 167 20.74 7.19 -21.77
C LYS J 167 20.11 6.98 -20.40
N ASP K 1 1.83 -6.59 -5.21
CA ASP K 1 3.05 -7.35 -4.96
C ASP K 1 4.09 -6.55 -4.17
N THR K 2 4.30 -6.95 -2.93
CA THR K 2 5.20 -6.21 -2.04
C THR K 2 6.13 -7.10 -1.22
N ILE K 3 7.24 -6.53 -0.78
CA ILE K 3 8.12 -7.19 0.17
C ILE K 3 8.56 -6.19 1.24
N CYS K 4 8.46 -6.59 2.51
CA CYS K 4 8.79 -5.69 3.62
C CYS K 4 9.91 -6.25 4.47
N ILE K 5 10.78 -5.36 4.93
CA ILE K 5 11.84 -5.73 5.88
C ILE K 5 11.47 -5.27 7.28
N GLY K 6 11.58 -6.17 8.24
CA GLY K 6 11.20 -5.86 9.62
C GLY K 6 11.97 -6.66 10.65
N TYR K 7 11.60 -6.49 11.91
CA TYR K 7 12.32 -7.13 13.01
C TYR K 7 11.39 -7.81 14.03
N HIS K 8 11.96 -8.72 14.80
CA HIS K 8 11.21 -9.54 15.75
C HIS K 8 10.58 -8.74 16.89
N ALA K 9 9.42 -9.19 17.34
CA ALA K 9 8.76 -8.66 18.52
C ALA K 9 8.04 -9.80 19.23
N ASN K 10 7.81 -9.65 20.53
CA ASN K 10 7.14 -10.69 21.30
C ASN K 10 6.43 -10.18 22.56
N ASN K 11 5.95 -11.10 23.37
CA ASN K 11 5.23 -10.75 24.59
C ASN K 11 6.16 -10.61 25.80
N SER K 12 7.45 -10.37 25.53
CA SER K 12 8.43 -10.21 26.59
C SER K 12 8.26 -8.89 27.31
N THR K 13 8.55 -8.89 28.61
CA THR K 13 8.40 -7.70 29.44
C THR K 13 9.73 -7.29 30.08
N ASP K 14 10.76 -8.10 29.86
CA ASP K 14 12.09 -7.80 30.38
C ASP K 14 12.50 -6.37 29.99
N THR K 15 13.01 -5.62 30.96
CA THR K 15 13.49 -4.27 30.68
C THR K 15 14.97 -4.14 31.03
N VAL K 16 15.70 -3.40 30.20
CA VAL K 16 17.09 -3.09 30.47
C VAL K 16 17.25 -1.59 30.56
N ASP K 17 18.41 -1.14 31.02
CA ASP K 17 18.70 0.28 31.14
C ASP K 17 19.89 0.66 30.29
N THR K 18 19.81 1.83 29.69
CA THR K 18 20.93 2.38 28.94
C THR K 18 21.30 3.74 29.51
N VAL K 19 22.36 4.33 29.00
CA VAL K 19 22.81 5.63 29.47
C VAL K 19 21.85 6.72 29.02
N LEU K 20 21.24 6.53 27.84
CA LEU K 20 20.32 7.51 27.27
C LEU K 20 18.88 7.34 27.74
N GLU K 21 18.51 6.12 28.10
CA GLU K 21 17.11 5.81 28.38
C GLU K 21 16.97 4.73 29.45
N LYS K 22 15.99 4.89 30.32
CA LYS K 22 15.71 3.89 31.36
C LYS K 22 14.43 3.12 31.08
N ASN K 23 14.41 1.85 31.46
CA ASN K 23 13.24 0.99 31.24
C ASN K 23 12.88 0.79 29.78
N VAL K 24 13.82 0.25 29.01
CA VAL K 24 13.55 -0.07 27.62
C VAL K 24 13.19 -1.54 27.53
N THR K 25 11.94 -1.83 27.16
CA THR K 25 11.51 -3.22 27.03
C THR K 25 12.16 -3.86 25.82
N VAL K 26 12.78 -5.02 26.02
CA VAL K 26 13.51 -5.71 24.95
C VAL K 26 13.00 -7.12 24.72
N THR K 27 13.29 -7.67 23.54
CA THR K 27 12.82 -8.98 23.16
C THR K 27 13.47 -10.08 23.99
N HIS K 28 14.79 -9.99 24.14
CA HIS K 28 15.54 -10.99 24.90
C HIS K 28 16.62 -10.34 25.75
N SER K 29 17.08 -11.04 26.78
CA SER K 29 18.12 -10.52 27.65
C SER K 29 18.65 -11.61 28.57
N VAL K 30 19.70 -11.28 29.32
CA VAL K 30 20.23 -12.17 30.35
C VAL K 30 20.50 -11.39 31.62
N ASN K 31 20.09 -11.95 32.74
CA ASN K 31 20.40 -11.36 34.04
C ASN K 31 21.76 -11.85 34.49
N LEU K 32 22.64 -10.91 34.84
CA LEU K 32 24.00 -11.26 35.27
C LEU K 32 24.12 -11.22 36.78
N LEU K 33 23.06 -10.78 37.45
CA LEU K 33 23.12 -10.57 38.90
C LEU K 33 22.36 -11.63 39.70
N GLU K 34 23.10 -12.59 40.24
CA GLU K 34 22.53 -13.61 41.11
C GLU K 34 22.06 -12.99 42.42
N ASP K 35 20.87 -13.38 42.88
CA ASP K 35 20.33 -12.81 44.11
C ASP K 35 19.56 -13.84 44.93
N SER K 36 19.35 -15.01 44.37
CA SER K 36 18.70 -16.11 45.08
C SER K 36 19.74 -16.96 45.82
N HIS K 37 19.46 -17.31 47.06
CA HIS K 37 20.39 -18.13 47.84
C HIS K 37 19.72 -19.24 48.64
N ASN K 38 20.53 -20.17 49.10
CA ASN K 38 20.06 -21.38 49.77
C ASN K 38 19.47 -21.13 51.15
N GLY K 39 20.11 -20.27 51.93
CA GLY K 39 19.68 -19.99 53.29
C GLY K 39 20.19 -21.04 54.26
N LYS K 40 21.09 -21.89 53.77
CA LYS K 40 21.62 -22.99 54.58
C LYS K 40 23.14 -23.08 54.42
N LEU K 41 23.81 -23.60 55.45
CA LEU K 41 25.24 -23.84 55.40
C LEU K 41 25.48 -25.28 54.94
N CYS K 42 26.34 -25.46 53.94
CA CYS K 42 26.50 -26.76 53.30
C CYS K 42 27.95 -27.22 53.20
N LYS K 43 28.13 -28.47 52.79
CA LYS K 43 29.46 -29.05 52.62
C LYS K 43 30.13 -28.56 51.33
N LEU K 44 31.45 -28.63 51.31
CA LEU K 44 32.22 -28.36 50.11
C LEU K 44 33.09 -29.57 49.80
N LYS K 45 33.00 -30.06 48.57
CA LYS K 45 33.73 -31.26 48.17
C LYS K 45 33.51 -32.41 49.16
N GLY K 46 32.28 -32.54 49.64
CA GLY K 46 31.89 -33.66 50.49
C GLY K 46 32.25 -33.51 51.94
N ILE K 47 32.98 -32.44 52.28
CA ILE K 47 33.42 -32.20 53.64
C ILE K 47 32.54 -31.17 54.33
N ALA K 48 32.15 -31.44 55.57
CA ALA K 48 31.25 -30.55 56.30
C ALA K 48 32.02 -29.47 57.07
N PRO K 49 31.34 -28.34 57.36
CA PRO K 49 31.96 -27.28 58.15
C PRO K 49 32.02 -27.64 59.63
N LEU K 50 32.87 -26.96 60.39
CA LEU K 50 32.98 -27.20 61.83
C LEU K 50 32.11 -26.22 62.61
N GLN K 51 31.00 -26.71 63.13
CA GLN K 51 30.10 -25.89 63.92
C GLN K 51 30.63 -25.68 65.33
N LEU K 52 31.07 -24.46 65.62
CA LEU K 52 31.59 -24.15 66.95
C LEU K 52 30.45 -23.93 67.96
N GLY K 53 29.26 -23.70 67.43
CA GLY K 53 28.08 -23.53 68.27
C GLY K 53 28.24 -22.37 69.25
N LYS K 54 28.17 -22.70 70.54
CA LYS K 54 28.22 -21.69 71.57
C LYS K 54 29.64 -21.24 71.86
N CYS K 55 30.61 -21.92 71.27
CA CYS K 55 32.03 -21.64 71.54
C CYS K 55 32.64 -20.74 70.47
N ASN K 56 33.82 -20.20 70.77
CA ASN K 56 34.62 -19.49 69.79
C ASN K 56 35.98 -20.15 69.62
N ILE K 57 36.80 -19.63 68.71
CA ILE K 57 38.10 -20.21 68.45
C ILE K 57 38.85 -20.49 69.76
N ALA K 58 38.78 -19.53 70.68
CA ALA K 58 39.50 -19.64 71.95
C ALA K 58 39.00 -20.83 72.76
N GLY K 59 37.69 -20.91 72.97
CA GLY K 59 37.10 -22.01 73.70
C GLY K 59 37.45 -23.35 73.08
N TRP K 60 37.32 -23.44 71.77
CA TRP K 60 37.60 -24.67 71.05
C TRP K 60 39.04 -25.14 71.25
N LEU K 61 40.00 -24.28 70.89
CA LEU K 61 41.41 -24.64 70.98
C LEU K 61 41.88 -24.84 72.41
N LEU K 62 41.56 -23.88 73.27
CA LEU K 62 41.96 -23.97 74.67
C LEU K 62 41.38 -25.19 75.36
N GLY K 63 40.10 -25.44 75.12
CA GLY K 63 39.43 -26.60 75.68
C GLY K 63 38.40 -26.26 76.73
N ASN K 64 37.81 -25.07 76.62
CA ASN K 64 36.73 -24.68 77.52
C ASN K 64 35.75 -25.83 77.72
N PRO K 65 35.43 -26.13 78.99
CA PRO K 65 34.52 -27.23 79.35
C PRO K 65 33.22 -27.26 78.54
N GLU K 66 32.65 -26.10 78.25
CA GLU K 66 31.40 -26.03 77.49
C GLU K 66 31.60 -26.26 75.98
N CYS K 67 32.78 -26.74 75.61
CA CYS K 67 33.12 -26.96 74.21
C CYS K 67 33.47 -28.43 73.93
N ASP K 68 33.17 -29.30 74.88
CA ASP K 68 33.52 -30.72 74.77
C ASP K 68 32.94 -31.38 73.52
N LEU K 69 31.86 -30.80 73.01
CA LEU K 69 31.23 -31.30 71.79
C LEU K 69 32.23 -31.35 70.64
N LEU K 70 33.23 -30.47 70.69
CA LEU K 70 34.17 -30.29 69.59
C LEU K 70 35.43 -31.14 69.70
N LEU K 71 35.62 -31.80 70.83
CA LEU K 71 36.84 -32.57 71.06
C LEU K 71 37.11 -33.60 69.96
N THR K 72 36.04 -34.08 69.33
CA THR K 72 36.15 -35.11 68.31
C THR K 72 36.59 -34.58 66.94
N ALA K 73 36.24 -33.33 66.64
CA ALA K 73 36.54 -32.71 65.36
C ALA K 73 37.98 -32.96 64.91
N SER K 74 38.17 -33.14 63.61
CA SER K 74 39.49 -33.42 63.05
C SER K 74 39.69 -32.78 61.67
N SER K 75 38.61 -32.68 60.90
CA SER K 75 38.66 -32.02 59.59
C SER K 75 37.38 -31.26 59.30
N TRP K 76 37.48 -30.24 58.46
CA TRP K 76 36.36 -29.36 58.17
C TRP K 76 36.60 -28.64 56.85
N SER K 77 35.52 -28.20 56.22
CA SER K 77 35.62 -27.43 54.98
C SER K 77 35.75 -25.95 55.30
N TYR K 78 35.19 -25.54 56.43
CA TYR K 78 35.32 -24.18 56.93
C TYR K 78 34.77 -24.06 58.34
N ILE K 79 35.11 -22.98 59.03
CA ILE K 79 34.76 -22.80 60.43
C ILE K 79 33.62 -21.80 60.60
N VAL K 80 32.68 -22.12 61.49
CA VAL K 80 31.50 -21.29 61.69
C VAL K 80 31.29 -20.86 63.13
N GLU K 81 31.18 -19.56 63.35
CA GLU K 81 30.84 -19.00 64.65
C GLU K 81 29.45 -18.38 64.57
N THR K 82 28.71 -18.41 65.67
CA THR K 82 27.34 -17.91 65.69
C THR K 82 27.22 -16.64 66.53
N SER K 83 25.99 -16.13 66.62
CA SER K 83 25.71 -14.97 67.47
C SER K 83 26.01 -15.28 68.93
N ASN K 84 26.00 -16.56 69.27
CA ASN K 84 26.16 -17.00 70.64
C ASN K 84 27.46 -17.77 70.87
N SER K 85 28.55 -17.28 70.29
CA SER K 85 29.86 -17.90 70.44
C SER K 85 30.44 -16.83 71.35
N GLU K 86 30.36 -17.07 72.66
CA GLU K 86 31.09 -16.28 73.66
C GLU K 86 31.84 -17.16 74.66
N ASN K 87 31.58 -18.45 74.63
CA ASN K 87 32.30 -19.40 75.47
C ASN K 87 33.71 -19.65 74.97
N GLY K 88 34.66 -18.84 75.46
CA GLY K 88 36.05 -18.97 75.07
C GLY K 88 36.97 -19.00 76.27
N THR K 89 37.43 -17.82 76.67
CA THR K 89 38.27 -17.68 77.84
C THR K 89 37.42 -17.59 79.11
N CYS K 90 37.37 -18.68 79.86
CA CYS K 90 36.52 -18.77 81.05
C CYS K 90 37.24 -18.34 82.32
N TYR K 91 38.57 -18.39 82.29
CA TYR K 91 39.37 -17.76 83.34
C TYR K 91 39.92 -16.45 82.78
N PRO K 92 39.52 -15.32 83.37
CA PRO K 92 39.83 -13.99 82.85
C PRO K 92 41.30 -13.85 82.45
N GLY K 93 41.56 -13.18 81.33
CA GLY K 93 42.92 -12.97 80.86
C GLY K 93 43.02 -12.55 79.41
N ASP K 94 44.21 -12.09 79.02
CA ASP K 94 44.47 -11.69 77.64
C ASP K 94 44.88 -12.90 76.81
N PHE K 95 44.26 -13.05 75.64
CA PHE K 95 44.71 -14.06 74.67
C PHE K 95 45.69 -13.37 73.75
N ILE K 96 46.97 -13.66 73.91
CA ILE K 96 48.03 -12.96 73.17
C ILE K 96 48.06 -13.35 71.70
N ASP K 97 47.89 -12.36 70.82
CA ASP K 97 47.88 -12.56 69.38
C ASP K 97 46.73 -13.45 68.95
N TYR K 98 45.60 -13.32 69.63
CA TYR K 98 44.42 -14.14 69.33
C TYR K 98 43.99 -13.98 67.88
N GLU K 99 43.90 -12.73 67.44
CA GLU K 99 43.51 -12.44 66.06
C GLU K 99 44.42 -13.15 65.06
N GLU K 100 45.72 -13.08 65.30
CA GLU K 100 46.68 -13.75 64.42
C GLU K 100 46.45 -15.25 64.41
N LEU K 101 46.06 -15.81 65.54
CA LEU K 101 45.81 -17.25 65.64
C LEU K 101 44.60 -17.63 64.81
N ARG K 102 43.54 -16.83 64.91
CA ARG K 102 42.35 -17.04 64.10
C ARG K 102 42.74 -17.04 62.63
N GLU K 103 43.51 -16.03 62.22
CA GLU K 103 43.96 -15.89 60.85
C GLU K 103 44.74 -17.12 60.37
N GLN K 104 45.57 -17.67 61.25
CA GLN K 104 46.33 -18.87 60.92
C GLN K 104 45.40 -20.05 60.64
N LEU K 105 44.30 -20.11 61.39
CA LEU K 105 43.38 -21.24 61.31
C LEU K 105 42.56 -21.23 60.03
N SER K 106 42.42 -20.05 59.41
CA SER K 106 41.65 -19.92 58.18
C SER K 106 42.26 -20.73 57.05
N SER K 107 43.55 -21.03 57.16
CA SER K 107 44.24 -21.82 56.14
C SER K 107 44.58 -23.23 56.65
N VAL K 108 43.73 -23.76 57.52
CA VAL K 108 43.93 -25.09 58.05
C VAL K 108 42.68 -25.95 57.84
N SER K 109 42.85 -27.10 57.21
CA SER K 109 41.71 -27.93 56.83
C SER K 109 41.51 -29.13 57.74
N SER K 110 42.51 -29.42 58.56
CA SER K 110 42.44 -30.55 59.48
C SER K 110 43.64 -30.57 60.41
N PHE K 111 43.52 -31.30 61.52
CA PHE K 111 44.65 -31.53 62.41
C PHE K 111 44.51 -32.82 63.20
N GLU K 112 45.59 -33.22 63.86
CA GLU K 112 45.54 -34.38 64.74
C GLU K 112 45.81 -33.94 66.18
N LYS K 113 44.74 -33.76 66.95
CA LYS K 113 44.90 -33.43 68.35
C LYS K 113 45.63 -34.57 69.06
N PHE K 114 46.77 -34.26 69.66
CA PHE K 114 47.56 -35.29 70.34
C PHE K 114 48.03 -34.79 71.71
N GLU K 115 48.16 -35.73 72.64
CA GLU K 115 48.62 -35.41 73.98
C GLU K 115 50.11 -35.12 73.97
N ILE K 116 50.47 -33.84 74.03
CA ILE K 116 51.87 -33.44 73.91
C ILE K 116 52.65 -33.75 75.19
N PHE K 117 52.14 -33.28 76.33
CA PHE K 117 52.70 -33.62 77.62
C PHE K 117 51.68 -34.40 78.43
N PRO K 118 51.78 -35.73 78.43
CA PRO K 118 50.82 -36.58 79.14
C PRO K 118 50.72 -36.23 80.62
N LYS K 119 49.51 -35.93 81.07
CA LYS K 119 49.25 -35.50 82.44
C LYS K 119 49.80 -36.46 83.49
N THR K 120 49.44 -37.73 83.35
CA THR K 120 49.70 -38.72 84.38
C THR K 120 51.12 -39.30 84.35
N SER K 121 52.05 -38.57 83.74
CA SER K 121 53.38 -39.10 83.51
C SER K 121 54.48 -38.04 83.43
N SER K 122 54.14 -36.84 82.95
CA SER K 122 55.14 -35.84 82.63
C SER K 122 55.57 -34.98 83.82
N TRP K 123 54.83 -35.04 84.91
CA TRP K 123 55.12 -34.18 86.05
C TRP K 123 55.25 -34.96 87.37
N PRO K 124 56.31 -35.76 87.50
CA PRO K 124 56.55 -36.58 88.69
C PRO K 124 56.71 -35.75 89.96
N ASN K 125 57.26 -34.54 89.81
CA ASN K 125 57.61 -33.74 90.97
C ASN K 125 56.64 -32.57 91.23
N HIS K 126 55.52 -32.57 90.54
CA HIS K 126 54.52 -31.51 90.72
C HIS K 126 53.12 -32.08 90.87
N GLU K 127 52.25 -31.31 91.50
CA GLU K 127 50.86 -31.73 91.70
C GLU K 127 50.06 -31.48 90.43
N THR K 128 49.51 -32.53 89.85
CA THR K 128 48.78 -32.42 88.59
C THR K 128 47.26 -32.38 88.79
N THR K 129 46.82 -32.44 90.03
CA THR K 129 45.40 -32.35 90.35
C THR K 129 45.12 -31.03 91.08
N LYS K 130 43.89 -30.85 91.53
CA LYS K 130 43.53 -29.68 92.30
C LYS K 130 43.82 -28.41 91.51
N GLY K 131 43.89 -28.55 90.20
CA GLY K 131 44.09 -27.43 89.31
C GLY K 131 42.80 -27.04 88.62
N VAL K 132 41.76 -26.86 89.41
CA VAL K 132 40.45 -26.49 88.88
C VAL K 132 40.02 -25.15 89.45
N THR K 133 39.03 -24.53 88.82
CA THR K 133 38.51 -23.25 89.28
C THR K 133 37.03 -23.11 88.97
N ALA K 134 36.31 -22.43 89.85
CA ALA K 134 34.88 -22.23 89.65
C ALA K 134 34.64 -21.35 88.42
N ALA K 135 35.70 -20.66 88.00
CA ALA K 135 35.62 -19.78 86.84
C ALA K 135 35.39 -20.58 85.56
N CYS K 136 35.91 -21.80 85.53
CA CYS K 136 35.75 -22.69 84.38
C CYS K 136 34.96 -23.92 84.76
N SER K 137 33.72 -23.72 85.23
CA SER K 137 32.91 -24.81 85.74
C SER K 137 31.78 -25.18 84.78
N TYR K 138 31.48 -26.48 84.72
CA TYR K 138 30.29 -26.94 84.00
C TYR K 138 29.42 -27.81 84.91
N ALA K 139 28.14 -27.45 85.00
CA ALA K 139 27.21 -28.09 85.92
C ALA K 139 27.65 -27.90 87.37
N GLY K 140 27.88 -26.64 87.75
CA GLY K 140 28.22 -26.30 89.12
C GLY K 140 29.46 -26.99 89.67
N ALA K 141 30.26 -27.58 88.77
CA ALA K 141 31.45 -28.30 89.20
C ALA K 141 32.73 -27.61 88.71
N SER K 142 33.54 -27.15 89.66
CA SER K 142 34.83 -26.53 89.33
C SER K 142 35.63 -27.43 88.41
N SER K 143 35.96 -26.93 87.22
CA SER K 143 36.74 -27.69 86.27
C SER K 143 37.83 -26.84 85.63
N PHE K 144 38.32 -27.26 84.46
CA PHE K 144 39.38 -26.54 83.77
C PHE K 144 39.49 -26.92 82.30
N TYR K 145 40.29 -26.17 81.55
CA TYR K 145 40.51 -26.43 80.14
C TYR K 145 40.95 -27.87 79.91
N ARG K 146 40.42 -28.48 78.85
CA ARG K 146 40.69 -29.88 78.55
C ARG K 146 42.07 -30.08 77.92
N ASN K 147 42.70 -29.00 77.49
CA ASN K 147 43.96 -29.09 76.76
C ASN K 147 45.15 -28.49 77.47
N LEU K 148 44.91 -27.91 78.65
CA LEU K 148 45.96 -27.29 79.45
C LEU K 148 45.97 -27.88 80.87
N LEU K 149 47.16 -28.12 81.41
CA LEU K 149 47.30 -28.67 82.75
C LEU K 149 47.78 -27.61 83.74
N TRP K 150 47.00 -27.40 84.80
CA TRP K 150 47.32 -26.38 85.79
C TRP K 150 48.20 -26.96 86.90
N LEU K 151 49.49 -27.01 86.67
CA LEU K 151 50.42 -27.55 87.65
C LEU K 151 50.50 -26.68 88.90
N THR K 152 50.51 -27.32 90.07
CA THR K 152 50.70 -26.62 91.34
C THR K 152 51.77 -27.30 92.19
N LYS K 153 52.09 -26.69 93.33
CA LYS K 153 53.12 -27.20 94.21
C LYS K 153 52.74 -28.54 94.81
N LYS K 154 53.70 -29.47 94.83
CA LYS K 154 53.50 -30.76 95.46
C LYS K 154 54.05 -30.71 96.88
N GLY K 155 53.17 -30.40 97.83
CA GLY K 155 53.57 -30.29 99.22
C GLY K 155 54.59 -29.19 99.46
N SER K 156 54.14 -27.95 99.48
CA SER K 156 54.97 -26.79 99.77
C SER K 156 56.41 -26.91 99.22
N SER K 157 56.54 -27.34 97.97
CA SER K 157 57.83 -27.41 97.31
C SER K 157 57.65 -27.55 95.80
N TYR K 158 57.66 -26.41 95.10
CA TYR K 158 57.51 -26.39 93.65
C TYR K 158 58.89 -26.30 92.99
N PRO K 159 59.45 -27.46 92.64
CA PRO K 159 60.81 -27.51 92.10
C PRO K 159 60.86 -27.01 90.65
N LYS K 160 61.97 -26.38 90.28
CA LYS K 160 62.18 -25.94 88.91
C LYS K 160 61.94 -27.09 87.96
N LEU K 161 60.99 -26.92 87.03
CA LEU K 161 60.70 -27.95 86.04
C LEU K 161 61.32 -27.64 84.68
N SER K 162 61.74 -28.68 83.98
CA SER K 162 62.30 -28.52 82.65
C SER K 162 61.77 -29.62 81.75
N LYS K 163 60.92 -29.24 80.79
CA LYS K 163 60.26 -30.20 79.92
C LYS K 163 60.40 -29.80 78.46
N SER K 164 60.72 -30.77 77.60
CA SER K 164 60.89 -30.48 76.18
C SER K 164 60.10 -31.45 75.32
N TYR K 165 59.48 -30.90 74.28
CA TYR K 165 58.86 -31.73 73.25
C TYR K 165 59.58 -31.55 71.92
N VAL K 166 59.94 -32.67 71.30
CA VAL K 166 60.57 -32.66 69.99
C VAL K 166 59.54 -32.97 68.92
N ASN K 167 59.24 -31.98 68.09
CA ASN K 167 58.20 -32.16 67.08
C ASN K 167 58.66 -32.94 65.86
N ASN K 168 58.36 -34.24 65.85
CA ASN K 168 58.57 -35.04 64.64
C ASN K 168 57.24 -35.61 64.15
N LYS K 169 56.30 -34.72 63.84
CA LYS K 169 55.00 -35.09 63.31
C LYS K 169 54.94 -34.88 61.80
N GLY K 170 56.03 -34.35 61.24
CA GLY K 170 56.11 -34.09 59.81
C GLY K 170 55.31 -32.86 59.42
N LYS K 171 54.71 -32.20 60.40
CA LYS K 171 53.86 -31.04 60.13
C LYS K 171 53.91 -30.01 61.25
N GLU K 172 53.35 -28.84 60.97
CA GLU K 172 53.26 -27.77 61.95
C GLU K 172 52.46 -28.20 63.19
N VAL K 173 53.07 -28.04 64.36
CA VAL K 173 52.39 -28.36 65.62
C VAL K 173 52.01 -27.10 66.38
N LEU K 174 50.72 -26.91 66.60
CA LEU K 174 50.22 -25.78 67.37
C LEU K 174 50.23 -26.07 68.87
N VAL K 175 51.12 -25.41 69.60
CA VAL K 175 51.25 -25.61 71.03
C VAL K 175 50.66 -24.45 71.82
N LEU K 176 49.81 -24.75 72.79
CA LEU K 176 49.20 -23.71 73.61
C LEU K 176 49.53 -23.88 75.07
N TRP K 177 49.72 -22.76 75.76
CA TRP K 177 49.98 -22.77 77.19
C TRP K 177 49.51 -21.46 77.80
N GLY K 178 49.66 -21.33 79.11
CA GLY K 178 49.25 -20.12 79.79
C GLY K 178 50.24 -19.72 80.86
N VAL K 179 50.10 -18.48 81.34
CA VAL K 179 50.88 -18.01 82.47
C VAL K 179 49.94 -17.36 83.47
N HIS K 180 49.83 -17.96 84.65
CA HIS K 180 48.89 -17.49 85.67
C HIS K 180 49.46 -16.35 86.50
N HIS K 181 48.64 -15.33 86.74
CA HIS K 181 49.04 -14.16 87.50
C HIS K 181 48.10 -13.93 88.68
N PRO K 182 48.42 -14.54 89.84
CA PRO K 182 47.60 -14.45 91.06
C PRO K 182 47.42 -13.01 91.55
N PRO K 183 46.34 -12.76 92.31
CA PRO K 183 46.00 -11.44 92.85
C PRO K 183 46.86 -11.02 94.04
N THR K 184 47.45 -11.99 94.75
CA THR K 184 48.24 -11.67 95.94
C THR K 184 49.47 -12.58 96.09
N GLY K 185 50.42 -12.14 96.91
CA GLY K 185 51.59 -12.93 97.22
C GLY K 185 51.20 -14.16 98.04
N THR K 186 50.04 -14.07 98.68
CA THR K 186 49.49 -15.19 99.43
C THR K 186 49.04 -16.29 98.47
N ASP K 187 48.17 -15.93 97.53
CA ASP K 187 47.74 -16.87 96.50
C ASP K 187 48.94 -17.46 95.78
N GLN K 188 49.93 -16.61 95.48
CA GLN K 188 51.15 -17.05 94.82
C GLN K 188 51.83 -18.17 95.60
N GLN K 189 51.87 -18.03 96.92
CA GLN K 189 52.49 -19.02 97.78
C GLN K 189 51.70 -20.32 97.84
N SER K 190 50.38 -20.19 98.02
CA SER K 190 49.53 -21.38 98.17
C SER K 190 49.53 -22.24 96.91
N LEU K 191 49.72 -21.59 95.75
CA LEU K 191 49.70 -22.31 94.48
C LEU K 191 51.08 -22.81 94.06
N TYR K 192 52.07 -21.95 94.18
CA TYR K 192 53.39 -22.25 93.66
C TYR K 192 54.55 -22.19 94.62
N GLN K 193 54.33 -21.87 95.88
CA GLN K 193 55.42 -21.73 96.83
C GLN K 193 56.74 -21.10 96.61
N ASN K 194 56.78 -19.89 96.08
CA ASN K 194 57.88 -19.33 95.33
C ASN K 194 57.33 -18.04 94.88
N ALA K 195 57.65 -17.01 95.60
CA ALA K 195 57.07 -15.69 95.38
C ALA K 195 57.65 -15.03 94.13
N ASP K 196 58.86 -15.44 93.78
CA ASP K 196 59.53 -14.92 92.59
C ASP K 196 59.77 -16.04 91.58
N ALA K 197 58.69 -16.60 91.07
CA ALA K 197 58.76 -17.65 90.07
C ALA K 197 58.90 -17.04 88.68
N TYR K 198 59.17 -17.89 87.69
CA TYR K 198 59.28 -17.44 86.31
C TYR K 198 58.94 -18.58 85.36
N VAL K 199 58.46 -18.23 84.18
CA VAL K 199 58.23 -19.20 83.11
C VAL K 199 59.13 -18.85 81.93
N SER K 200 59.81 -19.86 81.38
CA SER K 200 60.74 -19.63 80.28
C SER K 200 60.47 -20.58 79.12
N VAL K 201 59.95 -20.04 78.02
CA VAL K 201 59.58 -20.85 76.86
C VAL K 201 60.52 -20.59 75.70
N GLY K 202 61.09 -21.65 75.13
CA GLY K 202 62.07 -21.50 74.07
C GLY K 202 62.12 -22.60 73.02
N SER K 203 62.30 -22.20 71.77
CA SER K 203 62.50 -23.12 70.66
C SER K 203 63.58 -22.55 69.76
N SER K 204 63.60 -22.98 68.51
CA SER K 204 64.57 -22.47 67.55
C SER K 204 64.32 -20.99 67.24
N LYS K 205 63.05 -20.62 67.14
CA LYS K 205 62.69 -19.26 66.73
C LYS K 205 61.96 -18.46 67.82
N TYR K 206 61.52 -19.15 68.86
CA TYR K 206 60.74 -18.52 69.92
C TYR K 206 61.52 -18.45 71.25
N ASN K 207 61.66 -17.24 71.79
CA ASN K 207 62.29 -17.06 73.08
C ASN K 207 61.60 -15.98 73.89
N ARG K 208 61.18 -16.32 75.11
CA ARG K 208 60.46 -15.38 75.94
C ARG K 208 60.40 -15.87 77.38
N ARG K 209 60.59 -14.95 78.33
CA ARG K 209 60.48 -15.30 79.74
C ARG K 209 59.32 -14.53 80.37
N PHE K 210 58.52 -15.23 81.17
CA PHE K 210 57.37 -14.63 81.82
C PHE K 210 57.55 -14.61 83.34
N THR K 211 57.37 -13.43 83.94
CA THR K 211 57.34 -13.29 85.39
C THR K 211 55.93 -12.90 85.81
N PRO K 212 55.50 -13.36 87.00
CA PRO K 212 54.13 -13.12 87.46
C PRO K 212 53.89 -11.65 87.80
N GLU K 213 52.73 -11.14 87.40
CA GLU K 213 52.35 -9.77 87.73
C GLU K 213 51.32 -9.78 88.85
N ILE K 214 51.80 -9.94 90.08
CA ILE K 214 50.92 -10.01 91.24
C ILE K 214 50.28 -8.66 91.58
N ALA K 215 48.95 -8.64 91.57
CA ALA K 215 48.19 -7.44 91.88
C ALA K 215 46.70 -7.76 91.95
N ALA K 216 45.96 -6.96 92.73
CA ALA K 216 44.53 -7.20 92.88
C ALA K 216 43.75 -6.44 91.81
N ARG K 217 42.88 -7.15 91.10
CA ARG K 217 42.05 -6.55 90.06
C ARG K 217 40.58 -6.76 90.38
N PRO K 218 39.70 -6.14 89.59
CA PRO K 218 38.27 -6.44 89.71
C PRO K 218 38.04 -7.92 89.46
N LYS K 219 36.92 -8.45 89.93
CA LYS K 219 36.63 -9.87 89.77
C LYS K 219 35.87 -10.15 88.49
N VAL K 220 36.46 -10.97 87.63
CA VAL K 220 35.81 -11.43 86.41
C VAL K 220 35.51 -12.92 86.56
N ARG K 221 34.24 -13.27 86.65
CA ARG K 221 33.83 -14.64 86.92
C ARG K 221 34.42 -15.10 88.25
N GLY K 222 34.41 -14.20 89.22
CA GLY K 222 34.84 -14.52 90.57
C GLY K 222 36.34 -14.64 90.74
N GLN K 223 37.09 -14.14 89.77
CA GLN K 223 38.55 -14.22 89.84
C GLN K 223 39.22 -12.85 89.82
N ALA K 224 40.14 -12.64 90.75
CA ALA K 224 40.94 -11.43 90.79
C ALA K 224 42.27 -11.68 90.11
N GLY K 225 42.67 -12.95 90.06
CA GLY K 225 43.84 -13.35 89.32
C GLY K 225 43.57 -13.30 87.82
N ARG K 226 44.62 -13.38 87.03
CA ARG K 226 44.48 -13.38 85.59
C ARG K 226 45.32 -14.48 84.97
N MET K 227 44.97 -14.89 83.76
CA MET K 227 45.71 -15.94 83.08
C MET K 227 45.91 -15.60 81.61
N ASN K 228 47.16 -15.36 81.23
CA ASN K 228 47.47 -15.06 79.84
C ASN K 228 47.67 -16.33 79.04
N TYR K 229 47.17 -16.34 77.81
CA TYR K 229 47.28 -17.52 76.96
C TYR K 229 48.19 -17.26 75.77
N TYR K 230 49.15 -18.15 75.56
CA TYR K 230 50.12 -17.97 74.50
C TYR K 230 50.08 -19.14 73.53
N TRP K 231 50.72 -18.95 72.38
CA TRP K 231 50.80 -20.02 71.38
C TRP K 231 51.96 -19.81 70.42
N THR K 232 52.40 -20.91 69.82
CA THR K 232 53.45 -20.86 68.82
C THR K 232 53.27 -22.04 67.88
N LEU K 233 53.76 -21.89 66.65
CA LEU K 233 53.73 -22.98 65.68
C LEU K 233 55.10 -23.63 65.59
N LEU K 234 55.25 -24.77 66.25
CA LEU K 234 56.51 -25.51 66.22
C LEU K 234 56.70 -26.14 64.85
N GLU K 235 57.87 -25.95 64.27
CA GLU K 235 58.17 -26.51 62.96
C GLU K 235 58.68 -27.94 63.11
N PRO K 236 58.48 -28.77 62.07
CA PRO K 236 58.98 -30.14 62.08
C PRO K 236 60.45 -30.19 62.43
N GLY K 237 60.80 -31.03 63.41
CA GLY K 237 62.18 -31.19 63.82
C GLY K 237 62.59 -30.28 64.95
N ASP K 238 61.88 -29.17 65.11
CA ASP K 238 62.23 -28.20 66.14
C ASP K 238 61.72 -28.61 67.52
N THR K 239 62.54 -28.33 68.53
CA THR K 239 62.22 -28.64 69.93
C THR K 239 61.64 -27.41 70.63
N ILE K 240 60.94 -27.64 71.73
CA ILE K 240 60.42 -26.55 72.54
C ILE K 240 60.57 -26.87 74.02
N THR K 241 61.36 -26.06 74.73
CA THR K 241 61.64 -26.31 76.14
C THR K 241 60.85 -25.39 77.06
N PHE K 242 60.02 -26.00 77.90
CA PHE K 242 59.30 -25.27 78.93
C PHE K 242 60.07 -25.35 80.23
N GLU K 243 60.31 -24.19 80.83
CA GLU K 243 61.06 -24.11 82.07
C GLU K 243 60.35 -23.16 83.02
N ALA K 244 60.08 -23.62 84.23
CA ALA K 244 59.32 -22.80 85.16
C ALA K 244 59.62 -23.10 86.63
N THR K 245 59.41 -22.10 87.47
CA THR K 245 59.45 -22.29 88.92
C THR K 245 58.08 -21.99 89.50
N GLY K 246 57.08 -21.98 88.62
CA GLY K 246 55.70 -21.76 89.02
C GLY K 246 54.93 -20.97 87.99
N ASN K 247 53.61 -20.87 88.19
CA ASN K 247 52.76 -20.04 87.34
C ASN K 247 52.60 -20.52 85.90
N LEU K 248 53.15 -21.69 85.60
CA LEU K 248 53.04 -22.25 84.25
C LEU K 248 51.79 -23.09 84.09
N ILE K 249 50.91 -22.68 83.18
CA ILE K 249 49.76 -23.49 82.80
C ILE K 249 50.16 -24.35 81.61
N ALA K 250 50.72 -25.51 81.91
CA ALA K 250 51.37 -26.36 80.92
C ALA K 250 50.44 -26.90 79.82
N PRO K 251 50.98 -27.09 78.61
CA PRO K 251 50.25 -27.70 77.51
C PRO K 251 50.04 -29.19 77.78
N TRP K 252 48.79 -29.62 77.65
CA TRP K 252 48.45 -31.04 77.83
C TRP K 252 48.19 -31.67 76.46
N TYR K 253 47.40 -30.98 75.64
CA TYR K 253 47.15 -31.42 74.27
C TYR K 253 47.52 -30.35 73.24
N ALA K 254 48.25 -30.76 72.20
CA ALA K 254 48.59 -29.85 71.10
C ALA K 254 48.00 -30.35 69.78
N PHE K 255 48.14 -29.56 68.72
CA PHE K 255 47.52 -29.87 67.43
C PHE K 255 48.50 -29.92 66.26
N ALA K 256 48.71 -31.11 65.70
CA ALA K 256 49.50 -31.24 64.49
C ALA K 256 48.64 -30.84 63.30
N LEU K 257 49.09 -29.82 62.56
CA LEU K 257 48.23 -29.14 61.59
C LEU K 257 48.41 -29.58 60.13
N ASN K 258 47.30 -29.55 59.40
CA ASN K 258 47.29 -29.81 57.97
C ASN K 258 46.83 -28.58 57.21
N ARG K 259 47.77 -27.90 56.53
CA ARG K 259 47.45 -26.70 55.79
C ARG K 259 46.60 -27.01 54.55
N GLY K 260 45.75 -26.06 54.18
CA GLY K 260 44.88 -26.23 53.03
C GLY K 260 44.19 -24.94 52.64
N SER K 261 44.45 -24.48 51.42
CA SER K 261 43.83 -23.25 50.91
C SER K 261 42.32 -23.44 50.74
N GLY K 262 41.62 -22.33 50.55
CA GLY K 262 40.19 -22.37 50.27
C GLY K 262 39.28 -22.45 51.50
N SER K 263 39.88 -22.42 52.68
CA SER K 263 39.12 -22.49 53.92
C SER K 263 39.02 -21.12 54.60
N GLY K 264 38.21 -21.02 55.65
CA GLY K 264 38.07 -19.76 56.37
C GLY K 264 37.08 -19.79 57.51
N ILE K 265 36.96 -18.65 58.20
CA ILE K 265 36.04 -18.50 59.32
C ILE K 265 34.95 -17.50 59.00
N ILE K 266 33.69 -17.89 59.21
CA ILE K 266 32.56 -17.00 58.99
C ILE K 266 31.64 -16.99 60.19
N THR K 267 30.83 -15.94 60.29
CA THR K 267 29.88 -15.83 61.40
C THR K 267 28.46 -15.92 60.86
N SER K 268 27.91 -17.13 60.90
CA SER K 268 26.58 -17.39 60.36
C SER K 268 25.65 -18.00 61.40
N ASP K 269 24.38 -17.62 61.34
CA ASP K 269 23.36 -18.21 62.22
C ASP K 269 22.50 -19.20 61.44
N ALA K 270 22.76 -19.32 60.15
CA ALA K 270 22.03 -20.25 59.30
C ALA K 270 22.31 -21.68 59.71
N PRO K 271 21.33 -22.57 59.52
CA PRO K 271 21.44 -23.98 59.94
C PRO K 271 22.34 -24.80 59.02
N VAL K 272 23.13 -25.70 59.61
CA VAL K 272 23.92 -26.65 58.83
C VAL K 272 23.01 -27.73 58.27
N HIS K 273 23.31 -28.18 57.06
CA HIS K 273 22.52 -29.23 56.43
C HIS K 273 23.36 -30.18 55.59
N ASP K 274 22.86 -31.39 55.37
CA ASP K 274 23.54 -32.33 54.50
C ASP K 274 23.29 -31.93 53.05
N CYS K 275 24.31 -31.35 52.43
CA CYS K 275 24.23 -30.93 51.04
C CYS K 275 25.63 -30.56 50.57
N ASN K 276 25.82 -30.48 49.27
CA ASN K 276 27.13 -30.11 48.73
C ASN K 276 27.00 -28.95 47.74
N THR K 277 27.74 -27.88 48.03
CA THR K 277 27.75 -26.70 47.17
C THR K 277 29.18 -26.35 46.78
N LYS K 278 29.33 -25.39 45.86
CA LYS K 278 30.65 -24.93 45.45
C LYS K 278 30.89 -23.49 45.92
N CYS K 279 29.83 -22.86 46.43
CA CYS K 279 29.90 -21.50 46.93
C CYS K 279 29.05 -21.35 48.18
N GLN K 280 29.63 -20.73 49.21
CA GLN K 280 28.94 -20.58 50.49
C GLN K 280 29.07 -19.18 51.07
N THR K 281 27.95 -18.61 51.48
CA THR K 281 27.94 -17.31 52.14
C THR K 281 27.25 -17.41 53.50
N PRO K 282 27.51 -16.45 54.39
CA PRO K 282 26.88 -16.38 55.71
C PRO K 282 25.36 -16.51 55.65
N HIS K 283 24.74 -16.00 54.59
CA HIS K 283 23.29 -16.09 54.44
C HIS K 283 22.86 -17.46 53.91
N GLY K 284 23.73 -18.09 53.13
CA GLY K 284 23.45 -19.40 52.56
C GLY K 284 24.31 -19.75 51.37
N ALA K 285 24.04 -20.90 50.76
CA ALA K 285 24.82 -21.36 49.60
C ALA K 285 24.32 -20.74 48.31
N ILE K 286 25.09 -20.93 47.24
CA ILE K 286 24.74 -20.37 45.94
C ILE K 286 25.02 -21.35 44.80
N ASN K 287 23.98 -21.67 44.04
CA ASN K 287 24.10 -22.52 42.87
C ASN K 287 23.94 -21.65 41.63
N SER K 288 25.02 -21.01 41.22
CA SER K 288 24.93 -20.00 40.17
C SER K 288 26.18 -19.92 39.28
N SER K 289 25.95 -19.70 38.00
CA SER K 289 27.04 -19.52 37.04
C SER K 289 27.12 -18.06 36.59
N LEU K 290 26.30 -17.22 37.20
CA LEU K 290 26.33 -15.79 36.91
C LEU K 290 27.63 -15.18 37.43
N PRO K 291 28.02 -14.02 36.87
CA PRO K 291 29.27 -13.36 37.24
C PRO K 291 29.16 -12.57 38.54
N PHE K 292 27.94 -12.09 38.85
CA PHE K 292 27.74 -11.23 40.00
C PHE K 292 26.71 -11.78 40.98
N GLN K 293 26.79 -11.31 42.22
CA GLN K 293 25.81 -11.64 43.25
C GLN K 293 25.79 -10.58 44.33
N ASN K 294 24.61 -10.20 44.79
CA ASN K 294 24.48 -9.21 45.84
C ASN K 294 23.92 -9.82 47.12
N ILE K 295 24.35 -11.05 47.41
CA ILE K 295 23.89 -11.76 48.58
C ILE K 295 24.78 -11.48 49.79
N HIS K 296 26.08 -11.65 49.64
CA HIS K 296 27.03 -11.38 50.71
C HIS K 296 28.46 -11.26 50.20
N PRO K 297 29.21 -10.29 50.75
CA PRO K 297 30.63 -10.09 50.44
C PRO K 297 31.49 -11.26 50.88
N VAL K 298 31.20 -11.80 52.06
CA VAL K 298 31.97 -12.93 52.58
C VAL K 298 31.65 -14.19 51.77
N THR K 299 32.69 -14.87 51.31
CA THR K 299 32.55 -15.93 50.33
C THR K 299 33.51 -17.09 50.61
N ILE K 300 33.03 -18.30 50.37
CA ILE K 300 33.88 -19.48 50.48
C ILE K 300 33.63 -20.44 49.31
N GLY K 301 34.68 -20.71 48.53
CA GLY K 301 34.58 -21.56 47.36
C GLY K 301 34.68 -20.75 46.08
N GLU K 302 34.20 -21.33 44.99
CA GLU K 302 34.15 -20.63 43.71
C GLU K 302 32.81 -19.89 43.59
N CYS K 303 32.83 -18.59 43.85
CA CYS K 303 31.58 -17.83 43.91
C CYS K 303 31.55 -16.69 42.90
N PRO K 304 30.34 -16.20 42.60
CA PRO K 304 30.19 -14.98 41.80
C PRO K 304 30.72 -13.78 42.56
N LYS K 305 31.33 -12.83 41.86
CA LYS K 305 31.90 -11.65 42.50
C LYS K 305 30.80 -10.81 43.15
N TYR K 306 30.99 -10.45 44.41
CA TYR K 306 29.99 -9.67 45.12
C TYR K 306 29.92 -8.23 44.59
N VAL K 307 28.73 -7.65 44.67
CA VAL K 307 28.48 -6.32 44.13
C VAL K 307 27.26 -5.72 44.81
N ARG K 308 27.21 -4.39 44.91
CA ARG K 308 26.11 -3.71 45.59
C ARG K 308 24.84 -3.55 44.76
N SER K 309 24.94 -3.80 43.46
CA SER K 309 23.83 -3.57 42.54
C SER K 309 22.53 -4.28 42.94
N THR K 310 21.41 -3.77 42.43
CA THR K 310 20.12 -4.40 42.64
C THR K 310 19.70 -5.14 41.38
N LYS K 311 20.04 -4.55 40.23
CA LYS K 311 19.68 -5.11 38.94
C LYS K 311 20.85 -5.00 37.96
N LEU K 312 21.20 -6.12 37.34
CA LEU K 312 22.19 -6.13 36.27
C LEU K 312 21.69 -6.94 35.09
N ARG K 313 20.69 -6.42 34.40
CA ARG K 313 20.12 -7.11 33.25
C ARG K 313 20.72 -6.58 31.94
N MET K 314 21.40 -7.47 31.23
CA MET K 314 22.09 -7.10 29.99
C MET K 314 21.31 -7.54 28.77
N ALA K 315 20.93 -6.56 27.95
CA ALA K 315 20.15 -6.83 26.73
C ALA K 315 20.89 -7.72 25.74
N THR K 316 20.16 -8.65 25.13
CA THR K 316 20.71 -9.47 24.07
C THR K 316 19.94 -9.22 22.78
N GLY K 317 18.65 -8.95 22.91
CA GLY K 317 17.79 -8.71 21.77
C GLY K 317 17.56 -7.23 21.52
N LEU K 318 16.61 -6.93 20.64
CA LEU K 318 16.34 -5.56 20.26
C LEU K 318 15.15 -5.00 21.04
N ARG K 319 14.91 -3.69 20.89
CA ARG K 319 13.76 -3.04 21.50
C ARG K 319 12.49 -3.76 21.03
N ASN K 320 11.63 -4.09 21.98
CA ASN K 320 10.42 -4.86 21.67
C ASN K 320 9.22 -3.95 21.41
N ILE K 321 8.66 -4.03 20.20
CA ILE K 321 7.52 -3.19 19.83
C ILE K 321 6.46 -3.95 19.03
N PRO K 322 5.51 -4.59 19.74
CA PRO K 322 4.38 -5.28 19.10
C PRO K 322 3.28 -4.31 18.67
N ALA K 323 2.94 -3.37 19.54
CA ALA K 323 1.97 -2.31 19.25
C ALA K 323 0.64 -2.81 18.66
N ARG K 324 -0.39 -2.90 19.49
CA ARG K 324 -1.72 -3.29 19.04
C ARG K 324 -2.48 -2.10 18.45
N GLY L 1 16.60 5.60 18.06
CA GLY L 1 17.51 4.78 17.30
C GLY L 1 18.64 5.58 16.67
N LEU L 2 19.86 5.08 16.81
CA LEU L 2 21.03 5.75 16.28
C LEU L 2 21.07 5.57 14.76
N PHE L 3 20.36 4.56 14.27
CA PHE L 3 20.37 4.24 12.85
C PHE L 3 19.02 4.45 12.17
N GLY L 4 18.04 4.93 12.93
CA GLY L 4 16.77 5.37 12.39
C GLY L 4 15.88 4.30 11.77
N ALA L 5 16.26 3.03 11.94
CA ALA L 5 15.47 1.94 11.39
C ALA L 5 14.43 1.33 12.33
N ILE L 6 14.90 0.80 13.46
CA ILE L 6 14.01 0.31 14.51
C ILE L 6 13.37 1.48 15.25
N ALA L 7 12.06 1.43 15.42
CA ALA L 7 11.31 2.52 16.02
C ALA L 7 11.49 3.80 15.20
N GLY L 8 12.01 3.63 13.98
CA GLY L 8 12.25 4.75 13.09
C GLY L 8 11.39 4.66 11.85
N PHE L 9 12.02 4.57 10.68
CA PHE L 9 11.27 4.49 9.43
C PHE L 9 10.59 3.15 9.26
N ILE L 10 10.93 2.20 10.14
CA ILE L 10 10.18 0.96 10.28
C ILE L 10 9.48 0.98 11.62
N GLU L 11 8.30 1.59 11.66
CA GLU L 11 7.62 1.98 12.89
C GLU L 11 7.46 0.90 13.97
N GLY L 12 7.29 -0.36 13.58
CA GLY L 12 7.01 -1.40 14.55
C GLY L 12 7.61 -2.76 14.23
N GLY L 13 7.48 -3.70 15.17
CA GLY L 13 8.00 -5.05 14.99
C GLY L 13 6.90 -6.03 14.64
N TRP L 14 7.30 -7.26 14.35
CA TRP L 14 6.36 -8.31 13.95
C TRP L 14 6.31 -9.49 14.92
N THR L 15 5.24 -9.56 15.72
CA THR L 15 5.00 -10.72 16.56
C THR L 15 4.80 -11.96 15.69
N GLY L 16 4.60 -11.74 14.40
CA GLY L 16 4.40 -12.83 13.45
C GLY L 16 5.69 -13.58 13.15
N MET L 17 6.77 -12.84 12.91
CA MET L 17 8.06 -13.46 12.65
C MET L 17 8.67 -13.94 13.96
N ILE L 18 9.05 -15.22 14.02
CA ILE L 18 9.51 -15.81 15.27
C ILE L 18 10.65 -16.82 15.07
N ASP L 19 11.18 -16.86 13.86
CA ASP L 19 12.30 -17.76 13.57
C ASP L 19 13.62 -16.99 13.50
N GLY L 20 13.60 -15.73 13.92
CA GLY L 20 14.79 -14.89 13.90
C GLY L 20 14.53 -13.47 14.37
N TRP L 21 15.60 -12.67 14.42
CA TRP L 21 15.49 -11.28 14.86
C TRP L 21 15.09 -10.37 13.71
N TYR L 22 15.74 -10.52 12.57
CA TYR L 22 15.45 -9.70 11.40
C TYR L 22 14.93 -10.57 10.28
N GLY L 23 14.13 -10.00 9.37
CA GLY L 23 13.59 -10.76 8.27
C GLY L 23 12.63 -9.98 7.40
N TYR L 24 11.80 -10.72 6.66
CA TYR L 24 10.91 -10.12 5.68
C TYR L 24 9.46 -10.55 5.86
N HIS L 25 8.55 -9.89 5.14
CA HIS L 25 7.14 -10.26 5.11
C HIS L 25 6.58 -9.97 3.73
N HIS L 26 6.50 -11.00 2.89
CA HIS L 26 6.15 -10.81 1.49
C HIS L 26 4.64 -10.72 1.24
N GLN L 27 4.29 -10.38 0.00
CA GLN L 27 2.89 -10.31 -0.43
C GLN L 27 2.79 -10.79 -1.88
N ASN L 28 2.25 -11.98 -2.06
CA ASN L 28 2.26 -12.64 -3.36
C ASN L 28 0.88 -12.94 -3.90
N GLU L 29 0.84 -13.43 -5.14
CA GLU L 29 -0.38 -14.02 -5.68
C GLU L 29 -0.62 -15.32 -4.93
N GLN L 30 0.47 -15.94 -4.48
CA GLN L 30 0.44 -17.28 -3.91
C GLN L 30 0.28 -17.30 -2.39
N GLY L 31 0.18 -16.12 -1.78
CA GLY L 31 -0.05 -16.03 -0.35
C GLY L 31 0.96 -15.21 0.43
N SER L 32 0.62 -14.91 1.68
CA SER L 32 1.46 -14.10 2.54
C SER L 32 2.13 -14.91 3.64
N GLY L 33 3.11 -14.32 4.30
CA GLY L 33 3.83 -14.99 5.38
C GLY L 33 5.07 -14.25 5.83
N TYR L 34 5.73 -14.79 6.85
CA TYR L 34 6.96 -14.22 7.37
C TYR L 34 8.14 -15.16 7.12
N ALA L 35 9.33 -14.58 7.02
CA ALA L 35 10.55 -15.36 6.84
C ALA L 35 11.73 -14.66 7.50
N ALA L 36 12.48 -15.40 8.32
CA ALA L 36 13.64 -14.84 8.99
C ALA L 36 14.87 -15.00 8.10
N ASP L 37 15.77 -14.04 8.18
CA ASP L 37 16.98 -14.08 7.38
C ASP L 37 18.11 -14.76 8.14
N GLN L 38 18.44 -15.98 7.74
CA GLN L 38 19.49 -16.77 8.40
C GLN L 38 20.78 -15.97 8.58
N LYS L 39 21.27 -15.40 7.48
CA LYS L 39 22.53 -14.67 7.51
C LYS L 39 22.57 -13.57 8.56
N SER L 40 21.64 -12.62 8.46
CA SER L 40 21.66 -11.45 9.35
C SER L 40 21.34 -11.80 10.80
N THR L 41 20.47 -12.79 11.01
CA THR L 41 20.12 -13.20 12.37
C THR L 41 21.22 -14.00 13.04
N GLN L 42 21.71 -15.03 12.35
CA GLN L 42 22.80 -15.85 12.90
C GLN L 42 24.02 -14.98 13.20
N ASN L 43 24.28 -14.03 12.31
CA ASN L 43 25.39 -13.09 12.49
C ASN L 43 25.26 -12.32 13.79
N ALA L 44 24.07 -11.80 14.05
CA ALA L 44 23.83 -11.05 15.28
C ALA L 44 23.94 -11.96 16.51
N ILE L 45 23.47 -13.19 16.38
CA ILE L 45 23.53 -14.14 17.49
C ILE L 45 24.99 -14.47 17.86
N ASP L 46 25.81 -14.76 16.85
CA ASP L 46 27.21 -15.01 17.09
C ASP L 46 27.85 -13.83 17.81
N GLY L 47 27.47 -12.62 17.40
CA GLY L 47 28.00 -11.41 17.98
C GLY L 47 27.57 -11.21 19.42
N ILE L 48 26.27 -11.17 19.66
CA ILE L 48 25.73 -10.95 21.00
C ILE L 48 26.20 -12.02 21.99
N THR L 49 26.26 -13.26 21.53
CA THR L 49 26.75 -14.35 22.37
C THR L 49 28.19 -14.09 22.76
N ASN L 50 28.95 -13.54 21.82
CA ASN L 50 30.36 -13.24 22.08
C ASN L 50 30.49 -12.09 23.07
N LYS L 51 29.63 -11.09 22.95
CA LYS L 51 29.64 -9.95 23.86
C LYS L 51 29.35 -10.38 25.30
N VAL L 52 28.31 -11.18 25.47
CA VAL L 52 27.94 -11.70 26.78
C VAL L 52 29.06 -12.52 27.39
N ASN L 53 29.59 -13.47 26.62
CA ASN L 53 30.73 -14.27 27.09
C ASN L 53 31.92 -13.40 27.45
N SER L 54 32.17 -12.37 26.64
CA SER L 54 33.29 -11.47 26.87
C SER L 54 33.15 -10.70 28.18
N VAL L 55 31.97 -10.12 28.41
CA VAL L 55 31.70 -9.39 29.63
C VAL L 55 31.91 -10.27 30.86
N ILE L 56 31.47 -11.53 30.76
CA ILE L 56 31.62 -12.47 31.86
C ILE L 56 33.06 -12.89 32.08
N GLU L 57 33.83 -13.03 31.00
CA GLU L 57 35.23 -13.43 31.10
C GLU L 57 36.07 -12.40 31.85
N LYS L 58 35.76 -11.12 31.65
CA LYS L 58 36.52 -10.05 32.28
C LYS L 58 36.19 -9.92 33.77
N MET L 59 35.22 -10.70 34.23
CA MET L 59 34.89 -10.74 35.65
C MET L 59 35.32 -12.08 36.24
N ASN L 60 36.49 -12.10 36.88
CA ASN L 60 36.98 -13.31 37.52
C ASN L 60 36.10 -13.74 38.69
N THR L 61 35.96 -15.05 38.88
CA THR L 61 35.20 -15.58 40.00
C THR L 61 35.83 -15.19 41.33
N GLN L 62 34.98 -14.88 42.30
CA GLN L 62 35.43 -14.49 43.63
C GLN L 62 35.66 -15.74 44.49
N PHE L 63 36.93 -16.04 44.76
CA PHE L 63 37.27 -17.21 45.55
C PHE L 63 37.10 -16.95 47.05
N THR L 64 37.69 -17.80 47.88
CA THR L 64 37.53 -17.69 49.33
C THR L 64 37.99 -16.33 49.86
N ALA L 65 37.03 -15.58 50.41
CA ALA L 65 37.30 -14.24 50.92
C ALA L 65 36.56 -14.00 52.23
N VAL L 66 37.27 -14.09 53.34
CA VAL L 66 36.66 -13.90 54.66
C VAL L 66 37.24 -12.68 55.36
N GLY L 67 36.41 -12.03 56.17
CA GLY L 67 36.82 -10.86 56.93
C GLY L 67 37.86 -11.23 57.97
N LYS L 68 38.50 -10.21 58.55
CA LYS L 68 39.52 -10.43 59.56
C LYS L 68 39.11 -9.79 60.88
N GLU L 69 39.54 -10.37 62.00
CA GLU L 69 39.25 -9.81 63.31
C GLU L 69 40.40 -8.94 63.81
N PHE L 70 40.07 -7.89 64.55
CA PHE L 70 41.07 -7.01 65.12
C PHE L 70 40.76 -6.72 66.59
N ASN L 71 41.80 -6.61 67.41
CA ASN L 71 41.61 -6.24 68.80
C ASN L 71 41.41 -4.73 68.96
N ASN L 72 41.04 -4.29 70.16
CA ASN L 72 40.63 -2.90 70.35
C ASN L 72 41.76 -1.88 70.28
N LEU L 73 42.97 -2.36 70.02
CA LEU L 73 44.13 -1.46 69.83
C LEU L 73 44.63 -1.51 68.39
N GLU L 74 43.82 -2.08 67.51
CA GLU L 74 44.18 -2.19 66.10
C GLU L 74 43.12 -1.54 65.23
N ARG L 75 42.53 -0.46 65.74
CA ARG L 75 41.45 0.21 65.02
C ARG L 75 41.94 0.83 63.73
N ARG L 76 43.15 1.35 63.72
CA ARG L 76 43.71 1.96 62.52
C ARG L 76 43.82 0.93 61.39
N ILE L 77 44.34 -0.24 61.71
CA ILE L 77 44.43 -1.32 60.73
C ILE L 77 43.03 -1.77 60.29
N GLU L 78 42.09 -1.79 61.24
CA GLU L 78 40.73 -2.22 60.96
C GLU L 78 40.04 -1.29 59.97
N ASN L 79 40.15 0.02 60.18
CA ASN L 79 39.60 1.00 59.26
C ASN L 79 40.27 0.91 57.90
N LEU L 80 41.58 0.66 57.91
CA LEU L 80 42.34 0.50 56.69
C LEU L 80 41.78 -0.67 55.89
N ASN L 81 41.68 -1.82 56.55
CA ASN L 81 41.10 -3.02 55.96
C ASN L 81 39.71 -2.72 55.38
N LYS L 82 38.87 -2.07 56.18
CA LYS L 82 37.54 -1.71 55.74
C LYS L 82 37.60 -0.81 54.51
N LYS L 83 38.44 0.21 54.57
CA LYS L 83 38.57 1.15 53.46
C LYS L 83 39.00 0.45 52.18
N VAL L 84 39.80 -0.61 52.31
CA VAL L 84 40.24 -1.38 51.15
C VAL L 84 39.10 -2.18 50.53
N ASP L 85 38.32 -2.84 51.36
CA ASP L 85 37.20 -3.64 50.90
C ASP L 85 36.10 -2.77 50.31
N ASP L 86 35.84 -1.63 50.95
CA ASP L 86 34.84 -0.70 50.46
C ASP L 86 35.31 0.00 49.20
N GLY L 87 36.60 0.30 49.13
CA GLY L 87 37.17 0.92 47.94
C GLY L 87 36.98 0.00 46.75
N PHE L 88 37.26 -1.28 46.93
CA PHE L 88 37.12 -2.26 45.86
C PHE L 88 35.65 -2.52 45.53
N LEU L 89 34.82 -2.63 46.55
CA LEU L 89 33.40 -2.86 46.34
C LEU L 89 32.81 -1.72 45.51
N ASP L 90 33.14 -0.48 45.89
CA ASP L 90 32.67 0.69 45.17
C ASP L 90 33.06 0.64 43.70
N ILE L 91 34.32 0.29 43.45
CA ILE L 91 34.85 0.29 42.09
C ILE L 91 34.26 -0.81 41.22
N TRP L 92 34.07 -1.99 41.80
CA TRP L 92 33.52 -3.11 41.05
C TRP L 92 32.03 -2.97 40.79
N THR L 93 31.30 -2.39 41.74
CA THR L 93 29.88 -2.14 41.56
C THR L 93 29.69 -1.09 40.48
N TYR L 94 30.60 -0.12 40.46
CA TYR L 94 30.56 0.96 39.48
C TYR L 94 30.88 0.43 38.08
N ASN L 95 31.89 -0.42 38.00
CA ASN L 95 32.26 -1.03 36.73
C ASN L 95 31.15 -1.90 36.16
N ALA L 96 30.67 -2.83 36.98
CA ALA L 96 29.60 -3.74 36.57
C ALA L 96 28.41 -2.97 35.99
N GLU L 97 27.88 -2.04 36.76
CA GLU L 97 26.70 -1.29 36.35
C GLU L 97 26.99 -0.45 35.11
N LEU L 98 28.19 0.11 35.06
CA LEU L 98 28.57 0.98 33.95
C LEU L 98 28.65 0.20 32.65
N LEU L 99 29.49 -0.85 32.64
CA LEU L 99 29.66 -1.67 31.45
C LEU L 99 28.32 -2.07 30.85
N VAL L 100 27.39 -2.44 31.73
CA VAL L 100 26.07 -2.90 31.30
C VAL L 100 25.29 -1.80 30.59
N LEU L 101 25.22 -0.62 31.21
CA LEU L 101 24.51 0.50 30.61
C LEU L 101 25.06 0.83 29.23
N LEU L 102 26.38 0.79 29.10
CA LEU L 102 27.03 1.15 27.85
C LEU L 102 26.83 0.09 26.78
N GLU L 103 27.03 -1.16 27.15
CA GLU L 103 26.86 -2.25 26.19
C GLU L 103 25.40 -2.47 25.81
N ASN L 104 24.48 -2.07 26.69
CA ASN L 104 23.06 -2.10 26.34
C ASN L 104 22.77 -1.06 25.27
N GLU L 105 23.36 0.11 25.41
CA GLU L 105 23.24 1.16 24.41
C GLU L 105 23.79 0.67 23.07
N ARG L 106 24.99 0.11 23.11
CA ARG L 106 25.64 -0.37 21.90
C ARG L 106 24.91 -1.58 21.29
N THR L 107 24.28 -2.38 22.14
CA THR L 107 23.56 -3.57 21.67
C THR L 107 22.29 -3.20 20.91
N LEU L 108 21.50 -2.28 21.46
CA LEU L 108 20.27 -1.85 20.80
C LEU L 108 20.61 -1.25 19.44
N ASP L 109 21.56 -0.32 19.41
CA ASP L 109 22.00 0.29 18.17
C ASP L 109 22.58 -0.74 17.22
N PHE L 110 23.12 -1.83 17.76
CA PHE L 110 23.69 -2.88 16.95
C PHE L 110 22.60 -3.56 16.11
N HIS L 111 21.43 -3.72 16.71
CA HIS L 111 20.27 -4.25 15.98
C HIS L 111 19.76 -3.21 14.99
N ASP L 112 19.61 -1.98 15.45
CA ASP L 112 19.17 -0.89 14.58
C ASP L 112 20.05 -0.83 13.34
N SER L 113 21.34 -1.12 13.52
CA SER L 113 22.30 -1.12 12.42
C SER L 113 22.07 -2.29 11.48
N ASN L 114 21.78 -3.45 12.04
CA ASN L 114 21.57 -4.64 11.22
C ASN L 114 20.30 -4.57 10.37
N VAL L 115 19.24 -4.02 10.95
CA VAL L 115 17.99 -3.80 10.21
C VAL L 115 18.23 -2.86 9.02
N ARG L 116 18.77 -1.68 9.31
CA ARG L 116 19.12 -0.71 8.28
C ARG L 116 19.92 -1.39 7.17
N ASN L 117 21.00 -2.06 7.54
CA ASN L 117 21.84 -2.74 6.57
C ASN L 117 21.12 -3.79 5.75
N LEU L 118 20.17 -4.49 6.37
CA LEU L 118 19.40 -5.49 5.67
C LEU L 118 18.44 -4.80 4.69
N TYR L 119 17.73 -3.79 5.19
CA TYR L 119 16.83 -3.01 4.35
C TYR L 119 17.56 -2.45 3.13
N GLU L 120 18.83 -2.12 3.30
CA GLU L 120 19.59 -1.49 2.23
C GLU L 120 20.25 -2.49 1.29
N LYS L 121 20.52 -3.69 1.78
CA LYS L 121 21.05 -4.73 0.92
C LYS L 121 19.97 -5.09 -0.11
N VAL L 122 18.73 -5.12 0.36
CA VAL L 122 17.58 -5.38 -0.49
C VAL L 122 17.38 -4.24 -1.49
N LYS L 123 17.27 -3.03 -0.97
CA LYS L 123 17.06 -1.85 -1.81
C LYS L 123 18.10 -1.74 -2.92
N SER L 124 19.33 -2.15 -2.63
CA SER L 124 20.40 -2.07 -3.63
C SER L 124 20.38 -3.27 -4.56
N GLN L 125 19.39 -4.15 -4.39
CA GLN L 125 19.21 -5.27 -5.29
C GLN L 125 18.07 -4.97 -6.27
N LEU L 126 16.96 -4.50 -5.73
CA LEU L 126 15.76 -4.23 -6.52
C LEU L 126 15.98 -3.04 -7.45
N LYS L 127 16.34 -1.90 -6.86
CA LYS L 127 16.53 -0.68 -7.63
C LYS L 127 15.20 -0.34 -8.31
N ASN L 128 15.25 -0.18 -9.63
CA ASN L 128 14.11 0.26 -10.42
C ASN L 128 12.88 -0.63 -10.26
N ASN L 129 13.11 -1.92 -10.10
CA ASN L 129 12.04 -2.92 -10.16
C ASN L 129 10.99 -2.78 -9.07
N ALA L 130 11.24 -1.87 -8.11
CA ALA L 130 10.29 -1.62 -7.05
C ALA L 130 10.42 -0.19 -6.52
N LYS L 131 9.33 0.34 -5.96
CA LYS L 131 9.35 1.68 -5.40
C LYS L 131 9.21 1.64 -3.87
N GLU L 132 9.89 2.54 -3.20
CA GLU L 132 9.89 2.57 -1.74
C GLU L 132 8.67 3.31 -1.20
N ILE L 133 7.78 2.57 -0.56
CA ILE L 133 6.65 3.15 0.15
C ILE L 133 7.19 3.87 1.38
N GLY L 134 6.96 3.27 2.53
CA GLY L 134 7.55 3.67 3.79
C GLY L 134 7.69 2.39 4.58
N ASN L 135 7.64 2.48 5.90
CA ASN L 135 7.61 1.28 6.75
C ASN L 135 8.54 0.15 6.30
N GLY L 136 9.59 0.51 5.57
CA GLY L 136 10.54 -0.47 5.07
C GLY L 136 9.95 -1.45 4.07
N CYS L 137 8.95 -1.02 3.33
CA CYS L 137 8.31 -1.89 2.34
C CYS L 137 8.65 -1.49 0.90
N PHE L 138 8.69 -2.49 0.02
CA PHE L 138 8.93 -2.26 -1.40
C PHE L 138 7.73 -2.73 -2.21
N GLU L 139 7.21 -1.86 -3.06
CA GLU L 139 6.14 -2.23 -3.98
C GLU L 139 6.74 -2.62 -5.33
N PHE L 140 6.62 -3.90 -5.67
CA PHE L 140 7.20 -4.43 -6.90
C PHE L 140 6.52 -3.91 -8.16
N TYR L 141 7.25 -3.98 -9.27
CA TYR L 141 6.69 -3.67 -10.58
C TYR L 141 6.66 -4.93 -11.44
N HIS L 142 7.79 -5.63 -11.48
CA HIS L 142 7.97 -6.75 -12.40
C HIS L 142 7.42 -8.09 -11.87
N LYS L 143 6.34 -8.02 -11.09
CA LYS L 143 5.62 -9.22 -10.67
C LYS L 143 6.53 -10.31 -10.12
N CYS L 144 6.60 -10.42 -8.79
CA CYS L 144 7.49 -11.39 -8.17
C CYS L 144 6.71 -12.59 -7.62
N ASP L 145 7.21 -13.79 -7.91
CA ASP L 145 6.61 -15.02 -7.39
C ASP L 145 7.46 -15.59 -6.26
N ASP L 146 6.96 -16.65 -5.62
CA ASP L 146 7.67 -17.26 -4.50
C ASP L 146 9.13 -17.56 -4.81
N ALA L 147 9.39 -18.12 -5.99
CA ALA L 147 10.76 -18.43 -6.38
C ALA L 147 11.57 -17.15 -6.54
N CYS L 148 10.88 -16.08 -6.89
CA CYS L 148 11.52 -14.77 -7.05
C CYS L 148 11.72 -14.09 -5.70
N MET L 149 10.73 -14.24 -4.81
CA MET L 149 10.84 -13.70 -3.46
C MET L 149 12.07 -14.27 -2.76
N GLU L 150 12.24 -15.59 -2.86
CA GLU L 150 13.39 -16.25 -2.27
C GLU L 150 14.68 -15.59 -2.75
N SER L 151 14.83 -15.49 -4.06
CA SER L 151 16.04 -14.94 -4.65
C SER L 151 16.39 -13.57 -4.05
N VAL L 152 15.37 -12.84 -3.61
CA VAL L 152 15.58 -11.54 -2.97
C VAL L 152 16.23 -11.72 -1.60
N ARG L 153 15.52 -12.41 -0.71
CA ARG L 153 16.03 -12.67 0.63
C ARG L 153 17.17 -13.68 0.58
N ASN L 154 17.57 -14.04 -0.64
CA ASN L 154 18.64 -14.99 -0.86
C ASN L 154 19.91 -14.24 -1.27
N GLY L 155 19.72 -13.00 -1.70
CA GLY L 155 20.82 -12.20 -2.22
C GLY L 155 21.19 -12.57 -3.64
N THR L 156 20.17 -12.85 -4.45
CA THR L 156 20.37 -13.34 -5.82
C THR L 156 19.18 -12.98 -6.71
N TYR L 157 18.97 -11.68 -6.93
CA TYR L 157 17.76 -11.18 -7.58
C TYR L 157 17.78 -11.38 -9.11
N ASP L 158 18.94 -11.20 -9.72
CA ASP L 158 19.13 -11.46 -11.16
C ASP L 158 18.62 -10.42 -12.17
N TYR L 159 17.66 -9.60 -11.76
CA TYR L 159 17.36 -8.31 -12.39
C TYR L 159 17.05 -8.33 -13.91
N PRO L 160 15.98 -9.06 -14.31
CA PRO L 160 15.38 -8.83 -15.62
C PRO L 160 14.26 -7.80 -15.49
N LYS L 161 14.46 -6.61 -16.08
CA LYS L 161 13.55 -5.47 -15.87
C LYS L 161 12.63 -5.16 -17.05
N TYR L 162 11.44 -4.66 -16.75
CA TYR L 162 10.51 -4.23 -17.78
C TYR L 162 9.51 -3.17 -17.32
N SER L 163 9.90 -2.37 -16.35
CA SER L 163 9.28 -1.09 -16.05
C SER L 163 7.95 -0.31 -16.07
N GLU L 164 6.92 -0.90 -15.48
CA GLU L 164 5.55 -0.38 -15.58
C GLU L 164 5.36 1.03 -15.04
N GLU L 165 6.05 2.00 -15.63
CA GLU L 165 5.89 3.39 -15.26
C GLU L 165 5.78 4.30 -16.48
#